data_6KQO
#
_entry.id   6KQO
#
_cell.length_a   1.00
_cell.length_b   1.00
_cell.length_c   1.00
_cell.angle_alpha   90.00
_cell.angle_beta   90.00
_cell.angle_gamma   90.00
#
_symmetry.space_group_name_H-M   'P 1'
#
loop_
_entity.id
_entity.type
_entity.pdbx_description
1 polymer 'Ketol-acid reductoisomerase'
2 non-polymer 'MAGNESIUM ION'
3 non-polymer '1,4-DIHYDRONICOTINAMIDE ADENINE DINUCLEOTIDE'
4 non-polymer 'cyclopropane-1,1-dicarboxylic acid'
#
_entity_poly.entity_id   1
_entity_poly.type   'polypeptide(L)'
_entity_poly.pdbx_seq_one_letter_code
;MDKTVLDANLDPLKGKTIGVIGYGNQGRVQATIMRENGLNVIVGNVKDKYYELAKKEGFEVYEIDEAVRRSDVALLLIPD
EVMKEVYEKKIAPVLQGKKEFVLDFASGYNVAFGLIRPPKSVDTIMVAPRMVGEGIMDLHKQGKGYPVLLGVKQDASGKA
WDYAKAIAKGIGAIPGGIAVISSFEEEALLDLMSEHTWVPILFGAIKACYDIAVKEYGVSPEAALLEFYASGELAEIARL
IAEEGIFNQMVHHSTTSQYGTLTRMFKYYDVVRRIVENEAKYIWDGSFAKEWSLEQQAGYPVFYRLWELATQSEMAKAEK
ELYKLLGRKVKND
;
_entity_poly.pdbx_strand_id   A,B,C,D,E,F,G,H,I,J,K,L
#
loop_
_chem_comp.id
_chem_comp.type
_chem_comp.name
_chem_comp.formula
9TY non-polymer 'cyclopropane-1,1-dicarboxylic acid' 'C5 H6 O4'
MG non-polymer 'MAGNESIUM ION' 'Mg 2'
NAI non-polymer '1,4-DIHYDRONICOTINAMIDE ADENINE DINUCLEOTIDE' 'C21 H29 N7 O14 P2'
#
# COMPACT_ATOMS: atom_id res chain seq x y z
N ASP A 2 19.30 39.75 -27.93
CA ASP A 2 18.21 39.07 -27.23
C ASP A 2 17.13 40.05 -26.77
N LYS A 3 16.16 39.55 -26.02
CA LYS A 3 15.07 40.38 -25.53
C LYS A 3 15.51 41.58 -24.71
N THR A 4 16.74 41.58 -24.20
CA THR A 4 17.19 42.67 -23.37
C THR A 4 17.17 43.98 -24.15
N VAL A 5 17.21 45.08 -23.41
CA VAL A 5 17.34 46.41 -23.98
C VAL A 5 18.28 47.21 -23.09
N LEU A 6 19.30 47.79 -23.70
CA LEU A 6 20.34 48.50 -22.96
C LEU A 6 20.18 50.01 -22.99
N ASP A 7 19.41 50.54 -23.93
CA ASP A 7 19.11 51.96 -23.98
C ASP A 7 18.09 52.18 -25.07
N ALA A 8 17.37 53.30 -24.98
CA ALA A 8 16.31 53.62 -25.91
C ALA A 8 16.07 55.12 -25.89
N ASN A 9 14.94 55.54 -26.45
CA ASN A 9 14.64 56.94 -26.65
C ASN A 9 13.94 57.53 -25.43
N LEU A 10 13.64 58.83 -25.50
CA LEU A 10 12.92 59.56 -24.47
C LEU A 10 11.93 60.53 -25.10
N ASP A 11 11.41 60.20 -26.28
CA ASP A 11 10.65 61.14 -27.10
C ASP A 11 9.21 61.31 -26.64
N PRO A 12 8.44 60.24 -26.43
CA PRO A 12 6.98 60.43 -26.28
C PRO A 12 6.60 61.11 -24.99
N LEU A 13 7.47 61.11 -23.99
CA LEU A 13 7.14 61.64 -22.68
C LEU A 13 7.47 63.12 -22.53
N LYS A 14 8.21 63.69 -23.49
CA LYS A 14 8.57 65.09 -23.44
C LYS A 14 7.53 65.89 -24.21
N GLY A 15 6.87 66.82 -23.51
CA GLY A 15 5.72 67.53 -24.04
C GLY A 15 4.41 67.13 -23.38
N LYS A 16 4.40 66.05 -22.63
CA LYS A 16 3.22 65.59 -21.90
C LYS A 16 3.42 65.78 -20.41
N THR A 17 2.32 65.70 -19.68
CA THR A 17 2.34 65.65 -18.23
C THR A 17 2.24 64.22 -17.76
N ILE A 18 2.75 63.97 -16.57
CA ILE A 18 2.78 62.62 -16.01
C ILE A 18 2.10 62.63 -14.65
N GLY A 19 1.44 61.52 -14.33
CA GLY A 19 0.74 61.39 -13.09
C GLY A 19 1.40 60.39 -12.16
N VAL A 20 1.97 60.89 -11.07
CA VAL A 20 2.65 60.05 -10.08
C VAL A 20 1.74 59.92 -8.88
N ILE A 21 1.28 58.69 -8.63
CA ILE A 21 0.39 58.40 -7.51
C ILE A 21 1.25 57.82 -6.40
N GLY A 22 1.59 58.64 -5.43
CA GLY A 22 2.25 58.16 -4.23
C GLY A 22 3.66 58.72 -4.10
N TYR A 23 4.12 58.76 -2.86
CA TYR A 23 5.40 59.33 -2.50
C TYR A 23 6.08 58.46 -1.44
N GLY A 24 6.04 57.15 -1.64
CA GLY A 24 6.54 56.23 -0.65
C GLY A 24 8.01 55.94 -0.84
N ASN A 25 8.33 54.68 -1.10
CA ASN A 25 9.71 54.33 -1.43
C ASN A 25 9.98 54.59 -2.91
N GLN A 26 9.29 53.85 -3.79
CA GLN A 26 9.47 54.04 -5.21
C GLN A 26 9.05 55.44 -5.62
N GLY A 27 7.78 55.77 -5.36
CA GLY A 27 7.22 57.05 -5.77
C GLY A 27 8.21 58.18 -5.62
N ARG A 28 8.73 58.38 -4.42
CA ARG A 28 9.68 59.46 -4.22
C ARG A 28 10.90 59.27 -5.10
N VAL A 29 11.49 58.08 -5.07
CA VAL A 29 12.75 57.87 -5.80
C VAL A 29 12.54 58.12 -7.28
N GLN A 30 11.62 57.37 -7.90
CA GLN A 30 11.40 57.48 -9.33
C GLN A 30 10.97 58.89 -9.73
N ALA A 31 10.15 59.53 -8.89
CA ALA A 31 9.65 60.86 -9.18
C ALA A 31 10.77 61.88 -9.17
N THR A 32 11.59 61.87 -8.11
CA THR A 32 12.74 62.76 -8.07
C THR A 32 13.67 62.50 -9.25
N ILE A 33 13.92 61.23 -9.55
CA ILE A 33 14.74 60.86 -10.71
C ILE A 33 14.18 61.54 -11.97
N MET A 34 12.89 61.38 -12.21
CA MET A 34 12.30 61.85 -13.45
C MET A 34 12.32 63.37 -13.54
N ARG A 35 11.85 64.03 -12.48
CA ARG A 35 11.97 65.49 -12.42
C ARG A 35 13.40 65.90 -12.78
N GLU A 36 14.39 65.18 -12.26
CA GLU A 36 15.78 65.46 -12.58
C GLU A 36 16.16 65.00 -13.99
N ASN A 37 15.28 64.28 -14.68
CA ASN A 37 15.54 63.83 -16.04
C ASN A 37 14.92 64.75 -17.09
N GLY A 38 14.38 65.89 -16.67
CA GLY A 38 13.82 66.84 -17.61
C GLY A 38 12.43 66.49 -18.09
N LEU A 39 11.46 66.47 -17.18
CA LEU A 39 10.07 66.26 -17.55
C LEU A 39 9.18 67.07 -16.62
N ASN A 40 7.94 67.29 -17.06
CA ASN A 40 6.93 67.95 -16.25
C ASN A 40 6.06 66.88 -15.60
N VAL A 41 6.00 66.91 -14.28
CA VAL A 41 5.43 65.82 -13.49
C VAL A 41 4.54 66.43 -12.41
N ILE A 42 3.71 65.58 -11.82
CA ILE A 42 2.86 65.95 -10.70
C ILE A 42 2.71 64.75 -9.79
N VAL A 43 2.10 64.98 -8.62
CA VAL A 43 2.00 63.98 -7.58
C VAL A 43 0.55 63.92 -7.10
N GLY A 44 0.10 62.70 -6.79
CA GLY A 44 -1.16 62.51 -6.08
C GLY A 44 -0.93 61.64 -4.88
N ASN A 45 -1.53 62.03 -3.75
CA ASN A 45 -1.16 61.41 -2.49
C ASN A 45 -2.27 61.59 -1.48
N VAL A 46 -2.37 60.63 -0.56
CA VAL A 46 -3.22 60.80 0.61
C VAL A 46 -2.57 61.83 1.52
N LYS A 47 -3.35 62.83 1.92
CA LYS A 47 -2.80 64.00 2.62
C LYS A 47 -2.48 63.61 4.06
N ASP A 48 -1.23 63.19 4.25
CA ASP A 48 -0.73 62.75 5.54
C ASP A 48 0.77 63.06 5.58
N LYS A 49 1.49 62.42 6.50
CA LYS A 49 2.92 62.65 6.65
C LYS A 49 3.66 62.56 5.32
N TYR A 50 3.35 61.54 4.51
CA TYR A 50 4.00 61.43 3.22
C TYR A 50 3.69 62.65 2.35
N TYR A 51 2.46 63.17 2.45
CA TYR A 51 2.14 64.38 1.71
C TYR A 51 2.97 65.55 2.20
N GLU A 52 3.13 65.67 3.52
CA GLU A 52 4.04 66.66 4.07
C GLU A 52 5.41 66.56 3.43
N LEU A 53 5.98 65.34 3.43
CA LEU A 53 7.31 65.15 2.87
C LEU A 53 7.35 65.43 1.37
N ALA A 54 6.26 65.15 0.67
CA ALA A 54 6.25 65.33 -0.78
C ALA A 54 6.22 66.80 -1.14
N LYS A 55 5.27 67.54 -0.57
CA LYS A 55 5.25 68.98 -0.79
C LYS A 55 6.50 69.63 -0.22
N LYS A 56 7.10 69.00 0.80
CA LYS A 56 8.40 69.42 1.31
C LYS A 56 9.43 69.45 0.20
N GLU A 57 9.60 68.32 -0.49
CA GLU A 57 10.61 68.22 -1.53
C GLU A 57 10.25 68.99 -2.79
N GLY A 58 9.17 69.76 -2.80
CA GLY A 58 8.90 70.64 -3.91
C GLY A 58 8.13 70.02 -5.06
N PHE A 59 7.17 69.15 -4.78
CA PHE A 59 6.28 68.58 -5.79
C PHE A 59 4.87 69.05 -5.49
N GLU A 60 4.31 69.88 -6.36
CA GLU A 60 2.90 70.20 -6.30
C GLU A 60 2.06 68.93 -6.32
N VAL A 61 1.19 68.79 -5.32
CA VAL A 61 0.44 67.57 -5.12
C VAL A 61 -1.03 67.92 -4.94
N TYR A 62 -1.82 67.67 -5.98
CA TYR A 62 -3.26 67.82 -5.91
C TYR A 62 -3.88 66.54 -5.34
N GLU A 63 -5.20 66.44 -5.40
CA GLU A 63 -5.83 65.17 -5.10
C GLU A 63 -5.58 64.18 -6.23
N ILE A 64 -5.78 62.91 -5.91
CA ILE A 64 -5.50 61.83 -6.86
C ILE A 64 -6.16 62.13 -8.20
N ASP A 65 -7.49 62.24 -8.20
CA ASP A 65 -8.22 62.44 -9.44
C ASP A 65 -7.79 63.72 -10.14
N GLU A 66 -7.42 64.74 -9.37
CA GLU A 66 -7.00 65.99 -9.98
C GLU A 66 -5.67 65.82 -10.70
N ALA A 67 -4.83 64.91 -10.23
CA ALA A 67 -3.60 64.61 -10.93
C ALA A 67 -3.83 63.74 -12.14
N VAL A 68 -4.94 63.01 -12.18
CA VAL A 68 -5.23 62.19 -13.35
C VAL A 68 -5.91 63.02 -14.43
N ARG A 69 -6.69 64.03 -14.04
CA ARG A 69 -7.32 64.89 -15.04
C ARG A 69 -6.27 65.70 -15.81
N ARG A 70 -5.23 66.14 -15.11
CA ARG A 70 -4.20 66.94 -15.75
C ARG A 70 -3.25 66.10 -16.58
N SER A 71 -2.99 64.87 -16.16
CA SER A 71 -2.00 64.03 -16.81
C SER A 71 -2.64 63.17 -17.89
N ASP A 72 -1.85 62.87 -18.93
CA ASP A 72 -2.22 61.87 -19.91
C ASP A 72 -1.57 60.52 -19.63
N VAL A 73 -0.70 60.45 -18.62
CA VAL A 73 -0.15 59.20 -18.13
C VAL A 73 -0.30 59.18 -16.62
N ALA A 74 -0.30 57.97 -16.07
CA ALA A 74 -0.45 57.80 -14.63
C ALA A 74 0.33 56.58 -14.19
N LEU A 75 0.99 56.69 -13.04
CA LEU A 75 1.73 55.60 -12.43
C LEU A 75 1.16 55.37 -11.04
N LEU A 76 0.68 54.15 -10.80
CA LEU A 76 -0.02 53.81 -9.57
C LEU A 76 0.97 53.13 -8.64
N LEU A 77 1.69 53.92 -7.88
CA LEU A 77 2.81 53.45 -7.06
C LEU A 77 2.38 53.23 -5.62
N ILE A 78 1.38 52.37 -5.45
CA ILE A 78 0.72 52.18 -4.17
C ILE A 78 0.50 50.69 -3.93
N PRO A 79 -0.06 50.29 -2.78
CA PRO A 79 -0.10 48.87 -2.43
C PRO A 79 -0.91 47.97 -3.35
N ASP A 80 -0.95 46.70 -2.98
CA ASP A 80 -1.54 45.64 -3.77
C ASP A 80 -2.84 45.09 -3.18
N GLU A 81 -3.14 45.43 -1.94
CA GLU A 81 -4.19 44.77 -1.19
C GLU A 81 -5.50 45.53 -1.21
N VAL A 82 -5.46 46.82 -1.50
CA VAL A 82 -6.61 47.70 -1.37
C VAL A 82 -6.78 48.54 -2.63
N MET A 83 -5.73 48.57 -3.45
CA MET A 83 -5.76 49.37 -4.67
C MET A 83 -7.05 49.20 -5.43
N LYS A 84 -7.68 48.02 -5.31
CA LYS A 84 -8.90 47.75 -6.05
C LYS A 84 -9.97 48.78 -5.76
N GLU A 85 -10.38 48.89 -4.50
CA GLU A 85 -11.45 49.81 -4.13
C GLU A 85 -11.11 51.22 -4.56
N VAL A 86 -9.88 51.64 -4.26
CA VAL A 86 -9.45 52.99 -4.58
C VAL A 86 -9.63 53.27 -6.06
N TYR A 87 -9.26 52.31 -6.90
CA TYR A 87 -9.45 52.49 -8.34
C TYR A 87 -10.91 52.53 -8.68
N GLU A 88 -11.72 51.72 -8.01
CA GLU A 88 -13.14 51.64 -8.34
C GLU A 88 -13.84 52.96 -8.08
N LYS A 89 -13.50 53.61 -6.97
CA LYS A 89 -14.22 54.80 -6.53
C LYS A 89 -13.69 56.08 -7.15
N LYS A 90 -12.38 56.30 -7.02
CA LYS A 90 -11.80 57.60 -7.18
C LYS A 90 -11.00 57.77 -8.46
N ILE A 91 -10.78 56.69 -9.21
CA ILE A 91 -9.95 56.73 -10.40
C ILE A 91 -10.72 56.30 -11.64
N ALA A 92 -11.52 55.24 -11.52
CA ALA A 92 -12.31 54.79 -12.66
C ALA A 92 -13.19 55.90 -13.23
N PRO A 93 -13.90 56.69 -12.43
CA PRO A 93 -14.75 57.73 -13.00
C PRO A 93 -13.95 58.70 -13.86
N VAL A 94 -12.93 59.27 -13.24
CA VAL A 94 -12.07 60.24 -13.92
C VAL A 94 -11.56 59.63 -15.22
N LEU A 95 -10.95 58.46 -15.11
CA LEU A 95 -10.41 57.79 -16.29
C LEU A 95 -11.46 57.66 -17.38
N GLN A 96 -12.68 57.29 -17.01
CA GLN A 96 -13.76 57.31 -17.98
C GLN A 96 -13.94 58.69 -18.60
N GLY A 97 -13.47 59.73 -17.90
CA GLY A 97 -13.47 61.07 -18.46
C GLY A 97 -12.24 61.35 -19.30
N LYS A 98 -11.76 60.34 -20.04
CA LYS A 98 -10.58 60.50 -20.88
C LYS A 98 -10.74 59.59 -22.09
N LYS A 99 -9.89 59.83 -23.10
CA LYS A 99 -9.90 59.05 -24.32
C LYS A 99 -8.58 58.34 -24.58
N GLU A 100 -7.47 59.06 -24.57
CA GLU A 100 -6.14 58.48 -24.75
C GLU A 100 -5.40 58.62 -23.43
N PHE A 101 -5.10 57.49 -22.81
CA PHE A 101 -4.43 57.47 -21.53
C PHE A 101 -3.48 56.29 -21.49
N VAL A 102 -2.61 56.29 -20.49
CA VAL A 102 -1.60 55.25 -20.33
C VAL A 102 -1.38 55.04 -18.85
N LEU A 103 -1.42 53.79 -18.42
CA LEU A 103 -1.29 53.45 -17.02
C LEU A 103 -0.24 52.36 -16.84
N ASP A 104 0.60 52.54 -15.83
CA ASP A 104 1.73 51.66 -15.57
C ASP A 104 1.80 51.38 -14.08
N PHE A 105 2.20 50.16 -13.72
CA PHE A 105 2.23 49.72 -12.34
C PHE A 105 3.61 49.18 -11.98
N ALA A 106 3.77 48.92 -10.69
CA ALA A 106 4.96 48.25 -10.16
C ALA A 106 4.78 46.74 -10.15
N SER A 107 3.60 46.27 -9.79
CA SER A 107 3.30 44.85 -9.69
C SER A 107 2.09 44.52 -10.54
N GLY A 108 2.04 43.28 -11.00
CA GLY A 108 0.99 42.81 -11.89
C GLY A 108 -0.06 41.97 -11.21
N TYR A 109 -0.01 41.87 -9.89
CA TYR A 109 -0.97 41.06 -9.15
C TYR A 109 -2.40 41.41 -9.53
N ASN A 110 -2.79 42.66 -9.31
CA ASN A 110 -4.18 43.04 -9.45
C ASN A 110 -4.66 42.99 -10.89
N VAL A 111 -3.74 43.09 -11.85
CA VAL A 111 -4.12 43.08 -13.25
C VAL A 111 -4.09 41.67 -13.82
N ALA A 112 -3.00 40.95 -13.57
CA ALA A 112 -2.85 39.61 -14.10
C ALA A 112 -4.03 38.73 -13.75
N PHE A 113 -4.65 38.99 -12.60
CA PHE A 113 -5.75 38.17 -12.11
C PHE A 113 -7.10 38.81 -12.34
N GLY A 114 -7.15 39.96 -12.99
CA GLY A 114 -8.40 40.54 -13.43
C GLY A 114 -9.11 41.35 -12.40
N LEU A 115 -8.48 41.67 -11.28
CA LEU A 115 -9.11 42.51 -10.27
C LEU A 115 -9.23 43.95 -10.72
N ILE A 116 -8.59 44.30 -11.83
CA ILE A 116 -8.64 45.65 -12.37
C ILE A 116 -8.62 45.55 -13.88
N ARG A 117 -9.67 46.05 -14.51
CA ARG A 117 -9.86 45.94 -15.96
C ARG A 117 -10.18 47.31 -16.51
N PRO A 118 -9.17 48.12 -16.78
CA PRO A 118 -9.42 49.42 -17.35
C PRO A 118 -10.00 49.29 -18.74
N PRO A 119 -10.45 50.40 -19.33
CA PRO A 119 -11.09 50.34 -20.63
C PRO A 119 -10.08 50.09 -21.74
N LYS A 120 -10.62 49.81 -22.92
CA LYS A 120 -9.80 49.65 -24.12
C LYS A 120 -9.31 50.98 -24.66
N SER A 121 -9.56 52.07 -23.95
CA SER A 121 -9.09 53.39 -24.36
C SER A 121 -7.80 53.78 -23.63
N VAL A 122 -7.08 52.80 -23.08
CA VAL A 122 -5.88 53.06 -22.31
C VAL A 122 -4.85 51.98 -22.58
N ASP A 123 -3.67 52.37 -23.05
CA ASP A 123 -2.57 51.44 -23.20
C ASP A 123 -2.05 51.06 -21.81
N THR A 124 -1.93 49.77 -21.56
CA THR A 124 -1.66 49.25 -20.23
C THR A 124 -0.31 48.52 -20.23
N ILE A 125 0.52 48.84 -19.24
CA ILE A 125 1.92 48.44 -19.24
C ILE A 125 2.41 48.22 -17.82
N MET A 126 3.63 47.71 -17.70
CA MET A 126 4.28 47.50 -16.42
C MET A 126 5.72 47.96 -16.50
N VAL A 127 6.24 48.42 -15.37
CA VAL A 127 7.68 48.60 -15.18
C VAL A 127 8.02 48.30 -13.73
N ALA A 128 8.78 47.22 -13.51
CA ALA A 128 9.00 46.70 -12.17
C ALA A 128 10.49 46.45 -11.92
N PRO A 129 11.08 47.05 -10.90
CA PRO A 129 12.40 46.62 -10.46
C PRO A 129 12.33 45.57 -9.37
N ARG A 130 13.49 45.11 -8.90
CA ARG A 130 13.56 43.97 -7.99
C ARG A 130 14.22 44.28 -6.66
N MET A 131 14.60 45.53 -6.42
CA MET A 131 15.24 45.91 -5.18
C MET A 131 14.18 46.01 -4.09
N VAL A 132 14.57 46.52 -2.92
CA VAL A 132 13.61 47.02 -1.95
C VAL A 132 13.42 48.53 -2.11
N GLY A 133 14.34 49.21 -2.79
CA GLY A 133 14.13 50.58 -3.19
C GLY A 133 15.26 51.52 -2.82
N GLU A 134 15.86 51.32 -1.64
CA GLU A 134 16.92 52.22 -1.20
C GLU A 134 18.20 51.98 -1.99
N GLY A 135 18.42 50.74 -2.41
CA GLY A 135 19.56 50.42 -3.25
C GLY A 135 19.61 51.26 -4.52
N ILE A 136 18.46 51.78 -4.94
CA ILE A 136 18.41 52.47 -6.23
C ILE A 136 19.00 53.87 -6.13
N MET A 137 18.83 54.56 -5.01
CA MET A 137 19.61 55.77 -4.78
C MET A 137 21.06 55.41 -4.47
N ASP A 138 21.25 54.33 -3.70
CA ASP A 138 22.58 53.78 -3.47
C ASP A 138 23.28 53.40 -4.77
N LEU A 139 22.58 53.44 -5.91
CA LEU A 139 23.19 53.29 -7.22
C LEU A 139 23.15 54.55 -8.06
N HIS A 140 22.13 55.39 -7.87
CA HIS A 140 22.00 56.58 -8.70
C HIS A 140 23.06 57.61 -8.35
N LYS A 141 23.35 57.79 -7.06
CA LYS A 141 24.43 58.68 -6.69
C LYS A 141 25.77 58.18 -7.23
N GLN A 142 25.83 56.92 -7.65
CA GLN A 142 26.99 56.38 -8.36
C GLN A 142 26.87 56.53 -9.87
N GLY A 143 25.81 57.17 -10.36
CA GLY A 143 25.62 57.33 -11.78
C GLY A 143 25.36 56.04 -12.54
N LYS A 144 25.06 54.96 -11.84
CA LYS A 144 24.83 53.66 -12.47
C LYS A 144 23.41 53.58 -13.02
N GLY A 145 23.03 52.38 -13.43
CA GLY A 145 21.66 52.09 -13.76
C GLY A 145 21.31 50.70 -13.28
N TYR A 146 20.00 50.46 -13.14
CA TYR A 146 19.54 49.23 -12.51
C TYR A 146 18.67 48.42 -13.47
N PRO A 147 18.41 47.15 -13.17
CA PRO A 147 17.60 46.32 -14.05
C PRO A 147 16.14 46.32 -13.65
N VAL A 148 15.26 46.13 -14.63
CA VAL A 148 13.82 46.16 -14.39
C VAL A 148 13.12 45.22 -15.38
N LEU A 149 11.84 45.01 -15.13
CA LEU A 149 10.97 44.24 -15.99
C LEU A 149 9.90 45.14 -16.58
N LEU A 150 9.55 44.89 -17.84
CA LEU A 150 8.59 45.68 -18.55
C LEU A 150 7.52 44.78 -19.14
N GLY A 151 6.29 45.27 -19.18
CA GLY A 151 5.21 44.51 -19.76
C GLY A 151 4.18 45.42 -20.37
N VAL A 152 3.37 44.84 -21.25
CA VAL A 152 2.29 45.53 -21.92
C VAL A 152 1.06 44.64 -21.85
N LYS A 153 -0.03 45.17 -21.31
CA LYS A 153 -1.28 44.44 -21.20
C LYS A 153 -2.27 44.83 -22.29
N GLN A 154 -2.30 46.10 -22.66
CA GLN A 154 -3.23 46.58 -23.67
C GLN A 154 -2.57 47.69 -24.46
N ASP A 155 -2.74 47.64 -25.77
CA ASP A 155 -2.18 48.65 -26.68
C ASP A 155 -3.30 49.16 -27.57
N ALA A 156 -3.71 50.41 -27.36
CA ALA A 156 -4.66 51.09 -28.21
C ALA A 156 -4.01 52.23 -28.99
N SER A 157 -2.68 52.27 -29.03
CA SER A 157 -1.94 53.34 -29.69
C SER A 157 -0.87 52.83 -30.64
N GLY A 158 -0.65 51.52 -30.71
CA GLY A 158 0.49 51.02 -31.45
C GLY A 158 1.81 51.55 -30.95
N LYS A 159 1.83 52.12 -29.75
CA LYS A 159 3.02 52.74 -29.19
C LYS A 159 3.29 52.30 -27.75
N ALA A 160 2.59 51.30 -27.26
CA ALA A 160 2.76 50.89 -25.87
C ALA A 160 4.22 50.61 -25.56
N TRP A 161 4.94 49.99 -26.50
CA TRP A 161 6.29 49.55 -26.21
C TRP A 161 7.27 50.73 -26.17
N ASP A 162 7.15 51.66 -27.12
CA ASP A 162 8.07 52.80 -27.09
C ASP A 162 7.75 53.70 -25.90
N TYR A 163 6.48 53.80 -25.52
CA TYR A 163 6.16 54.42 -24.25
C TYR A 163 6.83 53.68 -23.10
N ALA A 164 6.87 52.35 -23.19
CA ALA A 164 7.49 51.55 -22.16
C ALA A 164 8.95 51.95 -21.97
N LYS A 165 9.72 51.90 -23.06
CA LYS A 165 11.13 52.23 -22.98
C LYS A 165 11.35 53.71 -22.66
N ALA A 166 10.45 54.56 -23.13
CA ALA A 166 10.50 55.97 -22.76
C ALA A 166 10.45 56.12 -21.26
N ILE A 167 9.43 55.54 -20.63
CA ILE A 167 9.34 55.53 -19.18
C ILE A 167 10.61 54.97 -18.57
N ALA A 168 11.03 53.80 -19.05
CA ALA A 168 12.23 53.15 -18.56
C ALA A 168 13.37 54.14 -18.41
N LYS A 169 13.75 54.77 -19.51
CA LYS A 169 14.78 55.79 -19.43
C LYS A 169 14.35 57.00 -18.62
N GLY A 170 13.05 57.15 -18.39
CA GLY A 170 12.55 58.25 -17.58
C GLY A 170 12.80 58.09 -16.10
N ILE A 171 13.32 56.94 -15.69
CA ILE A 171 13.57 56.64 -14.29
C ILE A 171 15.02 56.32 -14.01
N GLY A 172 15.89 56.38 -15.02
CA GLY A 172 17.31 56.24 -14.79
C GLY A 172 17.81 54.83 -14.64
N ALA A 173 17.20 53.87 -15.33
CA ALA A 173 17.63 52.47 -15.25
C ALA A 173 18.62 52.13 -16.35
N ILE A 174 18.19 52.25 -17.60
CA ILE A 174 19.11 52.17 -18.73
C ILE A 174 19.27 53.57 -19.29
N PRO A 175 20.50 53.98 -19.64
CA PRO A 175 21.70 53.16 -19.61
C PRO A 175 22.31 53.07 -18.21
N GLY A 176 22.93 51.92 -17.91
CA GLY A 176 23.56 51.72 -16.63
C GLY A 176 23.16 50.40 -16.02
N GLY A 177 21.90 50.04 -16.22
CA GLY A 177 21.40 48.72 -15.88
C GLY A 177 20.92 48.05 -17.14
N ILE A 178 19.79 47.36 -17.07
CA ILE A 178 19.15 46.77 -18.24
C ILE A 178 17.65 46.85 -18.07
N ALA A 179 16.93 46.36 -19.07
CA ALA A 179 15.48 46.39 -19.05
C ALA A 179 14.97 45.14 -19.76
N VAL A 180 14.24 44.32 -19.04
CA VAL A 180 13.66 43.12 -19.62
C VAL A 180 12.20 43.35 -19.90
N ILE A 181 11.73 42.74 -20.97
CA ILE A 181 10.33 42.81 -21.36
C ILE A 181 9.66 41.52 -20.94
N SER A 182 8.47 41.62 -20.36
CA SER A 182 7.85 40.46 -19.77
C SER A 182 6.40 40.78 -19.43
N SER A 183 5.53 39.80 -19.63
CA SER A 183 4.13 39.98 -19.31
C SER A 183 3.95 40.32 -17.84
N PHE A 184 2.77 40.86 -17.53
CA PHE A 184 2.38 41.00 -16.14
C PHE A 184 2.41 39.66 -15.43
N GLU A 185 2.01 38.61 -16.14
CA GLU A 185 1.84 37.31 -15.51
C GLU A 185 3.18 36.79 -14.98
N GLU A 186 4.21 36.88 -15.80
CA GLU A 186 5.52 36.41 -15.38
C GLU A 186 5.97 37.13 -14.13
N GLU A 187 5.80 38.45 -14.08
CA GLU A 187 6.26 39.21 -12.93
C GLU A 187 5.61 38.71 -11.66
N ALA A 188 4.29 38.56 -11.67
CA ALA A 188 3.58 38.10 -10.49
C ALA A 188 4.01 36.69 -10.11
N LEU A 189 4.00 35.80 -11.09
CA LEU A 189 4.45 34.44 -10.86
C LEU A 189 5.77 34.40 -10.14
N LEU A 190 6.72 35.21 -10.61
CA LEU A 190 8.05 35.20 -10.02
C LEU A 190 8.03 35.77 -8.62
N ASP A 191 7.52 36.99 -8.46
CA ASP A 191 7.52 37.62 -7.15
C ASP A 191 6.83 36.76 -6.12
N LEU A 192 5.97 35.83 -6.54
CA LEU A 192 5.29 34.98 -5.60
C LEU A 192 6.02 33.68 -5.35
N MET A 193 6.56 33.06 -6.39
CA MET A 193 7.28 31.81 -6.22
C MET A 193 8.33 31.92 -5.12
N SER A 194 9.13 32.97 -5.19
CA SER A 194 10.12 33.21 -4.14
C SER A 194 9.47 33.25 -2.77
N GLU A 195 8.44 34.08 -2.64
CA GLU A 195 7.77 34.24 -1.35
C GLU A 195 7.08 32.99 -0.87
N HIS A 196 7.00 31.96 -1.70
CA HIS A 196 6.30 30.74 -1.33
C HIS A 196 7.19 29.51 -1.28
N THR A 197 8.40 29.56 -1.85
CA THR A 197 9.19 28.35 -2.05
C THR A 197 10.46 28.31 -1.23
N TRP A 198 11.42 29.20 -1.46
CA TRP A 198 12.72 28.97 -0.85
C TRP A 198 12.92 29.76 0.43
N VAL A 199 12.27 30.90 0.56
CA VAL A 199 12.31 31.69 1.78
C VAL A 199 11.71 30.88 2.93
N PRO A 200 10.46 30.44 2.82
CA PRO A 200 9.85 29.72 3.94
C PRO A 200 10.52 28.40 4.20
N ILE A 201 10.96 27.71 3.15
CA ILE A 201 11.69 26.47 3.34
C ILE A 201 12.93 26.71 4.17
N LEU A 202 13.70 27.74 3.79
CA LEU A 202 14.90 28.10 4.52
C LEU A 202 14.58 28.32 5.99
N PHE A 203 13.58 29.15 6.26
CA PHE A 203 13.26 29.47 7.64
C PHE A 203 12.86 28.23 8.42
N GLY A 204 12.03 27.39 7.83
CA GLY A 204 11.62 26.18 8.50
C GLY A 204 12.77 25.25 8.79
N ALA A 205 13.70 25.16 7.84
CA ALA A 205 14.86 24.31 8.03
C ALA A 205 15.70 24.81 9.20
N ILE A 206 15.92 26.11 9.27
CA ILE A 206 16.67 26.68 10.37
C ILE A 206 15.99 26.37 11.70
N LYS A 207 14.69 26.66 11.77
CA LYS A 207 13.93 26.41 12.98
C LYS A 207 14.05 24.96 13.40
N ALA A 208 13.98 24.05 12.44
CA ALA A 208 14.03 22.64 12.75
C ALA A 208 15.41 22.24 13.25
N CYS A 209 16.45 22.77 12.62
CA CYS A 209 17.80 22.48 13.08
C CYS A 209 17.95 22.88 14.54
N TYR A 210 17.49 24.09 14.87
CA TYR A 210 17.54 24.53 16.25
C TYR A 210 16.82 23.56 17.17
N ASP A 211 15.54 23.32 16.89
CA ASP A 211 14.73 22.48 17.76
C ASP A 211 15.39 21.13 17.98
N ILE A 212 15.85 20.51 16.89
CA ILE A 212 16.48 19.20 16.98
C ILE A 212 17.70 19.26 17.85
N ALA A 213 18.67 20.10 17.47
CA ALA A 213 19.93 20.16 18.18
C ALA A 213 19.71 20.35 19.66
N VAL A 214 18.68 21.10 20.04
CA VAL A 214 18.47 21.38 21.45
C VAL A 214 17.81 20.19 22.14
N LYS A 215 16.71 19.69 21.59
CA LYS A 215 15.89 18.74 22.28
C LYS A 215 16.32 17.29 22.11
N GLU A 216 17.35 17.03 21.32
CA GLU A 216 17.76 15.66 21.07
C GLU A 216 19.26 15.45 21.15
N TYR A 217 20.19 16.41 21.42
CA TYR A 217 21.64 16.14 21.60
C TYR A 217 22.25 17.02 22.72
N GLY A 218 21.43 17.53 23.65
CA GLY A 218 21.85 18.35 24.81
C GLY A 218 22.74 19.54 24.46
N VAL A 219 22.30 20.44 23.57
CA VAL A 219 23.07 21.65 23.13
C VAL A 219 22.47 22.93 23.76
N SER A 220 23.28 23.99 23.88
CA SER A 220 22.90 25.28 24.41
C SER A 220 22.28 26.14 23.32
N PRO A 221 21.16 26.81 23.61
CA PRO A 221 20.54 27.66 22.58
C PRO A 221 21.49 28.66 21.96
N GLU A 222 22.36 29.23 22.79
CA GLU A 222 23.26 30.28 22.33
C GLU A 222 24.10 29.81 21.16
N ALA A 223 24.73 28.64 21.32
CA ALA A 223 25.60 28.12 20.27
C ALA A 223 24.84 27.89 18.98
N ALA A 224 23.66 27.30 19.09
CA ALA A 224 22.85 27.04 17.90
C ALA A 224 22.54 28.33 17.17
N LEU A 225 22.07 29.33 17.90
CA LEU A 225 21.74 30.60 17.29
C LEU A 225 22.97 31.21 16.62
N LEU A 226 24.11 31.13 17.26
CA LEU A 226 25.33 31.69 16.68
C LEU A 226 25.67 31.00 15.38
N GLU A 227 25.60 29.68 15.36
CA GLU A 227 25.97 28.94 14.16
C GLU A 227 25.02 29.26 13.02
N PHE A 228 23.71 29.19 13.28
CA PHE A 228 22.76 29.16 12.18
C PHE A 228 22.56 30.53 11.55
N TYR A 229 22.05 31.50 12.32
CA TYR A 229 21.76 32.80 11.73
C TYR A 229 22.19 33.99 12.56
N ALA A 230 22.44 33.87 13.86
CA ALA A 230 22.83 35.04 14.63
C ALA A 230 24.15 35.61 14.15
N SER A 231 24.92 34.85 13.38
CA SER A 231 26.13 35.34 12.74
C SER A 231 25.80 35.79 11.31
N GLY A 232 26.57 36.75 10.83
CA GLY A 232 26.37 37.33 9.51
C GLY A 232 26.94 36.50 8.38
N GLU A 233 27.16 35.22 8.65
CA GLU A 233 27.69 34.32 7.62
C GLU A 233 26.85 34.39 6.36
N LEU A 234 25.55 34.18 6.50
CA LEU A 234 24.66 34.16 5.36
C LEU A 234 24.80 35.43 4.52
N ALA A 235 24.97 36.57 5.18
CA ALA A 235 25.07 37.83 4.44
C ALA A 235 26.26 37.82 3.49
N GLU A 236 27.43 37.44 4.02
CA GLU A 236 28.62 37.40 3.19
C GLU A 236 28.45 36.41 2.04
N ILE A 237 27.82 35.28 2.32
CA ILE A 237 27.59 34.28 1.28
C ILE A 237 26.73 34.87 0.17
N ALA A 238 25.65 35.56 0.55
CA ALA A 238 24.76 36.14 -0.45
C ALA A 238 25.48 37.19 -1.28
N ARG A 239 26.29 38.01 -0.62
CA ARG A 239 27.06 39.01 -1.34
C ARG A 239 27.97 38.36 -2.37
N LEU A 240 28.74 37.36 -1.93
CA LEU A 240 29.64 36.69 -2.85
C LEU A 240 28.88 36.05 -4.00
N ILE A 241 27.68 35.55 -3.72
CA ILE A 241 26.83 35.01 -4.78
C ILE A 241 26.55 36.09 -5.81
N ALA A 242 26.01 37.21 -5.36
CA ALA A 242 25.66 38.28 -6.27
C ALA A 242 26.87 38.76 -7.06
N GLU A 243 28.07 38.63 -6.48
CA GLU A 243 29.26 39.17 -7.13
C GLU A 243 29.85 38.18 -8.13
N GLU A 244 30.22 37.00 -7.65
CA GLU A 244 30.98 36.03 -8.44
C GLU A 244 30.10 35.02 -9.16
N GLY A 245 29.09 34.52 -8.50
CA GLY A 245 28.28 33.43 -9.01
C GLY A 245 27.98 32.50 -7.86
N ILE A 246 26.87 31.78 -7.97
CA ILE A 246 26.39 30.96 -6.85
C ILE A 246 27.38 29.85 -6.54
N PHE A 247 27.88 29.17 -7.56
CA PHE A 247 28.76 28.03 -7.36
C PHE A 247 30.21 28.44 -7.19
N ASN A 248 30.73 29.23 -8.13
CA ASN A 248 32.07 29.76 -8.00
C ASN A 248 32.30 30.34 -6.62
N GLN A 249 31.23 30.78 -5.96
CA GLN A 249 31.34 31.29 -4.61
C GLN A 249 31.98 30.29 -3.67
N MET A 250 31.62 29.02 -3.80
CA MET A 250 31.99 28.02 -2.81
C MET A 250 33.47 27.70 -2.82
N VAL A 251 34.22 28.22 -3.78
CA VAL A 251 35.66 27.99 -3.80
C VAL A 251 36.32 28.54 -2.56
N HIS A 252 35.74 29.59 -1.97
CA HIS A 252 36.28 30.19 -0.76
C HIS A 252 35.94 29.38 0.48
N HIS A 253 35.25 28.26 0.34
CA HIS A 253 34.92 27.39 1.43
C HIS A 253 35.92 26.25 1.52
N SER A 254 35.70 25.37 2.48
CA SER A 254 36.52 24.18 2.63
C SER A 254 35.99 23.05 1.75
N THR A 255 36.89 22.13 1.42
CA THR A 255 36.51 21.00 0.57
C THR A 255 35.40 20.19 1.21
N THR A 256 35.48 20.01 2.52
CA THR A 256 34.46 19.27 3.23
C THR A 256 33.08 19.86 2.98
N SER A 257 32.97 21.18 3.14
CA SER A 257 31.71 21.86 2.92
C SER A 257 31.23 21.67 1.50
N GLN A 258 32.13 21.87 0.54
CA GLN A 258 31.77 21.69 -0.86
C GLN A 258 31.17 20.31 -1.09
N TYR A 259 31.85 19.29 -0.60
CA TYR A 259 31.44 17.91 -0.83
C TYR A 259 30.06 17.67 -0.27
N GLY A 260 29.89 17.94 1.02
CA GLY A 260 28.60 17.70 1.65
C GLY A 260 27.49 18.45 0.95
N THR A 261 27.73 19.73 0.71
CA THR A 261 26.73 20.58 0.09
C THR A 261 26.28 20.02 -1.25
N LEU A 262 27.24 19.69 -2.11
CA LEU A 262 26.89 19.23 -3.45
C LEU A 262 26.14 17.92 -3.41
N THR A 263 26.65 16.95 -2.65
CA THR A 263 25.99 15.67 -2.57
C THR A 263 24.54 15.85 -2.12
N ARG A 264 24.35 16.57 -1.02
CA ARG A 264 23.00 16.70 -0.49
C ARG A 264 22.10 17.49 -1.44
N MET A 265 22.66 18.48 -2.12
CA MET A 265 21.88 19.23 -3.09
C MET A 265 21.34 18.32 -4.17
N PHE A 266 22.21 17.55 -4.81
CA PHE A 266 21.75 16.64 -5.84
C PHE A 266 20.91 15.52 -5.28
N LYS A 267 20.91 15.34 -3.97
CA LYS A 267 20.16 14.28 -3.33
C LYS A 267 18.73 14.67 -3.01
N TYR A 268 18.46 15.96 -2.84
CA TYR A 268 17.14 16.44 -2.43
C TYR A 268 16.48 17.31 -3.49
N TYR A 269 16.97 17.27 -4.72
CA TYR A 269 16.46 18.17 -5.75
C TYR A 269 15.04 17.80 -6.16
N ASP A 270 14.68 16.53 -6.09
CA ASP A 270 13.39 16.09 -6.59
C ASP A 270 12.26 16.57 -5.69
N VAL A 271 12.46 16.46 -4.38
CA VAL A 271 11.42 16.81 -3.42
C VAL A 271 10.99 18.26 -3.61
N VAL A 272 11.93 19.17 -3.48
CA VAL A 272 11.64 20.59 -3.62
C VAL A 272 11.09 20.88 -4.99
N ARG A 273 11.50 20.13 -6.00
CA ARG A 273 10.95 20.30 -7.32
C ARG A 273 9.45 20.03 -7.31
N ARG A 274 9.05 18.94 -6.68
CA ARG A 274 7.63 18.63 -6.55
C ARG A 274 6.89 19.76 -5.87
N ILE A 275 7.45 20.23 -4.76
CA ILE A 275 6.83 21.31 -4.01
C ILE A 275 6.61 22.52 -4.91
N VAL A 276 7.68 22.94 -5.58
CA VAL A 276 7.63 24.12 -6.43
C VAL A 276 6.58 23.97 -7.51
N GLU A 277 6.51 22.79 -8.11
CA GLU A 277 5.48 22.52 -9.09
C GLU A 277 4.10 22.78 -8.50
N ASN A 278 3.84 22.20 -7.34
CA ASN A 278 2.54 22.36 -6.71
C ASN A 278 2.21 23.84 -6.54
N GLU A 279 3.14 24.60 -5.99
CA GLU A 279 2.82 25.99 -5.67
C GLU A 279 2.65 26.84 -6.92
N ALA A 280 3.54 26.66 -7.90
CA ALA A 280 3.41 27.41 -9.13
C ALA A 280 2.09 27.13 -9.81
N LYS A 281 1.65 25.88 -9.76
CA LYS A 281 0.34 25.54 -10.32
C LYS A 281 -0.76 26.24 -9.55
N TYR A 282 -0.69 26.18 -8.22
CA TYR A 282 -1.66 26.87 -7.39
C TYR A 282 -1.76 28.33 -7.77
N ILE A 283 -0.68 28.92 -8.24
CA ILE A 283 -0.69 30.35 -8.56
C ILE A 283 -1.24 30.59 -9.95
N TRP A 284 -0.68 29.92 -10.94
CA TRP A 284 -1.08 30.12 -12.33
C TRP A 284 -2.59 30.15 -12.50
N ASP A 285 -3.32 29.47 -11.62
CA ASP A 285 -4.76 29.35 -11.73
C ASP A 285 -5.52 30.50 -11.11
N GLY A 286 -4.93 31.17 -10.13
CA GLY A 286 -5.60 32.27 -9.45
C GLY A 286 -6.12 31.92 -8.08
N SER A 287 -5.81 30.75 -7.56
CA SER A 287 -6.37 30.33 -6.28
C SER A 287 -5.82 31.16 -5.13
N PHE A 288 -4.52 31.43 -5.15
CA PHE A 288 -3.91 32.16 -4.04
C PHE A 288 -4.50 33.55 -3.92
N ALA A 289 -4.75 34.20 -5.04
CA ALA A 289 -5.38 35.52 -5.01
C ALA A 289 -6.71 35.46 -4.28
N LYS A 290 -7.50 34.44 -4.60
CA LYS A 290 -8.77 34.25 -3.92
C LYS A 290 -8.58 34.08 -2.42
N GLU A 291 -7.70 33.15 -2.05
CA GLU A 291 -7.41 32.91 -0.65
C GLU A 291 -7.08 34.21 0.07
N TRP A 292 -6.17 34.99 -0.49
CA TRP A 292 -5.69 36.19 0.17
C TRP A 292 -6.78 37.24 0.26
N SER A 293 -7.55 37.42 -0.81
CA SER A 293 -8.61 38.41 -0.80
C SER A 293 -9.64 38.07 0.26
N LEU A 294 -10.00 36.80 0.36
CA LEU A 294 -10.95 36.40 1.39
C LEU A 294 -10.38 36.65 2.78
N GLU A 295 -9.13 36.24 3.00
CA GLU A 295 -8.51 36.46 4.29
C GLU A 295 -8.54 37.93 4.68
N GLN A 296 -8.44 38.83 3.71
CA GLN A 296 -8.69 40.23 3.99
C GLN A 296 -10.12 40.45 4.43
N GLN A 297 -11.06 39.86 3.70
CA GLN A 297 -12.47 40.12 3.94
C GLN A 297 -12.97 39.54 5.24
N ALA A 298 -12.16 38.72 5.92
CA ALA A 298 -12.60 38.08 7.15
C ALA A 298 -12.05 38.73 8.40
N GLY A 299 -10.90 39.39 8.32
CA GLY A 299 -10.37 40.11 9.45
C GLY A 299 -8.95 39.72 9.82
N TYR A 300 -8.26 39.08 8.89
CA TYR A 300 -6.87 38.71 9.07
C TYR A 300 -6.66 37.85 10.31
N PRO A 301 -7.49 36.85 10.54
CA PRO A 301 -7.33 36.02 11.74
C PRO A 301 -6.08 35.15 11.71
N VAL A 302 -5.93 34.41 10.62
CA VAL A 302 -4.80 33.48 10.49
C VAL A 302 -3.49 34.23 10.57
N PHE A 303 -3.38 35.29 9.78
CA PHE A 303 -2.25 36.21 9.88
C PHE A 303 -1.90 36.48 11.33
N TYR A 304 -2.91 36.86 12.11
CA TYR A 304 -2.71 37.21 13.50
C TYR A 304 -2.15 36.05 14.30
N ARG A 305 -2.83 34.90 14.22
CA ARG A 305 -2.43 33.76 15.04
C ARG A 305 -1.03 33.31 14.71
N LEU A 306 -0.66 33.36 13.44
CA LEU A 306 0.67 32.91 13.06
C LEU A 306 1.73 33.90 13.52
N TRP A 307 1.48 35.20 13.32
CA TRP A 307 2.39 36.19 13.85
C TRP A 307 2.59 36.00 15.33
N GLU A 308 1.56 35.51 16.02
CA GLU A 308 1.70 35.23 17.45
C GLU A 308 2.59 34.02 17.68
N LEU A 309 2.20 32.88 17.11
CA LEU A 309 2.93 31.64 17.34
C LEU A 309 4.41 31.80 17.06
N ALA A 310 4.74 32.42 15.94
CA ALA A 310 6.14 32.57 15.57
C ALA A 310 6.93 33.25 16.67
N THR A 311 6.41 34.36 17.19
CA THR A 311 7.15 35.14 18.17
C THR A 311 7.17 34.46 19.52
N GLN A 312 6.13 33.70 19.86
CA GLN A 312 6.06 33.01 21.13
C GLN A 312 6.78 31.68 21.10
N SER A 313 7.55 31.41 20.05
CA SER A 313 8.34 30.20 20.01
C SER A 313 9.59 30.35 20.84
N GLU A 314 10.22 29.21 21.13
CA GLU A 314 11.42 29.20 21.97
C GLU A 314 12.54 29.95 21.29
N MET A 315 12.78 29.64 20.02
CA MET A 315 13.87 30.26 19.29
C MET A 315 13.82 31.77 19.39
N ALA A 316 12.63 32.34 19.28
CA ALA A 316 12.50 33.79 19.29
C ALA A 316 12.86 34.37 20.65
N LYS A 317 12.40 33.73 21.72
CA LYS A 317 12.72 34.20 23.05
C LYS A 317 14.21 34.17 23.30
N ALA A 318 14.86 33.08 22.91
CA ALA A 318 16.29 32.97 23.07
C ALA A 318 17.00 34.05 22.27
N GLU A 319 16.58 34.24 21.02
CA GLU A 319 17.13 35.32 20.21
C GLU A 319 16.98 36.65 20.92
N LYS A 320 15.88 36.82 21.62
CA LYS A 320 15.65 38.07 22.35
C LYS A 320 16.71 38.25 23.42
N GLU A 321 16.81 37.27 24.32
CA GLU A 321 17.82 37.35 25.38
C GLU A 321 19.18 37.65 24.79
N LEU A 322 19.52 36.99 23.68
CA LEU A 322 20.86 37.10 23.14
C LEU A 322 21.10 38.47 22.53
N TYR A 323 20.33 38.82 21.50
CA TYR A 323 20.46 40.13 20.89
C TYR A 323 20.54 41.23 21.93
N LYS A 324 19.83 41.05 23.03
CA LYS A 324 19.96 41.97 24.16
C LYS A 324 21.39 41.97 24.68
N LEU A 325 21.97 40.78 24.82
CA LEU A 325 23.32 40.69 25.35
C LEU A 325 24.33 41.40 24.45
N LEU A 326 24.21 41.20 23.14
CA LEU A 326 25.15 41.79 22.20
C LEU A 326 24.88 43.25 21.93
N GLY A 327 23.91 43.86 22.60
CA GLY A 327 23.56 45.24 22.36
C GLY A 327 22.72 45.46 21.13
N ARG A 328 22.60 44.47 20.25
CA ARG A 328 21.74 44.60 19.09
C ARG A 328 20.32 44.92 19.53
N LYS A 329 19.74 45.95 18.93
CA LYS A 329 18.40 46.38 19.30
C LYS A 329 17.38 45.28 19.06
N ASP B 2 24.48 32.51 33.05
CA ASP B 2 24.44 31.32 32.23
C ASP B 2 25.83 30.86 31.80
N LYS B 3 25.88 29.84 30.95
CA LYS B 3 27.16 29.31 30.48
C LYS B 3 28.06 30.34 29.81
N THR B 4 27.52 31.47 29.38
CA THR B 4 28.32 32.45 28.68
C THR B 4 29.44 32.96 29.60
N VAL B 5 30.44 33.57 28.97
CA VAL B 5 31.52 34.24 29.68
C VAL B 5 31.85 35.52 28.94
N LEU B 6 31.83 36.64 29.66
CA LEU B 6 32.02 37.95 29.06
C LEU B 6 33.43 38.50 29.23
N ASP B 7 34.20 37.97 30.16
CA ASP B 7 35.59 38.34 30.34
C ASP B 7 36.20 37.43 31.38
N ALA B 8 37.53 37.34 31.35
CA ALA B 8 38.25 36.45 32.25
C ALA B 8 39.69 36.93 32.36
N ASN B 9 40.55 36.07 32.89
CA ASN B 9 41.91 36.43 33.21
C ASN B 9 42.83 36.20 32.01
N LEU B 10 44.11 36.52 32.20
CA LEU B 10 45.14 36.33 31.20
C LEU B 10 46.43 35.83 31.87
N ASP B 11 46.31 35.11 32.98
CA ASP B 11 47.45 34.80 33.82
C ASP B 11 48.30 33.64 33.31
N PRO B 12 47.72 32.48 32.94
CA PRO B 12 48.57 31.31 32.72
C PRO B 12 49.44 31.41 31.49
N LEU B 13 49.09 32.27 30.54
CA LEU B 13 49.80 32.37 29.27
C LEU B 13 50.95 33.36 29.30
N LYS B 14 51.05 34.17 30.33
CA LYS B 14 52.14 35.14 30.45
C LYS B 14 53.28 34.50 31.23
N GLY B 15 54.44 34.42 30.60
CA GLY B 15 55.57 33.68 31.12
C GLY B 15 55.87 32.42 30.36
N LYS B 16 54.96 31.98 29.48
CA LYS B 16 55.15 30.81 28.66
C LYS B 16 55.31 31.21 27.19
N THR B 17 55.80 30.28 26.39
CA THR B 17 55.85 30.43 24.95
C THR B 17 54.65 29.72 24.35
N ILE B 18 54.25 30.17 23.16
CA ILE B 18 53.08 29.64 22.48
C ILE B 18 53.49 29.19 21.09
N GLY B 19 52.84 28.13 20.62
CA GLY B 19 53.12 27.57 19.32
C GLY B 19 52.00 27.78 18.34
N VAL B 20 52.23 28.64 17.35
CA VAL B 20 51.23 28.95 16.33
C VAL B 20 51.61 28.20 15.06
N ILE B 21 50.77 27.26 14.66
CA ILE B 21 50.97 26.46 13.47
C ILE B 21 50.12 27.05 12.35
N GLY B 22 50.75 27.82 11.49
CA GLY B 22 50.10 28.32 10.30
C GLY B 22 49.93 29.82 10.32
N TYR B 23 49.83 30.37 9.11
CA TYR B 23 49.75 31.81 8.89
C TYR B 23 48.74 32.11 7.80
N GLY B 24 47.59 31.45 7.86
CA GLY B 24 46.60 31.57 6.81
C GLY B 24 45.65 32.72 7.07
N ASN B 25 44.37 32.39 7.22
CA ASN B 25 43.40 33.41 7.61
C ASN B 25 43.43 33.62 9.12
N GLN B 26 43.03 32.59 9.86
CA GLN B 26 43.04 32.69 11.32
C GLN B 26 44.44 32.92 11.83
N GLY B 27 45.34 31.99 11.53
CA GLY B 27 46.70 32.03 12.02
C GLY B 27 47.25 33.44 12.05
N ARG B 28 47.26 34.10 10.91
CA ARG B 28 47.77 35.47 10.87
C ARG B 28 46.99 36.37 11.81
N VAL B 29 45.66 36.34 11.70
CA VAL B 29 44.85 37.27 12.48
C VAL B 29 45.08 37.06 13.97
N GLN B 30 44.81 35.85 14.45
CA GLN B 30 44.93 35.56 15.87
C GLN B 30 46.34 35.78 16.37
N ALA B 31 47.34 35.45 15.56
CA ALA B 31 48.73 35.59 15.95
C ALA B 31 49.11 37.05 16.10
N THR B 32 48.78 37.86 15.10
CA THR B 32 49.03 39.30 15.21
C THR B 32 48.30 39.87 16.42
N ILE B 33 47.04 39.49 16.61
CA ILE B 33 46.28 39.92 17.78
C ILE B 33 47.05 39.61 19.05
N MET B 34 47.51 38.38 19.20
CA MET B 34 48.11 37.95 20.45
C MET B 34 49.44 38.65 20.68
N ARG B 35 50.32 38.65 19.68
CA ARG B 35 51.54 39.43 19.76
C ARG B 35 51.23 40.84 20.25
N GLU B 36 50.15 41.44 19.72
CA GLU B 36 49.73 42.76 20.15
C GLU B 36 49.07 42.75 21.52
N ASN B 37 48.79 41.57 22.09
CA ASN B 37 48.20 41.45 23.42
C ASN B 37 49.24 41.22 24.50
N GLY B 38 50.52 41.32 24.17
CA GLY B 38 51.57 41.17 25.16
C GLY B 38 51.88 39.72 25.53
N LEU B 39 52.38 38.95 24.56
CA LEU B 39 52.81 37.59 24.82
C LEU B 39 53.99 37.27 23.92
N ASN B 40 54.73 36.24 24.30
CA ASN B 40 55.83 35.72 23.50
C ASN B 40 55.34 34.53 22.70
N VAL B 41 55.47 34.63 21.38
CA VAL B 41 54.84 33.71 20.46
C VAL B 41 55.83 33.31 19.39
N ILE B 42 55.51 32.24 18.66
CA ILE B 42 56.30 31.78 17.54
C ILE B 42 55.36 31.18 16.50
N VAL B 43 55.92 30.87 15.34
CA VAL B 43 55.15 30.42 14.18
C VAL B 43 55.79 29.17 13.62
N GLY B 44 54.95 28.25 13.16
CA GLY B 44 55.42 27.12 12.37
C GLY B 44 54.60 27.04 11.10
N ASN B 45 55.29 26.80 9.98
CA ASN B 45 54.65 26.97 8.69
C ASN B 45 55.39 26.17 7.63
N VAL B 46 54.64 25.74 6.62
CA VAL B 46 55.26 25.18 5.41
C VAL B 46 55.92 26.32 4.65
N LYS B 47 57.19 26.13 4.30
CA LYS B 47 58.00 27.22 3.77
C LYS B 47 57.61 27.47 2.33
N ASP B 48 56.66 28.41 2.16
CA ASP B 48 56.12 28.78 0.87
C ASP B 48 55.69 30.24 0.96
N LYS B 49 54.85 30.67 0.03
CA LYS B 49 54.38 32.05 -0.02
C LYS B 49 53.89 32.54 1.34
N TYR B 50 53.08 31.72 2.02
CA TYR B 50 52.61 32.11 3.34
C TYR B 50 53.78 32.30 4.30
N TYR B 51 54.81 31.47 4.18
CA TYR B 51 55.99 31.67 5.02
C TYR B 51 56.66 32.99 4.69
N GLU B 52 56.76 33.33 3.41
CA GLU B 52 57.25 34.64 3.01
C GLU B 52 56.48 35.73 3.72
N LEU B 53 55.15 35.67 3.65
CA LEU B 53 54.31 36.70 4.26
C LEU B 53 54.47 36.72 5.77
N ALA B 54 54.68 35.55 6.38
CA ALA B 54 54.76 35.48 7.83
C ALA B 54 56.05 36.08 8.34
N LYS B 55 57.18 35.65 7.79
CA LYS B 55 58.45 36.28 8.14
C LYS B 55 58.47 37.73 7.72
N LYS B 56 57.70 38.08 6.68
CA LYS B 56 57.49 39.47 6.30
C LYS B 56 56.96 40.28 7.47
N GLU B 57 55.85 39.84 8.05
CA GLU B 57 55.23 40.57 9.14
C GLU B 57 56.00 40.49 10.44
N GLY B 58 57.18 39.89 10.46
CA GLY B 58 58.02 39.94 11.64
C GLY B 58 57.77 38.87 12.66
N PHE B 59 57.46 37.64 12.25
CA PHE B 59 57.32 36.50 13.13
C PHE B 59 58.41 35.49 12.79
N GLU B 60 59.35 35.30 13.72
CA GLU B 60 60.30 34.21 13.60
C GLU B 60 59.56 32.89 13.43
N VAL B 61 59.91 32.16 12.38
CA VAL B 61 59.19 30.95 12.00
C VAL B 61 60.20 29.84 11.77
N TYR B 62 60.28 28.91 12.73
CA TYR B 62 61.09 27.72 12.58
C TYR B 62 60.28 26.64 11.85
N GLU B 63 60.80 25.43 11.83
CA GLU B 63 60.00 24.31 11.36
C GLU B 63 58.94 23.97 12.40
N ILE B 64 57.93 23.23 11.95
CA ILE B 64 56.79 22.89 12.80
C ILE B 64 57.28 22.31 14.12
N ASP B 65 58.00 21.18 14.05
CA ASP B 65 58.44 20.52 15.26
C ASP B 65 59.33 21.42 16.10
N GLU B 66 60.10 22.28 15.46
CA GLU B 66 60.97 23.17 16.22
C GLU B 66 60.17 24.19 16.99
N ALA B 67 58.99 24.56 16.49
CA ALA B 67 58.11 25.44 17.23
C ALA B 67 57.37 24.71 18.33
N VAL B 68 57.26 23.39 18.24
CA VAL B 68 56.61 22.63 19.30
C VAL B 68 57.59 22.31 20.41
N ARG B 69 58.86 22.14 20.08
CA ARG B 69 59.85 21.88 21.12
C ARG B 69 60.03 23.09 22.02
N ARG B 70 59.98 24.29 21.43
CA ARG B 70 60.17 25.51 22.21
C ARG B 70 58.94 25.87 23.02
N SER B 71 57.75 25.57 22.50
CA SER B 71 56.50 25.99 23.12
C SER B 71 55.99 24.92 24.07
N ASP B 72 55.29 25.38 25.11
CA ASP B 72 54.52 24.50 25.97
C ASP B 72 53.04 24.47 25.59
N VAL B 73 52.63 25.31 24.65
CA VAL B 73 51.30 25.28 24.06
C VAL B 73 51.45 25.28 22.55
N ALA B 74 50.41 24.79 21.88
CA ALA B 74 50.42 24.71 20.43
C ALA B 74 49.00 24.88 19.92
N LEU B 75 48.87 25.63 18.83
CA LEU B 75 47.59 25.85 18.16
C LEU B 75 47.73 25.38 16.72
N LEU B 76 46.90 24.42 16.33
CA LEU B 76 47.00 23.78 15.03
C LEU B 76 45.98 24.42 14.10
N LEU B 77 46.40 25.50 13.46
CA LEU B 77 45.51 26.35 12.69
C LEU B 77 45.61 26.01 11.20
N ILE B 78 45.32 24.76 10.88
CA ILE B 78 45.53 24.22 9.56
C ILE B 78 44.33 23.36 9.15
N PRO B 79 44.31 22.80 7.94
CA PRO B 79 43.09 22.15 7.44
C PRO B 79 42.63 20.93 8.22
N ASP B 80 41.54 20.34 7.72
CA ASP B 80 40.84 19.25 8.38
C ASP B 80 40.99 17.92 7.65
N GLU B 81 41.51 17.93 6.43
CA GLU B 81 41.46 16.77 5.56
C GLU B 81 42.74 15.97 5.57
N VAL B 82 43.84 16.58 5.99
CA VAL B 82 45.16 15.96 5.88
C VAL B 82 45.90 16.09 7.20
N MET B 83 45.40 16.94 8.08
CA MET B 83 46.04 17.16 9.37
C MET B 83 46.46 15.86 10.03
N LYS B 84 45.71 14.78 9.76
CA LYS B 84 45.99 13.50 10.38
C LYS B 84 47.43 13.06 10.13
N GLU B 85 47.79 12.88 8.87
CA GLU B 85 49.12 12.39 8.53
C GLU B 85 50.18 13.31 9.11
N VAL B 86 49.99 14.61 8.93
CA VAL B 86 50.97 15.58 9.42
C VAL B 86 51.21 15.40 10.90
N TYR B 87 50.14 15.20 11.67
CA TYR B 87 50.29 14.97 13.10
C TYR B 87 51.00 13.66 13.36
N GLU B 88 50.70 12.65 12.55
CA GLU B 88 51.27 11.33 12.78
C GLU B 88 52.77 11.33 12.62
N LYS B 89 53.26 12.04 11.60
CA LYS B 89 54.67 12.00 11.24
C LYS B 89 55.51 13.00 12.01
N LYS B 90 55.11 14.26 11.99
CA LYS B 90 55.98 15.36 12.30
C LYS B 90 55.68 16.01 13.64
N ILE B 91 54.58 15.63 14.30
CA ILE B 91 54.16 16.26 15.53
C ILE B 91 54.06 15.27 16.67
N ALA B 92 53.50 14.09 16.41
CA ALA B 92 53.41 13.07 17.45
C ALA B 92 54.77 12.75 18.06
N PRO B 93 55.84 12.56 17.31
CA PRO B 93 57.12 12.23 17.92
C PRO B 93 57.55 13.29 18.92
N VAL B 94 57.62 14.53 18.42
CA VAL B 94 58.02 15.65 19.25
C VAL B 94 57.18 15.70 20.50
N LEU B 95 55.86 15.70 20.33
CA LEU B 95 54.95 15.76 21.46
C LEU B 95 55.26 14.67 22.47
N GLN B 96 55.53 13.45 21.99
CA GLN B 96 56.00 12.40 22.89
C GLN B 96 57.26 12.83 23.63
N GLY B 97 58.00 13.78 23.07
CA GLY B 97 59.14 14.35 23.76
C GLY B 97 58.78 15.47 24.70
N LYS B 98 57.62 15.37 25.36
CA LYS B 98 57.15 16.39 26.28
C LYS B 98 56.35 15.72 27.39
N LYS B 99 56.11 16.46 28.45
CA LYS B 99 55.34 15.97 29.59
C LYS B 99 54.09 16.79 29.85
N GLU B 100 54.21 18.10 29.99
CA GLU B 100 53.08 18.98 30.20
C GLU B 100 52.93 19.84 28.95
N PHE B 101 51.82 19.64 28.23
CA PHE B 101 51.58 20.36 27.00
C PHE B 101 50.09 20.65 26.90
N VAL B 102 49.74 21.53 25.96
CA VAL B 102 48.37 21.95 25.77
C VAL B 102 48.17 22.20 24.29
N LEU B 103 47.11 21.63 23.74
CA LEU B 103 46.82 21.73 22.31
C LEU B 103 45.38 22.18 22.10
N ASP B 104 45.21 23.10 21.16
CA ASP B 104 43.93 23.73 20.88
C ASP B 104 43.74 23.81 19.39
N PHE B 105 42.50 23.63 18.94
CA PHE B 105 42.17 23.60 17.52
C PHE B 105 41.08 24.60 17.19
N ALA B 106 40.85 24.76 15.89
CA ALA B 106 39.73 25.54 15.38
C ALA B 106 38.49 24.69 15.20
N SER B 107 38.64 23.47 14.72
CA SER B 107 37.53 22.57 14.47
C SER B 107 37.76 21.27 15.21
N GLY B 108 36.65 20.60 15.55
CA GLY B 108 36.68 19.37 16.30
C GLY B 108 36.47 18.13 15.48
N TYR B 109 36.43 18.26 14.16
CA TYR B 109 36.21 17.11 13.30
C TYR B 109 37.16 15.98 13.62
N ASN B 110 38.47 16.24 13.49
CA ASN B 110 39.44 15.16 13.59
C ASN B 110 39.53 14.57 14.98
N VAL B 111 39.14 15.32 16.01
CA VAL B 111 39.22 14.85 17.37
C VAL B 111 37.92 14.17 17.80
N ALA B 112 36.81 14.83 17.54
CA ALA B 112 35.52 14.29 17.95
C ALA B 112 35.32 12.88 17.44
N PHE B 113 35.88 12.56 16.29
CA PHE B 113 35.71 11.27 15.65
C PHE B 113 36.89 10.35 15.86
N GLY B 114 37.89 10.78 16.62
CA GLY B 114 38.96 9.89 17.04
C GLY B 114 40.08 9.73 16.04
N LEU B 115 40.12 10.56 15.01
CA LEU B 115 41.22 10.48 14.05
C LEU B 115 42.52 11.00 14.63
N ILE B 116 42.47 11.62 15.80
CA ILE B 116 43.65 12.13 16.47
C ILE B 116 43.46 11.96 17.96
N ARG B 117 44.36 11.19 18.58
CA ARG B 117 44.25 10.83 19.99
C ARG B 117 45.59 11.12 20.66
N PRO B 118 45.82 12.36 21.06
CA PRO B 118 47.04 12.68 21.75
C PRO B 118 47.13 11.96 23.08
N PRO B 119 48.27 12.02 23.74
CA PRO B 119 48.44 11.29 25.00
C PRO B 119 47.69 11.96 26.14
N LYS B 120 47.62 11.23 27.24
CA LYS B 120 47.02 11.76 28.46
C LYS B 120 47.94 12.75 29.17
N SER B 121 49.05 13.11 28.56
CA SER B 121 49.97 14.09 29.12
C SER B 121 49.76 15.46 28.51
N VAL B 122 48.59 15.71 27.91
CA VAL B 122 48.31 16.98 27.26
C VAL B 122 46.86 17.36 27.46
N ASP B 123 46.63 18.53 28.05
CA ASP B 123 45.29 19.05 28.17
C ASP B 123 44.79 19.49 26.80
N THR B 124 43.61 19.01 26.42
CA THR B 124 43.10 19.16 25.06
C THR B 124 41.84 20.00 25.07
N ILE B 125 41.78 20.99 24.18
CA ILE B 125 40.77 22.04 24.23
C ILE B 125 40.44 22.51 22.81
N MET B 126 39.43 23.38 22.73
CA MET B 126 39.01 23.98 21.47
C MET B 126 38.74 25.46 21.69
N VAL B 127 38.98 26.23 20.63
CA VAL B 127 38.48 27.60 20.57
C VAL B 127 38.14 27.91 19.11
N ALA B 128 36.85 28.11 18.83
CA ALA B 128 36.36 28.20 17.46
C ALA B 128 35.47 29.42 17.29
N PRO B 129 35.77 30.33 16.37
CA PRO B 129 34.80 31.35 15.96
C PRO B 129 33.97 30.90 14.78
N ARG B 130 33.05 31.76 14.34
CA ARG B 130 32.07 31.39 13.33
C ARG B 130 32.12 32.25 12.07
N MET B 131 33.06 33.18 11.99
CA MET B 131 33.17 34.05 10.83
C MET B 131 33.81 33.27 9.68
N VAL B 132 34.14 33.96 8.60
CA VAL B 132 35.10 33.44 7.63
C VAL B 132 36.51 33.95 7.93
N GLY B 133 36.64 35.01 8.73
CA GLY B 133 37.92 35.43 9.25
C GLY B 133 38.25 36.89 9.04
N GLU B 134 37.86 37.44 7.89
CA GLU B 134 38.19 38.84 7.62
C GLU B 134 37.33 39.77 8.45
N GLY B 135 36.11 39.36 8.76
CA GLY B 135 35.25 40.14 9.63
C GLY B 135 35.89 40.43 10.97
N ILE B 136 36.86 39.61 11.37
CA ILE B 136 37.42 39.75 12.72
C ILE B 136 38.37 40.93 12.80
N MET B 137 39.13 41.20 11.74
CA MET B 137 39.85 42.48 11.68
C MET B 137 38.88 43.61 11.42
N ASP B 138 37.88 43.37 10.56
CA ASP B 138 36.79 44.32 10.37
C ASP B 138 36.05 44.63 11.66
N LEU B 139 36.35 43.92 12.75
CA LEU B 139 35.85 44.25 14.08
C LEU B 139 36.94 44.70 15.03
N HIS B 140 38.16 44.22 14.87
CA HIS B 140 39.23 44.57 15.81
C HIS B 140 39.66 46.02 15.63
N LYS B 141 39.76 46.47 14.38
CA LYS B 141 40.06 47.88 14.16
C LYS B 141 38.97 48.77 14.73
N GLN B 142 37.80 48.21 15.03
CA GLN B 142 36.74 48.90 15.74
C GLN B 142 36.84 48.72 17.25
N GLY B 143 37.87 48.03 17.74
CA GLY B 143 38.01 47.79 19.16
C GLY B 143 36.95 46.90 19.77
N LYS B 144 36.18 46.19 18.94
CA LYS B 144 35.11 45.35 19.43
C LYS B 144 35.67 43.99 19.88
N GLY B 145 34.75 43.06 20.15
CA GLY B 145 35.12 41.69 20.36
C GLY B 145 34.09 40.79 19.71
N TYR B 146 34.49 39.53 19.49
CA TYR B 146 33.65 38.63 18.71
C TYR B 146 33.29 37.40 19.53
N PRO B 147 32.32 36.61 19.08
CA PRO B 147 31.91 35.43 19.83
C PRO B 147 32.61 34.17 19.33
N VAL B 148 32.79 33.22 20.23
CA VAL B 148 33.50 31.98 19.92
C VAL B 148 32.95 30.84 20.76
N LEU B 149 33.38 29.63 20.41
CA LEU B 149 33.04 28.42 21.14
C LEU B 149 34.30 27.83 21.75
N LEU B 150 34.17 27.29 22.94
CA LEU B 150 35.28 26.73 23.68
C LEU B 150 34.94 25.31 24.11
N GLY B 151 35.95 24.45 24.11
CA GLY B 151 35.74 23.08 24.55
C GLY B 151 37.00 22.53 25.18
N VAL B 152 36.80 21.46 25.96
CA VAL B 152 37.88 20.75 26.62
C VAL B 152 37.67 19.27 26.38
N LYS B 153 38.68 18.61 25.83
CA LYS B 153 38.63 17.19 25.57
C LYS B 153 39.36 16.37 26.63
N GLN B 154 40.47 16.90 27.13
CA GLN B 154 41.27 16.19 28.12
C GLN B 154 41.90 17.21 29.06
N ASP B 155 41.87 16.90 30.35
CA ASP B 155 42.44 17.76 31.37
C ASP B 155 43.36 16.92 32.24
N ALA B 156 44.66 17.16 32.12
CA ALA B 156 45.65 16.55 32.99
C ALA B 156 46.31 17.57 33.91
N SER B 157 45.73 18.76 34.04
CA SER B 157 46.29 19.82 34.85
C SER B 157 45.29 20.44 35.81
N GLY B 158 44.01 20.03 35.76
CA GLY B 158 42.99 20.74 36.52
C GLY B 158 42.87 22.19 36.16
N LYS B 159 43.44 22.59 35.02
CA LYS B 159 43.47 23.99 34.60
C LYS B 159 43.04 24.18 33.15
N ALA B 160 42.52 23.12 32.51
CA ALA B 160 42.16 23.24 31.10
C ALA B 160 41.25 24.43 30.85
N TRP B 161 40.31 24.69 31.76
CA TRP B 161 39.31 25.72 31.52
C TRP B 161 39.90 27.12 31.66
N ASP B 162 40.72 27.35 32.69
CA ASP B 162 41.29 28.68 32.82
C ASP B 162 42.30 28.94 31.72
N TYR B 163 43.01 27.90 31.27
CA TYR B 163 43.79 28.03 30.05
C TYR B 163 42.88 28.39 28.88
N ALA B 164 41.69 27.81 28.84
CA ALA B 164 40.75 28.10 27.76
C ALA B 164 40.43 29.58 27.71
N LYS B 165 39.96 30.12 28.84
CA LYS B 165 39.60 31.53 28.88
C LYS B 165 40.83 32.43 28.72
N ALA B 166 41.98 31.99 29.22
CA ALA B 166 43.21 32.73 29.00
C ALA B 166 43.46 32.90 27.51
N ILE B 167 43.45 31.79 26.77
CA ILE B 167 43.58 31.85 25.33
C ILE B 167 42.53 32.79 24.74
N ALA B 168 41.27 32.57 25.13
CA ALA B 168 40.17 33.37 24.66
C ALA B 168 40.52 34.85 24.67
N LYS B 169 40.84 35.36 25.84
CA LYS B 169 41.25 36.76 25.93
C LYS B 169 42.57 37.01 25.23
N GLY B 170 43.32 35.95 24.93
CA GLY B 170 44.58 36.10 24.22
C GLY B 170 44.40 36.39 22.74
N ILE B 171 43.17 36.35 22.25
CA ILE B 171 42.88 36.58 20.83
C ILE B 171 41.94 37.75 20.62
N GLY B 172 41.53 38.44 21.68
CA GLY B 172 40.75 39.66 21.53
C GLY B 172 39.28 39.45 21.26
N ALA B 173 38.67 38.41 21.82
CA ALA B 173 37.25 38.16 21.62
C ALA B 173 36.42 38.77 22.74
N ILE B 174 36.65 38.32 23.98
CA ILE B 174 36.09 38.97 25.15
C ILE B 174 37.21 39.71 25.85
N PRO B 175 36.98 40.94 26.32
CA PRO B 175 35.70 41.63 26.27
C PRO B 175 35.42 42.26 24.92
N GLY B 176 34.14 42.31 24.54
CA GLY B 176 33.73 42.92 23.28
C GLY B 176 32.79 42.01 22.52
N GLY B 177 33.05 40.70 22.61
CA GLY B 177 32.14 39.70 22.12
C GLY B 177 31.70 38.83 23.28
N ILE B 178 31.62 37.53 23.06
CA ILE B 178 31.33 36.58 24.12
C ILE B 178 32.11 35.30 23.87
N ALA B 179 31.95 34.35 24.77
CA ALA B 179 32.65 33.08 24.67
C ALA B 179 31.75 31.99 25.21
N VAL B 180 31.41 31.04 24.38
CA VAL B 180 30.58 29.92 24.80
C VAL B 180 31.46 28.71 25.01
N ILE B 181 31.08 27.90 25.98
CA ILE B 181 31.76 26.66 26.29
C ILE B 181 30.96 25.52 25.70
N SER B 182 31.64 24.58 25.07
CA SER B 182 30.94 23.55 24.32
C SER B 182 31.91 22.46 23.93
N SER B 183 31.45 21.23 23.97
CA SER B 183 32.27 20.10 23.59
C SER B 183 32.75 20.24 22.16
N PHE B 184 33.80 19.48 21.82
CA PHE B 184 34.19 19.33 20.43
C PHE B 184 33.02 18.83 19.59
N GLU B 185 32.25 17.91 20.16
CA GLU B 185 31.20 17.24 19.41
C GLU B 185 30.17 18.22 18.91
N GLU B 186 29.71 19.10 19.80
CA GLU B 186 28.72 20.08 19.42
C GLU B 186 29.21 20.94 18.27
N GLU B 187 30.46 21.39 18.35
CA GLU B 187 30.98 22.26 17.30
C GLU B 187 30.92 21.59 15.95
N ALA B 188 31.40 20.36 15.88
CA ALA B 188 31.40 19.64 14.60
C ALA B 188 29.98 19.41 14.12
N LEU B 189 29.14 18.89 15.00
CA LEU B 189 27.74 18.67 14.67
C LEU B 189 27.13 19.91 14.02
N LEU B 190 27.37 21.06 14.62
CA LEU B 190 26.78 22.29 14.13
C LEU B 190 27.38 22.69 12.79
N ASP B 191 28.70 22.82 12.72
CA ASP B 191 29.33 23.23 11.48
C ASP B 191 28.96 22.32 10.34
N LEU B 192 28.52 21.10 10.61
CA LEU B 192 28.14 20.20 9.54
C LEU B 192 26.67 20.27 9.21
N MET B 193 25.80 20.37 10.22
CA MET B 193 24.37 20.43 9.97
C MET B 193 24.06 21.53 8.95
N SER B 194 24.60 22.71 9.17
CA SER B 194 24.40 23.80 8.22
C SER B 194 24.83 23.38 6.83
N GLU B 195 26.05 22.86 6.70
CA GLU B 195 26.58 22.49 5.41
C GLU B 195 25.82 21.35 4.76
N HIS B 196 24.90 20.71 5.47
CA HIS B 196 24.17 19.58 4.95
C HIS B 196 22.68 19.81 4.84
N THR B 197 22.12 20.84 5.48
CA THR B 197 20.68 20.95 5.61
C THR B 197 20.09 22.14 4.86
N TRP B 198 20.42 23.38 5.24
CA TRP B 198 19.65 24.48 4.69
C TRP B 198 20.33 25.15 3.51
N VAL B 199 21.65 25.11 3.46
CA VAL B 199 22.40 25.62 2.32
C VAL B 199 22.03 24.84 1.06
N PRO B 200 22.22 23.52 1.06
CA PRO B 200 21.93 22.77 -0.16
C PRO B 200 20.47 22.79 -0.52
N ILE B 201 19.59 22.74 0.48
CA ILE B 201 18.16 22.84 0.21
C ILE B 201 17.85 24.13 -0.51
N LEU B 202 18.38 25.24 0.03
CA LEU B 202 18.18 26.54 -0.60
C LEU B 202 18.61 26.51 -2.05
N PHE B 203 19.82 26.03 -2.30
CA PHE B 203 20.35 26.04 -3.66
C PHE B 203 19.49 25.20 -4.58
N GLY B 204 19.09 24.02 -4.13
CA GLY B 204 18.25 23.16 -4.95
C GLY B 204 16.92 23.78 -5.24
N ALA B 205 16.34 24.47 -4.26
CA ALA B 205 15.06 25.12 -4.47
C ALA B 205 15.18 26.21 -5.52
N ILE B 206 16.24 27.00 -5.45
CA ILE B 206 16.46 28.04 -6.44
C ILE B 206 16.57 27.43 -7.82
N LYS B 207 17.44 26.43 -7.95
CA LYS B 207 17.64 25.77 -9.23
C LYS B 207 16.33 25.24 -9.78
N ALA B 208 15.50 24.66 -8.92
CA ALA B 208 14.25 24.09 -9.37
C ALA B 208 13.29 25.17 -9.81
N CYS B 209 13.23 26.28 -9.07
CA CYS B 209 12.37 27.38 -9.48
C CYS B 209 12.75 27.84 -10.88
N TYR B 210 14.05 28.02 -11.11
CA TYR B 210 14.50 28.42 -12.44
C TYR B 210 14.03 27.42 -13.50
N ASP B 211 14.39 26.16 -13.32
CA ASP B 211 14.08 25.14 -14.31
C ASP B 211 12.59 25.12 -14.62
N ILE B 212 11.78 25.13 -13.58
CA ILE B 212 10.33 25.10 -13.75
C ILE B 212 9.86 26.30 -14.54
N ALA B 213 10.13 27.50 -14.01
CA ALA B 213 9.65 28.71 -14.63
C ALA B 213 10.00 28.75 -16.11
N VAL B 214 11.16 28.22 -16.46
CA VAL B 214 11.58 28.31 -17.85
C VAL B 214 10.89 27.25 -18.70
N LYS B 215 10.93 26.00 -18.27
CA LYS B 215 10.51 24.89 -19.11
C LYS B 215 9.02 24.60 -19.05
N GLU B 216 8.26 25.31 -18.23
CA GLU B 216 6.85 25.02 -18.09
C GLU B 216 5.97 26.25 -18.10
N TYR B 217 6.39 27.53 -18.22
CA TYR B 217 5.49 28.72 -18.33
C TYR B 217 6.05 29.76 -19.33
N GLY B 218 6.94 29.37 -20.25
CA GLY B 218 7.55 30.24 -21.29
C GLY B 218 8.16 31.53 -20.77
N VAL B 219 9.11 31.46 -19.82
CA VAL B 219 9.78 32.66 -19.22
C VAL B 219 11.22 32.78 -19.75
N SER B 220 11.79 34.00 -19.71
CA SER B 220 13.14 34.30 -20.14
C SER B 220 14.12 34.04 -19.01
N PRO B 221 15.25 33.39 -19.29
CA PRO B 221 16.24 33.13 -18.23
C PRO B 221 16.64 34.38 -17.46
N GLU B 222 16.78 35.49 -18.17
CA GLU B 222 17.27 36.72 -17.55
C GLU B 222 16.38 37.12 -16.39
N ALA B 223 15.07 37.15 -16.62
CA ALA B 223 14.14 37.58 -15.58
C ALA B 223 14.22 36.67 -14.37
N ALA B 224 14.25 35.36 -14.60
CA ALA B 224 14.33 34.41 -13.50
C ALA B 224 15.57 34.67 -12.66
N LEU B 225 16.72 34.78 -13.32
CA LEU B 225 17.95 35.02 -12.61
C LEU B 225 17.89 36.31 -11.80
N LEU B 226 17.31 37.35 -12.39
CA LEU B 226 17.21 38.62 -11.68
C LEU B 226 16.36 38.47 -10.42
N GLU B 227 15.23 37.79 -10.55
CA GLU B 227 14.34 37.66 -9.41
C GLU B 227 14.98 36.86 -8.30
N PHE B 228 15.56 35.70 -8.64
CA PHE B 228 15.90 34.73 -7.60
C PHE B 228 17.17 35.13 -6.87
N TYR B 229 18.31 35.19 -7.56
CA TYR B 229 19.56 35.49 -6.87
C TYR B 229 20.47 36.50 -7.54
N ALA B 230 20.32 36.79 -8.83
CA ALA B 230 21.20 37.75 -9.45
C ALA B 230 21.07 39.13 -8.84
N SER B 231 19.99 39.38 -8.10
CA SER B 231 19.82 40.60 -7.35
C SER B 231 20.28 40.38 -5.91
N GLY B 232 20.74 41.46 -5.27
CA GLY B 232 21.28 41.41 -3.93
C GLY B 232 20.21 41.42 -2.86
N GLU B 233 18.98 41.04 -3.23
CA GLU B 233 17.90 41.00 -2.27
C GLU B 233 18.27 40.17 -1.05
N LEU B 234 18.70 38.94 -1.30
CA LEU B 234 19.04 38.02 -0.23
C LEU B 234 20.04 38.64 0.74
N ALA B 235 21.00 39.38 0.22
CA ALA B 235 22.03 39.98 1.07
C ALA B 235 21.40 40.92 2.09
N GLU B 236 20.55 41.84 1.60
CA GLU B 236 19.91 42.79 2.50
C GLU B 236 19.05 42.07 3.52
N ILE B 237 18.36 41.02 3.10
CA ILE B 237 17.53 40.26 4.02
C ILE B 237 18.39 39.65 5.13
N ALA B 238 19.51 39.06 4.76
CA ALA B 238 20.38 38.44 5.75
C ALA B 238 20.93 39.47 6.72
N ARG B 239 21.32 40.64 6.20
CA ARG B 239 21.80 41.70 7.06
C ARG B 239 20.74 42.10 8.07
N LEU B 240 19.52 42.36 7.59
CA LEU B 240 18.44 42.75 8.49
C LEU B 240 18.18 41.67 9.52
N ILE B 241 18.31 40.41 9.12
CA ILE B 241 18.16 39.31 10.06
C ILE B 241 19.18 39.45 11.18
N ALA B 242 20.45 39.53 10.80
CA ALA B 242 21.51 39.63 11.80
C ALA B 242 21.32 40.84 12.70
N GLU B 243 20.69 41.90 12.20
CA GLU B 243 20.57 43.13 12.96
C GLU B 243 19.36 43.10 13.89
N GLU B 244 18.17 42.92 13.33
CA GLU B 244 16.91 43.07 14.06
C GLU B 244 16.39 41.76 14.62
N GLY B 245 16.47 40.69 13.85
CA GLY B 245 15.85 39.43 14.19
C GLY B 245 15.23 38.86 12.94
N ILE B 246 15.10 37.53 12.92
CA ILE B 246 14.68 36.86 11.70
C ILE B 246 13.26 37.25 11.33
N PHE B 247 12.36 37.27 12.30
CA PHE B 247 10.95 37.54 12.05
C PHE B 247 10.65 39.02 12.01
N ASN B 248 11.05 39.75 13.06
CA ASN B 248 10.90 41.20 13.06
C ASN B 248 11.38 41.80 11.76
N GLN B 249 12.30 41.12 11.09
CA GLN B 249 12.80 41.59 9.80
C GLN B 249 11.66 41.80 8.81
N MET B 250 10.71 40.88 8.79
CA MET B 250 9.71 40.85 7.73
C MET B 250 8.73 42.01 7.80
N VAL B 251 8.79 42.82 8.86
CA VAL B 251 7.91 43.98 8.94
C VAL B 251 8.17 44.93 7.80
N HIS B 252 9.39 44.96 7.28
CA HIS B 252 9.73 45.83 6.18
C HIS B 252 9.26 45.30 4.84
N HIS B 253 8.58 44.15 4.84
CA HIS B 253 8.04 43.57 3.63
C HIS B 253 6.56 43.93 3.50
N SER B 254 5.95 43.43 2.44
CA SER B 254 4.52 43.63 2.23
C SER B 254 3.72 42.55 2.95
N THR B 255 2.47 42.89 3.25
CA THR B 255 1.61 41.95 3.97
C THR B 255 1.45 40.67 3.18
N THR B 256 1.33 40.79 1.85
CA THR B 256 1.19 39.61 1.01
C THR B 256 2.34 38.64 1.23
N SER B 257 3.56 39.17 1.20
CA SER B 257 4.74 38.36 1.41
C SER B 257 4.71 37.69 2.78
N GLN B 258 4.42 38.48 3.81
CA GLN B 258 4.34 37.94 5.16
C GLN B 258 3.39 36.75 5.21
N TYR B 259 2.19 36.94 4.66
CA TYR B 259 1.17 35.92 4.73
C TYR B 259 1.62 34.64 4.06
N GLY B 260 2.03 34.75 2.79
CA GLY B 260 2.44 33.56 2.07
C GLY B 260 3.59 32.86 2.76
N THR B 261 4.59 33.63 3.15
CA THR B 261 5.76 33.07 3.79
C THR B 261 5.40 32.30 5.04
N LEU B 262 4.61 32.90 5.92
CA LEU B 262 4.29 32.25 7.19
C LEU B 262 3.48 30.99 6.96
N THR B 263 2.44 31.08 6.15
CA THR B 263 1.63 29.90 5.89
C THR B 263 2.47 28.75 5.38
N ARG B 264 3.27 29.02 4.35
CA ARG B 264 4.04 27.94 3.75
C ARG B 264 5.10 27.42 4.71
N MET B 265 5.67 28.29 5.53
CA MET B 265 6.65 27.86 6.52
C MET B 265 6.03 26.85 7.46
N PHE B 266 4.90 27.21 8.08
CA PHE B 266 4.25 26.28 8.98
C PHE B 266 3.69 25.08 8.26
N LYS B 267 3.61 25.13 6.94
CA LYS B 267 3.07 24.04 6.15
C LYS B 267 4.10 22.99 5.79
N TYR B 268 5.38 23.37 5.74
CA TYR B 268 6.43 22.47 5.29
C TYR B 268 7.44 22.17 6.38
N TYR B 269 7.11 22.47 7.63
CA TYR B 269 8.08 22.32 8.72
C TYR B 269 8.40 20.86 9.00
N ASP B 270 7.44 19.96 8.79
CA ASP B 270 7.63 18.57 9.15
C ASP B 270 8.63 17.88 8.24
N VAL B 271 8.52 18.14 6.94
CA VAL B 271 9.37 17.49 5.95
C VAL B 271 10.84 17.74 6.27
N VAL B 272 11.21 19.01 6.28
CA VAL B 272 12.58 19.40 6.54
C VAL B 272 13.03 18.90 7.90
N ARG B 273 12.11 18.82 8.84
CA ARG B 273 12.44 18.27 10.16
C ARG B 273 12.90 16.83 10.02
N ARG B 274 12.15 16.04 9.26
CA ARG B 274 12.54 14.66 9.01
C ARG B 274 13.94 14.60 8.40
N ILE B 275 14.16 15.42 7.38
CA ILE B 275 15.45 15.44 6.70
C ILE B 275 16.57 15.72 7.70
N VAL B 276 16.40 16.77 8.49
CA VAL B 276 17.41 17.19 9.43
C VAL B 276 17.69 16.09 10.42
N GLU B 277 16.65 15.43 10.91
CA GLU B 277 16.84 14.29 11.79
C GLU B 277 17.75 13.26 11.15
N ASN B 278 17.43 12.88 9.92
CA ASN B 278 18.22 11.87 9.22
C ASN B 278 19.68 12.26 9.18
N GLU B 279 19.96 13.49 8.78
CA GLU B 279 21.35 13.90 8.57
C GLU B 279 22.10 14.00 9.89
N ALA B 280 21.48 14.61 10.90
CA ALA B 280 22.12 14.71 12.20
C ALA B 280 22.45 13.34 12.74
N LYS B 281 21.55 12.39 12.56
CA LYS B 281 21.83 11.03 13.00
C LYS B 281 23.01 10.45 12.23
N TYR B 282 23.00 10.63 10.91
CA TYR B 282 24.12 10.17 10.09
C TYR B 282 25.44 10.70 10.60
N ILE B 283 25.42 11.88 11.21
CA ILE B 283 26.66 12.50 11.65
C ILE B 283 27.06 11.99 13.03
N TRP B 284 26.14 12.07 13.98
CA TRP B 284 26.42 11.67 15.35
C TRP B 284 27.14 10.33 15.43
N ASP B 285 26.93 9.48 14.44
CA ASP B 285 27.49 8.13 14.46
C ASP B 285 28.89 8.05 13.90
N GLY B 286 29.28 8.98 13.05
CA GLY B 286 30.58 8.96 12.43
C GLY B 286 30.62 8.48 11.01
N SER B 287 29.46 8.27 10.39
CA SER B 287 29.43 7.71 9.05
C SER B 287 29.97 8.69 8.02
N PHE B 288 29.60 9.96 8.14
CA PHE B 288 30.03 10.94 7.15
C PHE B 288 31.54 11.08 7.13
N ALA B 289 32.17 11.05 8.30
CA ALA B 289 33.62 11.10 8.36
C ALA B 289 34.23 9.97 7.54
N LYS B 290 33.69 8.77 7.71
CA LYS B 290 34.15 7.63 6.94
C LYS B 290 33.99 7.87 5.45
N GLU B 291 32.80 8.26 5.04
CA GLU B 291 32.52 8.55 3.65
C GLU B 291 33.55 9.50 3.07
N TRP B 292 33.79 10.61 3.78
CA TRP B 292 34.67 11.65 3.26
C TRP B 292 36.11 11.18 3.22
N SER B 293 36.55 10.48 4.25
CA SER B 293 37.92 10.00 4.27
C SER B 293 38.18 9.04 3.11
N LEU B 294 37.23 8.14 2.86
CA LEU B 294 37.38 7.23 1.74
C LEU B 294 37.40 7.99 0.43
N GLU B 295 36.48 8.93 0.25
CA GLU B 295 36.46 9.71 -0.98
C GLU B 295 37.81 10.39 -1.22
N GLN B 296 38.49 10.79 -0.15
CA GLN B 296 39.86 11.25 -0.31
C GLN B 296 40.74 10.13 -0.82
N GLN B 297 40.62 8.96 -0.21
CA GLN B 297 41.52 7.85 -0.51
C GLN B 297 41.31 7.28 -1.90
N ALA B 298 40.26 7.68 -2.60
CA ALA B 298 39.97 7.12 -3.91
C ALA B 298 40.36 8.03 -5.06
N GLY B 299 40.40 9.34 -4.84
CA GLY B 299 40.85 10.26 -5.86
C GLY B 299 39.87 11.37 -6.17
N TYR B 300 38.94 11.59 -5.27
CA TYR B 300 37.98 12.67 -5.41
C TYR B 300 37.18 12.58 -6.71
N PRO B 301 36.71 11.41 -7.09
CA PRO B 301 35.96 11.28 -8.34
C PRO B 301 34.61 11.99 -8.33
N VAL B 302 33.81 11.67 -7.30
CA VAL B 302 32.48 12.23 -7.20
C VAL B 302 32.53 13.74 -7.12
N PHE B 303 33.37 14.26 -6.22
CA PHE B 303 33.66 15.68 -6.17
C PHE B 303 33.81 16.26 -7.56
N TYR B 304 34.67 15.61 -8.36
CA TYR B 304 34.97 16.09 -9.70
C TYR B 304 33.73 16.13 -10.56
N ARG B 305 33.03 15.00 -10.64
CA ARG B 305 31.90 14.90 -11.55
C ARG B 305 30.81 15.91 -11.18
N LEU B 306 30.61 16.12 -9.88
CA LEU B 306 29.57 17.06 -9.47
C LEU B 306 29.98 18.50 -9.76
N TRP B 307 31.23 18.84 -9.45
CA TRP B 307 31.71 20.16 -9.82
C TRP B 307 31.53 20.40 -11.31
N GLU B 308 31.62 19.33 -12.11
CA GLU B 308 31.39 19.48 -13.54
C GLU B 308 29.93 19.73 -13.83
N LEU B 309 29.07 18.80 -13.41
CA LEU B 309 27.65 18.89 -13.72
C LEU B 309 27.08 20.24 -13.33
N ALA B 310 27.42 20.71 -12.13
CA ALA B 310 26.87 21.98 -11.66
C ALA B 310 27.17 23.10 -12.65
N THR B 311 28.42 23.20 -13.07
CA THR B 311 28.81 24.31 -13.93
C THR B 311 28.29 24.15 -15.34
N GLN B 312 28.12 22.93 -15.81
CA GLN B 312 27.62 22.67 -17.15
C GLN B 312 26.11 22.70 -17.21
N SER B 313 25.46 23.14 -16.15
CA SER B 313 24.01 23.27 -16.17
C SER B 313 23.61 24.54 -16.91
N GLU B 314 22.33 24.60 -17.27
CA GLU B 314 21.82 25.73 -18.03
C GLU B 314 21.91 27.01 -17.21
N MET B 315 21.45 26.94 -15.96
CA MET B 315 21.44 28.11 -15.11
C MET B 315 22.80 28.78 -15.06
N ALA B 316 23.86 27.97 -14.98
CA ALA B 316 25.20 28.53 -14.85
C ALA B 316 25.62 29.24 -16.11
N LYS B 317 25.33 28.64 -17.27
CA LYS B 317 25.69 29.28 -18.53
C LYS B 317 24.97 30.62 -18.69
N ALA B 318 23.68 30.64 -18.37
CA ALA B 318 22.93 31.88 -18.45
C ALA B 318 23.50 32.92 -17.51
N GLU B 319 23.80 32.51 -16.26
CA GLU B 319 24.44 33.40 -15.32
C GLU B 319 25.72 33.96 -15.90
N LYS B 320 26.45 33.14 -16.66
CA LYS B 320 27.69 33.58 -17.26
C LYS B 320 27.41 34.70 -18.25
N GLU B 321 26.56 34.43 -19.23
CA GLU B 321 26.22 35.46 -20.21
C GLU B 321 25.81 36.75 -19.51
N LEU B 322 25.02 36.63 -18.45
CA LEU B 322 24.45 37.81 -17.82
C LEU B 322 25.51 38.60 -17.07
N TYR B 323 26.12 37.97 -16.06
CA TYR B 323 27.18 38.62 -15.31
C TYR B 323 28.17 39.30 -16.23
N LYS B 324 28.41 38.71 -17.40
CA LYS B 324 29.23 39.36 -18.40
C LYS B 324 28.60 40.67 -18.85
N LEU B 325 27.29 40.65 -19.06
CA LEU B 325 26.60 41.85 -19.52
C LEU B 325 26.71 42.97 -18.49
N LEU B 326 26.51 42.66 -17.22
CA LEU B 326 26.53 43.65 -16.16
C LEU B 326 27.93 44.07 -15.77
N GLY B 327 28.97 43.55 -16.44
CA GLY B 327 30.33 43.85 -16.08
C GLY B 327 30.85 43.09 -14.88
N ARG B 328 29.97 42.45 -14.11
CA ARG B 328 30.42 41.63 -13.00
C ARG B 328 31.39 40.57 -13.50
N LYS B 329 32.54 40.47 -12.83
CA LYS B 329 33.56 39.52 -13.24
C LYS B 329 33.05 38.09 -13.18
N ASP C 2 -49.87 9.04 -13.59
CA ASP C 2 -48.67 9.37 -12.86
C ASP C 2 -48.60 10.85 -12.50
N LYS C 3 -47.48 11.27 -11.92
CA LYS C 3 -47.30 12.67 -11.52
C LYS C 3 -47.48 13.67 -12.66
N THR C 4 -47.41 13.23 -13.90
CA THR C 4 -47.51 14.15 -15.01
C THR C 4 -48.88 14.85 -15.00
N VAL C 5 -48.95 15.95 -15.73
CA VAL C 5 -50.20 16.67 -15.94
C VAL C 5 -50.22 17.14 -17.39
N LEU C 6 -51.30 16.80 -18.11
CA LEU C 6 -51.40 17.09 -19.52
C LEU C 6 -52.26 18.31 -19.83
N ASP C 7 -53.09 18.73 -18.89
CA ASP C 7 -53.87 19.95 -19.05
C ASP C 7 -54.59 20.22 -17.73
N ALA C 8 -54.97 21.47 -17.54
CA ALA C 8 -55.61 21.90 -16.30
C ALA C 8 -56.41 23.17 -16.57
N ASN C 9 -56.79 23.85 -15.49
CA ASN C 9 -57.68 24.99 -15.57
C ASN C 9 -56.89 26.28 -15.78
N LEU C 10 -57.63 27.38 -15.88
CA LEU C 10 -57.06 28.72 -16.03
C LEU C 10 -57.86 29.73 -15.21
N ASP C 11 -58.45 29.27 -14.09
CA ASP C 11 -59.43 30.07 -13.36
C ASP C 11 -58.80 31.12 -12.45
N PRO C 12 -57.82 30.80 -11.61
CA PRO C 12 -57.43 31.74 -10.56
C PRO C 12 -56.74 32.98 -11.10
N LEU C 13 -56.18 32.93 -12.30
CA LEU C 13 -55.40 34.02 -12.84
C LEU C 13 -56.23 35.02 -13.63
N LYS C 14 -57.48 34.69 -13.93
CA LYS C 14 -58.36 35.59 -14.67
C LYS C 14 -59.15 36.43 -13.67
N GLY C 15 -58.98 37.75 -13.76
CA GLY C 15 -59.51 38.67 -12.77
C GLY C 15 -58.43 39.31 -11.92
N LYS C 16 -57.21 38.80 -11.96
CA LYS C 16 -56.08 39.35 -11.23
C LYS C 16 -55.08 39.98 -12.19
N THR C 17 -54.19 40.78 -11.63
CA THR C 17 -53.05 41.31 -12.35
C THR C 17 -51.84 40.46 -12.08
N ILE C 18 -50.90 40.47 -13.01
CA ILE C 18 -49.70 39.67 -12.91
C ILE C 18 -48.48 40.55 -13.04
N GLY C 19 -47.42 40.18 -12.34
CA GLY C 19 -46.19 40.95 -12.34
C GLY C 19 -45.06 40.23 -13.04
N VAL C 20 -44.66 40.72 -14.20
CA VAL C 20 -43.59 40.13 -14.99
C VAL C 20 -42.35 40.98 -14.81
N ILE C 21 -41.33 40.39 -14.20
CA ILE C 21 -40.07 41.06 -13.94
C ILE C 21 -39.09 40.62 -15.02
N GLY C 22 -38.91 41.45 -16.03
CA GLY C 22 -37.88 41.23 -17.01
C GLY C 22 -38.46 40.95 -18.39
N TYR C 23 -37.64 41.24 -19.40
CA TYR C 23 -38.03 41.15 -20.79
C TYR C 23 -36.88 40.57 -21.61
N GLY C 24 -36.27 39.50 -21.09
CA GLY C 24 -35.10 38.94 -21.72
C GLY C 24 -35.46 37.89 -22.74
N ASN C 25 -35.01 36.66 -22.49
CA ASN C 25 -35.42 35.55 -23.33
C ASN C 25 -36.79 35.03 -22.89
N GLN C 26 -36.86 34.47 -21.68
CA GLN C 26 -38.12 33.95 -21.18
C GLN C 26 -39.13 35.08 -21.04
N GLY C 27 -38.80 36.09 -20.25
CA GLY C 27 -39.71 37.18 -19.97
C GLY C 27 -40.51 37.58 -21.17
N ARG C 28 -39.83 37.95 -22.27
CA ARG C 28 -40.54 38.34 -23.47
C ARG C 28 -41.43 37.22 -23.97
N VAL C 29 -40.87 36.02 -24.09
CA VAL C 29 -41.63 34.92 -24.69
C VAL C 29 -42.88 34.63 -23.85
N GLN C 30 -42.68 34.30 -22.57
CA GLN C 30 -43.79 33.93 -21.72
C GLN C 30 -44.80 35.05 -21.59
N ALA C 31 -44.32 36.31 -21.54
CA ALA C 31 -45.18 37.46 -21.38
C ALA C 31 -46.06 37.66 -22.60
N THR C 32 -45.45 37.63 -23.79
CA THR C 32 -46.22 37.72 -25.02
C THR C 32 -47.23 36.58 -25.10
N ILE C 33 -46.78 35.37 -24.79
CA ILE C 33 -47.69 34.22 -24.75
C ILE C 33 -48.90 34.51 -23.89
N MET C 34 -48.66 34.98 -22.66
CA MET C 34 -49.74 35.14 -21.70
C MET C 34 -50.68 36.25 -22.13
N ARG C 35 -50.14 37.42 -22.47
CA ARG C 35 -50.97 38.47 -23.05
C ARG C 35 -51.86 37.91 -24.15
N GLU C 36 -51.29 37.04 -24.99
CA GLU C 36 -52.06 36.41 -26.05
C GLU C 36 -52.98 35.31 -25.53
N ASN C 37 -52.87 34.93 -24.25
CA ASN C 37 -53.72 33.93 -23.65
C ASN C 37 -54.91 34.53 -22.90
N GLY C 38 -55.11 35.85 -23.00
CA GLY C 38 -56.24 36.48 -22.37
C GLY C 38 -56.05 36.75 -20.88
N LEU C 39 -55.08 37.61 -20.55
CA LEU C 39 -54.89 38.02 -19.17
C LEU C 39 -54.40 39.46 -19.15
N ASN C 40 -54.56 40.09 -17.98
CA ASN C 40 -54.06 41.44 -17.75
C ASN C 40 -52.70 41.34 -17.06
N VAL C 41 -51.68 41.92 -17.68
CA VAL C 41 -50.30 41.71 -17.29
C VAL C 41 -49.59 43.05 -17.29
N ILE C 42 -48.42 43.07 -16.64
CA ILE C 42 -47.55 44.24 -16.62
C ILE C 42 -46.11 43.77 -16.60
N VAL C 43 -45.19 44.72 -16.74
CA VAL C 43 -43.77 44.43 -16.88
C VAL C 43 -42.99 45.32 -15.93
N GLY C 44 -41.93 44.76 -15.36
CA GLY C 44 -40.96 45.56 -14.62
C GLY C 44 -39.57 45.24 -15.14
N ASN C 45 -38.78 46.30 -15.34
CA ASN C 45 -37.54 46.14 -16.08
C ASN C 45 -36.57 47.26 -15.73
N VAL C 46 -35.28 46.95 -15.82
CA VAL C 46 -34.26 47.98 -15.77
C VAL C 46 -34.32 48.78 -17.05
N LYS C 47 -34.39 50.10 -16.92
CA LYS C 47 -34.67 50.97 -18.06
C LYS C 47 -33.43 51.08 -18.93
N ASP C 48 -33.36 50.19 -19.91
CA ASP C 48 -32.23 50.11 -20.84
C ASP C 48 -32.77 49.58 -22.16
N LYS C 49 -31.87 49.08 -23.01
CA LYS C 49 -32.26 48.57 -24.32
C LYS C 49 -33.42 47.59 -24.24
N TYR C 50 -33.37 46.66 -23.28
CA TYR C 50 -34.49 45.73 -23.13
C TYR C 50 -35.77 46.47 -22.80
N TYR C 51 -35.69 47.54 -22.02
CA TYR C 51 -36.88 48.33 -21.74
C TYR C 51 -37.39 48.99 -23.02
N GLU C 52 -36.48 49.50 -23.84
CA GLU C 52 -36.87 50.01 -25.14
C GLU C 52 -37.66 48.96 -25.92
N LEU C 53 -37.11 47.74 -26.02
CA LEU C 53 -37.77 46.69 -26.76
C LEU C 53 -39.11 46.29 -26.13
N ALA C 54 -39.20 46.36 -24.81
CA ALA C 54 -40.41 45.93 -24.14
C ALA C 54 -41.54 46.92 -24.36
N LYS C 55 -41.29 48.20 -24.10
CA LYS C 55 -42.27 49.21 -24.40
C LYS C 55 -42.54 49.27 -25.91
N LYS C 56 -41.55 48.89 -26.70
CA LYS C 56 -41.73 48.74 -28.14
C LYS C 56 -42.88 47.78 -28.44
N GLU C 57 -42.79 46.57 -27.90
CA GLU C 57 -43.80 45.55 -28.17
C GLU C 57 -45.13 45.82 -27.48
N GLY C 58 -45.30 46.96 -26.83
CA GLY C 58 -46.60 47.34 -26.31
C GLY C 58 -46.93 46.82 -24.93
N PHE C 59 -45.96 46.77 -24.03
CA PHE C 59 -46.18 46.40 -22.63
C PHE C 59 -45.85 47.61 -21.77
N GLU C 60 -46.86 48.17 -21.13
CA GLU C 60 -46.64 49.18 -20.12
C GLU C 60 -45.69 48.65 -19.05
N VAL C 61 -44.62 49.39 -18.79
CA VAL C 61 -43.55 48.93 -17.91
C VAL C 61 -43.26 50.04 -16.91
N TYR C 62 -43.69 49.84 -15.68
CA TYR C 62 -43.34 50.73 -14.58
C TYR C 62 -42.01 50.31 -13.98
N GLU C 63 -41.66 50.89 -12.84
CA GLU C 63 -40.53 50.39 -12.10
C GLU C 63 -40.89 49.06 -11.45
N ILE C 64 -39.86 48.33 -11.06
CA ILE C 64 -40.03 47.00 -10.49
C ILE C 64 -41.06 47.03 -9.38
N ASP C 65 -40.78 47.80 -8.33
CA ASP C 65 -41.68 47.84 -7.18
C ASP C 65 -43.06 48.31 -7.57
N GLU C 66 -43.16 49.20 -8.56
CA GLU C 66 -44.46 49.67 -8.96
C GLU C 66 -45.27 48.58 -9.64
N ALA C 67 -44.59 47.63 -10.28
CA ALA C 67 -45.27 46.49 -10.86
C ALA C 67 -45.64 45.47 -9.79
N VAL C 68 -44.97 45.49 -8.65
CA VAL C 68 -45.31 44.57 -7.59
C VAL C 68 -46.45 45.11 -6.74
N ARG C 69 -46.55 46.43 -6.62
CA ARG C 69 -47.65 47.01 -5.85
C ARG C 69 -48.98 46.77 -6.56
N ARG C 70 -48.97 46.84 -7.89
CA ARG C 70 -50.20 46.67 -8.66
C ARG C 70 -50.59 45.20 -8.76
N SER C 71 -49.62 44.30 -8.82
CA SER C 71 -49.90 42.89 -9.04
C SER C 71 -50.06 42.15 -7.73
N ASP C 72 -50.89 41.11 -7.76
CA ASP C 72 -50.98 40.15 -6.68
C ASP C 72 -50.13 38.91 -6.94
N VAL C 73 -49.55 38.79 -8.13
CA VAL C 73 -48.59 37.75 -8.46
C VAL C 73 -47.37 38.42 -9.07
N ALA C 74 -46.24 37.72 -8.99
CA ALA C 74 -44.99 38.24 -9.53
C ALA C 74 -44.14 37.08 -10.02
N LEU C 75 -43.49 37.28 -11.16
CA LEU C 75 -42.58 36.31 -11.74
C LEU C 75 -41.22 36.97 -11.90
N LEU C 76 -40.21 36.41 -11.27
CA LEU C 76 -38.88 37.01 -11.21
C LEU C 76 -38.02 36.33 -12.27
N LEU C 77 -38.09 36.86 -13.47
CA LEU C 77 -37.47 36.24 -14.65
C LEU C 77 -36.12 36.88 -14.95
N ILE C 78 -35.23 36.80 -13.97
CA ILE C 78 -33.96 37.51 -14.01
C ILE C 78 -32.85 36.59 -13.50
N PRO C 79 -31.59 37.04 -13.50
CA PRO C 79 -30.48 36.12 -13.22
C PRO C 79 -30.46 35.50 -11.84
N ASP C 80 -29.42 34.70 -11.61
CA ASP C 80 -29.27 33.89 -10.41
C ASP C 80 -28.16 34.38 -9.49
N GLU C 81 -27.32 35.29 -9.96
CA GLU C 81 -26.09 35.63 -9.29
C GLU C 81 -26.20 36.89 -8.44
N VAL C 82 -27.18 37.72 -8.71
CA VAL C 82 -27.30 39.03 -8.09
C VAL C 82 -28.71 39.27 -7.60
N MET C 83 -29.64 38.42 -8.05
CA MET C 83 -31.04 38.56 -7.65
C MET C 83 -31.18 38.79 -6.16
N LYS C 84 -30.25 38.28 -5.37
CA LYS C 84 -30.34 38.41 -3.92
C LYS C 84 -30.44 39.87 -3.50
N GLU C 85 -29.43 40.66 -3.83
CA GLU C 85 -29.41 42.06 -3.42
C GLU C 85 -30.64 42.78 -3.91
N VAL C 86 -30.96 42.58 -5.18
CA VAL C 86 -32.11 43.25 -5.77
C VAL C 86 -33.37 42.97 -4.98
N TYR C 87 -33.56 41.71 -4.57
CA TYR C 87 -34.72 41.38 -3.76
C TYR C 87 -34.63 42.04 -2.40
N GLU C 88 -33.43 42.12 -1.84
CA GLU C 88 -33.27 42.65 -0.50
C GLU C 88 -33.66 44.12 -0.45
N LYS C 89 -33.27 44.89 -1.46
CA LYS C 89 -33.43 46.33 -1.46
C LYS C 89 -34.79 46.76 -1.97
N LYS C 90 -35.16 46.31 -3.16
CA LYS C 90 -36.20 46.95 -3.95
C LYS C 90 -37.47 46.14 -4.02
N ILE C 91 -37.49 44.92 -3.49
CA ILE C 91 -38.64 44.04 -3.58
C ILE C 91 -39.15 43.62 -2.21
N ALA C 92 -38.25 43.28 -1.31
CA ALA C 92 -38.66 42.91 0.04
C ALA C 92 -39.52 43.97 0.71
N PRO C 93 -39.17 45.25 0.65
CA PRO C 93 -40.00 46.27 1.33
C PRO C 93 -41.43 46.24 0.81
N VAL C 94 -41.55 46.39 -0.51
CA VAL C 94 -42.85 46.40 -1.15
C VAL C 94 -43.63 45.17 -0.74
N LEU C 95 -43.02 44.00 -0.94
CA LEU C 95 -43.69 42.75 -0.59
C LEU C 95 -44.18 42.77 0.84
N GLN C 96 -43.37 43.28 1.76
CA GLN C 96 -43.85 43.47 3.12
C GLN C 96 -45.07 44.35 3.15
N GLY C 97 -45.26 45.18 2.12
CA GLY C 97 -46.47 45.96 2.00
C GLY C 97 -47.61 45.21 1.34
N LYS C 98 -47.72 43.91 1.60
CA LYS C 98 -48.76 43.07 1.02
C LYS C 98 -49.14 41.99 2.02
N LYS C 99 -50.27 41.34 1.77
CA LYS C 99 -50.75 40.26 2.61
C LYS C 99 -50.87 38.94 1.88
N GLU C 100 -51.57 38.91 0.76
CA GLU C 100 -51.73 37.72 -0.06
C GLU C 100 -50.98 37.96 -1.36
N PHE C 101 -49.92 37.18 -1.58
CA PHE C 101 -49.09 37.33 -2.77
C PHE C 101 -48.62 35.96 -3.20
N VAL C 102 -48.08 35.91 -4.41
CA VAL C 102 -47.62 34.65 -5.00
C VAL C 102 -46.41 34.97 -5.85
N LEU C 103 -45.33 34.21 -5.66
CA LEU C 103 -44.09 34.43 -6.35
C LEU C 103 -43.60 33.14 -6.97
N ASP C 104 -43.13 33.23 -8.21
CA ASP C 104 -42.72 32.08 -9.00
C ASP C 104 -41.42 32.43 -9.72
N PHE C 105 -40.55 31.43 -9.86
CA PHE C 105 -39.23 31.64 -10.44
C PHE C 105 -38.99 30.65 -11.58
N ALA C 106 -37.88 30.88 -12.28
CA ALA C 106 -37.39 29.97 -13.30
C ALA C 106 -36.46 28.91 -12.71
N SER C 107 -35.60 29.32 -11.78
CA SER C 107 -34.63 28.44 -11.18
C SER C 107 -34.79 28.48 -9.66
N GLY C 108 -34.41 27.38 -9.02
CA GLY C 108 -34.54 27.22 -7.59
C GLY C 108 -33.25 27.41 -6.82
N TYR C 109 -32.18 27.83 -7.48
CA TYR C 109 -30.90 28.00 -6.83
C TYR C 109 -31.04 28.86 -5.59
N ASN C 110 -31.49 30.09 -5.75
CA ASN C 110 -31.46 31.05 -4.66
C ASN C 110 -32.42 30.70 -3.55
N VAL C 111 -33.45 29.91 -3.84
CA VAL C 111 -34.43 29.54 -2.82
C VAL C 111 -34.05 28.24 -2.15
N ALA C 112 -33.73 27.23 -2.95
CA ALA C 112 -33.39 25.93 -2.40
C ALA C 112 -32.31 26.02 -1.36
N PHE C 113 -31.41 26.97 -1.50
CA PHE C 113 -30.27 27.12 -0.61
C PHE C 113 -30.47 28.22 0.43
N GLY C 114 -31.63 28.86 0.43
CA GLY C 114 -31.98 29.77 1.50
C GLY C 114 -31.47 31.17 1.33
N LEU C 115 -30.96 31.53 0.16
CA LEU C 115 -30.50 32.89 -0.08
C LEU C 115 -31.66 33.86 -0.20
N ILE C 116 -32.89 33.36 -0.27
CA ILE C 116 -34.07 34.19 -0.36
C ILE C 116 -35.18 33.51 0.41
N ARG C 117 -35.69 34.18 1.42
CA ARG C 117 -36.69 33.62 2.33
C ARG C 117 -37.83 34.61 2.46
N PRO C 118 -38.77 34.60 1.53
CA PRO C 118 -39.91 35.48 1.63
C PRO C 118 -40.75 35.13 2.84
N PRO C 119 -41.73 35.97 3.15
CA PRO C 119 -42.54 35.74 4.36
C PRO C 119 -43.50 34.60 4.16
N LYS C 120 -44.12 34.20 5.27
CA LYS C 120 -45.16 33.18 5.25
C LYS C 120 -46.48 33.71 4.72
N SER C 121 -46.50 34.95 4.24
CA SER C 121 -47.70 35.54 3.67
C SER C 121 -47.69 35.46 2.14
N VAL C 122 -46.89 34.55 1.58
CA VAL C 122 -46.76 34.44 0.13
C VAL C 122 -46.60 32.98 -0.26
N ASP C 123 -47.51 32.48 -1.09
CA ASP C 123 -47.35 31.14 -1.64
C ASP C 123 -46.20 31.13 -2.64
N THR C 124 -45.29 30.19 -2.47
CA THR C 124 -44.03 30.17 -3.20
C THR C 124 -43.95 28.93 -4.07
N ILE C 125 -43.59 29.12 -5.34
CA ILE C 125 -43.73 28.09 -6.36
C ILE C 125 -42.63 28.24 -7.41
N MET C 126 -42.56 27.26 -8.31
CA MET C 126 -41.62 27.27 -9.41
C MET C 126 -42.31 26.84 -10.69
N VAL C 127 -41.85 27.37 -11.81
CA VAL C 127 -42.18 26.83 -13.12
C VAL C 127 -40.97 26.99 -14.03
N ALA C 128 -40.38 25.87 -14.44
CA ALA C 128 -39.09 25.90 -15.14
C ALA C 128 -39.14 25.02 -16.39
N PRO C 129 -38.85 25.57 -17.56
CA PRO C 129 -38.60 24.73 -18.73
C PRO C 129 -37.13 24.41 -18.90
N ARG C 130 -36.80 23.64 -19.93
CA ARG C 130 -35.47 23.10 -20.11
C ARG C 130 -34.79 23.53 -21.40
N MET C 131 -35.43 24.36 -22.20
CA MET C 131 -34.85 24.82 -23.46
C MET C 131 -33.79 25.87 -23.17
N VAL C 132 -33.28 26.51 -24.22
CA VAL C 132 -32.59 27.79 -24.07
C VAL C 132 -33.54 28.95 -24.28
N GLY C 133 -34.70 28.72 -24.90
CA GLY C 133 -35.75 29.71 -24.95
C GLY C 133 -36.30 29.99 -26.33
N GLU C 134 -35.43 30.00 -27.34
CA GLU C 134 -35.89 30.29 -28.69
C GLU C 134 -36.68 29.13 -29.27
N GLY C 135 -36.35 27.91 -28.87
CA GLY C 135 -37.11 26.75 -29.29
C GLY C 135 -38.58 26.85 -28.94
N ILE C 136 -38.92 27.69 -27.96
CA ILE C 136 -40.30 27.72 -27.47
C ILE C 136 -41.19 28.49 -28.42
N MET C 137 -40.67 29.56 -29.05
CA MET C 137 -41.41 30.15 -30.16
C MET C 137 -41.32 29.27 -31.39
N ASP C 138 -40.16 28.65 -31.60
CA ASP C 138 -40.01 27.63 -32.63
C ASP C 138 -40.97 26.46 -32.45
N LEU C 139 -41.69 26.42 -31.32
CA LEU C 139 -42.77 25.46 -31.12
C LEU C 139 -44.14 26.11 -31.04
N HIS C 140 -44.23 27.34 -30.56
CA HIS C 140 -45.52 27.99 -30.40
C HIS C 140 -46.13 28.35 -31.74
N LYS C 141 -45.31 28.85 -32.66
CA LYS C 141 -45.82 29.10 -34.01
C LYS C 141 -46.29 27.82 -34.67
N GLN C 142 -45.90 26.66 -34.13
CA GLN C 142 -46.42 25.37 -34.57
C GLN C 142 -47.65 24.96 -33.77
N GLY C 143 -48.13 25.80 -32.85
CA GLY C 143 -49.27 25.45 -32.03
C GLY C 143 -49.04 24.31 -31.06
N LYS C 144 -47.79 23.92 -30.83
CA LYS C 144 -47.47 22.81 -29.95
C LYS C 144 -47.47 23.27 -28.50
N GLY C 145 -47.00 22.39 -27.61
CA GLY C 145 -46.73 22.77 -26.25
C GLY C 145 -45.45 22.09 -25.79
N TYR C 146 -44.88 22.63 -24.73
CA TYR C 146 -43.56 22.19 -24.29
C TYR C 146 -43.60 21.64 -22.87
N PRO C 147 -42.56 20.96 -22.42
CA PRO C 147 -42.55 20.39 -21.08
C PRO C 147 -41.86 21.31 -20.09
N VAL C 148 -42.28 21.24 -18.83
CA VAL C 148 -41.74 22.09 -17.78
C VAL C 148 -41.78 21.36 -16.45
N LEU C 149 -41.13 21.97 -15.46
CA LEU C 149 -41.12 21.49 -14.09
C LEU C 149 -41.82 22.50 -13.19
N LEU C 150 -42.55 21.99 -12.22
CA LEU C 150 -43.32 22.82 -11.30
C LEU C 150 -42.97 22.45 -9.87
N GLY C 151 -42.97 23.45 -9.01
CA GLY C 151 -42.70 23.21 -7.61
C GLY C 151 -43.43 24.20 -6.73
N VAL C 152 -43.56 23.81 -5.47
CA VAL C 152 -44.20 24.64 -4.45
C VAL C 152 -43.30 24.63 -3.23
N LYS C 153 -42.92 25.82 -2.78
CA LYS C 153 -42.09 25.96 -1.58
C LYS C 153 -42.89 26.33 -0.36
N GLN C 154 -43.92 27.16 -0.53
CA GLN C 154 -44.72 27.62 0.59
C GLN C 154 -46.16 27.80 0.11
N ASP C 155 -47.10 27.33 0.92
CA ASP C 155 -48.52 27.45 0.62
C ASP C 155 -49.22 28.07 1.82
N ALA C 156 -49.68 29.30 1.67
CA ALA C 156 -50.49 29.98 2.67
C ALA C 156 -51.92 30.20 2.18
N SER C 157 -52.32 29.52 1.11
CA SER C 157 -53.64 29.68 0.53
C SER C 157 -54.35 28.37 0.28
N GLY C 158 -53.70 27.23 0.52
CA GLY C 158 -54.27 25.96 0.11
C GLY C 158 -54.54 25.87 -1.37
N LYS C 159 -53.95 26.77 -2.16
CA LYS C 159 -54.18 26.85 -3.59
C LYS C 159 -52.90 26.94 -4.39
N ALA C 160 -51.74 26.75 -3.76
CA ALA C 160 -50.48 26.89 -4.48
C ALA C 160 -50.46 26.04 -5.74
N TRP C 161 -51.00 24.83 -5.67
CA TRP C 161 -50.89 23.91 -6.79
C TRP C 161 -51.79 24.31 -7.95
N ASP C 162 -53.03 24.70 -7.67
CA ASP C 162 -53.90 25.09 -8.76
C ASP C 162 -53.44 26.40 -9.37
N TYR C 163 -52.87 27.30 -8.55
CA TYR C 163 -52.16 28.44 -9.11
C TYR C 163 -51.03 27.99 -10.00
N ALA C 164 -50.34 26.92 -9.59
CA ALA C 164 -49.22 26.40 -10.38
C ALA C 164 -49.69 26.02 -11.77
N LYS C 165 -50.70 25.15 -11.84
CA LYS C 165 -51.19 24.69 -13.14
C LYS C 165 -51.86 25.83 -13.91
N ALA C 166 -52.49 26.76 -13.21
CA ALA C 166 -53.04 27.94 -13.85
C ALA C 166 -51.95 28.67 -14.61
N ILE C 167 -50.86 29.01 -13.91
CA ILE C 167 -49.72 29.63 -14.55
C ILE C 167 -49.26 28.78 -15.72
N ALA C 168 -49.06 27.49 -15.48
CA ALA C 168 -48.60 26.56 -16.50
C ALA C 168 -49.36 26.80 -17.80
N LYS C 169 -50.68 26.64 -17.75
CA LYS C 169 -51.48 26.89 -18.94
C LYS C 169 -51.45 28.36 -19.35
N GLY C 170 -51.01 29.25 -18.45
CA GLY C 170 -50.90 30.64 -18.78
C GLY C 170 -49.73 30.98 -19.67
N ILE C 171 -48.87 30.00 -19.95
CA ILE C 171 -47.69 30.21 -20.76
C ILE C 171 -47.66 29.32 -21.99
N GLY C 172 -48.70 28.51 -22.21
CA GLY C 172 -48.82 27.76 -23.44
C GLY C 172 -48.00 26.48 -23.50
N ALA C 173 -47.82 25.81 -22.37
CA ALA C 173 -47.06 24.56 -22.35
C ALA C 173 -47.96 23.35 -22.50
N ILE C 174 -48.89 23.18 -21.57
CA ILE C 174 -49.95 22.19 -21.72
C ILE C 174 -51.23 22.94 -22.00
N PRO C 175 -52.06 22.47 -22.94
CA PRO C 175 -51.87 21.24 -23.70
C PRO C 175 -50.90 21.40 -24.85
N GLY C 176 -50.17 20.34 -25.17
CA GLY C 176 -49.22 20.36 -26.27
C GLY C 176 -47.87 19.81 -25.84
N GLY C 177 -47.49 20.11 -24.61
CA GLY C 177 -46.34 19.50 -23.99
C GLY C 177 -46.80 18.74 -22.76
N ILE C 178 -46.05 18.84 -21.66
CA ILE C 178 -46.45 18.26 -20.39
C ILE C 178 -45.97 19.18 -19.27
N ALA C 179 -46.27 18.78 -18.04
CA ALA C 179 -45.91 19.57 -16.88
C ALA C 179 -45.59 18.61 -15.74
N VAL C 180 -44.37 18.65 -15.26
CA VAL C 180 -43.97 17.80 -14.15
C VAL C 180 -43.94 18.64 -12.88
N ILE C 181 -44.29 18.00 -11.78
CA ILE C 181 -44.27 18.63 -10.47
C ILE C 181 -43.02 18.15 -9.75
N SER C 182 -42.33 19.08 -9.10
CA SER C 182 -41.02 18.76 -8.54
C SER C 182 -40.59 19.89 -7.64
N SER C 183 -39.94 19.53 -6.53
CA SER C 183 -39.44 20.52 -5.60
C SER C 183 -38.46 21.45 -6.29
N PHE C 184 -38.22 22.59 -5.64
CA PHE C 184 -37.13 23.45 -6.05
C PHE C 184 -35.81 22.70 -6.04
N GLU C 185 -35.64 21.84 -5.05
CA GLU C 185 -34.36 21.18 -4.84
C GLU C 185 -33.99 20.31 -6.02
N GLU C 186 -34.95 19.51 -6.48
CA GLU C 186 -34.70 18.64 -7.63
C GLU C 186 -34.26 19.44 -8.84
N GLU C 187 -34.94 20.55 -9.11
CA GLU C 187 -34.62 21.34 -10.28
C GLU C 187 -33.17 21.81 -10.24
N ALA C 188 -32.76 22.37 -9.11
CA ALA C 188 -31.40 22.86 -8.99
C ALA C 188 -30.40 21.73 -9.11
N LEU C 189 -30.63 20.67 -8.34
CA LEU C 189 -29.78 19.49 -8.40
C LEU C 189 -29.55 19.07 -9.84
N LEU C 190 -30.62 19.00 -10.62
CA LEU C 190 -30.50 18.53 -11.98
C LEU C 190 -29.75 19.53 -12.85
N ASP C 191 -30.22 20.78 -12.88
CA ASP C 191 -29.55 21.77 -13.71
C ASP C 191 -28.09 21.89 -13.40
N LEU C 192 -27.66 21.47 -12.22
CA LEU C 192 -26.25 21.55 -11.87
C LEU C 192 -25.49 20.28 -12.21
N MET C 193 -26.08 19.12 -11.95
CA MET C 193 -25.40 17.87 -12.24
C MET C 193 -24.90 17.84 -13.67
N SER C 194 -25.76 18.19 -14.62
CA SER C 194 -25.35 18.27 -16.01
C SER C 194 -24.15 19.18 -16.17
N GLU C 195 -24.25 20.40 -15.65
CA GLU C 195 -23.20 21.38 -15.80
C GLU C 195 -21.92 20.98 -15.11
N HIS C 196 -21.93 19.92 -14.31
CA HIS C 196 -20.76 19.50 -13.56
C HIS C 196 -20.24 18.11 -13.95
N THR C 197 -21.02 17.31 -14.66
CA THR C 197 -20.68 15.90 -14.84
C THR C 197 -20.34 15.53 -16.28
N TRP C 198 -21.28 15.62 -17.21
CA TRP C 198 -21.02 15.01 -18.51
C TRP C 198 -20.54 16.01 -19.53
N VAL C 199 -20.94 17.27 -19.41
CA VAL C 199 -20.46 18.33 -20.28
C VAL C 199 -18.95 18.48 -20.13
N PRO C 200 -18.46 18.75 -18.92
CA PRO C 200 -17.03 18.96 -18.77
C PRO C 200 -16.22 17.72 -19.05
N ILE C 201 -16.74 16.56 -18.68
CA ILE C 201 -16.05 15.31 -18.99
C ILE C 201 -15.89 15.17 -20.50
N LEU C 202 -16.97 15.41 -21.23
CA LEU C 202 -16.93 15.34 -22.68
C LEU C 202 -15.85 16.26 -23.22
N PHE C 203 -15.85 17.51 -22.79
CA PHE C 203 -14.90 18.47 -23.33
C PHE C 203 -13.47 18.06 -23.01
N GLY C 204 -13.23 17.60 -21.79
CA GLY C 204 -11.89 17.18 -21.42
C GLY C 204 -11.44 15.98 -22.23
N ALA C 205 -12.35 15.05 -22.48
CA ALA C 205 -12.01 13.88 -23.28
C ALA C 205 -11.62 14.28 -24.68
N ILE C 206 -12.39 15.19 -25.29
CA ILE C 206 -12.05 15.66 -26.63
C ILE C 206 -10.67 16.30 -26.62
N LYS C 207 -10.45 17.23 -25.70
CA LYS C 207 -9.18 17.92 -25.61
C LYS C 207 -8.04 16.92 -25.48
N ALA C 208 -8.24 15.89 -24.67
CA ALA C 208 -7.18 14.91 -24.45
C ALA C 208 -6.93 14.09 -25.70
N CYS C 209 -7.99 13.70 -26.40
CA CYS C 209 -7.80 12.96 -27.64
C CYS C 209 -6.96 13.77 -28.61
N TYR C 210 -7.28 15.05 -28.75
CA TYR C 210 -6.49 15.91 -29.62
C TYR C 210 -5.03 15.91 -29.20
N ASP C 211 -4.78 16.28 -27.94
CA ASP C 211 -3.41 16.40 -27.46
C ASP C 211 -2.63 15.13 -27.71
N ILE C 212 -3.22 14.00 -27.35
CA ILE C 212 -2.56 12.71 -27.52
C ILE C 212 -2.23 12.47 -28.98
N ALA C 213 -3.28 12.45 -29.81
CA ALA C 213 -3.09 12.12 -31.22
C ALA C 213 -1.99 12.96 -31.83
N VAL C 214 -1.87 14.21 -31.40
CA VAL C 214 -0.89 15.09 -32.01
C VAL C 214 0.50 14.81 -31.47
N LYS C 215 0.65 14.78 -30.16
CA LYS C 215 1.96 14.77 -29.54
C LYS C 215 2.55 13.37 -29.38
N GLU C 216 1.83 12.33 -29.74
CA GLU C 216 2.32 10.98 -29.54
C GLU C 216 2.13 10.07 -30.74
N TYR C 217 1.52 10.42 -31.91
CA TYR C 217 1.45 9.54 -33.11
C TYR C 217 1.65 10.33 -34.42
N GLY C 218 2.28 11.51 -34.36
CA GLY C 218 2.59 12.38 -35.53
C GLY C 218 1.40 12.69 -36.44
N VAL C 219 0.30 13.23 -35.90
CA VAL C 219 -0.94 13.58 -36.67
C VAL C 219 -1.05 15.10 -36.89
N SER C 220 -1.78 15.53 -37.92
CA SER C 220 -2.01 16.92 -38.26
C SER C 220 -3.20 17.46 -37.47
N PRO C 221 -3.08 18.66 -36.90
CA PRO C 221 -4.20 19.22 -36.14
C PRO C 221 -5.50 19.24 -36.91
N GLU C 222 -5.43 19.54 -38.20
CA GLU C 222 -6.62 19.69 -39.02
C GLU C 222 -7.46 18.43 -38.98
N ALA C 223 -6.83 17.28 -39.22
CA ALA C 223 -7.56 16.02 -39.25
C ALA C 223 -8.22 15.73 -37.92
N ALA C 224 -7.49 15.94 -36.83
CA ALA C 224 -8.05 15.70 -35.50
C ALA C 224 -9.29 16.54 -35.28
N LEU C 225 -9.17 17.84 -35.56
CA LEU C 225 -10.31 18.72 -35.37
C LEU C 225 -11.50 18.29 -36.21
N LEU C 226 -11.24 17.89 -37.45
CA LEU C 226 -12.33 17.45 -38.31
C LEU C 226 -13.03 16.23 -37.73
N GLU C 227 -12.25 15.26 -37.27
CA GLU C 227 -12.85 14.05 -36.75
C GLU C 227 -13.67 14.32 -35.50
N PHE C 228 -13.09 15.05 -34.55
CA PHE C 228 -13.68 15.09 -33.22
C PHE C 228 -14.91 15.98 -33.15
N TYR C 229 -14.74 17.28 -33.41
CA TYR C 229 -15.88 18.19 -33.27
C TYR C 229 -16.05 19.20 -34.39
N ALA C 230 -15.03 19.49 -35.20
CA ALA C 230 -15.22 20.46 -36.26
C ALA C 230 -16.27 20.02 -37.26
N SER C 231 -16.62 18.74 -37.26
CA SER C 231 -17.71 18.23 -38.08
C SER C 231 -18.98 18.18 -37.25
N GLY C 232 -20.11 18.32 -37.93
CA GLY C 232 -21.41 18.34 -37.28
C GLY C 232 -21.95 16.98 -36.93
N GLU C 233 -21.06 15.99 -36.85
CA GLU C 233 -21.47 14.63 -36.51
C GLU C 233 -22.27 14.61 -35.22
N LEU C 234 -21.70 15.19 -34.17
CA LEU C 234 -22.33 15.20 -32.86
C LEU C 234 -23.75 15.75 -32.93
N ALA C 235 -23.96 16.78 -33.74
CA ALA C 235 -25.28 17.39 -33.83
C ALA C 235 -26.31 16.40 -34.32
N GLU C 236 -25.99 15.70 -35.43
CA GLU C 236 -26.92 14.72 -35.97
C GLU C 236 -27.19 13.61 -34.97
N ILE C 237 -26.14 13.19 -34.26
CA ILE C 237 -26.32 12.14 -33.25
C ILE C 237 -27.29 12.59 -32.17
N ALA C 238 -27.12 13.83 -31.69
CA ALA C 238 -28.00 14.33 -30.64
C ALA C 238 -29.43 14.43 -31.13
N ARG C 239 -29.61 14.89 -32.36
CA ARG C 239 -30.95 14.96 -32.93
C ARG C 239 -31.60 13.59 -32.97
N LEU C 240 -30.89 12.60 -33.51
CA LEU C 240 -31.44 11.26 -33.58
C LEU C 240 -31.75 10.72 -32.19
N ILE C 241 -30.93 11.07 -31.21
CA ILE C 241 -31.22 10.69 -29.83
C ILE C 241 -32.56 11.24 -29.41
N ALA C 242 -32.73 12.55 -29.53
CA ALA C 242 -33.97 13.18 -29.11
C ALA C 242 -35.16 12.61 -29.86
N GLU C 243 -34.95 12.12 -31.07
CA GLU C 243 -36.07 11.65 -31.88
C GLU C 243 -36.43 10.19 -31.57
N GLU C 244 -35.46 9.30 -31.76
CA GLU C 244 -35.71 7.86 -31.69
C GLU C 244 -35.45 7.27 -30.31
N GLY C 245 -34.38 7.68 -29.66
CA GLY C 245 -33.93 7.07 -28.44
C GLY C 245 -32.42 6.97 -28.48
N ILE C 246 -31.81 6.96 -27.31
CA ILE C 246 -30.36 7.04 -27.23
C ILE C 246 -29.72 5.81 -27.87
N PHE C 247 -30.24 4.63 -27.55
CA PHE C 247 -29.65 3.38 -28.02
C PHE C 247 -30.14 3.01 -29.41
N ASN C 248 -31.46 2.97 -29.60
CA ASN C 248 -32.00 2.71 -30.93
C ASN C 248 -31.34 3.58 -31.97
N GLN C 249 -30.81 4.73 -31.56
CA GLN C 249 -30.10 5.60 -32.47
C GLN C 249 -28.95 4.88 -33.17
N MET C 250 -28.22 4.06 -32.43
CA MET C 250 -26.98 3.50 -32.92
C MET C 250 -27.18 2.48 -34.03
N VAL C 251 -28.42 2.10 -34.32
CA VAL C 251 -28.67 1.17 -35.41
C VAL C 251 -28.20 1.74 -36.72
N HIS C 252 -28.20 3.06 -36.86
CA HIS C 252 -27.76 3.71 -38.08
C HIS C 252 -26.25 3.78 -38.19
N HIS C 253 -25.53 3.22 -37.21
CA HIS C 253 -24.08 3.18 -37.23
C HIS C 253 -23.61 1.82 -37.75
N SER C 254 -22.30 1.65 -37.79
CA SER C 254 -21.72 0.38 -38.17
C SER C 254 -21.59 -0.54 -36.97
N THR C 255 -21.56 -1.83 -37.25
CA THR C 255 -21.46 -2.82 -36.18
C THR C 255 -20.21 -2.62 -35.36
N THR C 256 -19.11 -2.28 -36.02
CA THR C 256 -17.86 -2.03 -35.32
C THR C 256 -18.04 -0.95 -34.26
N SER C 257 -18.66 0.16 -34.64
CA SER C 257 -18.90 1.25 -33.72
C SER C 257 -19.76 0.79 -32.56
N GLN C 258 -20.85 0.10 -32.86
CA GLN C 258 -21.74 -0.41 -31.82
C GLN C 258 -20.95 -1.23 -30.81
N TYR C 259 -20.15 -2.17 -31.30
CA TYR C 259 -19.43 -3.09 -30.44
C TYR C 259 -18.49 -2.33 -29.52
N GLY C 260 -17.62 -1.52 -30.11
CA GLY C 260 -16.66 -0.80 -29.30
C GLY C 260 -17.34 0.08 -28.27
N THR C 261 -18.34 0.83 -28.73
CA THR C 261 -19.04 1.75 -27.85
C THR C 261 -19.64 1.02 -26.66
N LEU C 262 -20.36 -0.06 -26.91
CA LEU C 262 -21.05 -0.76 -25.83
C LEU C 262 -20.05 -1.34 -24.85
N THR C 263 -19.04 -2.05 -25.35
CA THR C 263 -18.05 -2.63 -24.46
C THR C 263 -17.44 -1.58 -23.57
N ARG C 264 -16.96 -0.50 -24.16
CA ARG C 264 -16.28 0.51 -23.38
C ARG C 264 -17.23 1.20 -22.41
N MET C 265 -18.48 1.39 -22.82
CA MET C 265 -19.47 1.98 -21.93
C MET C 265 -19.63 1.15 -20.67
N PHE C 266 -19.89 -0.14 -20.84
CA PHE C 266 -20.05 -1.00 -19.68
C PHE C 266 -18.74 -1.18 -18.94
N LYS C 267 -17.63 -0.79 -19.54
CA LYS C 267 -16.33 -0.96 -18.93
C LYS C 267 -15.94 0.21 -18.04
N TYR C 268 -16.49 1.39 -18.29
CA TYR C 268 -16.11 2.60 -17.57
C TYR C 268 -17.25 3.18 -16.76
N TYR C 269 -18.32 2.41 -16.53
CA TYR C 269 -19.49 2.95 -15.87
C TYR C 269 -19.23 3.25 -14.41
N ASP C 270 -18.35 2.49 -13.76
CA ASP C 270 -18.14 2.64 -12.33
C ASP C 270 -17.43 3.95 -12.00
N VAL C 271 -16.41 4.29 -12.78
CA VAL C 271 -15.61 5.47 -12.53
C VAL C 271 -16.48 6.71 -12.50
N VAL C 272 -17.15 6.96 -13.62
CA VAL C 272 -18.00 8.12 -13.74
C VAL C 272 -19.09 8.11 -12.69
N ARG C 273 -19.54 6.91 -12.30
CA ARG C 273 -20.52 6.81 -11.23
C ARG C 273 -19.97 7.39 -9.95
N ARG C 274 -18.74 7.01 -9.61
CA ARG C 274 -18.09 7.57 -8.43
C ARG C 274 -18.04 9.08 -8.50
N ILE C 275 -17.60 9.59 -9.65
CA ILE C 275 -17.48 11.03 -9.83
C ILE C 275 -18.82 11.70 -9.58
N VAL C 276 -19.86 11.20 -10.22
CA VAL C 276 -21.19 11.78 -10.12
C VAL C 276 -21.66 11.78 -8.69
N GLU C 277 -21.43 10.69 -7.98
CA GLU C 277 -21.76 10.63 -6.57
C GLU C 277 -21.10 11.78 -5.82
N ASN C 278 -19.80 11.94 -6.02
CA ASN C 278 -19.07 12.99 -5.31
C ASN C 278 -19.71 14.34 -5.57
N GLU C 279 -19.97 14.66 -6.83
CA GLU C 279 -20.44 16.00 -7.15
C GLU C 279 -21.86 16.23 -6.64
N ALA C 280 -22.74 15.26 -6.83
CA ALA C 280 -24.10 15.40 -6.34
C ALA C 280 -24.11 15.61 -4.83
N LYS C 281 -23.23 14.91 -4.13
CA LYS C 281 -23.14 15.11 -2.69
C LYS C 281 -22.66 16.52 -2.38
N TYR C 282 -21.62 16.96 -3.08
CA TYR C 282 -21.13 18.31 -2.92
C TYR C 282 -22.24 19.33 -3.06
N ILE C 283 -23.23 19.02 -3.89
CA ILE C 283 -24.29 19.98 -4.16
C ILE C 283 -25.37 19.90 -3.09
N TRP C 284 -25.89 18.71 -2.84
CA TRP C 284 -26.97 18.53 -1.89
C TRP C 284 -26.73 19.26 -0.58
N ASP C 285 -25.46 19.48 -0.23
CA ASP C 285 -25.11 20.07 1.04
C ASP C 285 -25.10 21.60 1.01
N GLY C 286 -24.89 22.19 -0.16
CA GLY C 286 -24.83 23.62 -0.29
C GLY C 286 -23.44 24.19 -0.44
N SER C 287 -22.43 23.34 -0.61
CA SER C 287 -21.06 23.82 -0.66
C SER C 287 -20.79 24.62 -1.93
N PHE C 288 -21.30 24.13 -3.07
CA PHE C 288 -21.03 24.81 -4.32
C PHE C 288 -21.58 26.22 -4.32
N ALA C 289 -22.78 26.40 -3.75
CA ALA C 289 -23.35 27.73 -3.65
C ALA C 289 -22.41 28.67 -2.92
N LYS C 290 -21.85 28.19 -1.81
CA LYS C 290 -20.89 28.97 -1.05
C LYS C 290 -19.69 29.33 -1.91
N GLU C 291 -19.09 28.32 -2.53
CA GLU C 291 -17.95 28.54 -3.40
C GLU C 291 -18.22 29.64 -4.41
N TRP C 292 -19.36 29.53 -5.10
CA TRP C 292 -19.66 30.45 -6.18
C TRP C 292 -19.93 31.86 -5.65
N SER C 293 -20.65 31.96 -4.55
CA SER C 293 -20.94 33.27 -3.97
C SER C 293 -19.66 33.97 -3.57
N LEU C 294 -18.75 33.24 -2.94
CA LEU C 294 -17.48 33.84 -2.57
C LEU C 294 -16.70 34.27 -3.80
N GLU C 295 -16.63 33.40 -4.80
CA GLU C 295 -15.91 33.76 -6.02
C GLU C 295 -16.45 35.04 -6.62
N GLN C 296 -17.76 35.28 -6.49
CA GLN C 296 -18.30 36.59 -6.85
C GLN C 296 -17.70 37.67 -5.96
N GLN C 297 -17.69 37.42 -4.66
CA GLN C 297 -17.28 38.44 -3.71
C GLN C 297 -15.80 38.78 -3.78
N ALA C 298 -15.02 38.01 -4.52
CA ALA C 298 -13.58 38.24 -4.59
C ALA C 298 -13.14 38.94 -5.86
N GLY C 299 -13.88 38.81 -6.95
CA GLY C 299 -13.56 39.52 -8.17
C GLY C 299 -13.42 38.64 -9.38
N TYR C 300 -13.95 37.43 -9.30
CA TYR C 300 -13.95 36.50 -10.41
C TYR C 300 -12.54 36.23 -10.94
N PRO C 301 -11.57 36.00 -10.08
CA PRO C 301 -10.21 35.75 -10.55
C PRO C 301 -10.05 34.43 -11.30
N VAL C 302 -10.50 33.36 -10.65
CA VAL C 302 -10.36 32.02 -11.22
C VAL C 302 -11.07 31.94 -12.56
N PHE C 303 -12.32 32.37 -12.59
CA PHE C 303 -13.07 32.53 -13.82
C PHE C 303 -12.19 33.11 -14.91
N TYR C 304 -11.55 34.24 -14.59
CA TYR C 304 -10.73 34.96 -15.55
C TYR C 304 -9.59 34.09 -16.05
N ARG C 305 -8.81 33.55 -15.13
CA ARG C 305 -7.62 32.81 -15.51
C ARG C 305 -7.98 31.60 -16.36
N LEU C 306 -9.08 30.94 -16.04
CA LEU C 306 -9.46 29.76 -16.79
C LEU C 306 -9.96 30.14 -18.18
N TRP C 307 -10.80 31.18 -18.26
CA TRP C 307 -11.20 31.66 -19.57
C TRP C 307 -9.99 32.00 -20.41
N GLU C 308 -8.92 32.43 -19.78
CA GLU C 308 -7.69 32.71 -20.52
C GLU C 308 -7.03 31.43 -20.99
N LEU C 309 -6.71 30.54 -20.05
CA LEU C 309 -6.00 29.32 -20.39
C LEU C 309 -6.69 28.55 -21.50
N ALA C 310 -8.01 28.42 -21.40
CA ALA C 310 -8.74 27.65 -22.40
C ALA C 310 -8.49 28.20 -23.79
N THR C 311 -8.60 29.50 -23.96
CA THR C 311 -8.48 30.10 -25.28
C THR C 311 -7.04 30.11 -25.77
N GLN C 312 -6.09 30.20 -24.86
CA GLN C 312 -4.68 30.23 -25.23
C GLN C 312 -4.12 28.83 -25.41
N SER C 313 -4.97 27.82 -25.44
CA SER C 313 -4.50 26.46 -25.69
C SER C 313 -4.28 26.26 -27.17
N GLU C 314 -3.54 25.19 -27.48
CA GLU C 314 -3.21 24.89 -28.87
C GLU C 314 -4.46 24.60 -29.68
N MET C 315 -5.33 23.74 -29.14
CA MET C 315 -6.53 23.35 -29.85
C MET C 315 -7.32 24.56 -30.32
N ALA C 316 -7.42 25.58 -29.46
CA ALA C 316 -8.22 26.74 -29.80
C ALA C 316 -7.60 27.52 -30.93
N LYS C 317 -6.28 27.71 -30.90
CA LYS C 317 -5.61 28.43 -31.96
C LYS C 317 -5.79 27.72 -33.30
N ALA C 318 -5.62 26.41 -33.30
CA ALA C 318 -5.81 25.64 -34.52
C ALA C 318 -7.24 25.77 -35.02
N GLU C 319 -8.20 25.64 -34.11
CA GLU C 319 -9.60 25.85 -34.47
C GLU C 319 -9.79 27.21 -35.10
N LYS C 320 -9.07 28.20 -34.61
CA LYS C 320 -9.17 29.54 -35.16
C LYS C 320 -8.71 29.56 -36.61
N GLU C 321 -7.48 29.12 -36.85
CA GLU C 321 -6.96 29.07 -38.21
C GLU C 321 -7.95 28.36 -39.12
N LEU C 322 -8.51 27.25 -38.65
CA LEU C 322 -9.34 26.42 -39.51
C LEU C 322 -10.67 27.09 -39.81
N TYR C 323 -11.47 27.35 -38.78
CA TYR C 323 -12.74 28.03 -38.97
C TYR C 323 -12.58 29.24 -39.87
N LYS C 324 -11.44 29.91 -39.79
CA LYS C 324 -11.15 30.97 -40.74
C LYS C 324 -11.12 30.45 -42.16
N LEU C 325 -10.47 29.30 -42.34
CA LEU C 325 -10.35 28.73 -43.68
C LEU C 325 -11.72 28.39 -44.25
N LEU C 326 -12.59 27.79 -43.45
CA LEU C 326 -13.90 27.37 -43.93
C LEU C 326 -14.89 28.51 -44.01
N GLY C 327 -14.47 29.74 -43.74
CA GLY C 327 -15.37 30.87 -43.74
C GLY C 327 -16.22 30.99 -42.51
N ARG C 328 -16.30 29.95 -41.69
CA ARG C 328 -17.05 30.05 -40.44
C ARG C 328 -16.53 31.19 -39.61
N LYS C 329 -17.44 32.04 -39.14
CA LYS C 329 -17.06 33.20 -38.36
C LYS C 329 -16.34 32.81 -37.09
N ASP D 2 0.30 25.09 -45.88
CA ASP D 2 0.36 23.87 -45.08
C ASP D 2 -0.05 22.65 -45.88
N LYS D 3 -0.13 21.51 -45.20
CA LYS D 3 -0.52 20.26 -45.85
C LYS D 3 -1.85 20.31 -46.56
N THR D 4 -2.71 21.27 -46.25
CA THR D 4 -4.02 21.32 -46.85
C THR D 4 -3.90 21.50 -48.36
N VAL D 5 -4.99 21.21 -49.05
CA VAL D 5 -5.10 21.44 -50.48
C VAL D 5 -6.51 21.94 -50.76
N LEU D 6 -6.60 23.09 -51.44
CA LEU D 6 -7.87 23.74 -51.68
C LEU D 6 -8.42 23.51 -53.08
N ASP D 7 -7.58 23.08 -54.02
CA ASP D 7 -8.03 22.72 -55.36
C ASP D 7 -6.85 22.13 -56.11
N ALA D 8 -7.14 21.36 -57.14
CA ALA D 8 -6.12 20.67 -57.91
C ALA D 8 -6.69 20.34 -59.28
N ASN D 9 -5.99 19.47 -60.00
CA ASN D 9 -6.31 19.16 -61.38
C ASN D 9 -7.33 18.03 -61.47
N LEU D 10 -7.71 17.70 -62.71
CA LEU D 10 -8.63 16.62 -63.01
C LEU D 10 -8.17 15.84 -64.23
N ASP D 11 -6.84 15.80 -64.47
CA ASP D 11 -6.30 15.31 -65.73
C ASP D 11 -6.25 13.79 -65.83
N PRO D 12 -5.72 13.07 -64.84
CA PRO D 12 -5.41 11.65 -65.07
C PRO D 12 -6.65 10.79 -65.20
N LEU D 13 -7.80 11.25 -64.71
CA LEU D 13 -9.01 10.45 -64.69
C LEU D 13 -9.86 10.61 -65.94
N LYS D 14 -9.55 11.60 -66.77
CA LYS D 14 -10.30 11.82 -68.01
C LYS D 14 -9.62 11.06 -69.13
N GLY D 15 -10.37 10.15 -69.75
CA GLY D 15 -9.82 9.21 -70.71
C GLY D 15 -9.75 7.79 -70.21
N LYS D 16 -9.94 7.58 -68.90
CA LYS D 16 -9.94 6.26 -68.31
C LYS D 16 -11.35 5.90 -67.83
N THR D 17 -11.55 4.62 -67.57
CA THR D 17 -12.76 4.14 -66.93
C THR D 17 -12.52 3.97 -65.44
N ILE D 18 -13.59 4.05 -64.67
CA ILE D 18 -13.52 3.97 -63.23
C ILE D 18 -14.43 2.86 -62.74
N GLY D 19 -14.01 2.21 -61.66
CA GLY D 19 -14.77 1.12 -61.09
C GLY D 19 -15.36 1.46 -59.75
N VAL D 20 -16.68 1.59 -59.70
CA VAL D 20 -17.39 1.93 -58.47
C VAL D 20 -18.04 0.67 -57.94
N ILE D 21 -17.59 0.23 -56.77
CA ILE D 21 -18.10 -0.96 -56.12
C ILE D 21 -19.08 -0.52 -55.05
N GLY D 22 -20.36 -0.59 -55.37
CA GLY D 22 -21.39 -0.36 -54.39
C GLY D 22 -22.22 0.87 -54.71
N TYR D 23 -23.44 0.86 -54.20
CA TYR D 23 -24.43 1.89 -54.45
C TYR D 23 -25.19 2.20 -53.17
N GLY D 24 -24.47 2.33 -52.06
CA GLY D 24 -25.09 2.51 -50.77
C GLY D 24 -25.32 3.97 -50.46
N ASN D 25 -24.69 4.45 -49.39
CA ASN D 25 -24.73 5.87 -49.10
C ASN D 25 -23.68 6.62 -49.92
N GLN D 26 -22.41 6.34 -49.66
CA GLN D 26 -21.35 7.00 -50.40
C GLN D 26 -21.44 6.65 -51.88
N GLY D 27 -21.37 5.36 -52.19
CA GLY D 27 -21.36 4.89 -53.56
C GLY D 27 -22.29 5.69 -54.45
N ARG D 28 -23.57 5.74 -54.08
CA ARG D 28 -24.51 6.48 -54.89
C ARG D 28 -24.12 7.95 -54.97
N VAL D 29 -23.85 8.57 -53.82
CA VAL D 29 -23.58 10.01 -53.82
C VAL D 29 -22.36 10.32 -54.68
N GLN D 30 -21.22 9.72 -54.33
CA GLN D 30 -19.98 10.02 -55.04
C GLN D 30 -20.08 9.66 -56.52
N ALA D 31 -20.77 8.56 -56.83
CA ALA D 31 -20.90 8.11 -58.20
C ALA D 31 -21.73 9.08 -59.03
N THR D 32 -22.90 9.47 -58.51
CA THR D 32 -23.71 10.48 -59.18
C THR D 32 -22.92 11.77 -59.36
N ILE D 33 -22.23 12.20 -58.30
CA ILE D 33 -21.38 13.39 -58.38
C ILE D 33 -20.42 13.27 -59.56
N MET D 34 -19.70 12.15 -59.63
CA MET D 34 -18.64 12.01 -60.62
C MET D 34 -19.20 11.95 -62.03
N ARG D 35 -20.21 11.10 -62.24
CA ARG D 35 -20.91 11.11 -63.52
C ARG D 35 -21.27 12.53 -63.91
N GLU D 36 -21.75 13.32 -62.96
CA GLU D 36 -22.07 14.72 -63.22
C GLU D 36 -20.84 15.60 -63.35
N ASN D 37 -19.64 15.08 -63.06
CA ASN D 37 -18.41 15.83 -63.19
C ASN D 37 -17.69 15.55 -64.50
N GLY D 38 -18.33 14.83 -65.41
CA GLY D 38 -17.75 14.57 -66.71
C GLY D 38 -16.71 13.46 -66.72
N LEU D 39 -17.14 12.23 -66.42
CA LEU D 39 -16.25 11.07 -66.51
C LEU D 39 -17.07 9.86 -66.94
N ASN D 40 -16.36 8.85 -67.43
CA ASN D 40 -16.95 7.58 -67.79
C ASN D 40 -16.77 6.61 -66.64
N VAL D 41 -17.87 6.09 -66.12
CA VAL D 41 -17.88 5.35 -64.87
C VAL D 41 -18.74 4.10 -65.04
N ILE D 42 -18.59 3.18 -64.10
CA ILE D 42 -19.40 1.96 -64.06
C ILE D 42 -19.61 1.58 -62.60
N VAL D 43 -20.47 0.59 -62.39
CA VAL D 43 -20.91 0.19 -61.07
C VAL D 43 -20.78 -1.32 -60.93
N GLY D 44 -20.38 -1.77 -59.76
CA GLY D 44 -20.46 -3.18 -59.40
C GLY D 44 -21.19 -3.34 -58.09
N ASN D 45 -22.09 -4.31 -58.05
CA ASN D 45 -23.03 -4.38 -56.92
C ASN D 45 -23.57 -5.78 -56.78
N VAL D 46 -23.91 -6.14 -55.54
CA VAL D 46 -24.67 -7.35 -55.29
C VAL D 46 -26.09 -7.13 -55.79
N LYS D 47 -26.58 -8.07 -56.60
CA LYS D 47 -27.83 -7.87 -57.32
C LYS D 47 -29.00 -8.05 -56.36
N ASP D 48 -29.41 -6.93 -55.78
CA ASP D 48 -30.49 -6.88 -54.80
C ASP D 48 -31.17 -5.52 -54.94
N LYS D 49 -31.93 -5.12 -53.91
CA LYS D 49 -32.64 -3.86 -53.91
C LYS D 49 -31.75 -2.69 -54.32
N TYR D 50 -30.53 -2.63 -53.76
CA TYR D 50 -29.62 -1.56 -54.14
C TYR D 50 -29.29 -1.63 -55.62
N TYR D 51 -29.17 -2.85 -56.17
CA TYR D 51 -28.94 -2.97 -57.60
C TYR D 51 -30.13 -2.44 -58.38
N GLU D 52 -31.34 -2.75 -57.93
CA GLU D 52 -32.53 -2.17 -58.53
C GLU D 52 -32.42 -0.65 -58.57
N LEU D 53 -32.11 -0.04 -57.43
CA LEU D 53 -32.01 1.41 -57.35
C LEU D 53 -30.89 1.95 -58.22
N ALA D 54 -29.80 1.20 -58.35
CA ALA D 54 -28.66 1.69 -59.10
C ALA D 54 -28.95 1.69 -60.59
N LYS D 55 -29.40 0.55 -61.12
CA LYS D 55 -29.83 0.51 -62.51
C LYS D 55 -31.00 1.45 -62.75
N LYS D 56 -31.81 1.68 -61.72
CA LYS D 56 -32.86 2.69 -61.78
C LYS D 56 -32.29 4.04 -62.16
N GLU D 57 -31.30 4.51 -61.40
CA GLU D 57 -30.73 5.84 -61.65
C GLU D 57 -29.87 5.89 -62.89
N GLY D 58 -29.81 4.83 -63.69
CA GLY D 58 -29.15 4.91 -64.98
C GLY D 58 -27.66 4.64 -64.96
N PHE D 59 -27.19 3.69 -64.14
CA PHE D 59 -25.80 3.26 -64.12
C PHE D 59 -25.77 1.79 -64.54
N GLU D 60 -25.18 1.54 -65.71
CA GLU D 60 -24.88 0.17 -66.10
C GLU D 60 -24.05 -0.52 -65.04
N VAL D 61 -24.53 -1.67 -64.58
CA VAL D 61 -23.93 -2.37 -63.44
C VAL D 61 -23.72 -3.82 -63.84
N TYR D 62 -22.47 -4.19 -64.09
CA TYR D 62 -22.09 -5.57 -64.33
C TYR D 62 -21.82 -6.24 -62.99
N GLU D 63 -21.27 -7.45 -63.05
CA GLU D 63 -20.78 -8.08 -61.84
C GLU D 63 -19.51 -7.37 -61.38
N ILE D 64 -19.18 -7.59 -60.11
CA ILE D 64 -18.03 -6.93 -59.49
C ILE D 64 -16.80 -7.09 -60.38
N ASP D 65 -16.39 -8.34 -60.60
CA ASP D 65 -15.17 -8.60 -61.35
C ASP D 65 -15.26 -8.03 -62.76
N GLU D 66 -16.46 -8.03 -63.34
CA GLU D 66 -16.60 -7.50 -64.69
C GLU D 66 -16.40 -6.00 -64.71
N ALA D 67 -16.70 -5.32 -63.61
CA ALA D 67 -16.42 -3.90 -63.52
C ALA D 67 -14.95 -3.62 -63.24
N VAL D 68 -14.24 -4.61 -62.70
CA VAL D 68 -12.80 -4.43 -62.46
C VAL D 68 -12.01 -4.73 -63.73
N ARG D 69 -12.48 -5.65 -64.55
CA ARG D 69 -11.79 -5.95 -65.80
C ARG D 69 -11.84 -4.76 -66.75
N ARG D 70 -12.97 -4.05 -66.77
CA ARG D 70 -13.13 -2.92 -67.67
C ARG D 70 -12.40 -1.69 -67.17
N SER D 71 -12.33 -1.51 -65.85
CA SER D 71 -11.78 -0.31 -65.26
C SER D 71 -10.29 -0.46 -64.98
N ASP D 72 -9.57 0.65 -65.07
CA ASP D 72 -8.20 0.73 -64.60
C ASP D 72 -8.10 1.31 -63.20
N VAL D 73 -9.21 1.79 -62.64
CA VAL D 73 -9.31 2.21 -61.26
C VAL D 73 -10.51 1.54 -60.63
N ALA D 74 -10.47 1.42 -59.31
CA ALA D 74 -11.56 0.78 -58.57
C ALA D 74 -11.69 1.43 -57.21
N LEU D 75 -12.94 1.64 -56.80
CA LEU D 75 -13.25 2.20 -55.48
C LEU D 75 -14.13 1.20 -54.75
N LEU D 76 -13.66 0.74 -53.59
CA LEU D 76 -14.31 -0.33 -52.84
C LEU D 76 -15.14 0.31 -51.74
N LEU D 77 -16.37 0.68 -52.09
CA LEU D 77 -17.24 1.47 -51.23
C LEU D 77 -18.22 0.57 -50.47
N ILE D 78 -17.66 -0.36 -49.71
CA ILE D 78 -18.43 -1.42 -49.07
C ILE D 78 -17.94 -1.62 -47.64
N PRO D 79 -18.54 -2.52 -46.86
CA PRO D 79 -18.23 -2.58 -45.43
C PRO D 79 -16.81 -2.96 -45.07
N ASP D 80 -16.57 -3.04 -43.75
CA ASP D 80 -15.26 -3.25 -43.18
C ASP D 80 -15.08 -4.62 -42.56
N GLU D 81 -16.17 -5.37 -42.38
CA GLU D 81 -16.16 -6.57 -41.57
C GLU D 81 -16.01 -7.83 -42.39
N VAL D 82 -16.32 -7.77 -43.68
CA VAL D 82 -16.38 -8.96 -44.51
C VAL D 82 -15.63 -8.73 -45.82
N MET D 83 -15.31 -7.46 -46.10
CA MET D 83 -14.60 -7.11 -47.32
C MET D 83 -13.44 -8.05 -47.59
N LYS D 84 -12.84 -8.59 -46.54
CA LYS D 84 -11.68 -9.45 -46.70
C LYS D 84 -11.98 -10.63 -47.62
N GLU D 85 -12.95 -11.46 -47.23
CA GLU D 85 -13.27 -12.64 -48.01
C GLU D 85 -13.62 -12.27 -49.44
N VAL D 86 -14.47 -11.26 -49.59
CA VAL D 86 -14.91 -10.82 -50.90
C VAL D 86 -13.72 -10.50 -51.78
N TYR D 87 -12.74 -9.79 -51.22
CA TYR D 87 -11.54 -9.47 -51.98
C TYR D 87 -10.75 -10.73 -52.30
N GLU D 88 -10.71 -11.66 -51.36
CA GLU D 88 -9.91 -12.86 -51.55
C GLU D 88 -10.44 -13.70 -52.70
N LYS D 89 -11.75 -13.81 -52.81
CA LYS D 89 -12.37 -14.72 -53.77
C LYS D 89 -12.56 -14.08 -55.13
N LYS D 90 -13.22 -12.93 -55.16
CA LYS D 90 -13.83 -12.42 -56.37
C LYS D 90 -13.10 -11.23 -56.97
N ILE D 91 -12.09 -10.69 -56.28
CA ILE D 91 -11.39 -9.50 -56.72
C ILE D 91 -9.90 -9.76 -56.91
N ALA D 92 -9.29 -10.47 -55.98
CA ALA D 92 -7.87 -10.78 -56.12
C ALA D 92 -7.54 -11.47 -57.43
N PRO D 93 -8.29 -12.47 -57.88
CA PRO D 93 -7.95 -13.14 -59.14
C PRO D 93 -7.92 -12.15 -60.29
N VAL D 94 -9.04 -11.45 -60.47
CA VAL D 94 -9.15 -10.48 -61.54
C VAL D 94 -7.99 -9.50 -61.49
N LEU D 95 -7.79 -8.89 -60.31
CA LEU D 95 -6.72 -7.93 -60.15
C LEU D 95 -5.38 -8.51 -60.57
N GLN D 96 -5.11 -9.77 -60.20
CA GLN D 96 -3.94 -10.44 -60.71
C GLN D 96 -3.94 -10.46 -62.23
N GLY D 97 -5.10 -10.36 -62.85
CA GLY D 97 -5.19 -10.24 -64.28
C GLY D 97 -5.03 -8.82 -64.78
N LYS D 98 -4.16 -8.04 -64.14
CA LYS D 98 -3.92 -6.66 -64.52
C LYS D 98 -2.48 -6.31 -64.21
N LYS D 99 -2.02 -5.19 -64.76
CA LYS D 99 -0.66 -4.72 -64.54
C LYS D 99 -0.61 -3.36 -63.88
N GLU D 100 -1.30 -2.36 -64.44
CA GLU D 100 -1.37 -1.03 -63.88
C GLU D 100 -2.78 -0.80 -63.38
N PHE D 101 -2.94 -0.66 -62.08
CA PHE D 101 -4.25 -0.48 -61.47
C PHE D 101 -4.12 0.46 -60.30
N VAL D 102 -5.26 0.93 -59.81
CA VAL D 102 -5.31 1.88 -58.72
C VAL D 102 -6.55 1.58 -57.90
N LEU D 103 -6.36 1.47 -56.58
CA LEU D 103 -7.45 1.13 -55.68
C LEU D 103 -7.51 2.13 -54.54
N ASP D 104 -8.72 2.54 -54.20
CA ASP D 104 -8.97 3.56 -53.20
C ASP D 104 -10.13 3.12 -52.33
N PHE D 105 -10.06 3.45 -51.03
CA PHE D 105 -11.06 3.02 -50.06
C PHE D 105 -11.61 4.22 -49.31
N ALA D 106 -12.65 3.93 -48.53
CA ALA D 106 -13.22 4.89 -47.59
C ALA D 106 -12.54 4.83 -46.23
N SER D 107 -12.24 3.63 -45.76
CA SER D 107 -11.63 3.42 -44.46
C SER D 107 -10.36 2.60 -44.62
N GLY D 108 -9.43 2.80 -43.70
CA GLY D 108 -8.14 2.16 -43.73
C GLY D 108 -8.00 1.00 -42.78
N TYR D 109 -9.08 0.58 -42.13
CA TYR D 109 -9.03 -0.52 -41.18
C TYR D 109 -8.37 -1.74 -41.79
N ASN D 110 -8.94 -2.26 -42.87
CA ASN D 110 -8.49 -3.54 -43.40
C ASN D 110 -7.09 -3.48 -43.99
N VAL D 111 -6.65 -2.30 -44.38
CA VAL D 111 -5.33 -2.15 -44.99
C VAL D 111 -4.28 -1.83 -43.95
N ALA D 112 -4.58 -0.86 -43.09
CA ALA D 112 -3.62 -0.44 -42.08
C ALA D 112 -3.14 -1.61 -41.24
N PHE D 113 -3.99 -2.61 -41.05
CA PHE D 113 -3.69 -3.75 -40.21
C PHE D 113 -3.29 -4.98 -41.02
N GLY D 114 -3.21 -4.86 -42.32
CA GLY D 114 -2.66 -5.91 -43.14
C GLY D 114 -3.61 -7.01 -43.52
N LEU D 115 -4.90 -6.83 -43.29
CA LEU D 115 -5.88 -7.82 -43.69
C LEU D 115 -6.06 -7.86 -45.20
N ILE D 116 -5.50 -6.90 -45.92
CA ILE D 116 -5.59 -6.85 -47.37
C ILE D 116 -4.28 -6.30 -47.89
N ARG D 117 -3.58 -7.09 -48.71
CA ARG D 117 -2.26 -6.75 -49.21
C ARG D 117 -2.26 -6.95 -50.71
N PRO D 118 -2.71 -5.96 -51.47
CA PRO D 118 -2.69 -6.07 -52.91
C PRO D 118 -1.26 -6.13 -53.41
N PRO D 119 -1.08 -6.40 -54.70
CA PRO D 119 0.28 -6.55 -55.24
C PRO D 119 0.96 -5.20 -55.37
N LYS D 120 2.26 -5.27 -55.66
CA LYS D 120 3.04 -4.08 -55.93
C LYS D 120 2.78 -3.52 -57.31
N SER D 121 1.81 -4.06 -58.04
CA SER D 121 1.44 -3.57 -59.35
C SER D 121 0.23 -2.66 -59.29
N VAL D 122 -0.07 -2.11 -58.12
CA VAL D 122 -1.25 -1.28 -57.93
C VAL D 122 -0.94 -0.15 -56.95
N ASP D 123 -1.11 1.09 -57.41
CA ASP D 123 -0.98 2.23 -56.52
C ASP D 123 -2.17 2.26 -55.57
N THR D 124 -1.88 2.37 -54.27
CA THR D 124 -2.87 2.19 -53.23
C THR D 124 -3.03 3.49 -52.45
N ILE D 125 -4.29 3.90 -52.26
CA ILE D 125 -4.61 5.24 -51.77
C ILE D 125 -5.89 5.21 -50.94
N MET D 126 -6.19 6.34 -50.32
CA MET D 126 -7.41 6.52 -49.54
C MET D 126 -8.03 7.87 -49.85
N VAL D 127 -9.36 7.92 -49.77
CA VAL D 127 -10.08 9.18 -49.73
C VAL D 127 -11.29 9.01 -48.82
N ALA D 128 -11.30 9.71 -47.69
CA ALA D 128 -12.29 9.48 -46.64
C ALA D 128 -12.90 10.80 -46.18
N PRO D 129 -14.22 10.96 -46.25
CA PRO D 129 -14.87 12.08 -45.56
C PRO D 129 -15.32 11.69 -44.16
N ARG D 130 -15.93 12.63 -43.45
CA ARG D 130 -16.23 12.46 -42.04
C ARG D 130 -17.72 12.59 -41.72
N MET D 131 -18.57 12.77 -42.72
CA MET D 131 -20.00 12.91 -42.49
C MET D 131 -20.59 11.53 -42.23
N VAL D 132 -21.91 11.45 -42.16
CA VAL D 132 -22.61 10.18 -42.32
C VAL D 132 -23.03 9.96 -43.77
N GLY D 133 -23.06 11.02 -44.59
CA GLY D 133 -23.23 10.87 -46.02
C GLY D 133 -24.32 11.73 -46.61
N GLU D 134 -25.43 11.89 -45.89
CA GLU D 134 -26.54 12.67 -46.43
C GLU D 134 -26.22 14.15 -46.42
N GLY D 135 -25.43 14.60 -45.45
CA GLY D 135 -24.99 15.97 -45.40
C GLY D 135 -24.29 16.40 -46.67
N ILE D 136 -23.74 15.45 -47.43
CA ILE D 136 -22.93 15.80 -48.59
C ILE D 136 -23.80 16.24 -49.76
N MET D 137 -24.98 15.63 -49.94
CA MET D 137 -25.94 16.21 -50.87
C MET D 137 -26.55 17.46 -50.28
N ASP D 138 -26.82 17.45 -48.98
CA ASP D 138 -27.23 18.64 -48.26
C ASP D 138 -26.22 19.79 -48.39
N LEU D 139 -25.05 19.53 -48.97
CA LEU D 139 -24.09 20.56 -49.30
C LEU D 139 -23.89 20.74 -50.80
N HIS D 140 -24.05 19.66 -51.58
CA HIS D 140 -23.80 19.75 -53.01
C HIS D 140 -24.89 20.56 -53.70
N LYS D 141 -26.15 20.35 -53.32
CA LYS D 141 -27.21 21.18 -53.87
C LYS D 141 -27.00 22.66 -53.51
N GLN D 142 -26.15 22.94 -52.54
CA GLN D 142 -25.73 24.30 -52.23
C GLN D 142 -24.49 24.72 -53.01
N GLY D 143 -23.97 23.86 -53.88
CA GLY D 143 -22.77 24.17 -54.63
C GLY D 143 -21.52 24.28 -53.80
N LYS D 144 -21.54 23.82 -52.55
CA LYS D 144 -20.39 23.92 -51.66
C LYS D 144 -19.41 22.79 -51.94
N GLY D 145 -18.43 22.65 -51.06
CA GLY D 145 -17.55 21.50 -51.05
C GLY D 145 -17.27 21.09 -49.62
N TYR D 146 -16.83 19.85 -49.46
CA TYR D 146 -16.68 19.28 -48.13
C TYR D 146 -15.24 18.86 -47.86
N PRO D 147 -14.89 18.58 -46.61
CA PRO D 147 -13.51 18.20 -46.29
C PRO D 147 -13.35 16.69 -46.26
N VAL D 148 -12.14 16.23 -46.57
CA VAL D 148 -11.85 14.80 -46.62
C VAL D 148 -10.39 14.56 -46.25
N LEU D 149 -10.07 13.29 -46.07
CA LEU D 149 -8.73 12.83 -45.80
C LEU D 149 -8.23 11.97 -46.96
N LEU D 150 -6.96 12.11 -47.28
CA LEU D 150 -6.34 11.40 -48.38
C LEU D 150 -5.10 10.67 -47.90
N GLY D 151 -4.86 9.50 -48.47
CA GLY D 151 -3.68 8.75 -48.12
C GLY D 151 -3.18 7.94 -49.29
N VAL D 152 -1.92 7.54 -49.19
CA VAL D 152 -1.27 6.71 -50.20
C VAL D 152 -0.54 5.60 -49.46
N LYS D 153 -0.84 4.36 -49.83
CA LYS D 153 -0.20 3.20 -49.24
C LYS D 153 0.90 2.63 -50.12
N GLN D 154 0.69 2.65 -51.43
CA GLN D 154 1.67 2.11 -52.36
C GLN D 154 1.65 2.92 -53.64
N ASP D 155 2.82 3.23 -54.15
CA ASP D 155 2.98 3.99 -55.38
C ASP D 155 3.90 3.23 -56.31
N ALA D 156 3.34 2.71 -57.40
CA ALA D 156 4.11 2.07 -58.46
C ALA D 156 4.06 2.87 -59.75
N SER D 157 3.62 4.12 -59.69
CA SER D 157 3.48 4.97 -60.85
C SER D 157 4.13 6.34 -60.69
N GLY D 158 4.64 6.67 -59.51
CA GLY D 158 5.08 8.02 -59.25
C GLY D 158 3.99 9.04 -59.41
N LYS D 159 2.74 8.60 -59.43
CA LYS D 159 1.59 9.47 -59.66
C LYS D 159 0.47 9.25 -58.64
N ALA D 160 0.73 8.48 -57.59
CA ALA D 160 -0.33 8.18 -56.64
C ALA D 160 -0.99 9.45 -56.12
N TRP D 161 -0.19 10.50 -55.88
CA TRP D 161 -0.73 11.70 -55.25
C TRP D 161 -1.58 12.51 -56.21
N ASP D 162 -1.13 12.68 -57.45
CA ASP D 162 -1.94 13.44 -58.39
C ASP D 162 -3.20 12.68 -58.74
N TYR D 163 -3.13 11.34 -58.80
CA TYR D 163 -4.35 10.55 -58.87
C TYR D 163 -5.23 10.84 -57.66
N ALA D 164 -4.62 10.99 -56.49
CA ALA D 164 -5.38 11.26 -55.28
C ALA D 164 -6.20 12.53 -55.44
N LYS D 165 -5.53 13.63 -55.77
CA LYS D 165 -6.22 14.90 -55.91
C LYS D 165 -7.17 14.90 -57.09
N ALA D 166 -6.83 14.17 -58.15
CA ALA D 166 -7.74 13.99 -59.27
C ALA D 166 -9.06 13.41 -58.79
N ILE D 167 -8.98 12.28 -58.10
CA ILE D 167 -10.17 11.68 -57.50
C ILE D 167 -10.89 12.69 -56.63
N ALA D 168 -10.15 13.33 -55.73
CA ALA D 168 -10.71 14.32 -54.83
C ALA D 168 -11.64 15.26 -55.56
N LYS D 169 -11.11 15.96 -56.56
CA LYS D 169 -11.96 16.84 -57.35
C LYS D 169 -12.98 16.07 -58.17
N GLY D 170 -12.79 14.76 -58.31
CA GLY D 170 -13.75 13.94 -59.02
C GLY D 170 -15.02 13.66 -58.25
N ILE D 171 -15.07 14.07 -56.99
CA ILE D 171 -16.21 13.84 -56.12
C ILE D 171 -16.81 15.12 -55.58
N GLY D 172 -16.29 16.27 -55.97
CA GLY D 172 -16.91 17.53 -55.63
C GLY D 172 -16.63 18.04 -54.24
N ALA D 173 -15.44 17.77 -53.70
CA ALA D 173 -15.08 18.24 -52.37
C ALA D 173 -14.35 19.58 -52.42
N ILE D 174 -13.20 19.61 -53.09
CA ILE D 174 -12.53 20.86 -53.38
C ILE D 174 -12.70 21.13 -54.88
N PRO D 175 -12.99 22.37 -55.29
CA PRO D 175 -13.11 23.53 -54.41
C PRO D 175 -14.45 23.61 -53.70
N GLY D 176 -14.43 24.16 -52.49
CA GLY D 176 -15.66 24.32 -51.71
C GLY D 176 -15.48 23.82 -50.30
N GLY D 177 -14.72 22.73 -50.17
CA GLY D 177 -14.29 22.24 -48.88
C GLY D 177 -12.78 22.27 -48.83
N ILE D 178 -12.16 21.23 -48.28
CA ILE D 178 -10.72 21.10 -48.29
C ILE D 178 -10.37 19.61 -48.42
N ALA D 179 -9.07 19.34 -48.46
CA ALA D 179 -8.59 17.97 -48.60
C ALA D 179 -7.31 17.83 -47.82
N VAL D 180 -7.32 16.95 -46.84
CA VAL D 180 -6.14 16.69 -46.03
C VAL D 180 -5.50 15.40 -46.49
N ILE D 181 -4.18 15.37 -46.42
CA ILE D 181 -3.39 14.20 -46.77
C ILE D 181 -2.98 13.53 -45.49
N SER D 182 -3.09 12.20 -45.45
CA SER D 182 -2.90 11.48 -44.20
C SER D 182 -2.82 10.00 -44.50
N SER D 183 -1.94 9.33 -43.76
CA SER D 183 -1.79 7.89 -43.93
C SER D 183 -3.11 7.18 -43.65
N PHE D 184 -3.19 5.94 -44.11
CA PHE D 184 -4.28 5.06 -43.71
C PHE D 184 -4.34 4.94 -42.19
N GLU D 185 -3.17 4.88 -41.56
CA GLU D 185 -3.10 4.60 -40.14
C GLU D 185 -3.79 5.68 -39.34
N GLU D 186 -3.49 6.94 -39.66
CA GLU D 186 -4.10 8.04 -38.95
C GLU D 186 -5.62 7.98 -39.04
N GLU D 187 -6.14 7.71 -40.23
CA GLU D 187 -7.58 7.68 -40.41
C GLU D 187 -8.22 6.67 -39.48
N ALA D 188 -7.69 5.44 -39.47
CA ALA D 188 -8.25 4.41 -38.65
C ALA D 188 -8.13 4.77 -37.18
N LEU D 189 -6.94 5.16 -36.76
CA LEU D 189 -6.71 5.58 -35.39
C LEU D 189 -7.76 6.57 -34.95
N LEU D 190 -8.04 7.56 -35.78
CA LEU D 190 -8.99 8.60 -35.41
C LEU D 190 -10.40 8.06 -35.36
N ASP D 191 -10.86 7.45 -36.45
CA ASP D 191 -12.22 6.94 -36.48
C ASP D 191 -12.50 5.98 -35.33
N LEU D 192 -11.45 5.40 -34.76
CA LEU D 192 -11.66 4.48 -33.65
C LEU D 192 -11.59 5.16 -32.29
N MET D 193 -10.64 6.07 -32.12
CA MET D 193 -10.51 6.77 -30.84
C MET D 193 -11.84 7.35 -30.41
N SER D 194 -12.50 8.06 -31.31
CA SER D 194 -13.82 8.60 -31.00
C SER D 194 -14.76 7.51 -30.53
N GLU D 195 -14.86 6.45 -31.32
CA GLU D 195 -15.78 5.37 -31.01
C GLU D 195 -15.43 4.63 -29.74
N HIS D 196 -14.27 4.91 -29.15
CA HIS D 196 -13.84 4.22 -27.95
C HIS D 196 -13.68 5.11 -26.74
N THR D 197 -13.64 6.44 -26.91
CA THR D 197 -13.23 7.32 -25.82
C THR D 197 -14.35 8.23 -25.33
N TRP D 198 -14.86 9.14 -26.14
CA TRP D 198 -15.73 10.16 -25.58
C TRP D 198 -17.20 9.84 -25.74
N VAL D 199 -17.56 9.11 -26.79
CA VAL D 199 -18.93 8.67 -27.00
C VAL D 199 -19.35 7.76 -25.84
N PRO D 200 -18.63 6.66 -25.61
CA PRO D 200 -19.07 5.74 -24.55
C PRO D 200 -18.98 6.36 -23.18
N ILE D 201 -17.96 7.18 -22.94
CA ILE D 201 -17.85 7.88 -21.67
C ILE D 201 -19.08 8.75 -21.44
N LEU D 202 -19.45 9.51 -22.46
CA LEU D 202 -20.63 10.36 -22.38
C LEU D 202 -21.85 9.54 -22.00
N PHE D 203 -22.07 8.45 -22.73
CA PHE D 203 -23.27 7.64 -22.49
C PHE D 203 -23.27 7.07 -21.08
N GLY D 204 -22.12 6.57 -20.63
CA GLY D 204 -22.06 6.03 -19.30
C GLY D 204 -22.31 7.07 -18.24
N ALA D 205 -21.79 8.28 -18.45
CA ALA D 205 -22.01 9.35 -17.50
C ALA D 205 -23.48 9.69 -17.40
N ILE D 206 -24.16 9.78 -18.53
CA ILE D 206 -25.58 10.06 -18.52
C ILE D 206 -26.33 8.98 -17.76
N LYS D 207 -26.06 7.72 -18.12
CA LYS D 207 -26.72 6.60 -17.46
C LYS D 207 -26.51 6.65 -15.95
N ALA D 208 -25.30 6.99 -15.53
CA ALA D 208 -24.99 7.02 -14.12
C ALA D 208 -25.72 8.16 -13.43
N CYS D 209 -25.77 9.32 -14.06
CA CYS D 209 -26.51 10.43 -13.49
C CYS D 209 -27.96 10.05 -13.25
N TYR D 210 -28.57 9.41 -14.25
CA TYR D 210 -29.95 8.95 -14.08
C TYR D 210 -30.06 8.02 -12.88
N ASP D 211 -29.28 6.94 -12.90
CA ASP D 211 -29.38 5.93 -11.86
C ASP D 211 -29.23 6.56 -10.47
N ILE D 212 -28.22 7.41 -10.33
CA ILE D 212 -27.96 8.05 -9.04
C ILE D 212 -29.15 8.89 -8.62
N ALA D 213 -29.51 9.86 -9.46
CA ALA D 213 -30.57 10.79 -9.11
C ALA D 213 -31.82 10.06 -8.69
N VAL D 214 -32.08 8.91 -9.31
CA VAL D 214 -33.32 8.20 -9.00
C VAL D 214 -33.18 7.42 -7.70
N LYS D 215 -32.13 6.63 -7.57
CA LYS D 215 -32.03 5.66 -6.49
C LYS D 215 -31.43 6.23 -5.21
N GLU D 216 -31.02 7.49 -5.20
CA GLU D 216 -30.38 8.05 -4.04
C GLU D 216 -30.88 9.44 -3.67
N TYR D 217 -31.83 10.14 -4.35
CA TYR D 217 -32.37 11.45 -3.91
C TYR D 217 -33.88 11.56 -4.18
N GLY D 218 -34.60 10.44 -4.33
CA GLY D 218 -36.05 10.38 -4.57
C GLY D 218 -36.56 11.25 -5.71
N VAL D 219 -36.04 11.09 -6.93
CA VAL D 219 -36.44 11.88 -8.14
C VAL D 219 -37.29 11.03 -9.09
N SER D 220 -38.11 11.66 -9.94
CA SER D 220 -38.97 11.03 -10.92
C SER D 220 -38.19 10.78 -12.21
N PRO D 221 -38.31 9.60 -12.80
CA PRO D 221 -37.60 9.32 -14.05
C PRO D 221 -37.82 10.36 -15.12
N GLU D 222 -39.06 10.84 -15.23
CA GLU D 222 -39.42 11.78 -16.29
C GLU D 222 -38.53 13.01 -16.25
N ALA D 223 -38.39 13.61 -15.08
CA ALA D 223 -37.60 14.82 -14.96
C ALA D 223 -36.15 14.58 -15.34
N ALA D 224 -35.58 13.48 -14.87
CA ALA D 224 -34.20 13.16 -15.19
C ALA D 224 -34.01 13.05 -16.70
N LEU D 225 -34.89 12.29 -17.35
CA LEU D 225 -34.79 12.11 -18.79
C LEU D 225 -34.90 13.45 -19.50
N LEU D 226 -35.81 14.30 -19.05
CA LEU D 226 -35.96 15.60 -19.69
C LEU D 226 -34.70 16.42 -19.57
N GLU D 227 -34.11 16.45 -18.39
CA GLU D 227 -32.92 17.26 -18.18
C GLU D 227 -31.76 16.75 -19.02
N PHE D 228 -31.50 15.45 -18.97
CA PHE D 228 -30.23 14.95 -19.48
C PHE D 228 -30.21 14.89 -21.00
N TYR D 229 -31.08 14.07 -21.60
CA TYR D 229 -31.03 13.94 -23.06
C TYR D 229 -32.37 13.96 -23.77
N ALA D 230 -33.50 13.74 -23.10
CA ALA D 230 -34.77 13.77 -23.80
C ALA D 230 -35.05 15.14 -24.40
N SER D 231 -34.35 16.16 -23.96
CA SER D 231 -34.43 17.49 -24.55
C SER D 231 -33.32 17.66 -25.57
N GLY D 232 -33.57 18.49 -26.58
CA GLY D 232 -32.64 18.71 -27.66
C GLY D 232 -31.54 19.70 -27.33
N GLU D 233 -31.30 19.89 -26.03
CA GLU D 233 -30.26 20.81 -25.60
C GLU D 233 -28.92 20.47 -26.25
N LEU D 234 -28.52 19.21 -26.11
CA LEU D 234 -27.23 18.78 -26.66
C LEU D 234 -27.09 19.12 -28.13
N ALA D 235 -28.18 18.97 -28.89
CA ALA D 235 -28.12 19.24 -30.32
C ALA D 235 -27.74 20.69 -30.60
N GLU D 236 -28.42 21.62 -29.93
CA GLU D 236 -28.12 23.04 -30.12
C GLU D 236 -26.69 23.34 -29.72
N ILE D 237 -26.23 22.73 -28.62
CA ILE D 237 -24.86 22.95 -28.17
C ILE D 237 -23.87 22.50 -29.24
N ALA D 238 -24.11 21.31 -29.81
CA ALA D 238 -23.19 20.79 -30.82
C ALA D 238 -23.19 21.68 -32.06
N ARG D 239 -24.37 22.16 -32.46
CA ARG D 239 -24.44 23.07 -33.59
C ARG D 239 -23.62 24.32 -33.33
N LEU D 240 -23.83 24.95 -32.19
CA LEU D 240 -23.09 26.15 -31.87
C LEU D 240 -21.60 25.88 -31.83
N ILE D 241 -21.21 24.70 -31.36
CA ILE D 241 -19.80 24.32 -31.39
C ILE D 241 -19.28 24.34 -32.81
N ALA D 242 -19.95 23.60 -33.70
CA ALA D 242 -19.50 23.54 -35.08
C ALA D 242 -19.46 24.91 -35.72
N GLU D 243 -20.31 25.83 -35.27
CA GLU D 243 -20.40 27.13 -35.92
C GLU D 243 -19.35 28.10 -35.37
N GLU D 244 -19.38 28.35 -34.07
CA GLU D 244 -18.58 29.41 -33.45
C GLU D 244 -17.25 28.91 -32.91
N GLY D 245 -17.25 27.76 -32.27
CA GLY D 245 -16.09 27.25 -31.57
C GLY D 245 -16.57 26.63 -30.27
N ILE D 246 -15.79 25.68 -29.76
CA ILE D 246 -16.22 24.90 -28.61
C ILE D 246 -16.38 25.78 -27.39
N PHE D 247 -15.40 26.65 -27.14
CA PHE D 247 -15.40 27.48 -25.94
C PHE D 247 -16.21 28.76 -26.12
N ASN D 248 -15.93 29.51 -27.18
CA ASN D 248 -16.73 30.70 -27.48
C ASN D 248 -18.22 30.38 -27.42
N GLN D 249 -18.57 29.12 -27.64
CA GLN D 249 -19.96 28.71 -27.55
C GLN D 249 -20.56 29.06 -26.19
N MET D 250 -19.79 28.83 -25.12
CA MET D 250 -20.34 28.90 -23.78
C MET D 250 -20.71 30.31 -23.36
N VAL D 251 -20.38 31.32 -24.15
CA VAL D 251 -20.76 32.68 -23.82
C VAL D 251 -22.27 32.82 -23.75
N HIS D 252 -22.99 32.01 -24.51
CA HIS D 252 -24.44 32.05 -24.50
C HIS D 252 -25.04 31.35 -23.30
N HIS D 253 -24.21 30.83 -22.41
CA HIS D 253 -24.66 30.19 -21.19
C HIS D 253 -24.60 31.18 -20.03
N SER D 254 -24.98 30.69 -18.85
CA SER D 254 -24.89 31.48 -17.65
C SER D 254 -23.50 31.37 -17.03
N THR D 255 -23.14 32.39 -16.25
CA THR D 255 -21.83 32.40 -15.62
C THR D 255 -21.65 31.20 -14.72
N THR D 256 -22.70 30.82 -14.00
CA THR D 256 -22.64 29.66 -13.13
C THR D 256 -22.20 28.42 -13.90
N SER D 257 -22.84 28.19 -15.04
CA SER D 257 -22.50 27.04 -15.86
C SER D 257 -21.06 27.10 -16.31
N GLN D 258 -20.64 28.26 -16.81
CA GLN D 258 -19.27 28.44 -17.25
C GLN D 258 -18.30 28.04 -16.15
N TYR D 259 -18.53 28.59 -14.95
CA TYR D 259 -17.61 28.36 -13.84
C TYR D 259 -17.51 26.89 -13.51
N GLY D 260 -18.65 26.26 -13.25
CA GLY D 260 -18.63 24.86 -12.87
C GLY D 260 -17.97 24.01 -13.96
N THR D 261 -18.38 24.24 -15.20
CA THR D 261 -17.87 23.46 -16.31
C THR D 261 -16.36 23.55 -16.40
N LEU D 262 -15.82 24.77 -16.36
CA LEU D 262 -14.39 24.96 -16.53
C LEU D 262 -13.62 24.32 -15.39
N THR D 263 -14.03 24.60 -14.15
CA THR D 263 -13.34 24.03 -13.01
C THR D 263 -13.28 22.52 -13.12
N ARG D 264 -14.44 21.90 -13.34
CA ARG D 264 -14.48 20.45 -13.36
C ARG D 264 -13.71 19.89 -14.54
N MET D 265 -13.73 20.58 -15.68
CA MET D 265 -12.96 20.15 -16.82
C MET D 265 -11.49 20.08 -16.49
N PHE D 266 -10.93 21.17 -15.98
CA PHE D 266 -9.52 21.16 -15.63
C PHE D 266 -9.24 20.25 -14.44
N LYS D 267 -10.27 19.81 -13.75
CA LYS D 267 -10.10 18.94 -12.60
C LYS D 267 -10.04 17.47 -12.95
N TYR D 268 -10.62 17.08 -14.08
CA TYR D 268 -10.72 15.68 -14.45
C TYR D 268 -9.95 15.36 -15.74
N TYR D 269 -9.07 16.26 -16.16
CA TYR D 269 -8.41 16.08 -17.44
C TYR D 269 -7.42 14.93 -17.42
N ASP D 270 -6.83 14.65 -16.26
CA ASP D 270 -5.77 13.64 -16.18
C ASP D 270 -6.34 12.24 -16.35
N VAL D 271 -7.47 11.98 -15.70
CA VAL D 271 -8.06 10.64 -15.72
C VAL D 271 -8.35 10.21 -17.14
N VAL D 272 -9.17 10.99 -17.84
CA VAL D 272 -9.55 10.67 -19.20
C VAL D 272 -8.31 10.61 -20.08
N ARG D 273 -7.30 11.41 -19.77
CA ARG D 273 -6.06 11.34 -20.52
C ARG D 273 -5.45 9.96 -20.42
N ARG D 274 -5.38 9.44 -19.19
CA ARG D 274 -4.87 8.09 -18.99
C ARG D 274 -5.67 7.09 -19.81
N ILE D 275 -6.98 7.19 -19.72
CA ILE D 275 -7.85 6.26 -20.46
C ILE D 275 -7.52 6.30 -21.94
N VAL D 276 -7.49 7.50 -22.50
CA VAL D 276 -7.26 7.68 -23.93
C VAL D 276 -5.92 7.09 -24.32
N GLU D 277 -4.90 7.32 -23.51
CA GLU D 277 -3.61 6.71 -23.76
C GLU D 277 -3.74 5.21 -23.89
N ASN D 278 -4.38 4.59 -22.90
CA ASN D 278 -4.54 3.14 -22.90
C ASN D 278 -5.17 2.66 -24.20
N GLU D 279 -6.27 3.30 -24.60
CA GLU D 279 -7.01 2.80 -25.74
C GLU D 279 -6.25 3.03 -27.04
N ALA D 280 -5.67 4.21 -27.20
CA ALA D 280 -4.89 4.47 -28.40
C ALA D 280 -3.75 3.48 -28.54
N LYS D 281 -3.11 3.15 -27.43
CA LYS D 281 -2.06 2.15 -27.47
C LYS D 281 -2.61 0.79 -27.89
N TYR D 282 -3.73 0.41 -27.28
CA TYR D 282 -4.39 -0.84 -27.66
C TYR D 282 -4.64 -0.91 -29.14
N ILE D 283 -4.85 0.24 -29.78
CA ILE D 283 -5.18 0.24 -31.20
C ILE D 283 -3.93 0.20 -32.05
N TRP D 284 -3.00 1.12 -31.79
CA TRP D 284 -1.77 1.22 -32.59
C TRP D 284 -1.13 -0.14 -32.82
N ASP D 285 -1.33 -1.07 -31.90
CA ASP D 285 -0.68 -2.37 -31.97
C ASP D 285 -1.43 -3.38 -32.82
N GLY D 286 -2.73 -3.22 -32.98
CA GLY D 286 -3.53 -4.15 -33.75
C GLY D 286 -4.36 -5.10 -32.93
N SER D 287 -4.42 -4.92 -31.62
CA SER D 287 -5.13 -5.86 -30.77
C SER D 287 -6.63 -5.80 -31.00
N PHE D 288 -7.17 -4.60 -31.12
CA PHE D 288 -8.62 -4.46 -31.28
C PHE D 288 -9.09 -5.15 -32.54
N ALA D 289 -8.34 -5.03 -33.62
CA ALA D 289 -8.70 -5.72 -34.85
C ALA D 289 -8.82 -7.22 -34.62
N LYS D 290 -7.86 -7.78 -33.90
CA LYS D 290 -7.91 -9.19 -33.56
C LYS D 290 -9.16 -9.52 -32.78
N GLU D 291 -9.40 -8.78 -31.71
CA GLU D 291 -10.58 -8.97 -30.88
C GLU D 291 -11.84 -9.01 -31.73
N TRP D 292 -12.00 -8.01 -32.59
CA TRP D 292 -13.22 -7.87 -33.36
C TRP D 292 -13.35 -8.99 -34.39
N SER D 293 -12.26 -9.35 -35.05
CA SER D 293 -12.31 -10.40 -36.04
C SER D 293 -12.72 -11.72 -35.39
N LEU D 294 -12.14 -12.02 -34.24
CA LEU D 294 -12.51 -13.23 -33.53
C LEU D 294 -13.98 -13.20 -33.13
N GLU D 295 -14.42 -12.08 -32.56
CA GLU D 295 -15.83 -11.97 -32.18
C GLU D 295 -16.75 -12.23 -33.35
N GLN D 296 -16.34 -11.86 -34.56
CA GLN D 296 -17.08 -12.28 -35.74
C GLN D 296 -17.05 -13.80 -35.87
N GLN D 297 -15.86 -14.37 -35.74
CA GLN D 297 -15.68 -15.80 -35.99
C GLN D 297 -16.36 -16.67 -34.96
N ALA D 298 -16.88 -16.11 -33.89
CA ALA D 298 -17.49 -16.90 -32.83
C ALA D 298 -19.01 -16.88 -32.86
N GLY D 299 -19.60 -15.81 -33.38
CA GLY D 299 -21.04 -15.76 -33.52
C GLY D 299 -21.67 -14.54 -32.90
N TYR D 300 -20.87 -13.53 -32.63
CA TYR D 300 -21.36 -12.27 -32.10
C TYR D 300 -22.11 -12.45 -30.79
N PRO D 301 -21.60 -13.25 -29.86
CA PRO D 301 -22.31 -13.45 -28.59
C PRO D 301 -22.35 -12.22 -27.71
N VAL D 302 -21.19 -11.65 -27.47
CA VAL D 302 -21.07 -10.49 -26.59
C VAL D 302 -21.92 -9.34 -27.12
N PHE D 303 -21.74 -9.02 -28.40
CA PHE D 303 -22.59 -8.07 -29.09
C PHE D 303 -24.05 -8.28 -28.70
N TYR D 304 -24.50 -9.51 -28.81
CA TYR D 304 -25.89 -9.84 -28.54
C TYR D 304 -26.27 -9.53 -27.11
N ARG D 305 -25.50 -10.05 -26.16
CA ARG D 305 -25.85 -9.89 -24.76
C ARG D 305 -25.87 -8.43 -24.36
N LEU D 306 -24.94 -7.64 -24.89
CA LEU D 306 -24.89 -6.24 -24.52
C LEU D 306 -26.06 -5.48 -25.14
N TRP D 307 -26.34 -5.73 -26.41
CA TRP D 307 -27.53 -5.13 -27.02
C TRP D 307 -28.76 -5.45 -26.21
N GLU D 308 -28.79 -6.62 -25.57
CA GLU D 308 -29.91 -6.97 -24.73
C GLU D 308 -29.91 -6.14 -23.46
N LEU D 309 -28.82 -6.24 -22.69
CA LEU D 309 -28.75 -5.55 -21.40
C LEU D 309 -29.09 -4.08 -21.52
N ALA D 310 -28.53 -3.42 -22.53
CA ALA D 310 -28.76 -1.99 -22.68
C ALA D 310 -30.25 -1.69 -22.78
N THR D 311 -30.96 -2.43 -23.62
CA THR D 311 -32.36 -2.14 -23.85
C THR D 311 -33.24 -2.55 -22.68
N GLN D 312 -32.84 -3.58 -21.95
CA GLN D 312 -33.59 -4.05 -20.80
C GLN D 312 -33.27 -3.27 -19.54
N SER D 313 -32.54 -2.17 -19.66
CA SER D 313 -32.27 -1.34 -18.51
C SER D 313 -33.47 -0.47 -18.18
N GLU D 314 -33.46 0.09 -16.98
CA GLU D 314 -34.57 0.91 -16.53
C GLU D 314 -34.71 2.15 -17.38
N MET D 315 -33.59 2.84 -17.60
CA MET D 315 -33.60 4.08 -18.36
C MET D 315 -34.29 3.90 -19.69
N ALA D 316 -34.03 2.78 -20.36
CA ALA D 316 -34.60 2.57 -21.69
C ALA D 316 -36.10 2.39 -21.62
N LYS D 317 -36.58 1.62 -20.64
CA LYS D 317 -38.01 1.41 -20.50
C LYS D 317 -38.73 2.73 -20.23
N ALA D 318 -38.16 3.54 -19.33
CA ALA D 318 -38.75 4.83 -19.05
C ALA D 318 -38.77 5.71 -20.29
N GLU D 319 -37.65 5.73 -21.01
CA GLU D 319 -37.59 6.46 -22.27
C GLU D 319 -38.69 5.99 -23.20
N LYS D 320 -38.98 4.69 -23.18
CA LYS D 320 -40.03 4.15 -24.03
C LYS D 320 -41.38 4.75 -23.66
N GLU D 321 -41.77 4.60 -22.39
CA GLU D 321 -43.03 5.16 -21.93
C GLU D 321 -43.14 6.62 -22.32
N LEU D 322 -42.05 7.36 -22.16
CA LEU D 322 -42.10 8.80 -22.35
C LEU D 322 -42.25 9.16 -23.83
N TYR D 323 -41.26 8.77 -24.64
CA TYR D 323 -41.33 9.02 -26.07
C TYR D 323 -42.69 8.65 -26.63
N LYS D 324 -43.30 7.61 -26.07
CA LYS D 324 -44.67 7.28 -26.44
C LYS D 324 -45.60 8.43 -26.09
N LEU D 325 -45.43 9.00 -24.91
CA LEU D 325 -46.30 10.08 -24.48
C LEU D 325 -46.19 11.29 -25.40
N LEU D 326 -44.97 11.65 -25.77
CA LEU D 326 -44.74 12.82 -26.60
C LEU D 326 -45.02 12.57 -28.07
N GLY D 327 -45.51 11.38 -28.43
CA GLY D 327 -45.76 11.06 -29.81
C GLY D 327 -44.53 10.69 -30.60
N ARG D 328 -43.34 10.96 -30.07
CA ARG D 328 -42.11 10.55 -30.75
C ARG D 328 -42.13 9.05 -30.98
N LYS D 329 -41.85 8.64 -32.22
CA LYS D 329 -41.89 7.24 -32.57
C LYS D 329 -40.87 6.44 -31.76
N ASP E 2 -2.80 27.26 44.52
CA ASP E 2 -2.74 27.17 43.06
C ASP E 2 -3.35 28.41 42.40
N LYS E 3 -3.46 28.37 41.07
CA LYS E 3 -4.01 29.49 40.32
C LYS E 3 -5.41 29.89 40.74
N THR E 4 -6.14 29.02 41.43
CA THR E 4 -7.51 29.33 41.80
C THR E 4 -7.54 30.56 42.70
N VAL E 5 -8.73 31.15 42.81
CA VAL E 5 -8.99 32.25 43.72
C VAL E 5 -10.36 32.05 44.32
N LEU E 6 -10.43 32.06 45.66
CA LEU E 6 -11.66 31.76 46.37
C LEU E 6 -12.39 33.01 46.86
N ASP E 7 -11.70 34.14 46.95
CA ASP E 7 -12.32 35.40 47.31
C ASP E 7 -11.29 36.50 47.15
N ALA E 8 -11.76 37.72 47.00
CA ALA E 8 -10.89 38.86 46.77
C ALA E 8 -11.64 40.14 47.17
N ASN E 9 -11.11 41.28 46.75
CA ASN E 9 -11.60 42.57 47.18
C ASN E 9 -12.72 43.06 46.27
N LEU E 10 -13.26 44.24 46.60
CA LEU E 10 -14.30 44.90 45.82
C LEU E 10 -14.04 46.39 45.75
N ASP E 11 -12.77 46.80 45.81
CA ASP E 11 -12.40 48.20 46.01
C ASP E 11 -12.50 49.04 44.73
N PRO E 12 -11.92 48.61 43.60
CA PRO E 12 -11.77 49.55 42.49
C PRO E 12 -13.08 49.92 41.83
N LEU E 13 -14.11 49.11 42.00
CA LEU E 13 -15.38 49.31 41.31
C LEU E 13 -16.35 50.18 42.10
N LYS E 14 -16.06 50.47 43.36
CA LYS E 14 -16.93 51.31 44.17
C LYS E 14 -16.45 52.74 44.07
N GLY E 15 -17.32 53.62 43.59
CA GLY E 15 -16.98 54.98 43.25
C GLY E 15 -16.97 55.26 41.76
N LYS E 16 -17.03 54.22 40.94
CA LYS E 16 -17.08 54.34 39.49
C LYS E 16 -18.44 53.91 38.98
N THR E 17 -18.72 54.28 37.74
CA THR E 17 -19.88 53.81 37.02
C THR E 17 -19.49 52.64 36.13
N ILE E 18 -20.46 51.79 35.84
CA ILE E 18 -20.23 50.59 35.04
C ILE E 18 -21.17 50.59 33.85
N GLY E 19 -20.68 50.04 32.75
CA GLY E 19 -21.46 49.98 31.53
C GLY E 19 -21.87 48.57 31.18
N VAL E 20 -23.16 48.28 31.29
CA VAL E 20 -23.70 46.96 30.99
C VAL E 20 -24.37 47.03 29.63
N ILE E 21 -23.83 46.30 28.67
CA ILE E 21 -24.37 46.25 27.31
C ILE E 21 -25.19 44.98 27.19
N GLY E 22 -26.49 45.11 27.30
CA GLY E 22 -27.38 44.01 27.02
C GLY E 22 -28.13 43.56 28.27
N TYR E 23 -29.28 42.96 28.02
CA TYR E 23 -30.21 42.54 29.06
C TYR E 23 -30.79 41.17 28.72
N GLY E 24 -29.93 40.26 28.26
CA GLY E 24 -30.39 38.97 27.78
C GLY E 24 -30.46 37.95 28.90
N ASN E 25 -29.68 36.89 28.77
CA ASN E 25 -29.56 35.94 29.86
C ASN E 25 -28.56 36.42 30.90
N GLN E 26 -27.29 36.51 30.51
CA GLN E 26 -26.27 36.99 31.44
C GLN E 26 -26.56 38.41 31.86
N GLY E 27 -26.63 39.31 30.90
CA GLY E 27 -26.81 40.73 31.17
C GLY E 27 -27.77 40.97 32.32
N ARG E 28 -28.99 40.46 32.20
CA ARG E 28 -29.96 40.64 33.27
C ARG E 28 -29.45 40.05 34.56
N VAL E 29 -28.99 38.80 34.53
CA VAL E 29 -28.60 38.13 35.78
C VAL E 29 -27.48 38.89 36.45
N GLN E 30 -26.35 39.05 35.75
CA GLN E 30 -25.18 39.68 36.34
C GLN E 30 -25.49 41.11 36.76
N ALA E 31 -26.29 41.83 35.97
CA ALA E 31 -26.62 43.21 36.27
C ALA E 31 -27.45 43.32 37.53
N THR E 32 -28.51 42.52 37.63
CA THR E 32 -29.30 42.49 38.85
C THR E 32 -28.44 42.12 40.05
N ILE E 33 -27.60 41.10 39.89
CA ILE E 33 -26.67 40.71 40.94
C ILE E 33 -25.86 41.91 41.41
N MET E 34 -25.25 42.62 40.46
CA MET E 34 -24.32 43.68 40.82
C MET E 34 -25.05 44.85 41.47
N ARG E 35 -26.14 45.31 40.86
CA ARG E 35 -26.98 46.31 41.52
C ARG E 35 -27.26 45.91 42.95
N GLU E 36 -27.56 44.63 43.17
CA GLU E 36 -27.79 44.11 44.51
C GLU E 36 -26.51 43.97 45.32
N ASN E 37 -25.34 44.14 44.69
CA ASN E 37 -24.05 44.06 45.39
C ASN E 37 -23.53 45.43 45.79
N GLY E 38 -24.33 46.48 45.63
CA GLY E 38 -23.91 47.81 46.04
C GLY E 38 -22.98 48.51 45.07
N LEU E 39 -23.48 48.79 43.86
CA LEU E 39 -22.71 49.55 42.88
C LEU E 39 -23.66 50.39 42.07
N ASN E 40 -23.10 51.41 41.42
CA ASN E 40 -23.85 52.27 40.50
C ASN E 40 -23.61 51.78 39.08
N VAL E 41 -24.69 51.43 38.40
CA VAL E 41 -24.62 50.72 37.13
C VAL E 41 -25.59 51.36 36.15
N ILE E 42 -25.42 51.02 34.87
CA ILE E 42 -26.31 51.47 33.82
C ILE E 42 -26.40 50.37 32.77
N VAL E 43 -27.31 50.56 31.81
CA VAL E 43 -27.61 49.56 30.81
C VAL E 43 -27.61 50.20 29.44
N GLY E 44 -27.11 49.46 28.45
CA GLY E 44 -27.27 49.84 27.06
C GLY E 44 -27.86 48.68 26.29
N ASN E 45 -28.83 48.99 25.43
CA ASN E 45 -29.63 47.93 24.84
C ASN E 45 -30.26 48.42 23.54
N VAL E 46 -30.49 47.48 22.63
CA VAL E 46 -31.33 47.75 21.47
C VAL E 46 -32.77 47.87 21.93
N LYS E 47 -33.42 48.96 21.53
CA LYS E 47 -34.73 49.31 22.08
C LYS E 47 -35.78 48.40 21.47
N ASP E 48 -36.04 47.30 22.16
CA ASP E 48 -36.99 46.29 21.74
C ASP E 48 -37.56 45.63 22.99
N LYS E 49 -38.16 44.46 22.83
CA LYS E 49 -38.77 43.74 23.95
C LYS E 49 -37.82 43.65 25.14
N TYR E 50 -36.56 43.30 24.90
CA TYR E 50 -35.60 43.23 26.00
C TYR E 50 -35.45 44.59 26.68
N TYR E 51 -35.49 45.66 25.89
CA TYR E 51 -35.43 46.99 26.49
C TYR E 51 -36.66 47.25 27.36
N GLU E 52 -37.84 46.83 26.88
CA GLU E 52 -39.03 46.90 27.70
C GLU E 52 -38.81 46.20 29.04
N LEU E 53 -38.31 44.96 28.99
CA LEU E 53 -38.08 44.19 30.21
C LEU E 53 -37.03 44.84 31.10
N ALA E 54 -36.03 45.47 30.49
CA ALA E 54 -34.94 46.05 31.28
C ALA E 54 -35.40 47.29 32.02
N LYS E 55 -36.01 48.23 31.30
CA LYS E 55 -36.58 49.39 31.96
C LYS E 55 -37.69 48.98 32.91
N LYS E 56 -38.35 47.85 32.62
CA LYS E 56 -39.32 47.26 33.53
C LYS E 56 -38.68 47.00 34.89
N GLU E 57 -37.58 46.26 34.91
CA GLU E 57 -36.93 45.91 36.17
C GLU E 57 -36.22 47.07 36.83
N GLY E 58 -36.33 48.29 36.30
CA GLY E 58 -35.81 49.45 36.98
C GLY E 58 -34.36 49.77 36.72
N PHE E 59 -33.89 49.60 35.49
CA PHE E 59 -32.55 49.99 35.08
C PHE E 59 -32.68 51.08 34.03
N GLU E 60 -32.26 52.28 34.37
CA GLU E 60 -32.12 53.34 33.38
C GLU E 60 -31.24 52.87 32.22
N VAL E 61 -31.76 52.97 31.01
CA VAL E 61 -31.10 52.43 29.82
C VAL E 61 -31.05 53.51 28.76
N TYR E 62 -29.87 54.09 28.56
CA TYR E 62 -29.64 55.01 27.47
C TYR E 62 -29.29 54.24 26.21
N GLU E 63 -28.85 54.96 25.17
CA GLU E 63 -28.27 54.29 24.03
C GLU E 63 -26.91 53.73 24.39
N ILE E 64 -26.45 52.79 23.56
CA ILE E 64 -25.19 52.10 23.81
C ILE E 64 -24.08 53.11 24.09
N ASP E 65 -23.80 53.96 23.10
CA ASP E 65 -22.70 54.91 23.24
C ASP E 65 -22.92 55.84 24.43
N GLU E 66 -24.17 56.16 24.75
CA GLU E 66 -24.42 57.04 25.87
C GLU E 66 -24.08 56.36 27.19
N ALA E 67 -24.21 55.03 27.23
CA ALA E 67 -23.80 54.29 28.41
C ALA E 67 -22.29 54.13 28.48
N VAL E 68 -21.60 54.25 27.35
CA VAL E 68 -20.14 54.16 27.37
C VAL E 68 -19.52 55.51 27.72
N ARG E 69 -20.17 56.60 27.35
CA ARG E 69 -19.64 57.91 27.69
C ARG E 69 -19.70 58.14 29.19
N ARG E 70 -20.76 57.66 29.84
CA ARG E 70 -20.92 57.85 31.27
C ARG E 70 -20.05 56.91 32.08
N SER E 71 -19.81 55.70 31.57
CA SER E 71 -19.10 54.69 32.32
C SER E 71 -17.60 54.74 32.02
N ASP E 72 -16.81 54.36 33.02
CA ASP E 72 -15.38 54.11 32.82
C ASP E 72 -15.08 52.64 32.63
N VAL E 73 -16.09 51.77 32.79
CA VAL E 73 -15.98 50.36 32.47
C VAL E 73 -17.16 49.98 31.60
N ALA E 74 -16.99 48.90 30.84
CA ALA E 74 -18.03 48.43 29.94
C ALA E 74 -17.94 46.92 29.83
N LEU E 75 -19.11 46.28 29.83
CA LEU E 75 -19.24 44.84 29.65
C LEU E 75 -20.10 44.58 28.43
N LEU E 76 -19.55 43.87 27.45
CA LEU E 76 -20.20 43.65 26.17
C LEU E 76 -20.84 42.29 26.19
N LEU E 77 -22.07 42.23 26.70
CA LEU E 77 -22.76 40.98 26.96
C LEU E 77 -23.72 40.63 25.83
N ILE E 78 -23.15 40.51 24.64
CA ILE E 78 -23.94 40.37 23.42
C ILE E 78 -23.30 39.31 22.52
N PRO E 79 -23.89 38.99 21.37
CA PRO E 79 -23.43 37.83 20.59
C PRO E 79 -22.01 37.90 20.06
N ASP E 80 -21.64 36.85 19.34
CA ASP E 80 -20.29 36.64 18.85
C ASP E 80 -20.15 36.81 17.35
N GLU E 81 -21.27 36.87 16.63
CA GLU E 81 -21.27 36.76 15.19
C GLU E 81 -21.32 38.10 14.48
N VAL E 82 -21.77 39.14 15.19
CA VAL E 82 -22.03 40.43 14.57
C VAL E 82 -21.41 41.54 15.42
N MET E 83 -21.01 41.21 16.64
CA MET E 83 -20.43 42.18 17.54
C MET E 83 -19.39 43.04 16.84
N LYS E 84 -18.72 42.49 15.84
CA LYS E 84 -17.66 43.21 15.15
C LYS E 84 -18.17 44.54 14.59
N GLU E 85 -19.14 44.48 13.70
CA GLU E 85 -19.65 45.68 13.06
C GLU E 85 -20.13 46.68 14.10
N VAL E 86 -20.90 46.19 15.07
CA VAL E 86 -21.45 47.05 16.10
C VAL E 86 -20.34 47.81 16.81
N TYR E 87 -19.25 47.12 17.13
CA TYR E 87 -18.13 47.79 17.76
C TYR E 87 -17.48 48.79 16.82
N GLU E 88 -17.42 48.44 15.53
CA GLU E 88 -16.75 49.31 14.58
C GLU E 88 -17.47 50.63 14.44
N LYS E 89 -18.79 50.60 14.41
CA LYS E 89 -19.58 51.78 14.11
C LYS E 89 -19.88 52.61 15.34
N LYS E 90 -20.44 51.98 16.37
CA LYS E 90 -21.14 52.68 17.43
C LYS E 90 -20.38 52.72 18.75
N ILE E 91 -19.27 52.01 18.85
CA ILE E 91 -18.52 51.91 20.10
C ILE E 91 -17.09 52.40 19.93
N ALA E 92 -16.43 52.03 18.85
CA ALA E 92 -15.07 52.50 18.62
C ALA E 92 -14.96 54.02 18.66
N PRO E 93 -15.83 54.78 18.03
CA PRO E 93 -15.70 56.25 18.08
C PRO E 93 -15.70 56.77 19.50
N VAL E 94 -16.77 56.41 20.22
CA VAL E 94 -16.93 56.84 21.60
C VAL E 94 -15.70 56.48 22.40
N LEU E 95 -15.31 55.20 22.34
CA LEU E 95 -14.15 54.73 23.08
C LEU E 95 -12.92 55.57 22.76
N GLN E 96 -12.72 55.90 21.48
CA GLN E 96 -11.67 56.85 21.13
C GLN E 96 -11.84 58.16 21.87
N GLY E 97 -13.07 58.48 22.29
CA GLY E 97 -13.31 59.64 23.11
C GLY E 97 -13.08 59.40 24.58
N LYS E 98 -12.08 58.57 24.91
CA LYS E 98 -11.76 58.26 26.30
C LYS E 98 -10.27 58.03 26.42
N LYS E 99 -9.79 58.02 27.67
CA LYS E 99 -8.38 57.78 27.95
C LYS E 99 -8.14 56.56 28.80
N GLU E 100 -8.80 56.46 29.94
CA GLU E 100 -8.69 55.31 30.83
C GLU E 100 -10.02 54.58 30.80
N PHE E 101 -10.02 53.36 30.27
CA PHE E 101 -11.23 52.57 30.16
C PHE E 101 -10.88 51.12 30.39
N VAL E 102 -11.92 50.30 30.57
CA VAL E 102 -11.77 48.89 30.86
C VAL E 102 -12.93 48.16 30.21
N LEU E 103 -12.60 47.11 29.45
CA LEU E 103 -13.60 46.35 28.73
C LEU E 103 -13.45 44.87 29.02
N ASP E 104 -14.58 44.21 29.23
CA ASP E 104 -14.62 42.80 29.63
C ASP E 104 -15.71 42.11 28.83
N PHE E 105 -15.47 40.85 28.48
CA PHE E 105 -16.37 40.08 27.64
C PHE E 105 -16.74 38.77 28.30
N ALA E 106 -17.71 38.09 27.69
CA ALA E 106 -18.08 36.74 28.07
C ALA E 106 -17.26 35.69 27.33
N SER E 107 -17.01 35.92 26.04
CA SER E 107 -16.27 34.99 25.21
C SER E 107 -15.10 35.70 24.56
N GLY E 108 -14.07 34.94 24.24
CA GLY E 108 -12.84 35.47 23.69
C GLY E 108 -12.69 35.24 22.21
N TYR E 109 -13.72 34.74 21.54
CA TYR E 109 -13.66 34.46 20.12
C TYR E 109 -13.17 35.68 19.34
N ASN E 110 -13.90 36.78 19.44
CA ASN E 110 -13.64 37.93 18.59
C ASN E 110 -12.31 38.60 18.91
N VAL E 111 -11.81 38.42 20.13
CA VAL E 111 -10.56 39.06 20.53
C VAL E 111 -9.38 38.15 20.28
N ALA E 112 -9.49 36.89 20.70
CA ALA E 112 -8.39 35.95 20.54
C ALA E 112 -7.93 35.87 19.11
N PHE E 113 -8.84 36.08 18.16
CA PHE E 113 -8.54 35.96 16.75
C PHE E 113 -8.34 37.30 16.07
N GLY E 114 -8.39 38.40 16.82
CA GLY E 114 -8.02 39.68 16.31
C GLY E 114 -9.11 40.42 15.56
N LEU E 115 -10.34 39.95 15.63
CA LEU E 115 -11.44 40.64 14.98
C LEU E 115 -11.80 41.93 15.69
N ILE E 116 -11.24 42.16 16.88
CA ILE E 116 -11.49 43.37 17.64
C ILE E 116 -10.21 43.73 18.37
N ARG E 117 -9.68 44.92 18.07
CA ARG E 117 -8.39 45.37 18.59
C ARG E 117 -8.58 46.77 19.16
N PRO E 118 -9.04 46.86 20.39
CA PRO E 118 -9.19 48.16 21.02
C PRO E 118 -7.84 48.83 21.20
N PRO E 119 -7.82 50.09 21.59
CA PRO E 119 -6.55 50.82 21.71
C PRO E 119 -5.78 50.37 22.94
N LYS E 120 -4.53 50.83 23.00
CA LYS E 120 -3.69 50.59 24.16
C LYS E 120 -4.06 51.46 25.33
N SER E 121 -5.14 52.22 25.24
CA SER E 121 -5.62 53.06 26.32
C SER E 121 -6.73 52.39 27.10
N VAL E 122 -6.85 51.07 27.00
CA VAL E 122 -7.92 50.33 27.65
C VAL E 122 -7.41 48.98 28.15
N ASP E 123 -7.53 48.75 29.44
CA ASP E 123 -7.20 47.43 29.99
C ASP E 123 -8.26 46.43 29.56
N THR E 124 -7.82 45.32 29.01
CA THR E 124 -8.71 44.36 28.35
C THR E 124 -8.67 43.03 29.09
N ILE E 125 -9.85 42.48 29.37
CA ILE E 125 -10.00 41.37 30.30
C ILE E 125 -11.18 40.49 29.88
N MET E 126 -11.32 39.36 30.57
CA MET E 126 -12.41 38.43 30.35
C MET E 126 -12.95 37.96 31.69
N VAL E 127 -14.25 37.67 31.71
CA VAL E 127 -14.85 36.91 32.80
C VAL E 127 -15.97 36.04 32.22
N ALA E 128 -15.79 34.73 32.26
CA ALA E 128 -16.66 33.80 31.57
C ALA E 128 -17.10 32.67 32.49
N PRO E 129 -18.41 32.47 32.68
CA PRO E 129 -18.88 31.23 33.31
C PRO E 129 -19.20 30.16 32.30
N ARG E 130 -19.63 28.99 32.77
CA ARG E 130 -19.80 27.83 31.92
C ARG E 130 -21.22 27.28 31.90
N MET E 131 -22.15 27.92 32.58
CA MET E 131 -23.54 27.47 32.60
C MET E 131 -24.21 27.83 31.29
N VAL E 132 -25.52 27.63 31.20
CA VAL E 132 -26.33 28.29 30.19
C VAL E 132 -26.93 29.58 30.73
N GLY E 133 -26.97 29.77 32.04
CA GLY E 133 -27.30 31.04 32.64
C GLY E 133 -28.38 30.98 33.70
N GLU E 134 -29.39 30.13 33.50
CA GLU E 134 -30.48 30.06 34.46
C GLU E 134 -30.04 29.37 35.74
N GLY E 135 -29.11 28.43 35.63
CA GLY E 135 -28.55 27.77 36.79
C GLY E 135 -27.96 28.75 37.78
N ILE E 136 -27.60 29.95 37.33
CA ILE E 136 -26.89 30.87 38.19
C ILE E 136 -27.84 31.55 39.17
N MET E 137 -29.08 31.84 38.74
CA MET E 137 -30.08 32.23 39.73
C MET E 137 -30.53 31.02 40.54
N ASP E 138 -30.64 29.86 39.87
CA ASP E 138 -30.87 28.60 40.57
C ASP E 138 -29.79 28.30 41.60
N LEU E 139 -28.72 29.08 41.64
CA LEU E 139 -27.71 29.01 42.69
C LEU E 139 -27.68 30.23 43.59
N HIS E 140 -28.01 31.41 43.05
CA HIS E 140 -27.91 32.63 43.84
C HIS E 140 -29.01 32.67 44.90
N LYS E 141 -30.23 32.26 44.54
CA LYS E 141 -31.27 32.18 45.55
C LYS E 141 -30.90 31.19 46.65
N GLN E 142 -29.93 30.32 46.40
CA GLN E 142 -29.36 29.45 47.42
C GLN E 142 -28.18 30.09 48.14
N GLY E 143 -27.84 31.34 47.82
CA GLY E 143 -26.71 31.99 48.45
C GLY E 143 -25.36 31.40 48.10
N LYS E 144 -25.29 30.55 47.09
CA LYS E 144 -24.04 29.90 46.72
C LYS E 144 -23.20 30.83 45.85
N GLY E 145 -22.13 30.27 45.29
CA GLY E 145 -21.36 30.96 44.27
C GLY E 145 -20.95 29.97 43.20
N TYR E 146 -20.60 30.50 42.03
CA TYR E 146 -20.36 29.65 40.88
C TYR E 146 -18.94 29.84 40.36
N PRO E 147 -18.46 28.95 39.49
CA PRO E 147 -17.10 29.05 38.97
C PRO E 147 -17.07 29.79 37.65
N VAL E 148 -15.94 30.46 37.37
CA VAL E 148 -15.78 31.24 36.16
C VAL E 148 -14.32 31.24 35.74
N LEU E 149 -14.09 31.76 34.54
CA LEU E 149 -12.75 31.93 33.98
C LEU E 149 -12.48 33.42 33.81
N LEU E 150 -11.23 33.81 34.07
CA LEU E 150 -10.81 35.19 34.00
C LEU E 150 -9.60 35.30 33.10
N GLY E 151 -9.51 36.40 32.36
CA GLY E 151 -8.37 36.63 31.52
C GLY E 151 -8.08 38.12 31.39
N VAL E 152 -6.85 38.40 30.97
CA VAL E 152 -6.39 39.75 30.74
C VAL E 152 -5.68 39.78 29.40
N LYS E 153 -6.13 40.66 28.51
CA LYS E 153 -5.52 40.81 27.20
C LYS E 153 -4.58 42.00 27.13
N GLN E 154 -4.92 43.09 27.80
CA GLN E 154 -4.12 44.30 27.76
C GLN E 154 -4.22 44.99 29.12
N ASP E 155 -3.08 45.44 29.61
CA ASP E 155 -3.01 46.15 30.89
C ASP E 155 -2.26 47.46 30.67
N ALA E 156 -2.98 48.57 30.77
CA ALA E 156 -2.39 49.90 30.73
C ALA E 156 -2.52 50.61 32.07
N SER E 157 -2.85 49.87 33.12
CA SER E 157 -3.04 50.45 34.45
C SER E 157 -2.27 49.73 35.54
N GLY E 158 -1.60 48.63 35.23
CA GLY E 158 -1.02 47.80 36.27
C GLY E 158 -2.04 47.28 37.25
N LYS E 159 -3.32 47.34 36.90
CA LYS E 159 -4.40 46.96 37.79
C LYS E 159 -5.41 46.03 37.12
N ALA E 160 -5.11 45.54 35.91
CA ALA E 160 -6.08 44.71 35.20
C ALA E 160 -6.55 43.55 36.07
N TRP E 161 -5.66 42.94 36.84
CA TRP E 161 -6.01 41.74 37.58
C TRP E 161 -6.89 42.05 38.77
N ASP E 162 -6.57 43.10 39.52
CA ASP E 162 -7.43 43.41 40.66
C ASP E 162 -8.78 43.92 40.20
N TYR E 163 -8.82 44.63 39.08
CA TYR E 163 -10.11 44.90 38.44
C TYR E 163 -10.81 43.61 38.09
N ALA E 164 -10.06 42.62 37.64
CA ALA E 164 -10.65 41.34 37.28
C ALA E 164 -11.37 40.73 38.48
N LYS E 165 -10.66 40.57 39.59
CA LYS E 165 -11.25 39.96 40.77
C LYS E 165 -12.34 40.86 41.37
N ALA E 166 -12.18 42.17 41.25
CA ALA E 166 -13.22 43.09 41.68
C ALA E 166 -14.51 42.78 40.96
N ILE E 167 -14.46 42.74 39.62
CA ILE E 167 -15.61 42.36 38.83
C ILE E 167 -16.14 41.02 39.30
N ALA E 168 -15.25 40.03 39.38
CA ALA E 168 -15.62 38.69 39.80
C ALA E 168 -16.55 38.74 41.00
N LYS E 169 -16.07 39.32 42.09
CA LYS E 169 -16.92 39.45 43.26
C LYS E 169 -18.10 40.38 43.01
N GLY E 170 -18.04 41.18 41.95
CA GLY E 170 -19.14 42.06 41.62
C GLY E 170 -20.33 41.36 41.00
N ILE E 171 -20.20 40.06 40.73
CA ILE E 171 -21.24 39.27 40.12
C ILE E 171 -21.69 38.09 40.97
N GLY E 172 -21.10 37.94 42.16
CA GLY E 172 -21.58 36.93 43.09
C GLY E 172 -21.10 35.52 42.83
N ALA E 173 -19.88 35.36 42.31
CA ALA E 173 -19.34 34.04 42.05
C ALA E 173 -18.51 33.53 43.22
N ILE E 174 -17.44 34.25 43.56
CA ILE E 174 -16.71 34.00 44.79
C ILE E 174 -17.02 35.11 45.77
N PRO E 175 -17.27 34.82 47.05
CA PRO E 175 -17.17 33.49 47.62
C PRO E 175 -18.41 32.64 47.36
N GLY E 176 -18.22 31.33 47.24
CA GLY E 176 -19.32 30.42 47.01
C GLY E 176 -19.03 29.48 45.87
N GLY E 177 -18.35 30.00 44.85
CA GLY E 177 -17.83 29.18 43.78
C GLY E 177 -16.32 29.34 43.76
N ILE E 178 -15.73 29.47 42.57
CA ILE E 178 -14.31 29.74 42.43
C ILE E 178 -14.12 30.63 41.20
N ALA E 179 -12.86 30.99 40.96
CA ALA E 179 -12.52 31.84 39.83
C ALA E 179 -11.17 31.41 39.30
N VAL E 180 -11.14 31.01 38.05
CA VAL E 180 -9.90 30.61 37.41
C VAL E 180 -9.42 31.73 36.52
N ILE E 181 -8.12 31.86 36.43
CA ILE E 181 -7.47 32.84 35.58
C ILE E 181 -6.98 32.13 34.33
N SER E 182 -7.20 32.73 33.17
CA SER E 182 -6.93 32.04 31.93
C SER E 182 -7.00 33.02 30.79
N SER E 183 -6.11 32.85 29.81
CA SER E 183 -6.11 33.71 28.65
C SER E 183 -7.44 33.63 27.92
N PHE E 184 -7.67 34.63 27.07
CA PHE E 184 -8.78 34.56 26.13
C PHE E 184 -8.67 33.32 25.28
N GLU E 185 -7.45 32.97 24.89
CA GLU E 185 -7.24 31.89 23.93
C GLU E 185 -7.74 30.57 24.49
N GLU E 186 -7.37 30.27 25.73
CA GLU E 186 -7.81 29.03 26.36
C GLU E 186 -9.32 28.93 26.37
N GLU E 187 -10.00 30.01 26.74
CA GLU E 187 -11.45 29.98 26.83
C GLU E 187 -12.06 29.59 25.49
N ALA E 188 -11.64 30.26 24.42
CA ALA E 188 -12.18 29.97 23.11
C ALA E 188 -11.88 28.55 22.70
N LEU E 189 -10.61 28.17 22.81
CA LEU E 189 -10.19 26.81 22.49
C LEU E 189 -11.10 25.80 23.15
N LEU E 190 -11.38 25.99 24.42
CA LEU E 190 -12.19 25.03 25.16
C LEU E 190 -13.63 25.06 24.68
N ASP E 191 -14.26 26.22 24.70
CA ASP E 191 -15.66 26.31 24.31
C ASP E 191 -15.88 25.76 22.91
N LEU E 192 -14.83 25.68 22.09
CA LEU E 192 -14.99 25.16 20.75
C LEU E 192 -14.70 23.67 20.67
N MET E 193 -13.67 23.20 21.36
CA MET E 193 -13.33 21.78 21.32
C MET E 193 -14.56 20.93 21.64
N SER E 194 -15.26 21.28 22.71
CA SER E 194 -16.48 20.56 23.05
C SER E 194 -17.45 20.56 21.88
N GLU E 195 -17.73 21.74 21.35
CA GLU E 195 -18.70 21.88 20.28
C GLU E 195 -18.27 21.20 19.00
N HIS E 196 -17.03 20.71 18.94
CA HIS E 196 -16.52 20.09 17.73
C HIS E 196 -16.15 18.62 17.90
N THR E 197 -16.02 18.13 19.13
CA THR E 197 -15.43 16.82 19.35
C THR E 197 -16.39 15.79 19.91
N TRP E 198 -16.91 15.97 21.12
CA TRP E 198 -17.62 14.86 21.73
C TRP E 198 -19.13 14.95 21.57
N VAL E 199 -19.66 16.16 21.47
CA VAL E 199 -21.07 16.37 21.19
C VAL E 199 -21.44 15.76 19.85
N PRO E 200 -20.81 16.20 18.76
CA PRO E 200 -21.18 15.68 17.45
C PRO E 200 -20.89 14.20 17.30
N ILE E 201 -19.78 13.74 17.88
CA ILE E 201 -19.48 12.32 17.85
C ILE E 201 -20.60 11.53 18.51
N LEU E 202 -21.00 11.97 19.69
CA LEU E 202 -22.10 11.33 20.40
C LEU E 202 -23.33 11.24 19.52
N PHE E 203 -23.73 12.36 18.93
CA PHE E 203 -24.95 12.38 18.15
C PHE E 203 -24.84 11.45 16.95
N GLY E 204 -23.70 11.48 16.27
CA GLY E 204 -23.51 10.61 15.13
C GLY E 204 -23.56 9.14 15.51
N ALA E 205 -22.97 8.81 16.65
CA ALA E 205 -22.99 7.43 17.12
C ALA E 205 -24.40 6.97 17.39
N ILE E 206 -25.20 7.81 18.04
CA ILE E 206 -26.59 7.46 18.30
C ILE E 206 -27.33 7.23 16.99
N LYS E 207 -27.21 8.19 16.09
CA LYS E 207 -27.87 8.08 14.80
C LYS E 207 -27.50 6.79 14.09
N ALA E 208 -26.22 6.43 14.16
CA ALA E 208 -25.75 5.24 13.47
C ALA E 208 -26.30 3.99 14.13
N CYS E 209 -26.33 3.96 15.46
CA CYS E 209 -26.90 2.82 16.15
C CYS E 209 -28.34 2.60 15.71
N TYR E 210 -29.11 3.68 15.67
CA TYR E 210 -30.49 3.58 15.20
C TYR E 210 -30.55 2.99 13.81
N ASP E 211 -29.86 3.63 12.87
CA ASP E 211 -29.93 3.21 11.47
C ASP E 211 -29.58 1.75 11.33
N ILE E 212 -28.49 1.34 11.98
CA ILE E 212 -28.04 -0.05 11.89
C ILE E 212 -29.09 -0.98 12.43
N ALA E 213 -29.46 -0.79 13.71
CA ALA E 213 -30.39 -1.69 14.35
C ALA E 213 -31.64 -1.87 13.51
N VAL E 214 -32.07 -0.81 12.84
CA VAL E 214 -33.31 -0.91 12.08
C VAL E 214 -33.10 -1.62 10.76
N LYS E 215 -32.11 -1.19 10.00
CA LYS E 215 -31.97 -1.64 8.62
C LYS E 215 -31.19 -2.93 8.47
N GLU E 216 -30.67 -3.50 9.55
CA GLU E 216 -29.86 -4.69 9.43
C GLU E 216 -30.19 -5.76 10.47
N TYR E 217 -31.15 -5.65 11.44
CA TYR E 217 -31.52 -6.75 12.36
C TYR E 217 -33.05 -6.77 12.62
N GLY E 218 -33.87 -6.19 11.74
CA GLY E 218 -35.34 -6.16 11.81
C GLY E 218 -35.90 -5.68 13.15
N VAL E 219 -35.53 -4.48 13.61
CA VAL E 219 -36.00 -3.89 14.91
C VAL E 219 -37.02 -2.76 14.65
N SER E 220 -37.88 -2.47 15.65
CA SER E 220 -38.88 -1.43 15.59
C SER E 220 -38.28 -0.10 16.00
N PRO E 221 -38.58 0.98 15.27
CA PRO E 221 -38.04 2.29 15.64
C PRO E 221 -38.30 2.67 17.08
N GLU E 222 -39.48 2.34 17.57
CA GLU E 222 -39.88 2.76 18.92
C GLU E 222 -38.90 2.25 19.96
N ALA E 223 -38.57 0.96 19.90
CA ALA E 223 -37.67 0.37 20.87
C ALA E 223 -36.31 1.02 20.82
N ALA E 224 -35.78 1.24 19.63
CA ALA E 224 -34.47 1.87 19.49
C ALA E 224 -34.47 3.24 20.13
N LEU E 225 -35.48 4.05 19.81
CA LEU E 225 -35.55 5.39 20.37
C LEU E 225 -35.63 5.34 21.89
N LEU E 226 -36.41 4.41 22.42
CA LEU E 226 -36.53 4.30 23.87
C LEU E 226 -35.19 3.98 24.50
N GLU E 227 -34.47 3.02 23.93
CA GLU E 227 -33.21 2.61 24.52
C GLU E 227 -32.20 3.74 24.46
N PHE E 228 -32.04 4.37 23.30
CA PHE E 228 -30.89 5.23 23.11
C PHE E 228 -31.04 6.57 23.81
N TYR E 229 -32.03 7.38 23.41
CA TYR E 229 -32.17 8.70 24.01
C TYR E 229 -33.58 9.10 24.42
N ALA E 230 -34.63 8.48 23.91
CA ALA E 230 -35.97 8.89 24.31
C ALA E 230 -36.19 8.70 25.79
N SER E 231 -35.37 7.91 26.45
CA SER E 231 -35.41 7.76 27.90
C SER E 231 -34.40 8.71 28.54
N GLY E 232 -34.70 9.13 29.75
CA GLY E 232 -33.88 10.10 30.47
C GLY E 232 -32.67 9.47 31.14
N GLU E 233 -32.27 8.29 30.67
CA GLU E 233 -31.10 7.62 31.23
C GLU E 233 -29.89 8.53 31.24
N LEU E 234 -29.57 9.09 30.08
CA LEU E 234 -28.41 9.95 29.94
C LEU E 234 -28.41 11.08 30.97
N ALA E 235 -29.59 11.64 31.24
CA ALA E 235 -29.66 12.75 32.19
C ALA E 235 -29.19 12.32 33.57
N GLU E 236 -29.72 11.20 34.06
CA GLU E 236 -29.32 10.73 35.37
C GLU E 236 -27.83 10.42 35.41
N ILE E 237 -27.31 9.85 34.33
CA ILE E 237 -25.88 9.55 34.28
C ILE E 237 -25.06 10.83 34.40
N ALA E 238 -25.45 11.86 33.65
CA ALA E 238 -24.72 13.12 33.69
C ALA E 238 -24.78 13.74 35.08
N ARG E 239 -25.95 13.69 35.70
CA ARG E 239 -26.07 14.22 37.05
C ARG E 239 -25.12 13.50 38.00
N LEU E 240 -25.16 12.16 37.99
CA LEU E 240 -24.27 11.40 38.86
C LEU E 240 -22.82 11.71 38.58
N ILE E 241 -22.48 11.95 37.32
CA ILE E 241 -21.12 12.35 36.97
C ILE E 241 -20.77 13.64 37.71
N ALA E 242 -21.59 14.66 37.51
CA ALA E 242 -21.31 15.95 38.13
C ALA E 242 -21.23 15.84 39.64
N GLU E 243 -21.93 14.88 40.22
CA GLU E 243 -21.98 14.78 41.68
C GLU E 243 -20.81 13.99 42.23
N GLU E 244 -20.66 12.73 41.80
CA GLU E 244 -19.72 11.79 42.40
C GLU E 244 -18.38 11.76 41.67
N GLY E 245 -18.41 11.78 40.35
CA GLY E 245 -17.22 11.59 39.55
C GLY E 245 -17.60 10.71 38.37
N ILE E 246 -16.85 10.85 37.29
CA ILE E 246 -17.21 10.18 36.05
C ILE E 246 -17.15 8.67 36.21
N PHE E 247 -16.09 8.17 36.82
CA PHE E 247 -15.87 6.73 36.94
C PHE E 247 -16.60 6.15 38.14
N ASN E 248 -16.38 6.73 39.32
CA ASN E 248 -17.10 6.29 40.51
C ASN E 248 -18.59 6.18 40.24
N GLN E 249 -19.07 6.94 39.26
CA GLN E 249 -20.48 6.87 38.88
C GLN E 249 -20.88 5.46 38.51
N MET E 250 -20.02 4.74 37.78
CA MET E 250 -20.40 3.48 37.18
C MET E 250 -20.61 2.38 38.20
N VAL E 251 -20.28 2.61 39.47
CA VAL E 251 -20.51 1.60 40.49
C VAL E 251 -21.98 1.27 40.60
N HIS E 252 -22.85 2.22 40.29
CA HIS E 252 -24.29 1.99 40.34
C HIS E 252 -24.80 1.21 39.14
N HIS E 253 -23.92 0.82 38.24
CA HIS E 253 -24.28 0.02 37.09
C HIS E 253 -24.01 -1.46 37.35
N SER E 254 -24.28 -2.28 36.36
CA SER E 254 -23.99 -3.70 36.44
C SER E 254 -22.56 -3.98 36.01
N THR E 255 -22.03 -5.09 36.50
CA THR E 255 -20.66 -5.47 36.18
C THR E 255 -20.48 -5.62 34.69
N THR E 256 -21.47 -6.19 34.02
CA THR E 256 -21.41 -6.37 32.59
C THR E 256 -21.17 -5.04 31.88
N SER E 257 -21.95 -4.04 32.25
CA SER E 257 -21.81 -2.72 31.66
C SER E 257 -20.43 -2.16 31.92
N GLN E 258 -19.97 -2.24 33.16
CA GLN E 258 -18.64 -1.75 33.52
C GLN E 258 -17.60 -2.38 32.61
N TYR E 259 -17.64 -3.69 32.48
CA TYR E 259 -16.62 -4.42 31.73
C TYR E 259 -16.61 -3.97 30.28
N GLY E 260 -17.76 -4.04 29.63
CA GLY E 260 -17.81 -3.67 28.22
C GLY E 260 -17.36 -2.24 28.02
N THR E 261 -17.88 -1.34 28.83
CA THR E 261 -17.57 0.07 28.70
C THR E 261 -16.07 0.31 28.80
N LEU E 262 -15.44 -0.24 29.84
CA LEU E 262 -14.03 0.01 30.06
C LEU E 262 -13.19 -0.54 28.92
N THR E 263 -13.43 -1.81 28.55
CA THR E 263 -12.66 -2.41 27.48
C THR E 263 -12.75 -1.56 26.22
N ARG E 264 -13.97 -1.23 25.82
CA ARG E 264 -14.13 -0.51 24.56
C ARG E 264 -13.55 0.89 24.65
N MET E 265 -13.64 1.52 25.83
CA MET E 265 -13.05 2.83 26.01
C MET E 265 -11.55 2.78 25.76
N PHE E 266 -10.85 1.89 26.44
CA PHE E 266 -9.43 1.78 26.23
C PHE E 266 -9.09 1.25 24.85
N LYS E 267 -10.07 0.73 24.13
CA LYS E 267 -9.84 0.18 22.81
C LYS E 267 -9.94 1.22 21.70
N TYR E 268 -10.68 2.30 21.93
CA TYR E 268 -10.94 3.30 20.91
C TYR E 268 -10.35 4.66 21.26
N TYR E 269 -9.46 4.71 22.24
CA TYR E 269 -8.95 5.99 22.71
C TYR E 269 -8.06 6.67 21.67
N ASP E 270 -7.37 5.89 20.85
CA ASP E 270 -6.41 6.47 19.92
C ASP E 270 -7.10 7.22 18.80
N VAL E 271 -8.16 6.64 18.26
CA VAL E 271 -8.87 7.22 17.12
C VAL E 271 -9.35 8.62 17.46
N VAL E 272 -10.18 8.71 18.50
CA VAL E 272 -10.73 9.99 18.91
C VAL E 272 -9.62 10.96 19.28
N ARG E 273 -8.51 10.44 19.79
CA ARG E 273 -7.38 11.30 20.09
C ARG E 273 -6.88 11.96 18.82
N ARG E 274 -6.71 11.18 17.77
CA ARG E 274 -6.30 11.74 16.48
C ARG E 274 -7.26 12.82 16.04
N ILE E 275 -8.55 12.51 16.10
CA ILE E 275 -9.57 13.47 15.69
C ILE E 275 -9.42 14.78 16.44
N VAL E 276 -9.34 14.67 17.76
CA VAL E 276 -9.26 15.84 18.62
C VAL E 276 -8.03 16.67 18.28
N GLU E 277 -6.91 15.99 18.06
CA GLU E 277 -5.71 16.70 17.64
C GLU E 277 -5.98 17.52 16.40
N ASN E 278 -6.56 16.88 15.38
CA ASN E 278 -6.83 17.58 14.13
C ASN E 278 -7.64 18.84 14.38
N GLU E 279 -8.73 18.71 15.13
CA GLU E 279 -9.63 19.84 15.29
C GLU E 279 -9.00 20.95 16.11
N ALA E 280 -8.34 20.60 17.21
CA ALA E 280 -7.69 21.61 18.03
C ALA E 280 -6.67 22.37 17.22
N LYS E 281 -5.93 21.67 16.36
CA LYS E 281 -4.98 22.34 15.50
C LYS E 281 -5.69 23.28 14.54
N TYR E 282 -6.76 22.80 13.92
CA TYR E 282 -7.55 23.63 13.04
C TYR E 282 -7.98 24.92 13.72
N ILE E 283 -8.17 24.87 15.04
CA ILE E 283 -8.65 26.03 15.75
C ILE E 283 -7.51 26.97 16.12
N TRP E 284 -6.48 26.43 16.76
CA TRP E 284 -5.36 27.23 17.23
C TRP E 284 -4.85 28.18 16.15
N ASP E 285 -5.03 27.83 14.88
CA ASP E 285 -4.51 28.61 13.79
C ASP E 285 -5.43 29.74 13.35
N GLY E 286 -6.72 29.62 13.59
CA GLY E 286 -7.67 30.62 13.18
C GLY E 286 -8.48 30.26 11.96
N SER E 287 -8.37 29.04 11.48
CA SER E 287 -9.06 28.66 10.24
C SER E 287 -10.57 28.62 10.43
N PHE E 288 -11.02 28.07 11.54
CA PHE E 288 -12.46 27.94 11.76
C PHE E 288 -13.14 29.30 11.80
N ALA E 289 -12.49 30.27 12.43
CA ALA E 289 -13.05 31.62 12.46
C ALA E 289 -13.27 32.13 11.05
N LYS E 290 -12.28 31.92 10.18
CA LYS E 290 -12.41 32.31 8.79
C LYS E 290 -13.60 31.62 8.14
N GLU E 291 -13.64 30.31 8.26
CA GLU E 291 -14.73 29.53 7.69
C GLU E 291 -16.08 30.10 8.10
N TRP E 292 -16.26 30.33 9.40
CA TRP E 292 -17.54 30.76 9.91
C TRP E 292 -17.89 32.16 9.46
N SER E 293 -16.90 33.06 9.47
CA SER E 293 -17.16 34.42 9.04
C SER E 293 -17.59 34.46 7.59
N LEU E 294 -16.92 33.68 6.74
CA LEU E 294 -17.32 33.63 5.34
C LEU E 294 -18.71 33.06 5.19
N GLU E 295 -19.00 31.97 5.90
CA GLU E 295 -20.33 31.37 5.82
C GLU E 295 -21.40 32.39 6.19
N GLN E 296 -21.10 33.30 7.11
CA GLN E 296 -22.00 34.41 7.34
C GLN E 296 -22.11 35.28 6.10
N GLN E 297 -20.97 35.60 5.51
CA GLN E 297 -20.94 36.56 4.40
C GLN E 297 -21.58 36.01 3.14
N ALA E 298 -21.91 34.73 3.09
CA ALA E 298 -22.46 34.13 1.90
C ALA E 298 -23.97 33.93 1.96
N GLY E 299 -24.53 33.77 3.15
CA GLY E 299 -25.97 33.66 3.29
C GLY E 299 -26.42 32.43 4.04
N TYR E 300 -25.51 31.82 4.78
CA TYR E 300 -25.83 30.68 5.61
C TYR E 300 -26.43 29.53 4.82
N PRO E 301 -25.89 29.21 3.66
CA PRO E 301 -26.47 28.11 2.86
C PRO E 301 -26.31 26.74 3.50
N VAL E 302 -25.07 26.42 3.86
CA VAL E 302 -24.77 25.11 4.42
C VAL E 302 -25.56 24.88 5.69
N PHE E 303 -25.50 25.85 6.60
CA PHE E 303 -26.35 25.86 7.78
C PHE E 303 -27.76 25.42 7.43
N TYR E 304 -28.33 26.06 6.42
CA TYR E 304 -29.71 25.79 6.02
C TYR E 304 -29.88 24.35 5.60
N ARG E 305 -29.06 23.91 4.66
CA ARG E 305 -29.24 22.57 4.10
C ARG E 305 -29.09 21.51 5.18
N LEU E 306 -28.17 21.71 6.10
CA LEU E 306 -27.97 20.71 7.14
C LEU E 306 -29.12 20.70 8.13
N TRP E 307 -29.56 21.89 8.55
CA TRP E 307 -30.74 21.94 9.39
C TRP E 307 -31.91 21.23 8.73
N GLU E 308 -31.96 21.26 7.40
CA GLU E 308 -33.01 20.54 6.69
C GLU E 308 -32.79 19.04 6.78
N LEU E 309 -31.64 18.58 6.30
CA LEU E 309 -31.36 17.15 6.24
C LEU E 309 -31.59 16.48 7.60
N ALA E 310 -31.09 17.10 8.66
CA ALA E 310 -31.22 16.50 9.97
C ALA E 310 -32.68 16.22 10.31
N THR E 311 -33.54 17.21 10.10
CA THR E 311 -34.93 17.07 10.49
C THR E 311 -35.69 16.14 9.57
N GLN E 312 -35.30 16.08 8.30
CA GLN E 312 -35.97 15.21 7.34
C GLN E 312 -35.43 13.80 7.38
N SER E 313 -34.64 13.46 8.38
CA SER E 313 -34.17 12.10 8.52
C SER E 313 -35.24 11.23 9.14
N GLU E 314 -35.05 9.92 9.02
CA GLU E 314 -36.02 8.97 9.53
C GLU E 314 -36.15 9.07 11.03
N MET E 315 -35.01 9.08 11.72
CA MET E 315 -35.00 9.13 13.18
C MET E 315 -35.87 10.27 13.69
N ALA E 316 -35.78 11.43 13.05
CA ALA E 316 -36.50 12.59 13.53
C ALA E 316 -38.00 12.41 13.37
N LYS E 317 -38.42 11.88 12.22
CA LYS E 317 -39.85 11.65 12.00
C LYS E 317 -40.41 10.68 13.01
N ALA E 318 -39.68 9.59 13.26
CA ALA E 318 -40.12 8.63 14.25
C ALA E 318 -40.20 9.27 15.63
N GLU E 319 -39.18 10.03 16.00
CA GLU E 319 -39.21 10.77 17.25
C GLU E 319 -40.45 11.64 17.33
N LYS E 320 -40.83 12.22 16.19
CA LYS E 320 -42.01 13.06 16.16
C LYS E 320 -43.25 12.26 16.52
N GLU E 321 -43.50 11.19 15.76
CA GLU E 321 -44.66 10.35 16.04
C GLU E 321 -44.69 9.95 17.51
N LEU E 322 -43.53 9.60 18.05
CA LEU E 322 -43.48 9.06 19.40
C LEU E 322 -43.76 10.13 20.43
N TYR E 323 -42.90 11.15 20.49
CA TYR E 323 -43.11 12.25 21.42
C TYR E 323 -44.56 12.72 21.40
N LYS E 324 -45.19 12.67 20.23
CA LYS E 324 -46.61 12.95 20.15
C LYS E 324 -47.40 11.96 20.98
N LEU E 325 -47.04 10.69 20.89
CA LEU E 325 -47.77 9.67 21.64
C LEU E 325 -47.66 9.88 23.13
N LEU E 326 -46.47 10.19 23.62
CA LEU E 326 -46.24 10.37 25.04
C LEU E 326 -46.71 11.72 25.56
N GLY E 327 -47.33 12.53 24.71
CA GLY E 327 -47.76 13.85 25.13
C GLY E 327 -46.66 14.88 25.17
N ARG E 328 -45.39 14.47 25.12
CA ARG E 328 -44.30 15.42 25.08
C ARG E 328 -44.46 16.35 23.90
N LYS E 329 -44.36 17.65 24.17
CA LYS E 329 -44.55 18.64 23.12
C LYS E 329 -43.52 18.47 22.01
N ASP F 2 -50.06 0.49 15.14
CA ASP F 2 -48.75 -0.15 15.06
C ASP F 2 -48.53 -1.17 16.16
N LYS F 3 -47.32 -1.72 16.22
CA LYS F 3 -46.99 -2.73 17.23
C LYS F 3 -47.22 -2.28 18.66
N THR F 4 -47.32 -0.98 18.91
CA THR F 4 -47.48 -0.50 20.27
C THR F 4 -48.78 -1.03 20.87
N VAL F 5 -48.85 -0.96 22.19
CA VAL F 5 -50.06 -1.31 22.93
C VAL F 5 -50.21 -0.30 24.06
N LEU F 6 -51.38 0.33 24.14
CA LEU F 6 -51.63 1.40 25.09
C LEU F 6 -52.42 0.93 26.31
N ASP F 7 -53.11 -0.19 26.22
CA ASP F 7 -53.81 -0.77 27.36
C ASP F 7 -54.34 -2.13 26.94
N ALA F 8 -54.61 -2.97 27.93
CA ALA F 8 -55.06 -4.32 27.69
C ALA F 8 -55.78 -4.83 28.93
N ASN F 9 -56.00 -6.15 28.98
CA ASN F 9 -56.80 -6.77 30.02
C ASN F 9 -55.94 -7.11 31.24
N LEU F 10 -56.60 -7.66 32.25
CA LEU F 10 -55.95 -8.13 33.48
C LEU F 10 -56.57 -9.44 33.93
N ASP F 11 -57.06 -10.25 33.00
CA ASP F 11 -57.88 -11.41 33.33
C ASP F 11 -57.08 -12.62 33.78
N PRO F 12 -56.03 -13.05 33.07
CA PRO F 12 -55.46 -14.36 33.36
C PRO F 12 -54.74 -14.42 34.69
N LEU F 13 -54.33 -13.28 35.25
CA LEU F 13 -53.54 -13.25 36.46
C LEU F 13 -54.38 -13.19 37.72
N LYS F 14 -55.68 -12.93 37.60
CA LYS F 14 -56.56 -12.87 38.75
C LYS F 14 -57.15 -14.25 39.00
N GLY F 15 -56.90 -14.80 40.18
CA GLY F 15 -57.24 -16.17 40.49
C GLY F 15 -56.03 -17.07 40.61
N LYS F 16 -54.86 -16.62 40.18
CA LYS F 16 -53.62 -17.37 40.27
C LYS F 16 -52.70 -16.71 41.29
N THR F 17 -51.68 -17.47 41.70
CA THR F 17 -50.60 -16.95 42.52
C THR F 17 -49.43 -16.60 41.61
N ILE F 18 -48.61 -15.68 42.08
CA ILE F 18 -47.46 -15.20 41.33
C ILE F 18 -46.20 -15.36 42.16
N GLY F 19 -45.10 -15.64 41.47
CA GLY F 19 -43.83 -15.84 42.12
C GLY F 19 -42.85 -14.73 41.83
N VAL F 20 -42.55 -13.93 42.85
CA VAL F 20 -41.62 -12.81 42.72
C VAL F 20 -40.30 -13.22 43.35
N ILE F 21 -39.27 -13.31 42.52
CA ILE F 21 -37.93 -13.68 42.98
C ILE F 21 -37.12 -12.40 43.11
N GLY F 22 -36.99 -11.92 44.34
CA GLY F 22 -36.11 -10.83 44.62
C GLY F 22 -36.86 -9.59 45.08
N TYR F 23 -36.15 -8.76 45.82
CA TYR F 23 -36.70 -7.56 46.45
C TYR F 23 -35.70 -6.42 46.33
N GLY F 24 -35.11 -6.26 45.15
CA GLY F 24 -34.06 -5.28 44.97
C GLY F 24 -34.62 -3.94 44.57
N ASN F 25 -34.24 -3.48 43.38
CA ASN F 25 -34.83 -2.26 42.84
C ASN F 25 -36.17 -2.57 42.18
N GLN F 26 -36.14 -3.34 41.10
CA GLN F 26 -37.38 -3.70 40.41
C GLN F 26 -38.27 -4.50 41.33
N GLY F 27 -37.78 -5.64 41.80
CA GLY F 27 -38.56 -6.55 42.61
C GLY F 27 -39.47 -5.82 43.58
N ARG F 28 -38.89 -4.97 44.42
CA ARG F 28 -39.70 -4.23 45.38
C ARG F 28 -40.72 -3.37 44.66
N VAL F 29 -40.28 -2.59 43.67
CA VAL F 29 -41.18 -1.64 43.02
C VAL F 29 -42.34 -2.39 42.38
N GLN F 30 -42.02 -3.29 41.45
CA GLN F 30 -43.05 -3.99 40.70
C GLN F 30 -43.95 -4.80 41.64
N ALA F 31 -43.38 -5.40 42.68
CA ALA F 31 -44.13 -6.22 43.61
C ALA F 31 -45.12 -5.38 44.40
N THR F 32 -44.65 -4.27 44.96
CA THR F 32 -45.55 -3.37 45.67
C THR F 32 -46.65 -2.87 44.74
N ILE F 33 -46.26 -2.49 43.51
CA ILE F 33 -47.24 -2.06 42.51
C ILE F 33 -48.31 -3.12 42.34
N MET F 34 -47.90 -4.37 42.13
CA MET F 34 -48.86 -5.42 41.81
C MET F 34 -49.76 -5.73 42.98
N ARG F 35 -49.17 -5.94 44.17
CA ARG F 35 -49.98 -6.09 45.37
C ARG F 35 -51.02 -4.98 45.44
N GLU F 36 -50.63 -3.76 45.12
CA GLU F 36 -51.55 -2.64 45.09
C GLU F 36 -52.49 -2.67 43.89
N ASN F 37 -52.26 -3.56 42.92
CA ASN F 37 -53.12 -3.70 41.77
C ASN F 37 -54.16 -4.81 41.92
N GLY F 38 -54.26 -5.39 43.12
CA GLY F 38 -55.27 -6.41 43.36
C GLY F 38 -54.89 -7.79 42.86
N LEU F 39 -53.83 -8.36 43.41
CA LEU F 39 -53.45 -9.73 43.08
C LEU F 39 -52.86 -10.39 44.31
N ASN F 40 -52.82 -11.73 44.28
CA ASN F 40 -52.20 -12.52 45.33
C ASN F 40 -50.79 -12.88 44.89
N VAL F 41 -49.81 -12.49 45.68
CA VAL F 41 -48.40 -12.54 45.29
C VAL F 41 -47.60 -13.10 46.45
N ILE F 42 -46.37 -13.51 46.13
CA ILE F 42 -45.41 -13.98 47.12
C ILE F 42 -44.01 -13.58 46.69
N VAL F 43 -43.05 -13.78 47.58
CA VAL F 43 -41.69 -13.33 47.39
C VAL F 43 -40.74 -14.49 47.67
N GLY F 44 -39.67 -14.56 46.89
CA GLY F 44 -38.55 -15.44 47.20
C GLY F 44 -37.26 -14.66 47.19
N ASN F 45 -36.42 -14.89 48.18
CA ASN F 45 -35.29 -14.01 48.41
C ASN F 45 -34.21 -14.73 49.19
N VAL F 46 -32.97 -14.32 48.96
CA VAL F 46 -31.86 -14.73 49.82
C VAL F 46 -32.01 -14.04 51.16
N LYS F 47 -31.96 -14.81 52.23
CA LYS F 47 -32.31 -14.31 53.56
C LYS F 47 -31.16 -13.44 54.08
N ASP F 48 -31.27 -12.15 53.80
CA ASP F 48 -30.28 -11.15 54.17
C ASP F 48 -31.00 -9.83 54.38
N LYS F 49 -30.25 -8.74 54.37
CA LYS F 49 -30.81 -7.41 54.59
C LYS F 49 -32.03 -7.16 53.71
N TYR F 50 -31.95 -7.51 52.42
CA TYR F 50 -33.11 -7.34 51.55
C TYR F 50 -34.29 -8.16 52.04
N TYR F 51 -34.02 -9.35 52.57
CA TYR F 51 -35.11 -10.15 53.14
C TYR F 51 -35.71 -9.44 54.34
N GLU F 52 -34.87 -8.86 55.19
CA GLU F 52 -35.37 -8.04 56.29
C GLU F 52 -36.32 -6.97 55.77
N LEU F 53 -35.88 -6.22 54.77
CA LEU F 53 -36.70 -5.14 54.22
C LEU F 53 -37.97 -5.67 53.58
N ALA F 54 -37.91 -6.85 52.97
CA ALA F 54 -39.07 -7.38 52.28
C ALA F 54 -40.14 -7.84 53.25
N LYS F 55 -39.76 -8.66 54.23
CA LYS F 55 -40.70 -9.02 55.28
C LYS F 55 -41.13 -7.81 56.07
N LYS F 56 -40.27 -6.79 56.14
CA LYS F 56 -40.62 -5.51 56.73
C LYS F 56 -41.86 -4.94 56.05
N GLU F 57 -41.81 -4.79 54.73
CA GLU F 57 -42.92 -4.20 54.00
C GLU F 57 -44.12 -5.10 53.90
N GLY F 58 -44.14 -6.25 54.56
CA GLY F 58 -45.34 -7.07 54.64
C GLY F 58 -45.55 -8.03 53.51
N PHE F 59 -44.49 -8.64 53.00
CA PHE F 59 -44.57 -9.69 51.99
C PHE F 59 -44.06 -10.98 52.60
N GLU F 60 -44.95 -11.95 52.78
CA GLU F 60 -44.53 -13.30 53.14
C GLU F 60 -43.51 -13.82 52.14
N VAL F 61 -42.36 -14.26 52.64
CA VAL F 61 -41.24 -14.64 51.80
C VAL F 61 -40.75 -16.00 52.25
N TYR F 62 -41.06 -17.03 51.48
CA TYR F 62 -40.52 -18.37 51.69
C TYR F 62 -39.16 -18.49 51.02
N GLU F 63 -38.64 -19.70 50.95
CA GLU F 63 -37.47 -19.94 50.13
C GLU F 63 -37.86 -19.89 48.66
N ILE F 64 -36.84 -19.72 47.82
CA ILE F 64 -37.04 -19.57 46.38
C ILE F 64 -37.96 -20.68 45.86
N ASP F 65 -37.48 -21.93 46.01
CA ASP F 65 -38.24 -23.06 45.47
C ASP F 65 -39.62 -23.15 46.09
N GLU F 66 -39.77 -22.75 47.35
CA GLU F 66 -41.07 -22.82 47.98
C GLU F 66 -42.02 -21.80 47.38
N ALA F 67 -41.49 -20.69 46.88
CA ALA F 67 -42.33 -19.73 46.17
C ALA F 67 -42.65 -20.18 44.76
N VAL F 68 -41.84 -21.09 44.20
CA VAL F 68 -42.14 -21.59 42.87
C VAL F 68 -43.14 -22.74 42.94
N ARG F 69 -43.11 -23.53 44.01
CA ARG F 69 -44.07 -24.61 44.15
C ARG F 69 -45.48 -24.06 44.31
N ARG F 70 -45.62 -22.95 45.03
CA ARG F 70 -46.94 -22.38 45.28
C ARG F 70 -47.46 -21.62 44.07
N SER F 71 -46.57 -21.00 43.30
CA SER F 71 -46.97 -20.14 42.19
C SER F 71 -47.04 -20.93 40.90
N ASP F 72 -47.95 -20.50 40.02
CA ASP F 72 -47.98 -20.97 38.64
C ASP F 72 -47.27 -20.01 37.69
N VAL F 73 -46.84 -18.85 38.19
CA VAL F 73 -46.00 -17.93 37.45
C VAL F 73 -44.82 -17.56 38.31
N ALA F 74 -43.74 -17.12 37.66
CA ALA F 74 -42.53 -16.76 38.36
C ALA F 74 -41.83 -15.65 37.59
N LEU F 75 -41.31 -14.67 38.34
CA LEU F 75 -40.54 -13.58 37.78
C LEU F 75 -39.16 -13.58 38.42
N LEU F 76 -38.13 -13.71 37.59
CA LEU F 76 -36.76 -13.87 38.08
C LEU F 76 -36.08 -12.50 38.01
N LEU F 77 -36.24 -11.74 39.08
CA LEU F 77 -35.81 -10.33 39.12
C LEU F 77 -34.46 -10.21 39.81
N ILE F 78 -33.47 -10.89 39.24
CA ILE F 78 -32.17 -11.03 39.87
C ILE F 78 -31.08 -10.87 38.82
N PRO F 79 -29.79 -10.92 39.19
CA PRO F 79 -28.73 -10.55 38.25
C PRO F 79 -28.60 -11.42 37.01
N ASP F 80 -27.61 -11.09 36.20
CA ASP F 80 -27.38 -11.70 34.89
C ASP F 80 -26.14 -12.58 34.85
N GLU F 81 -25.30 -12.51 35.86
CA GLU F 81 -23.97 -13.09 35.81
C GLU F 81 -23.89 -14.45 36.48
N VAL F 82 -24.84 -14.76 37.34
CA VAL F 82 -24.77 -15.95 38.18
C VAL F 82 -26.10 -16.69 38.14
N MET F 83 -27.14 -16.02 37.64
CA MET F 83 -28.46 -16.61 37.58
C MET F 83 -28.42 -18.03 37.04
N LYS F 84 -27.45 -18.32 36.18
CA LYS F 84 -27.36 -19.65 35.58
C LYS F 84 -27.30 -20.75 36.63
N GLU F 85 -26.27 -20.72 37.47
CA GLU F 85 -26.09 -21.75 38.48
C GLU F 85 -27.32 -21.86 39.37
N VAL F 86 -27.80 -20.71 39.82
CA VAL F 86 -28.96 -20.68 40.71
C VAL F 86 -30.13 -21.41 40.08
N TYR F 87 -30.36 -21.16 38.79
CA TYR F 87 -31.45 -21.85 38.11
C TYR F 87 -31.16 -23.34 38.00
N GLU F 88 -29.90 -23.69 37.77
CA GLU F 88 -29.55 -25.09 37.58
C GLU F 88 -29.82 -25.91 38.82
N LYS F 89 -29.48 -25.35 39.99
CA LYS F 89 -29.53 -26.10 41.23
C LYS F 89 -30.91 -26.06 41.88
N LYS F 90 -31.44 -24.86 42.09
CA LYS F 90 -32.51 -24.64 43.03
C LYS F 90 -33.85 -24.37 42.38
N ILE F 91 -33.90 -24.21 41.06
CA ILE F 91 -35.12 -23.86 40.36
C ILE F 91 -35.49 -24.90 39.32
N ALA F 92 -34.52 -25.39 38.56
CA ALA F 92 -34.81 -26.41 37.56
C ALA F 92 -35.50 -27.63 38.16
N PRO F 93 -35.06 -28.17 39.30
CA PRO F 93 -35.73 -29.35 39.85
C PRO F 93 -37.20 -29.10 40.10
N VAL F 94 -37.46 -28.05 40.88
CA VAL F 94 -38.82 -27.68 41.23
C VAL F 94 -39.65 -27.53 39.96
N LEU F 95 -39.15 -26.71 39.04
CA LEU F 95 -39.86 -26.47 37.79
C LEU F 95 -40.19 -27.78 37.09
N GLN F 96 -39.24 -28.72 37.07
CA GLN F 96 -39.54 -30.04 36.56
C GLN F 96 -40.69 -30.68 37.32
N GLY F 97 -40.94 -30.22 38.55
CA GLY F 97 -42.09 -30.67 39.31
C GLY F 97 -43.34 -29.89 38.99
N LYS F 98 -43.52 -29.49 37.73
CA LYS F 98 -44.69 -28.72 37.32
C LYS F 98 -45.02 -29.10 35.88
N LYS F 99 -46.22 -28.70 35.46
CA LYS F 99 -46.69 -28.97 34.10
C LYS F 99 -46.99 -27.70 33.32
N GLU F 100 -47.82 -26.82 33.87
CA GLU F 100 -48.15 -25.56 33.24
C GLU F 100 -47.54 -24.45 34.08
N PHE F 101 -46.57 -23.73 33.52
CA PHE F 101 -45.88 -22.68 34.24
C PHE F 101 -45.58 -21.56 33.26
N VAL F 102 -45.17 -20.42 33.80
CA VAL F 102 -44.88 -19.24 33.01
C VAL F 102 -43.75 -18.49 33.70
N LEU F 103 -42.72 -18.14 32.93
CA LEU F 103 -41.55 -17.48 33.47
C LEU F 103 -41.24 -16.24 32.65
N ASP F 104 -40.91 -15.15 33.35
CA ASP F 104 -40.68 -13.86 32.75
C ASP F 104 -39.45 -13.23 33.38
N PHE F 105 -38.68 -12.50 32.59
CA PHE F 105 -37.42 -11.93 33.04
C PHE F 105 -37.39 -10.43 32.77
N ALA F 106 -36.36 -9.79 33.30
CA ALA F 106 -36.06 -8.39 33.01
C ALA F 106 -35.15 -8.25 31.80
N SER F 107 -34.17 -9.13 31.68
CA SER F 107 -33.20 -9.08 30.60
C SER F 107 -33.17 -10.42 29.88
N GLY F 108 -32.81 -10.38 28.61
CA GLY F 108 -32.80 -11.55 27.76
C GLY F 108 -31.42 -12.13 27.52
N TYR F 109 -30.40 -11.61 28.21
CA TYR F 109 -29.05 -12.09 28.02
C TYR F 109 -28.96 -13.60 28.14
N ASN F 110 -29.34 -14.12 29.31
CA ASN F 110 -29.11 -15.53 29.59
C ASN F 110 -29.96 -16.44 28.72
N VAL F 111 -31.08 -15.95 28.20
CA VAL F 111 -31.96 -16.77 27.38
C VAL F 111 -31.61 -16.66 25.91
N ALA F 112 -31.46 -15.42 25.44
CA ALA F 112 -31.16 -15.21 24.03
C ALA F 112 -29.96 -15.99 23.57
N PHE F 113 -29.01 -16.22 24.47
CA PHE F 113 -27.77 -16.91 24.14
C PHE F 113 -27.76 -18.36 24.58
N GLY F 114 -28.87 -18.84 25.14
CA GLY F 114 -29.03 -20.25 25.40
C GLY F 114 -28.43 -20.74 26.70
N LEU F 115 -28.03 -19.83 27.58
CA LEU F 115 -27.50 -20.24 28.87
C LEU F 115 -28.58 -20.78 29.79
N ILE F 116 -29.85 -20.63 29.40
CA ILE F 116 -30.96 -21.14 30.18
C ILE F 116 -32.04 -21.61 29.21
N ARG F 117 -32.38 -22.89 29.28
CA ARG F 117 -33.30 -23.51 28.36
C ARG F 117 -34.34 -24.28 29.17
N PRO F 118 -35.37 -23.61 29.62
CA PRO F 118 -36.43 -24.27 30.35
C PRO F 118 -37.15 -25.26 29.46
N PRO F 119 -38.02 -26.09 30.03
CA PRO F 119 -38.70 -27.11 29.25
C PRO F 119 -39.78 -26.51 28.36
N LYS F 120 -40.28 -27.35 27.45
CA LYS F 120 -41.39 -26.97 26.60
C LYS F 120 -42.71 -26.96 27.34
N SER F 121 -42.71 -27.16 28.65
CA SER F 121 -43.91 -27.11 29.46
C SER F 121 -44.08 -25.77 30.14
N VAL F 122 -43.42 -24.73 29.64
CA VAL F 122 -43.46 -23.41 30.26
C VAL F 122 -43.46 -22.34 29.18
N ASP F 123 -44.49 -21.50 29.18
CA ASP F 123 -44.51 -20.35 28.29
C ASP F 123 -43.48 -19.33 28.77
N THR F 124 -42.63 -18.88 27.86
CA THR F 124 -41.46 -18.07 28.21
C THR F 124 -41.58 -16.70 27.57
N ILE F 125 -41.35 -15.66 28.36
CA ILE F 125 -41.68 -14.28 27.98
C ILE F 125 -40.70 -13.32 28.62
N MET F 126 -40.82 -12.05 28.22
CA MET F 126 -40.01 -10.98 28.77
C MET F 126 -40.88 -9.77 29.03
N VAL F 127 -40.50 -8.99 30.06
CA VAL F 127 -41.02 -7.65 30.26
C VAL F 127 -39.92 -6.79 30.84
N ALA F 128 -39.45 -5.80 30.07
CA ALA F 128 -38.27 -5.04 30.41
C ALA F 128 -38.53 -3.54 30.29
N PRO F 129 -38.33 -2.76 31.35
CA PRO F 129 -38.28 -1.31 31.21
C PRO F 129 -36.86 -0.80 30.99
N ARG F 130 -36.72 0.51 30.84
CA ARG F 130 -35.45 1.11 30.45
C ARG F 130 -34.90 2.10 31.46
N MET F 131 -35.56 2.29 32.59
CA MET F 131 -35.10 3.23 33.61
C MET F 131 -33.94 2.60 34.37
N VAL F 132 -33.50 3.26 35.44
CA VAL F 132 -32.69 2.59 36.45
C VAL F 132 -33.57 2.07 37.58
N GLY F 133 -34.81 2.55 37.70
CA GLY F 133 -35.78 1.96 38.60
C GLY F 133 -36.47 2.94 39.53
N GLU F 134 -35.73 3.92 40.03
CA GLU F 134 -36.31 4.87 40.97
C GLU F 134 -37.25 5.83 40.26
N GLY F 135 -36.97 6.14 39.01
CA GLY F 135 -37.85 6.97 38.21
C GLY F 135 -39.26 6.41 38.14
N ILE F 136 -39.42 5.11 38.37
CA ILE F 136 -40.72 4.49 38.17
C ILE F 136 -41.66 4.80 39.33
N MET F 137 -41.14 4.88 40.56
CA MET F 137 -41.95 5.45 41.63
C MET F 137 -42.07 6.95 41.48
N ASP F 138 -40.99 7.60 41.04
CA ASP F 138 -41.04 9.00 40.66
C ASP F 138 -42.06 9.29 39.57
N LEU F 139 -42.65 8.25 38.98
CA LEU F 139 -43.77 8.39 38.06
C LEU F 139 -45.07 7.83 38.60
N HIS F 140 -45.00 6.79 39.43
CA HIS F 140 -46.22 6.16 39.91
C HIS F 140 -46.95 7.04 40.90
N LYS F 141 -46.20 7.70 41.80
CA LYS F 141 -46.84 8.66 42.69
C LYS F 141 -47.49 9.80 41.91
N GLN F 142 -47.12 9.96 40.64
CA GLN F 142 -47.79 10.90 39.75
C GLN F 142 -48.95 10.26 38.99
N GLY F 143 -49.24 8.98 39.26
CA GLY F 143 -50.31 8.29 38.56
C GLY F 143 -50.06 8.06 37.10
N LYS F 144 -48.82 8.22 36.63
CA LYS F 144 -48.50 8.05 35.23
C LYS F 144 -48.30 6.58 34.90
N GLY F 145 -47.79 6.32 33.69
CA GLY F 145 -47.34 5.01 33.33
C GLY F 145 -46.07 5.12 32.50
N TYR F 146 -45.34 4.02 32.43
CA TYR F 146 -44.02 4.05 31.82
C TYR F 146 -43.94 3.09 30.64
N PRO F 147 -42.91 3.19 29.81
CA PRO F 147 -42.79 2.31 28.65
C PRO F 147 -41.92 1.10 28.94
N VAL F 148 -42.20 0.01 28.25
CA VAL F 148 -41.48 -1.25 28.47
C VAL F 148 -41.42 -2.04 27.18
N LEU F 149 -40.62 -3.10 27.20
CA LEU F 149 -40.49 -4.03 26.10
C LEU F 149 -41.00 -5.39 26.53
N LEU F 150 -41.66 -6.09 25.61
CA LEU F 150 -42.26 -7.39 25.88
C LEU F 150 -41.77 -8.38 24.85
N GLY F 151 -41.58 -9.62 25.27
CA GLY F 151 -41.18 -10.67 24.36
C GLY F 151 -41.73 -12.01 24.78
N VAL F 152 -41.74 -12.92 23.82
CA VAL F 152 -42.20 -14.29 24.04
C VAL F 152 -41.17 -15.21 23.41
N LYS F 153 -40.65 -16.14 24.20
CA LYS F 153 -39.67 -17.11 23.74
C LYS F 153 -40.31 -18.47 23.45
N GLN F 154 -41.28 -18.86 24.26
CA GLN F 154 -41.92 -20.16 24.11
C GLN F 154 -43.37 -20.04 24.52
N ASP F 155 -44.25 -20.63 23.72
CA ASP F 155 -45.69 -20.62 23.98
C ASP F 155 -46.19 -22.05 23.92
N ALA F 156 -46.57 -22.59 25.07
CA ALA F 156 -47.21 -23.90 25.16
C ALA F 156 -48.66 -23.79 25.61
N SER F 157 -49.23 -22.59 25.56
CA SER F 157 -50.59 -22.35 26.01
C SER F 157 -51.43 -21.59 24.99
N GLY F 158 -50.84 -21.14 23.88
CA GLY F 158 -51.56 -20.24 22.99
C GLY F 158 -51.99 -18.95 23.65
N LYS F 159 -51.43 -18.65 24.83
CA LYS F 159 -51.82 -17.50 25.61
C LYS F 159 -50.63 -16.67 26.08
N ALA F 160 -49.43 -16.96 25.59
CA ALA F 160 -48.25 -16.24 26.06
C ALA F 160 -48.44 -14.74 25.95
N TRP F 161 -49.06 -14.27 24.88
CA TRP F 161 -49.14 -12.83 24.64
C TRP F 161 -50.14 -12.16 25.57
N ASP F 162 -51.31 -12.77 25.77
CA ASP F 162 -52.26 -12.14 26.67
C ASP F 162 -51.77 -12.20 28.11
N TYR F 163 -51.05 -13.27 28.47
CA TYR F 163 -50.33 -13.26 29.74
C TYR F 163 -49.33 -12.11 29.77
N ALA F 164 -48.69 -11.84 28.64
CA ALA F 164 -47.72 -10.76 28.57
C ALA F 164 -48.37 -9.44 28.94
N LYS F 165 -49.44 -9.09 28.23
CA LYS F 165 -50.12 -7.82 28.49
C LYS F 165 -50.77 -7.80 29.86
N ALA F 166 -51.25 -8.96 30.32
CA ALA F 166 -51.77 -9.06 31.67
C ALA F 166 -50.73 -8.63 32.68
N ILE F 167 -49.55 -9.24 32.61
CA ILE F 167 -48.44 -8.84 33.46
C ILE F 167 -48.18 -7.35 33.31
N ALA F 168 -48.06 -6.90 32.06
CA ALA F 168 -47.80 -5.49 31.77
C ALA F 168 -48.66 -4.59 32.62
N LYS F 169 -49.98 -4.75 32.47
CA LYS F 169 -50.89 -3.95 33.30
C LYS F 169 -50.79 -4.33 34.77
N GLY F 170 -50.20 -5.48 35.08
CA GLY F 170 -50.02 -5.88 36.46
C GLY F 170 -48.93 -5.12 37.18
N ILE F 171 -48.19 -4.27 36.47
CA ILE F 171 -47.09 -3.52 37.04
C ILE F 171 -47.27 -2.02 36.89
N GLY F 172 -48.38 -1.57 36.30
CA GLY F 172 -48.70 -0.16 36.28
C GLY F 172 -47.99 0.63 35.19
N ALA F 173 -47.73 0.02 34.03
CA ALA F 173 -47.08 0.72 32.94
C ALA F 173 -48.08 1.33 31.97
N ILE F 174 -48.91 0.49 31.36
CA ILE F 174 -50.05 0.97 30.59
C ILE F 174 -51.30 0.66 31.40
N PRO F 175 -52.27 1.57 31.47
CA PRO F 175 -52.26 2.86 30.78
C PRO F 175 -51.41 3.91 31.49
N GLY F 176 -50.80 4.80 30.72
CA GLY F 176 -49.99 5.86 31.28
C GLY F 176 -48.65 5.96 30.58
N GLY F 177 -48.10 4.80 30.22
CA GLY F 177 -46.95 4.72 29.37
C GLY F 177 -47.31 3.98 28.10
N ILE F 178 -46.44 3.10 27.63
CA ILE F 178 -46.74 2.24 26.51
C ILE F 178 -46.06 0.89 26.73
N ALA F 179 -46.25 -0.01 25.77
CA ALA F 179 -45.69 -1.35 25.87
C ALA F 179 -45.33 -1.80 24.47
N VAL F 180 -44.06 -2.07 24.25
CA VAL F 180 -43.59 -2.56 22.96
C VAL F 180 -43.36 -4.05 23.05
N ILE F 181 -43.63 -4.73 21.95
CA ILE F 181 -43.42 -6.16 21.83
C ILE F 181 -42.13 -6.37 21.06
N SER F 182 -41.30 -7.29 21.53
CA SER F 182 -39.97 -7.44 20.97
C SER F 182 -39.34 -8.72 21.48
N SER F 183 -38.61 -9.40 20.61
CA SER F 183 -37.93 -10.61 20.99
C SER F 183 -36.97 -10.35 22.13
N PHE F 184 -36.57 -11.43 22.80
CA PHE F 184 -35.47 -11.36 23.75
C PHE F 184 -34.22 -10.81 23.08
N GLU F 185 -34.00 -11.22 21.83
CA GLU F 185 -32.76 -10.90 21.14
C GLU F 185 -32.60 -9.41 20.98
N GLU F 186 -33.66 -8.74 20.53
CA GLU F 186 -33.61 -7.30 20.34
C GLU F 186 -33.25 -6.60 21.64
N GLU F 187 -33.87 -7.01 22.74
CA GLU F 187 -33.63 -6.34 24.01
C GLU F 187 -32.15 -6.41 24.37
N ALA F 188 -31.57 -7.61 24.30
CA ALA F 188 -30.17 -7.76 24.65
C ALA F 188 -29.29 -6.97 23.72
N LEU F 189 -29.51 -7.12 22.42
CA LEU F 189 -28.77 -6.38 21.42
C LEU F 189 -28.72 -4.90 21.76
N LEU F 190 -29.88 -4.34 22.11
CA LEU F 190 -29.95 -2.92 22.38
C LEU F 190 -29.24 -2.57 23.68
N ASP F 191 -29.61 -3.23 24.77
CA ASP F 191 -28.98 -2.92 26.05
C ASP F 191 -27.47 -3.04 25.98
N LEU F 192 -26.95 -3.79 25.01
CA LEU F 192 -25.50 -3.93 24.91
C LEU F 192 -24.88 -2.91 23.97
N MET F 193 -25.52 -2.64 22.84
CA MET F 193 -24.98 -1.68 21.90
C MET F 193 -24.65 -0.37 22.59
N SER F 194 -25.59 0.15 23.37
CA SER F 194 -25.33 1.36 24.12
C SER F 194 -24.09 1.22 24.98
N GLU F 195 -24.04 0.15 25.78
CA GLU F 195 -22.94 -0.06 26.69
C GLU F 195 -21.61 -0.28 25.99
N HIS F 196 -21.62 -0.44 24.67
CA HIS F 196 -20.41 -0.71 23.93
C HIS F 196 -20.05 0.36 22.92
N THR F 197 -20.97 1.28 22.58
CA THR F 197 -20.75 2.17 21.45
C THR F 197 -20.61 3.62 21.84
N TRP F 198 -21.65 4.26 22.40
CA TRP F 198 -21.58 5.70 22.51
C TRP F 198 -21.14 6.16 23.89
N VAL F 199 -21.44 5.39 24.91
CA VAL F 199 -20.97 5.68 26.27
C VAL F 199 -19.45 5.67 26.31
N PRO F 200 -18.81 4.57 25.94
CA PRO F 200 -17.35 4.53 26.02
C PRO F 200 -16.68 5.50 25.09
N ILE F 201 -17.24 5.69 23.90
CA ILE F 201 -16.69 6.66 22.97
C ILE F 201 -16.72 8.04 23.59
N LEU F 202 -17.85 8.40 24.17
CA LEU F 202 -17.98 9.70 24.85
C LEU F 202 -16.90 9.86 25.90
N PHE F 203 -16.76 8.86 26.77
CA PHE F 203 -15.80 8.98 27.86
C PHE F 203 -14.39 9.11 27.33
N GLY F 204 -14.04 8.31 26.32
CA GLY F 204 -12.72 8.40 25.76
C GLY F 204 -12.44 9.74 25.12
N ALA F 205 -13.44 10.30 24.46
CA ALA F 205 -13.29 11.60 23.84
C ALA F 205 -13.03 12.67 24.88
N ILE F 206 -13.78 12.63 25.97
CA ILE F 206 -13.57 13.58 27.05
C ILE F 206 -12.16 13.46 27.60
N LYS F 207 -11.77 12.25 27.92
CA LYS F 207 -10.44 12.00 28.46
C LYS F 207 -9.36 12.53 27.53
N ALA F 208 -9.55 12.33 26.23
CA ALA F 208 -8.56 12.76 25.26
C ALA F 208 -8.51 14.28 25.18
N CYS F 209 -9.67 14.92 25.19
CA CYS F 209 -9.69 16.37 25.17
C CYS F 209 -8.90 16.92 26.35
N TYR F 210 -9.14 16.37 27.53
CA TYR F 210 -8.39 16.80 28.71
C TYR F 210 -6.90 16.64 28.49
N ASP F 211 -6.48 15.41 28.17
CA ASP F 211 -5.06 15.13 28.04
C ASP F 211 -4.40 16.08 27.04
N ILE F 212 -5.03 16.25 25.89
CA ILE F 212 -4.49 17.11 24.86
C ILE F 212 -4.36 18.54 25.37
N ALA F 213 -5.49 19.11 25.78
CA ALA F 213 -5.49 20.51 26.20
C ALA F 213 -4.41 20.77 27.22
N VAL F 214 -4.15 19.80 28.09
CA VAL F 214 -3.17 20.03 29.14
C VAL F 214 -1.75 19.90 28.62
N LYS F 215 -1.46 18.80 27.93
CA LYS F 215 -0.10 18.46 27.60
C LYS F 215 0.40 19.08 26.31
N GLU F 216 -0.47 19.77 25.57
CA GLU F 216 -0.14 20.43 24.28
C GLU F 216 -0.18 21.96 24.42
N TYR F 217 -1.30 22.51 24.90
CA TYR F 217 -1.51 23.97 25.09
C TYR F 217 -1.18 24.42 26.53
N GLY F 218 -0.75 23.50 27.41
CA GLY F 218 -0.37 23.80 28.80
C GLY F 218 -1.43 24.57 29.55
N VAL F 219 -2.68 24.11 29.49
CA VAL F 219 -3.85 24.72 30.18
C VAL F 219 -3.93 24.13 31.60
N SER F 220 -4.70 24.77 32.49
CA SER F 220 -4.87 24.33 33.86
C SER F 220 -5.91 23.23 33.95
N PRO F 221 -5.63 22.16 34.70
CA PRO F 221 -6.61 21.08 34.81
C PRO F 221 -7.99 21.56 35.23
N GLU F 222 -8.04 22.52 36.13
CA GLU F 222 -9.30 22.98 36.68
C GLU F 222 -10.23 23.46 35.58
N ALA F 223 -9.72 24.31 34.69
CA ALA F 223 -10.53 24.87 33.63
C ALA F 223 -11.06 23.78 32.72
N ALA F 224 -10.20 22.84 32.35
CA ALA F 224 -10.61 21.75 31.48
C ALA F 224 -11.76 20.97 32.11
N LEU F 225 -11.59 20.59 33.37
CA LEU F 225 -12.62 19.83 34.06
C LEU F 225 -13.92 20.60 34.11
N LEU F 226 -13.84 21.90 34.38
CA LEU F 226 -15.06 22.70 34.43
C LEU F 226 -15.77 22.71 33.10
N GLU F 227 -15.02 22.90 32.02
CA GLU F 227 -15.65 22.97 30.71
C GLU F 227 -16.30 21.66 30.34
N PHE F 228 -15.56 20.55 30.48
CA PHE F 228 -15.98 19.31 29.85
C PHE F 228 -17.12 18.65 30.62
N TYR F 229 -16.89 18.24 31.86
CA TYR F 229 -17.93 17.52 32.59
C TYR F 229 -18.15 17.97 34.02
N ALA F 230 -17.21 18.66 34.67
CA ALA F 230 -17.45 19.05 36.05
C ALA F 230 -18.63 19.99 36.18
N SER F 231 -19.07 20.58 35.08
CA SER F 231 -20.29 21.38 35.05
C SER F 231 -21.46 20.52 34.59
N GLY F 232 -22.65 20.88 35.07
CA GLY F 232 -23.85 20.12 34.78
C GLY F 232 -24.46 20.43 33.42
N GLU F 233 -23.64 20.97 32.52
CA GLU F 233 -24.11 21.29 31.18
C GLU F 233 -24.76 20.08 30.53
N LEU F 234 -24.02 18.97 30.50
CA LEU F 234 -24.50 17.76 29.85
C LEU F 234 -25.88 17.36 30.38
N ALA F 235 -26.10 17.51 31.68
CA ALA F 235 -27.37 17.11 32.27
C ALA F 235 -28.53 17.89 31.66
N GLU F 236 -28.39 19.21 31.60
CA GLU F 236 -29.44 20.04 31.04
C GLU F 236 -29.67 19.70 29.58
N ILE F 237 -28.60 19.43 28.85
CA ILE F 237 -28.73 19.06 27.44
C ILE F 237 -29.53 17.77 27.30
N ALA F 238 -29.22 16.78 28.13
CA ALA F 238 -29.93 15.50 28.05
C ALA F 238 -31.39 15.67 28.39
N ARG F 239 -31.68 16.49 29.41
CA ARG F 239 -33.06 16.76 29.76
C ARG F 239 -33.82 17.38 28.60
N LEU F 240 -33.25 18.42 28.02
CA LEU F 240 -33.90 19.08 26.89
C LEU F 240 -34.10 18.11 25.73
N ILE F 241 -33.15 17.20 25.54
CA ILE F 241 -33.30 16.18 24.52
C ILE F 241 -34.55 15.35 24.80
N ALA F 242 -34.63 14.79 26.00
CA ALA F 242 -35.76 13.95 26.34
C ALA F 242 -37.07 14.70 26.23
N GLU F 243 -37.04 16.02 26.42
CA GLU F 243 -38.28 16.80 26.41
C GLU F 243 -38.69 17.20 25.01
N GLU F 244 -37.84 17.92 24.31
CA GLU F 244 -38.18 18.55 23.03
C GLU F 244 -37.82 17.70 21.84
N GLY F 245 -36.65 17.08 21.86
CA GLY F 245 -36.11 16.39 20.70
C GLY F 245 -34.63 16.68 20.64
N ILE F 246 -33.89 15.76 20.04
CA ILE F 246 -32.43 15.86 20.05
C ILE F 246 -31.97 17.10 19.29
N PHE F 247 -32.54 17.35 18.12
CA PHE F 247 -32.09 18.44 17.27
C PHE F 247 -32.77 19.76 17.65
N ASN F 248 -34.10 19.75 17.71
CA ASN F 248 -34.82 20.94 18.17
C ASN F 248 -34.21 21.51 19.43
N GLN F 249 -33.55 20.66 20.21
CA GLN F 249 -32.88 21.10 21.42
C GLN F 249 -31.89 22.22 21.13
N MET F 250 -31.13 22.09 20.04
CA MET F 250 -30.00 22.96 19.79
C MET F 250 -30.41 24.38 19.47
N VAL F 251 -31.70 24.65 19.29
CA VAL F 251 -32.14 26.01 19.04
C VAL F 251 -31.78 26.93 20.19
N HIS F 252 -31.71 26.39 21.40
CA HIS F 252 -31.35 27.18 22.56
C HIS F 252 -29.85 27.44 22.66
N HIS F 253 -29.09 26.98 21.69
CA HIS F 253 -27.66 27.21 21.64
C HIS F 253 -27.36 28.39 20.72
N SER F 254 -26.07 28.70 20.58
CA SER F 254 -25.63 29.72 19.67
C SER F 254 -25.45 29.16 18.27
N THR F 255 -25.54 30.06 17.28
CA THR F 255 -25.40 29.64 15.90
C THR F 255 -24.05 29.00 15.65
N THR F 256 -23.00 29.55 16.28
CA THR F 256 -21.67 28.99 16.13
C THR F 256 -21.65 27.53 16.53
N SER F 257 -22.22 27.22 17.69
CA SER F 257 -22.26 25.86 18.17
C SER F 257 -23.03 24.97 17.20
N GLN F 258 -24.19 25.42 16.76
CA GLN F 258 -24.98 24.67 15.81
C GLN F 258 -24.16 24.30 14.58
N TYR F 259 -23.50 25.30 14.01
CA TYR F 259 -22.75 25.11 12.78
C TYR F 259 -21.66 24.08 12.97
N GLY F 260 -20.80 24.31 13.95
CA GLY F 260 -19.69 23.38 14.17
C GLY F 260 -20.19 21.98 14.43
N THR F 261 -21.18 21.86 15.30
CA THR F 261 -21.70 20.56 15.68
C THR F 261 -22.21 19.81 14.46
N LEU F 262 -23.04 20.47 13.64
CA LEU F 262 -23.64 19.79 12.51
C LEU F 262 -22.59 19.36 11.50
N THR F 263 -21.70 20.29 11.14
CA THR F 263 -20.67 19.95 10.17
C THR F 263 -19.88 18.74 10.64
N ARG F 264 -19.39 18.78 11.86
CA ARG F 264 -18.55 17.71 12.34
C ARG F 264 -19.32 16.41 12.47
N MET F 265 -20.60 16.49 12.85
CA MET F 265 -21.43 15.29 12.92
C MET F 265 -21.50 14.61 11.57
N PHE F 266 -21.89 15.36 10.55
CA PHE F 266 -21.97 14.76 9.22
C PHE F 266 -20.61 14.39 8.68
N LYS F 267 -19.55 14.87 9.31
CA LYS F 267 -18.20 14.61 8.84
C LYS F 267 -17.62 13.32 9.40
N TYR F 268 -18.11 12.87 10.56
CA TYR F 268 -17.56 11.71 11.25
C TYR F 268 -18.55 10.57 11.35
N TYR F 269 -19.63 10.61 10.59
CA TYR F 269 -20.68 9.62 10.74
C TYR F 269 -20.23 8.25 10.26
N ASP F 270 -19.34 8.20 9.28
CA ASP F 270 -18.96 6.91 8.68
C ASP F 270 -18.12 6.09 9.64
N VAL F 271 -17.17 6.73 10.32
CA VAL F 271 -16.26 6.04 11.21
C VAL F 271 -17.03 5.28 12.28
N VAL F 272 -17.81 6.02 13.06
CA VAL F 272 -18.57 5.43 14.14
C VAL F 272 -19.53 4.39 13.60
N ARG F 273 -20.02 4.58 12.39
CA ARG F 273 -20.88 3.59 11.76
C ARG F 273 -20.15 2.27 11.62
N ARG F 274 -18.91 2.33 11.12
CA ARG F 274 -18.09 1.13 11.00
C ARG F 274 -17.94 0.46 12.35
N ILE F 275 -17.59 1.26 13.35
CA ILE F 275 -17.39 0.72 14.70
C ILE F 275 -18.64 -0.02 15.17
N VAL F 276 -19.78 0.64 15.06
CA VAL F 276 -21.03 0.09 15.53
C VAL F 276 -21.34 -1.21 14.81
N GLU F 277 -21.11 -1.24 13.51
CA GLU F 277 -21.28 -2.48 12.76
C GLU F 277 -20.45 -3.59 13.38
N ASN F 278 -19.18 -3.33 13.59
CA ASN F 278 -18.29 -4.34 14.15
C ASN F 278 -18.85 -4.89 15.45
N GLU F 279 -19.23 -3.99 16.36
CA GLU F 279 -19.64 -4.44 17.69
C GLU F 279 -20.96 -5.19 17.64
N ALA F 280 -21.93 -4.67 16.90
CA ALA F 280 -23.21 -5.36 16.79
C ALA F 280 -23.03 -6.75 16.22
N LYS F 281 -22.14 -6.89 15.25
CA LYS F 281 -21.86 -8.21 14.71
C LYS F 281 -21.25 -9.10 15.77
N TYR F 282 -20.26 -8.58 16.49
CA TYR F 282 -19.65 -9.32 17.58
C TYR F 282 -20.69 -9.85 18.54
N ILE F 283 -21.79 -9.12 18.71
CA ILE F 283 -22.80 -9.52 19.67
C ILE F 283 -23.76 -10.54 19.09
N TRP F 284 -24.33 -10.23 17.93
CA TRP F 284 -25.31 -11.11 17.30
C TRP F 284 -24.87 -12.56 17.29
N ASP F 285 -23.56 -12.79 17.28
CA ASP F 285 -23.02 -14.14 17.17
C ASP F 285 -22.89 -14.85 18.50
N GLY F 286 -22.78 -14.11 19.59
CA GLY F 286 -22.61 -14.71 20.91
C GLY F 286 -21.21 -14.67 21.46
N SER F 287 -20.30 -13.96 20.80
CA SER F 287 -18.91 -13.97 21.23
C SER F 287 -18.73 -13.23 22.55
N PHE F 288 -19.39 -12.09 22.70
CA PHE F 288 -19.22 -11.31 23.92
C PHE F 288 -19.67 -12.08 25.14
N ALA F 289 -20.76 -12.83 25.02
CA ALA F 289 -21.21 -13.64 26.13
C ALA F 289 -20.12 -14.61 26.57
N LYS F 290 -19.49 -15.25 25.59
CA LYS F 290 -18.39 -16.15 25.88
C LYS F 290 -17.27 -15.43 26.61
N GLU F 291 -16.83 -14.31 26.04
CA GLU F 291 -15.78 -13.52 26.65
C GLU F 291 -16.08 -13.24 28.11
N TRP F 292 -17.28 -12.74 28.37
CA TRP F 292 -17.64 -12.32 29.71
C TRP F 292 -17.74 -13.49 30.67
N SER F 293 -18.33 -14.60 30.21
CA SER F 293 -18.45 -15.76 31.06
C SER F 293 -17.08 -16.29 31.46
N LEU F 294 -16.16 -16.35 30.50
CA LEU F 294 -14.81 -16.78 30.83
C LEU F 294 -14.15 -15.84 31.80
N GLU F 295 -14.26 -14.54 31.55
CA GLU F 295 -13.66 -13.57 32.46
C GLU F 295 -14.18 -13.76 33.87
N GLN F 296 -15.43 -14.17 34.03
CA GLN F 296 -15.90 -14.58 35.35
C GLN F 296 -15.13 -15.79 35.84
N GLN F 297 -14.98 -16.79 34.98
CA GLN F 297 -14.39 -18.05 35.38
C GLN F 297 -12.92 -17.96 35.69
N ALA F 298 -12.28 -16.83 35.40
CA ALA F 298 -10.85 -16.69 35.61
C ALA F 298 -10.50 -15.89 36.85
N GLY F 299 -11.37 -14.98 37.28
CA GLY F 299 -11.13 -14.25 38.51
C GLY F 299 -11.20 -12.75 38.35
N TYR F 300 -11.81 -12.30 37.26
CA TYR F 300 -12.01 -10.89 37.02
C TYR F 300 -10.70 -10.10 37.03
N PRO F 301 -9.65 -10.59 36.39
CA PRO F 301 -8.38 -9.87 36.40
C PRO F 301 -8.40 -8.57 35.63
N VAL F 302 -8.87 -8.64 34.38
CA VAL F 302 -8.89 -7.48 33.52
C VAL F 302 -9.76 -6.39 34.11
N PHE F 303 -10.96 -6.75 34.51
CA PHE F 303 -11.83 -5.87 35.26
C PHE F 303 -11.05 -5.11 36.31
N TYR F 304 -10.29 -5.85 37.12
CA TYR F 304 -9.53 -5.27 38.21
C TYR F 304 -8.52 -4.26 37.71
N ARG F 305 -7.68 -4.67 36.76
CA ARG F 305 -6.61 -3.81 36.31
C ARG F 305 -7.15 -2.54 35.69
N LEU F 306 -8.25 -2.64 34.96
CA LEU F 306 -8.81 -1.46 34.33
C LEU F 306 -9.43 -0.53 35.35
N TRP F 307 -10.20 -1.07 36.30
CA TRP F 307 -10.71 -0.25 37.37
C TRP F 307 -9.58 0.48 38.08
N GLU F 308 -8.41 -0.14 38.13
CA GLU F 308 -7.25 0.52 38.73
C GLU F 308 -6.76 1.66 37.85
N LEU F 309 -6.40 1.33 36.61
CA LEU F 309 -5.82 2.32 35.71
C LEU F 309 -6.69 3.55 35.60
N ALA F 310 -8.00 3.36 35.45
CA ALA F 310 -8.90 4.49 35.29
C ALA F 310 -8.76 5.46 36.46
N THR F 311 -8.80 4.94 37.68
CA THR F 311 -8.78 5.79 38.85
C THR F 311 -7.41 6.41 39.09
N GLN F 312 -6.35 5.71 38.72
CA GLN F 312 -5.01 6.21 38.90
C GLN F 312 -4.57 7.13 37.77
N SER F 313 -5.49 7.54 36.92
CA SER F 313 -5.17 8.48 35.87
C SER F 313 -5.13 9.90 36.43
N GLU F 314 -4.53 10.79 35.65
CA GLU F 314 -4.37 12.17 36.08
C GLU F 314 -5.72 12.84 36.25
N MET F 315 -6.58 12.69 35.24
CA MET F 315 -7.89 13.32 35.27
C MET F 315 -8.62 13.01 36.56
N ALA F 316 -8.55 11.76 37.01
CA ALA F 316 -9.30 11.37 38.20
C ALA F 316 -8.76 12.04 39.44
N LYS F 317 -7.43 12.10 39.56
CA LYS F 317 -6.83 12.76 40.72
C LYS F 317 -7.21 14.22 40.77
N ALA F 318 -7.14 14.89 39.63
CA ALA F 318 -7.54 16.29 39.58
C ALA F 318 -9.00 16.47 39.96
N GLU F 319 -9.86 15.61 39.40
CA GLU F 319 -11.26 15.63 39.77
C GLU F 319 -11.42 15.48 41.27
N LYS F 320 -10.57 14.66 41.87
CA LYS F 320 -10.63 14.46 43.31
C LYS F 320 -10.35 15.75 44.04
N GLU F 321 -9.19 16.35 43.78
CA GLU F 321 -8.84 17.62 44.41
C GLU F 321 -9.97 18.61 44.26
N LEU F 322 -10.56 18.68 43.07
CA LEU F 322 -11.54 19.70 42.78
C LEU F 322 -12.84 19.45 43.53
N TYR F 323 -13.49 18.33 43.24
CA TYR F 323 -14.72 17.98 43.94
C TYR F 323 -14.58 18.19 45.43
N LYS F 324 -13.39 17.95 45.96
CA LYS F 324 -13.13 18.26 47.36
C LYS F 324 -13.29 19.75 47.61
N LEU F 325 -12.76 20.57 46.70
CA LEU F 325 -12.85 22.01 46.87
C LEU F 325 -14.28 22.49 46.89
N LEU F 326 -15.10 21.98 45.97
CA LEU F 326 -16.48 22.42 45.85
C LEU F 326 -17.39 21.79 46.90
N GLY F 327 -16.84 21.00 47.82
CA GLY F 327 -17.65 20.32 48.80
C GLY F 327 -18.35 19.09 48.30
N ARG F 328 -18.42 18.89 46.99
CA ARG F 328 -19.01 17.66 46.46
C ARG F 328 -18.31 16.45 47.03
N LYS F 329 -19.09 15.51 47.54
CA LYS F 329 -18.54 14.32 48.16
C LYS F 329 -17.70 13.51 47.16
N ASP G 2 4.45 -51.95 1.40
CA ASP G 2 4.33 -50.66 2.05
C ASP G 2 3.75 -50.79 3.46
N LYS G 3 3.50 -49.64 4.09
CA LYS G 3 2.96 -49.63 5.45
C LYS G 3 1.64 -50.38 5.60
N THR G 4 0.93 -50.65 4.51
CA THR G 4 -0.35 -51.31 4.61
C THR G 4 -0.18 -52.69 5.23
N VAL G 5 -1.30 -53.25 5.70
CA VAL G 5 -1.36 -54.60 6.19
C VAL G 5 -2.68 -55.21 5.73
N LEU G 6 -2.58 -56.37 5.08
CA LEU G 6 -3.75 -57.02 4.49
C LEU G 6 -4.31 -58.15 5.32
N ASP G 7 -3.52 -58.69 6.25
CA ASP G 7 -4.00 -59.70 7.17
C ASP G 7 -2.89 -59.97 8.19
N ALA G 8 -3.29 -60.52 9.33
CA ALA G 8 -2.37 -60.77 10.42
C ALA G 8 -2.95 -61.84 11.33
N ASN G 9 -2.38 -61.97 12.52
CA ASN G 9 -2.71 -63.04 13.43
C ASN G 9 -3.90 -62.66 14.33
N LEU G 10 -4.29 -63.60 15.18
CA LEU G 10 -5.35 -63.40 16.15
C LEU G 10 -4.99 -64.05 17.49
N ASP G 11 -3.69 -64.12 17.79
CA ASP G 11 -3.19 -64.93 18.90
C ASP G 11 -3.37 -64.27 20.26
N PRO G 12 -2.96 -63.01 20.46
CA PRO G 12 -2.86 -62.49 21.83
C PRO G 12 -4.20 -62.29 22.48
N LEU G 13 -5.28 -62.17 21.71
CA LEU G 13 -6.59 -61.87 22.25
C LEU G 13 -7.39 -63.11 22.63
N LYS G 14 -6.94 -64.29 22.23
CA LYS G 14 -7.62 -65.52 22.56
C LYS G 14 -7.05 -66.08 23.85
N GLY G 15 -7.90 -66.22 24.86
CA GLY G 15 -7.48 -66.56 26.21
C GLY G 15 -7.63 -65.42 27.19
N LYS G 16 -7.86 -64.20 26.70
CA LYS G 16 -8.07 -63.03 27.54
C LYS G 16 -9.51 -62.57 27.44
N THR G 17 -9.89 -61.73 28.39
CA THR G 17 -11.18 -61.04 28.35
C THR G 17 -10.98 -59.64 27.78
N ILE G 18 -12.04 -59.10 27.21
CA ILE G 18 -12.00 -57.81 26.56
C ILE G 18 -13.07 -56.91 27.17
N GLY G 19 -12.76 -55.62 27.24
CA GLY G 19 -13.67 -54.65 27.81
C GLY G 19 -14.23 -53.71 26.77
N VAL G 20 -15.52 -53.84 26.48
CA VAL G 20 -16.20 -53.01 25.50
C VAL G 20 -17.02 -51.98 26.24
N ILE G 21 -16.65 -50.72 26.09
CA ILE G 21 -17.34 -49.60 26.73
C ILE G 21 -18.27 -48.98 25.70
N GLY G 22 -19.54 -49.32 25.78
CA GLY G 22 -20.54 -48.67 24.97
C GLY G 22 -21.17 -49.61 23.97
N TYR G 23 -22.39 -49.27 23.58
CA TYR G 23 -23.22 -50.08 22.70
C TYR G 23 -23.94 -49.18 21.71
N GLY G 24 -23.23 -48.23 21.14
CA GLY G 24 -23.84 -47.25 20.26
C GLY G 24 -23.85 -47.71 18.83
N ASN G 25 -23.18 -46.97 17.96
CA ASN G 25 -23.03 -47.41 16.59
C ASN G 25 -21.88 -48.41 16.47
N GLN G 26 -20.66 -47.94 16.73
CA GLN G 26 -19.50 -48.82 16.67
C GLN G 26 -19.63 -49.94 17.69
N GLY G 27 -19.73 -49.57 18.96
CA GLY G 27 -19.77 -50.52 20.04
C GLY G 27 -20.56 -51.76 19.69
N ARG G 28 -21.82 -51.57 19.33
CA ARG G 28 -22.64 -52.72 18.96
C ARG G 28 -22.04 -53.47 17.79
N VAL G 29 -21.70 -52.76 16.72
CA VAL G 29 -21.23 -53.44 15.52
C VAL G 29 -19.96 -54.24 15.82
N GLN G 30 -18.92 -53.55 16.30
CA GLN G 30 -17.64 -54.21 16.53
C GLN G 30 -17.78 -55.32 17.56
N ALA G 31 -18.61 -55.12 18.58
CA ALA G 31 -18.79 -56.10 19.64
C ALA G 31 -19.46 -57.35 19.11
N THR G 32 -20.56 -57.19 18.38
CA THR G 32 -21.21 -58.34 17.76
C THR G 32 -20.24 -59.05 16.83
N ILE G 33 -19.50 -58.29 16.01
CA ILE G 33 -18.50 -58.87 15.13
C ILE G 33 -17.54 -59.75 15.92
N MET G 34 -17.00 -59.21 17.02
CA MET G 34 -15.95 -59.92 17.75
C MET G 34 -16.50 -61.16 18.43
N ARG G 35 -17.61 -61.01 19.16
CA ARG G 35 -18.29 -62.17 19.70
C ARG G 35 -18.43 -63.25 18.64
N GLU G 36 -18.81 -62.84 17.42
CA GLU G 36 -18.93 -63.78 16.31
C GLU G 36 -17.57 -64.22 15.76
N ASN G 37 -16.48 -63.61 16.21
CA ASN G 37 -15.13 -63.98 15.78
C ASN G 37 -14.46 -64.93 16.76
N GLY G 38 -15.18 -65.43 17.76
CA GLY G 38 -14.61 -66.38 18.69
C GLY G 38 -13.76 -65.75 19.77
N LEU G 39 -14.35 -64.93 20.62
CA LEU G 39 -13.64 -64.37 21.76
C LEU G 39 -14.61 -64.21 22.92
N ASN G 40 -14.05 -64.08 24.12
CA ASN G 40 -14.82 -63.82 25.32
C ASN G 40 -14.79 -62.32 25.60
N VAL G 41 -15.97 -61.71 25.66
CA VAL G 41 -16.10 -60.26 25.68
C VAL G 41 -17.12 -59.88 26.73
N ILE G 42 -17.13 -58.60 27.08
CA ILE G 42 -18.10 -58.03 28.01
C ILE G 42 -18.39 -56.60 27.58
N VAL G 43 -19.38 -56.01 28.24
CA VAL G 43 -19.88 -54.68 27.88
C VAL G 43 -19.97 -53.83 29.12
N GLY G 44 -19.67 -52.55 28.97
CA GLY G 44 -19.95 -51.56 30.00
C GLY G 44 -20.72 -50.40 29.40
N ASN G 45 -21.75 -49.96 30.10
CA ASN G 45 -22.70 -49.04 29.49
C ASN G 45 -23.43 -48.26 30.56
N VAL G 46 -23.84 -47.04 30.20
CA VAL G 46 -24.77 -46.29 31.04
C VAL G 46 -26.15 -46.95 30.93
N LYS G 47 -26.74 -47.25 32.08
CA LYS G 47 -27.95 -48.07 32.13
C LYS G 47 -29.14 -47.24 31.67
N ASP G 48 -29.40 -47.32 30.37
CA ASP G 48 -30.47 -46.59 29.70
C ASP G 48 -30.95 -47.43 28.53
N LYS G 49 -31.65 -46.80 27.60
CA LYS G 49 -32.19 -47.49 26.42
C LYS G 49 -31.12 -48.33 25.72
N TYR G 50 -29.92 -47.78 25.53
CA TYR G 50 -28.86 -48.55 24.92
C TYR G 50 -28.51 -49.78 25.75
N TYR G 51 -28.56 -49.64 27.07
CA TYR G 51 -28.33 -50.80 27.92
C TYR G 51 -29.43 -51.85 27.72
N GLU G 52 -30.67 -51.39 27.62
CA GLU G 52 -31.76 -52.30 27.28
C GLU G 52 -31.44 -53.08 26.00
N LEU G 53 -31.05 -52.35 24.95
CA LEU G 53 -30.76 -52.99 23.67
C LEU G 53 -29.56 -53.92 23.77
N ALA G 54 -28.58 -53.58 24.61
CA ALA G 54 -27.37 -54.37 24.70
C ALA G 54 -27.63 -55.69 25.41
N LYS G 55 -28.24 -55.62 26.59
CA LYS G 55 -28.64 -56.85 27.27
C LYS G 55 -29.67 -57.62 26.45
N LYS G 56 -30.44 -56.90 25.63
CA LYS G 56 -31.35 -57.53 24.67
C LYS G 56 -30.58 -58.48 23.76
N GLU G 57 -29.55 -57.97 23.10
CA GLU G 57 -28.79 -58.78 22.16
C GLU G 57 -27.92 -59.82 22.83
N GLY G 58 -27.99 -59.99 24.14
CA GLY G 58 -27.30 -61.08 24.79
C GLY G 58 -25.88 -60.81 25.20
N PHE G 59 -25.56 -59.61 25.65
CA PHE G 59 -24.25 -59.26 26.18
C PHE G 59 -24.41 -58.90 27.64
N GLU G 60 -23.85 -59.74 28.52
CA GLU G 60 -23.75 -59.39 29.93
C GLU G 60 -23.05 -58.05 30.08
N VAL G 61 -23.69 -57.12 30.78
CA VAL G 61 -23.21 -55.75 30.89
C VAL G 61 -23.20 -55.37 32.37
N TYR G 62 -22.01 -55.30 32.95
CA TYR G 62 -21.84 -54.80 34.30
C TYR G 62 -21.69 -53.29 34.26
N GLU G 63 -21.31 -52.69 35.38
CA GLU G 63 -20.93 -51.30 35.38
C GLU G 63 -19.58 -51.14 34.69
N ILE G 64 -19.30 -49.90 34.29
CA ILE G 64 -18.07 -49.60 33.55
C ILE G 64 -16.87 -50.18 34.27
N ASP G 65 -16.64 -49.72 35.50
CA ASP G 65 -15.46 -50.16 36.24
C ASP G 65 -15.45 -51.66 36.45
N GLU G 66 -16.64 -52.27 36.59
CA GLU G 66 -16.68 -53.70 36.79
C GLU G 66 -16.26 -54.44 35.53
N ALA G 67 -16.48 -53.84 34.36
CA ALA G 67 -16.00 -54.44 33.13
C ALA G 67 -14.51 -54.20 32.93
N VAL G 68 -13.95 -53.20 33.60
CA VAL G 68 -12.51 -52.97 33.48
C VAL G 68 -11.74 -53.84 34.47
N ARG G 69 -12.34 -54.16 35.62
CA ARG G 69 -11.67 -55.03 36.57
C ARG G 69 -11.55 -56.44 36.01
N ARG G 70 -12.56 -56.89 35.29
CA ARG G 70 -12.54 -58.25 34.74
C ARG G 70 -11.65 -58.36 33.51
N SER G 71 -11.57 -57.30 32.72
CA SER G 71 -10.86 -57.33 31.45
C SER G 71 -9.42 -56.88 31.63
N ASP G 72 -8.55 -57.44 30.79
CA ASP G 72 -7.18 -56.96 30.65
C ASP G 72 -7.02 -56.02 29.47
N VAL G 73 -8.07 -55.87 28.65
CA VAL G 73 -8.11 -54.88 27.59
C VAL G 73 -9.41 -54.10 27.71
N ALA G 74 -9.42 -52.90 27.16
CA ALA G 74 -10.58 -52.05 27.22
C ALA G 74 -10.64 -51.19 25.97
N LEU G 75 -11.85 -51.03 25.43
CA LEU G 75 -12.10 -50.19 24.27
C LEU G 75 -13.12 -49.14 24.66
N LEU G 76 -12.74 -47.87 24.54
CA LEU G 76 -13.55 -46.75 25.00
C LEU G 76 -14.30 -46.18 23.80
N LEU G 77 -15.46 -46.76 23.53
CA LEU G 77 -16.21 -46.48 22.31
C LEU G 77 -17.33 -45.46 22.60
N ILE G 78 -16.90 -44.30 23.08
CA ILE G 78 -17.84 -43.29 23.58
C ILE G 78 -17.39 -41.91 23.11
N PRO G 79 -18.14 -40.85 23.41
CA PRO G 79 -17.87 -39.54 22.80
C PRO G 79 -16.51 -38.93 23.10
N ASP G 80 -16.30 -37.73 22.55
CA ASP G 80 -15.05 -37.02 22.60
C ASP G 80 -15.07 -35.79 23.49
N GLU G 81 -16.25 -35.37 23.92
CA GLU G 81 -16.42 -34.07 24.55
C GLU G 81 -16.46 -34.14 26.06
N VAL G 82 -16.73 -35.32 26.61
CA VAL G 82 -16.95 -35.47 28.04
C VAL G 82 -16.15 -36.65 28.57
N MET G 83 -15.65 -37.48 27.66
CA MET G 83 -14.89 -38.66 28.05
C MET G 83 -13.87 -38.34 29.13
N LYS G 84 -13.37 -37.11 29.14
CA LYS G 84 -12.34 -36.73 30.10
C LYS G 84 -12.79 -36.98 31.53
N GLU G 85 -13.88 -36.31 31.94
CA GLU G 85 -14.35 -36.44 33.31
C GLU G 85 -14.62 -37.88 33.65
N VAL G 86 -15.32 -38.58 32.76
CA VAL G 86 -15.67 -39.97 32.98
C VAL G 86 -14.43 -40.80 33.28
N TYR G 87 -13.37 -40.57 32.52
CA TYR G 87 -12.13 -41.29 32.76
C TYR G 87 -11.52 -40.89 34.09
N GLU G 88 -11.64 -39.61 34.43
CA GLU G 88 -11.01 -39.12 35.65
C GLU G 88 -11.63 -39.75 36.88
N LYS G 89 -12.95 -39.90 36.89
CA LYS G 89 -13.67 -40.33 38.07
C LYS G 89 -13.76 -41.85 38.17
N LYS G 90 -14.24 -42.50 37.12
CA LYS G 90 -14.75 -43.84 37.20
C LYS G 90 -13.85 -44.89 36.57
N ILE G 91 -12.79 -44.47 35.88
CA ILE G 91 -11.92 -45.38 35.17
C ILE G 91 -10.48 -45.29 35.65
N ALA G 92 -9.98 -44.09 35.87
CA ALA G 92 -8.62 -43.93 36.37
C ALA G 92 -8.39 -44.71 37.66
N PRO G 93 -9.26 -44.66 38.65
CA PRO G 93 -9.00 -45.41 39.88
C PRO G 93 -8.81 -46.89 39.63
N VAL G 94 -9.81 -47.48 38.97
CA VAL G 94 -9.77 -48.89 38.66
C VAL G 94 -8.49 -49.23 37.93
N LEU G 95 -8.22 -48.50 36.85
CA LEU G 95 -7.02 -48.73 36.06
C LEU G 95 -5.78 -48.70 36.93
N GLN G 96 -5.70 -47.74 37.85
CA GLN G 96 -4.62 -47.76 38.82
C GLN G 96 -4.60 -49.07 39.60
N GLY G 97 -5.74 -49.75 39.67
CA GLY G 97 -5.78 -51.07 40.28
C GLY G 97 -5.41 -52.17 39.32
N LYS G 98 -4.45 -51.92 38.43
CA LYS G 98 -4.01 -52.91 37.47
C LYS G 98 -2.53 -52.68 37.18
N LYS G 99 -1.91 -53.68 36.55
CA LYS G 99 -0.50 -53.61 36.19
C LYS G 99 -0.26 -53.71 34.69
N GLU G 100 -0.80 -54.73 34.04
CA GLU G 100 -0.68 -54.90 32.60
C GLU G 100 -2.06 -54.70 32.00
N PHE G 101 -2.21 -53.65 31.21
CA PHE G 101 -3.50 -53.33 30.60
C PHE G 101 -3.24 -52.76 29.22
N VAL G 102 -4.32 -52.66 28.45
CA VAL G 102 -4.24 -52.18 27.08
C VAL G 102 -5.52 -51.42 26.78
N LEU G 103 -5.38 -50.22 26.23
CA LEU G 103 -6.51 -49.35 25.96
C LEU G 103 -6.44 -48.86 24.53
N ASP G 104 -7.60 -48.87 23.87
CA ASP G 104 -7.70 -48.52 22.46
C ASP G 104 -8.93 -47.64 22.26
N PHE G 105 -8.83 -46.69 21.35
CA PHE G 105 -9.89 -45.71 21.13
C PHE G 105 -10.28 -45.69 19.66
N ALA G 106 -11.36 -44.95 19.39
CA ALA G 106 -11.80 -44.66 18.03
C ALA G 106 -11.15 -43.40 17.49
N SER G 107 -11.04 -42.38 18.32
CA SER G 107 -10.49 -41.09 17.93
C SER G 107 -9.34 -40.73 18.86
N GLY G 108 -8.40 -39.94 18.34
CA GLY G 108 -7.22 -39.55 19.05
C GLY G 108 -7.25 -38.14 19.60
N TYR G 109 -8.41 -37.47 19.51
CA TYR G 109 -8.52 -36.10 19.99
C TYR G 109 -8.02 -35.98 21.42
N ASN G 110 -8.65 -36.71 22.34
CA ASN G 110 -8.39 -36.50 23.75
C ASN G 110 -6.98 -36.93 24.15
N VAL G 111 -6.36 -37.81 23.39
CA VAL G 111 -5.03 -38.29 23.73
C VAL G 111 -3.96 -37.46 23.04
N ALA G 112 -4.13 -37.22 21.75
CA ALA G 112 -3.14 -36.47 21.00
C ALA G 112 -2.85 -35.13 21.65
N PHE G 113 -3.83 -34.55 22.30
CA PHE G 113 -3.71 -33.24 22.91
C PHE G 113 -3.48 -33.29 24.41
N GLY G 114 -3.37 -34.48 24.98
CA GLY G 114 -2.95 -34.63 26.35
C GLY G 114 -4.05 -34.50 27.36
N LEU G 115 -5.31 -34.50 26.94
CA LEU G 115 -6.40 -34.45 27.89
C LEU G 115 -6.57 -35.74 28.65
N ILE G 116 -5.86 -36.79 28.24
CA ILE G 116 -5.93 -38.07 28.91
C ILE G 116 -4.55 -38.70 28.85
N ARG G 117 -3.97 -38.96 30.01
CA ARG G 117 -2.60 -39.45 30.13
C ARG G 117 -2.60 -40.65 31.05
N PRO G 118 -2.90 -41.84 30.52
CA PRO G 118 -2.87 -43.02 31.34
C PRO G 118 -1.46 -43.31 31.80
N PRO G 119 -1.30 -44.27 32.71
CA PRO G 119 0.03 -44.56 33.25
C PRO G 119 0.90 -45.28 32.24
N LYS G 120 2.18 -45.38 32.60
CA LYS G 120 3.13 -46.14 31.80
C LYS G 120 2.97 -47.64 31.97
N SER G 121 1.94 -48.08 32.69
CA SER G 121 1.67 -49.49 32.87
C SER G 121 0.59 -49.99 31.91
N VAL G 122 0.36 -49.26 30.82
CA VAL G 122 -0.69 -49.61 29.87
C VAL G 122 -0.23 -49.29 28.46
N ASP G 123 -0.22 -50.31 27.59
CA ASP G 123 0.07 -50.09 26.19
C ASP G 123 -1.12 -49.37 25.56
N THR G 124 -0.84 -48.27 24.86
CA THR G 124 -1.87 -47.37 24.37
C THR G 124 -1.86 -47.34 22.84
N ILE G 125 -3.03 -47.48 22.25
CA ILE G 125 -3.17 -47.74 20.82
C ILE G 125 -4.45 -47.11 20.29
N MET G 126 -4.60 -47.16 18.96
CA MET G 126 -5.79 -46.67 18.29
C MET G 126 -6.21 -47.66 17.21
N VAL G 127 -7.51 -47.71 16.96
CA VAL G 127 -8.05 -48.36 15.77
C VAL G 127 -9.28 -47.59 15.33
N ALA G 128 -9.21 -46.95 14.16
CA ALA G 128 -10.23 -46.01 13.73
C ALA G 128 -10.66 -46.32 12.29
N PRO G 129 -11.93 -46.56 12.03
CA PRO G 129 -12.43 -46.56 10.66
C PRO G 129 -12.96 -45.20 10.24
N ARG G 130 -13.42 -45.08 9.00
CA ARG G 130 -13.78 -43.81 8.41
C ARG G 130 -15.23 -43.72 7.97
N MET G 131 -16.03 -44.75 8.20
CA MET G 131 -17.43 -44.74 7.80
C MET G 131 -18.22 -43.88 8.80
N VAL G 132 -19.54 -43.89 8.68
CA VAL G 132 -20.40 -43.46 9.77
C VAL G 132 -20.83 -44.65 10.63
N GLY G 133 -20.71 -45.88 10.12
CA GLY G 133 -20.87 -47.07 10.94
C GLY G 133 -21.82 -48.09 10.37
N GLU G 134 -22.91 -47.64 9.74
CA GLU G 134 -23.88 -48.58 9.20
C GLU G 134 -23.36 -49.28 7.97
N GLY G 135 -22.53 -48.59 7.19
CA GLY G 135 -21.89 -49.18 6.04
C GLY G 135 -21.11 -50.44 6.38
N ILE G 136 -20.71 -50.58 7.64
CA ILE G 136 -19.83 -51.69 8.01
C ILE G 136 -20.61 -52.99 8.11
N MET G 137 -21.85 -52.94 8.58
CA MET G 137 -22.72 -54.12 8.45
C MET G 137 -23.16 -54.28 7.00
N ASP G 138 -23.44 -53.16 6.33
CA ASP G 138 -23.69 -53.17 4.90
C ASP G 138 -22.52 -53.74 4.10
N LEU G 139 -21.39 -54.01 4.75
CA LEU G 139 -20.28 -54.73 4.14
C LEU G 139 -20.05 -56.11 4.76
N HIS G 140 -20.35 -56.27 6.04
CA HIS G 140 -20.06 -57.54 6.70
C HIS G 140 -21.01 -58.62 6.23
N LYS G 141 -22.30 -58.29 6.07
CA LYS G 141 -23.21 -59.26 5.50
C LYS G 141 -22.81 -59.66 4.09
N GLN G 142 -21.94 -58.88 3.46
CA GLN G 142 -21.34 -59.25 2.18
C GLN G 142 -20.03 -60.02 2.36
N GLY G 143 -19.63 -60.32 3.59
CA GLY G 143 -18.39 -61.02 3.83
C GLY G 143 -17.14 -60.25 3.47
N LYS G 144 -17.25 -58.93 3.24
CA LYS G 144 -16.12 -58.12 2.85
C LYS G 144 -15.31 -57.72 4.08
N GLY G 145 -14.36 -56.80 3.87
CA GLY G 145 -13.66 -56.17 4.96
C GLY G 145 -13.46 -54.70 4.63
N TYR G 146 -13.20 -53.92 5.67
CA TYR G 146 -13.16 -52.48 5.52
C TYR G 146 -11.79 -51.92 5.92
N PRO G 147 -11.50 -50.67 5.58
CA PRO G 147 -10.20 -50.09 5.92
C PRO G 147 -10.26 -49.30 7.21
N VAL G 148 -9.12 -49.25 7.90
CA VAL G 148 -9.04 -48.57 9.19
C VAL G 148 -7.64 -48.01 9.39
N LEU G 149 -7.50 -47.20 10.43
CA LEU G 149 -6.24 -46.63 10.84
C LEU G 149 -5.86 -47.17 12.21
N LEU G 150 -4.57 -47.41 12.40
CA LEU G 150 -4.05 -47.97 13.63
C LEU G 150 -2.94 -47.09 14.16
N GLY G 151 -2.85 -46.99 15.48
CA GLY G 151 -1.79 -46.22 16.09
C GLY G 151 -1.41 -46.79 17.43
N VAL G 152 -0.21 -46.41 17.88
CA VAL G 152 0.32 -46.82 19.16
C VAL G 152 0.89 -45.58 19.85
N LYS G 153 0.40 -45.31 21.05
CA LYS G 153 0.87 -44.18 21.83
C LYS G 153 1.89 -44.57 22.88
N GLN G 154 1.71 -45.74 23.50
CA GLN G 154 2.60 -46.20 24.55
C GLN G 154 2.71 -47.71 24.47
N ASP G 155 3.94 -48.20 24.60
CA ASP G 155 4.21 -49.64 24.57
C ASP G 155 5.03 -49.99 25.81
N ALA G 156 4.42 -50.71 26.73
CA ALA G 156 5.10 -51.26 27.89
C ALA G 156 5.19 -52.78 27.84
N SER G 157 4.93 -53.37 26.68
CA SER G 157 4.94 -54.82 26.52
C SER G 157 5.76 -55.29 25.33
N GLY G 158 6.30 -54.38 24.53
CA GLY G 158 6.94 -54.79 23.28
C GLY G 158 5.99 -55.51 22.35
N LYS G 159 4.69 -55.42 22.60
CA LYS G 159 3.69 -56.14 21.83
C LYS G 159 2.54 -55.25 21.39
N ALA G 160 2.65 -53.94 21.56
CA ALA G 160 1.55 -53.05 21.20
C ALA G 160 1.08 -53.28 19.77
N TRP G 161 2.01 -53.51 18.86
CA TRP G 161 1.65 -53.60 17.44
C TRP G 161 0.93 -54.90 17.13
N ASP G 162 1.42 -56.03 17.66
CA ASP G 162 0.73 -57.28 17.36
C ASP G 162 -0.62 -57.32 18.05
N TYR G 163 -0.73 -56.72 19.24
CA TYR G 163 -2.05 -56.49 19.80
C TYR G 163 -2.90 -55.65 18.86
N ALA G 164 -2.29 -54.66 18.22
CA ALA G 164 -3.02 -53.81 17.29
C ALA G 164 -3.64 -54.63 16.19
N LYS G 165 -2.81 -55.41 15.49
CA LYS G 165 -3.32 -56.21 14.37
C LYS G 165 -4.25 -57.31 14.87
N ALA G 166 -4.00 -57.84 16.06
CA ALA G 166 -4.91 -58.80 16.66
C ALA G 166 -6.30 -58.21 16.77
N ILE G 167 -6.40 -57.05 17.40
CA ILE G 167 -7.67 -56.33 17.48
C ILE G 167 -8.25 -56.15 16.09
N ALA G 168 -7.43 -55.61 15.18
CA ALA G 168 -7.85 -55.36 13.82
C ALA G 168 -8.63 -56.53 13.27
N LYS G 169 -7.99 -57.70 13.22
CA LYS G 169 -8.69 -58.88 12.75
C LYS G 169 -9.81 -59.29 13.71
N GLY G 170 -9.81 -58.77 14.93
CA GLY G 170 -10.87 -59.06 15.87
C GLY G 170 -12.16 -58.37 15.58
N ILE G 171 -12.17 -57.47 14.59
CA ILE G 171 -13.35 -56.70 14.23
C ILE G 171 -13.78 -56.91 12.79
N GLY G 172 -13.08 -57.77 12.05
CA GLY G 172 -13.53 -58.15 10.73
C GLY G 172 -13.20 -57.16 9.63
N ALA G 173 -12.06 -56.47 9.74
CA ALA G 173 -11.66 -55.50 8.72
C ALA G 173 -10.74 -56.15 7.67
N ILE G 174 -9.60 -56.65 8.11
CA ILE G 174 -8.74 -57.47 7.26
C ILE G 174 -8.86 -58.91 7.75
N PRO G 175 -8.97 -59.89 6.86
CA PRO G 175 -8.92 -59.71 5.41
C PRO G 175 -10.24 -59.24 4.83
N GLY G 176 -10.18 -58.45 3.76
CA GLY G 176 -11.37 -57.97 3.09
C GLY G 176 -11.28 -56.48 2.84
N GLY G 177 -10.69 -55.77 3.80
CA GLY G 177 -10.35 -54.37 3.64
C GLY G 177 -8.86 -54.22 3.76
N ILE G 178 -8.40 -53.19 4.44
CA ILE G 178 -6.99 -53.01 4.74
C ILE G 178 -6.86 -52.36 6.12
N ALA G 179 -5.62 -52.15 6.53
CA ALA G 179 -5.34 -51.57 7.84
C ALA G 179 -4.10 -50.70 7.71
N VAL G 180 -4.24 -49.43 7.98
CA VAL G 180 -3.12 -48.50 7.94
C VAL G 180 -2.67 -48.22 9.36
N ILE G 181 -1.36 -48.04 9.50
CA ILE G 181 -0.75 -47.70 10.77
C ILE G 181 -0.46 -46.21 10.76
N SER G 182 -0.76 -45.55 11.87
CA SER G 182 -0.69 -44.10 11.89
C SER G 182 -0.81 -43.62 13.32
N SER G 183 -0.06 -42.58 13.64
CA SER G 183 -0.12 -42.00 14.97
C SER G 183 -1.53 -41.53 15.29
N PHE G 184 -1.78 -41.31 16.59
CA PHE G 184 -2.99 -40.64 17.00
C PHE G 184 -3.09 -39.27 16.34
N GLU G 185 -1.94 -38.59 16.22
CA GLU G 185 -1.93 -37.21 15.76
C GLU G 185 -2.47 -37.10 14.36
N GLU G 186 -1.99 -37.97 13.48
CA GLU G 186 -2.45 -37.95 12.10
C GLU G 186 -3.95 -38.13 12.02
N GLU G 187 -4.49 -39.07 12.78
CA GLU G 187 -5.92 -39.33 12.72
C GLU G 187 -6.72 -38.08 13.06
N ALA G 188 -6.36 -37.44 14.17
CA ALA G 188 -7.08 -36.25 14.59
C ALA G 188 -6.93 -35.14 13.56
N LEU G 189 -5.70 -34.88 13.16
CA LEU G 189 -5.43 -33.88 12.14
C LEU G 189 -6.34 -34.06 10.95
N LEU G 190 -6.45 -35.30 10.48
CA LEU G 190 -7.25 -35.56 9.28
C LEU G 190 -8.73 -35.36 9.56
N ASP G 191 -9.26 -36.05 10.57
CA ASP G 191 -10.67 -35.95 10.87
C ASP G 191 -11.09 -34.50 11.09
N LEU G 192 -10.16 -33.63 11.42
CA LEU G 192 -10.51 -32.24 11.64
C LEU G 192 -10.36 -31.39 10.39
N MET G 193 -9.29 -31.60 9.62
CA MET G 193 -9.09 -30.82 8.41
C MET G 193 -10.32 -30.84 7.53
N SER G 194 -10.87 -32.03 7.29
CA SER G 194 -12.09 -32.15 6.52
C SER G 194 -13.19 -31.28 7.12
N GLU G 195 -13.43 -31.45 8.42
CA GLU G 195 -14.51 -30.73 9.08
C GLU G 195 -14.28 -29.23 9.12
N HIS G 196 -13.10 -28.76 8.73
CA HIS G 196 -12.78 -27.35 8.77
C HIS G 196 -12.52 -26.72 7.42
N THR G 197 -12.29 -27.51 6.38
CA THR G 197 -11.78 -26.97 5.12
C THR G 197 -12.76 -27.08 3.97
N TRP G 198 -13.12 -28.28 3.52
CA TRP G 198 -13.84 -28.35 2.26
C TRP G 198 -15.35 -28.47 2.45
N VAL G 199 -15.79 -29.05 3.55
CA VAL G 199 -17.20 -29.12 3.88
C VAL G 199 -17.76 -27.71 4.04
N PRO G 200 -17.22 -26.91 4.95
CA PRO G 200 -17.79 -25.58 5.16
C PRO G 200 -17.64 -24.68 3.95
N ILE G 201 -16.52 -24.80 3.25
CA ILE G 201 -16.33 -24.03 2.03
C ILE G 201 -17.42 -24.36 1.03
N LEU G 202 -17.65 -25.65 0.83
CA LEU G 202 -18.71 -26.09 -0.07
C LEU G 202 -20.05 -25.46 0.31
N PHE G 203 -20.41 -25.58 1.58
CA PHE G 203 -21.70 -25.08 2.01
C PHE G 203 -21.81 -23.58 1.80
N GLY G 204 -20.76 -22.85 2.14
CA GLY G 204 -20.78 -21.40 1.96
C GLY G 204 -20.90 -21.02 0.50
N ALA G 205 -20.21 -21.76 -0.37
CA ALA G 205 -20.29 -21.47 -1.78
C ALA G 205 -21.70 -21.67 -2.30
N ILE G 206 -22.34 -22.76 -1.90
CA ILE G 206 -23.71 -23.01 -2.31
C ILE G 206 -24.61 -21.88 -1.85
N LYS G 207 -24.52 -21.55 -0.56
CA LYS G 207 -25.34 -20.49 0.00
C LYS G 207 -25.15 -19.19 -0.77
N ALA G 208 -23.90 -18.89 -1.12
CA ALA G 208 -23.62 -17.66 -1.82
C ALA G 208 -24.19 -17.67 -3.23
N CYS G 209 -24.05 -18.80 -3.91
CA CYS G 209 -24.64 -18.91 -5.24
C CYS G 209 -26.13 -18.63 -5.19
N TYR G 210 -26.82 -19.24 -4.23
CA TYR G 210 -28.24 -18.97 -4.08
C TYR G 210 -28.51 -17.49 -3.89
N ASP G 211 -27.89 -16.91 -2.86
CA ASP G 211 -28.15 -15.51 -2.52
C ASP G 211 -27.93 -14.62 -3.73
N ILE G 212 -26.81 -14.82 -4.42
CA ILE G 212 -26.48 -14.00 -5.57
C ILE G 212 -27.56 -14.15 -6.64
N ALA G 213 -27.74 -15.39 -7.11
CA ALA G 213 -28.67 -15.62 -8.20
C ALA G 213 -30.02 -14.99 -7.92
N VAL G 214 -30.44 -14.99 -6.67
CA VAL G 214 -31.76 -14.48 -6.35
C VAL G 214 -31.76 -12.96 -6.32
N LYS G 215 -30.84 -12.37 -5.57
CA LYS G 215 -30.88 -10.95 -5.26
C LYS G 215 -30.23 -10.07 -6.32
N GLU G 216 -29.64 -10.65 -7.35
CA GLU G 216 -28.94 -9.86 -8.35
C GLU G 216 -29.25 -10.26 -9.78
N TYR G 217 -30.07 -11.27 -10.15
CA TYR G 217 -30.42 -11.58 -11.58
C TYR G 217 -31.91 -11.99 -11.71
N GLY G 218 -32.78 -11.64 -10.74
CA GLY G 218 -34.23 -11.94 -10.73
C GLY G 218 -34.59 -13.40 -10.98
N VAL G 219 -34.07 -14.33 -10.17
CA VAL G 219 -34.34 -15.80 -10.31
C VAL G 219 -35.28 -16.28 -9.20
N SER G 220 -35.99 -17.40 -9.42
CA SER G 220 -36.92 -18.01 -8.49
C SER G 220 -36.17 -18.94 -7.55
N PRO G 221 -36.46 -18.88 -6.25
CA PRO G 221 -35.77 -19.76 -5.30
C PRO G 221 -35.83 -21.23 -5.69
N GLU G 222 -36.98 -21.66 -6.20
CA GLU G 222 -37.19 -23.07 -6.52
C GLU G 222 -36.13 -23.57 -7.49
N ALA G 223 -35.92 -22.83 -8.58
CA ALA G 223 -34.97 -23.25 -9.59
C ALA G 223 -33.57 -23.35 -9.02
N ALA G 224 -33.17 -22.35 -8.24
CA ALA G 224 -31.84 -22.36 -7.64
C ALA G 224 -31.65 -23.59 -6.78
N LEU G 225 -32.61 -23.86 -5.90
CA LEU G 225 -32.52 -25.01 -5.02
C LEU G 225 -32.42 -26.30 -5.82
N LEU G 226 -33.21 -26.40 -6.89
CA LEU G 226 -33.17 -27.61 -7.71
C LEU G 226 -31.80 -27.81 -8.32
N GLU G 227 -31.23 -26.74 -8.86
CA GLU G 227 -29.95 -26.86 -9.53
C GLU G 227 -28.86 -27.24 -8.54
N PHE G 228 -28.79 -26.54 -7.41
CA PHE G 228 -27.60 -26.63 -6.59
C PHE G 228 -27.56 -27.92 -5.77
N TYR G 229 -28.53 -28.12 -4.88
CA TYR G 229 -28.48 -29.30 -4.02
C TYR G 229 -29.79 -30.04 -3.85
N ALA G 230 -30.94 -29.44 -4.13
CA ALA G 230 -32.19 -30.17 -3.95
C ALA G 230 -32.27 -31.39 -4.86
N SER G 231 -31.43 -31.45 -5.88
CA SER G 231 -31.32 -32.62 -6.74
C SER G 231 -30.18 -33.50 -6.25
N GLY G 232 -30.29 -34.80 -6.49
CA GLY G 232 -29.32 -35.77 -6.04
C GLY G 232 -28.10 -35.87 -6.92
N GLU G 233 -27.85 -34.82 -7.71
CA GLU G 233 -26.68 -34.81 -8.59
C GLU G 233 -25.42 -35.10 -7.81
N LEU G 234 -25.19 -34.33 -6.75
CA LEU G 234 -23.98 -34.48 -5.96
C LEU G 234 -23.77 -35.91 -5.50
N ALA G 235 -24.85 -36.60 -5.13
CA ALA G 235 -24.74 -37.96 -4.64
C ALA G 235 -24.15 -38.87 -5.71
N GLU G 236 -24.70 -38.81 -6.92
CA GLU G 236 -24.20 -39.65 -8.00
C GLU G 236 -22.75 -39.33 -8.30
N ILE G 237 -22.39 -38.04 -8.25
CA ILE G 237 -21.01 -37.64 -8.52
C ILE G 237 -20.09 -38.26 -7.48
N ALA G 238 -20.47 -38.19 -6.20
CA ALA G 238 -19.63 -38.75 -5.14
C ALA G 238 -19.49 -40.24 -5.29
N ARG G 239 -20.57 -40.93 -5.64
CA ARG G 239 -20.50 -42.36 -5.86
C ARG G 239 -19.51 -42.68 -6.97
N LEU G 240 -19.66 -42.02 -8.11
CA LEU G 240 -18.74 -42.27 -9.23
C LEU G 240 -17.31 -41.99 -8.83
N ILE G 241 -17.10 -40.96 -7.99
CA ILE G 241 -15.77 -40.68 -7.49
C ILE G 241 -15.22 -41.89 -6.75
N ALA G 242 -15.97 -42.34 -5.75
CA ALA G 242 -15.52 -43.48 -4.95
C ALA G 242 -15.28 -44.70 -5.81
N GLU G 243 -15.99 -44.84 -6.93
CA GLU G 243 -15.88 -46.04 -7.74
C GLU G 243 -14.72 -45.96 -8.71
N GLU G 244 -14.73 -44.95 -9.59
CA GLU G 244 -13.80 -44.86 -10.70
C GLU G 244 -12.56 -44.04 -10.38
N GLY G 245 -12.73 -42.92 -9.71
CA GLY G 245 -11.66 -41.96 -9.50
C GLY G 245 -12.24 -40.58 -9.66
N ILE G 246 -11.62 -39.62 -9.01
CA ILE G 246 -12.18 -38.26 -8.96
C ILE G 246 -12.22 -37.65 -10.34
N PHE G 247 -11.14 -37.78 -11.11
CA PHE G 247 -11.03 -37.13 -12.41
C PHE G 247 -11.65 -37.98 -13.50
N ASN G 248 -11.25 -39.25 -13.60
CA ASN G 248 -11.86 -40.15 -14.56
C ASN G 248 -13.37 -40.07 -14.50
N GLN G 249 -13.91 -39.68 -13.34
CA GLN G 249 -15.35 -39.51 -13.20
C GLN G 249 -15.91 -38.55 -14.24
N MET G 250 -15.20 -37.46 -14.50
CA MET G 250 -15.74 -36.37 -15.28
C MET G 250 -15.92 -36.73 -16.75
N VAL G 251 -15.43 -37.89 -17.18
CA VAL G 251 -15.62 -38.30 -18.56
C VAL G 251 -17.10 -38.44 -18.89
N HIS G 252 -17.92 -38.76 -17.90
CA HIS G 252 -19.34 -38.89 -18.11
C HIS G 252 -20.05 -37.55 -18.17
N HIS G 253 -19.32 -36.45 -18.08
CA HIS G 253 -19.88 -35.12 -18.18
C HIS G 253 -19.69 -34.58 -19.60
N SER G 254 -20.15 -33.36 -19.82
CA SER G 254 -19.96 -32.69 -21.08
C SER G 254 -18.62 -31.99 -21.12
N THR G 255 -18.12 -31.78 -22.35
CA THR G 255 -16.83 -31.13 -22.53
C THR G 255 -16.84 -29.74 -21.91
N THR G 256 -17.95 -29.03 -22.07
CA THR G 256 -18.06 -27.70 -21.50
C THR G 256 -17.80 -27.72 -20.00
N SER G 257 -18.46 -28.65 -19.30
CA SER G 257 -18.27 -28.78 -17.87
C SER G 257 -16.83 -29.07 -17.53
N GLN G 258 -16.24 -30.04 -18.23
CA GLN G 258 -14.85 -30.39 -18.00
C GLN G 258 -13.96 -29.16 -18.10
N TYR G 259 -14.12 -28.40 -19.18
CA TYR G 259 -13.27 -27.26 -19.44
C TYR G 259 -13.38 -26.25 -18.32
N GLY G 260 -14.60 -25.80 -18.05
CA GLY G 260 -14.78 -24.79 -17.02
C GLY G 260 -14.25 -25.25 -15.68
N THR G 261 -14.60 -26.47 -15.31
CA THR G 261 -14.19 -27.01 -14.02
C THR G 261 -12.68 -27.01 -13.89
N LEU G 262 -11.98 -27.54 -14.89
CA LEU G 262 -10.53 -27.64 -14.80
C LEU G 262 -9.87 -26.28 -14.72
N THR G 263 -10.26 -25.38 -15.63
CA THR G 263 -9.66 -24.06 -15.62
C THR G 263 -9.83 -23.41 -14.26
N ARG G 264 -11.07 -23.39 -13.75
CA ARG G 264 -11.30 -22.71 -12.50
C ARG G 264 -10.60 -23.39 -11.34
N MET G 265 -10.51 -24.72 -11.38
CA MET G 265 -9.79 -25.43 -10.35
C MET G 265 -8.35 -24.99 -10.28
N PHE G 266 -7.66 -25.03 -11.40
CA PHE G 266 -6.26 -24.60 -11.41
C PHE G 266 -6.13 -23.11 -11.18
N LYS G 267 -7.23 -22.37 -11.27
CA LYS G 267 -7.20 -20.93 -11.08
C LYS G 267 -7.34 -20.51 -9.63
N TYR G 268 -7.96 -21.35 -8.80
CA TYR G 268 -8.26 -21.00 -7.41
C TYR G 268 -7.52 -21.89 -6.42
N TYR G 269 -6.52 -22.63 -6.87
CA TYR G 269 -5.86 -23.60 -6.01
C TYR G 269 -5.05 -22.92 -4.91
N ASP G 270 -4.52 -21.74 -5.19
CA ASP G 270 -3.63 -21.09 -4.23
C ASP G 270 -4.39 -20.59 -3.01
N VAL G 271 -5.55 -19.99 -3.24
CA VAL G 271 -6.33 -19.40 -2.16
C VAL G 271 -6.64 -20.45 -1.10
N VAL G 272 -7.34 -21.50 -1.53
CA VAL G 272 -7.74 -22.57 -0.63
C VAL G 272 -6.52 -23.19 0.01
N ARG G 273 -5.41 -23.23 -0.71
CA ARG G 273 -4.17 -23.75 -0.13
C ARG G 273 -3.77 -22.93 1.08
N ARG G 274 -3.79 -21.61 0.92
CA ARG G 274 -3.49 -20.72 2.04
C ARG G 274 -4.40 -21.00 3.22
N ILE G 275 -5.70 -21.09 2.94
CA ILE G 275 -6.68 -21.35 3.99
C ILE G 275 -6.33 -22.63 4.74
N VAL G 276 -6.11 -23.70 3.98
CA VAL G 276 -5.84 -24.99 4.57
C VAL G 276 -4.59 -24.94 5.43
N GLU G 277 -3.56 -24.27 4.95
CA GLU G 277 -2.36 -24.07 5.75
C GLU G 277 -2.71 -23.46 7.09
N ASN G 278 -3.45 -22.36 7.05
CA ASN G 278 -3.80 -21.67 8.28
C ASN G 278 -4.49 -22.61 9.26
N GLU G 279 -5.48 -23.35 8.78
CA GLU G 279 -6.27 -24.16 9.69
C GLU G 279 -5.46 -25.33 10.24
N ALA G 280 -4.71 -26.02 9.37
CA ALA G 280 -3.89 -27.12 9.83
C ALA G 280 -2.91 -26.66 10.88
N LYS G 281 -2.34 -25.47 10.69
CA LYS G 281 -1.44 -24.94 11.70
C LYS G 281 -2.17 -24.68 12.99
N TYR G 282 -3.34 -24.05 12.91
CA TYR G 282 -4.16 -23.83 14.09
C TYR G 282 -4.39 -25.10 14.85
N ILE G 283 -4.44 -26.23 14.16
CA ILE G 283 -4.74 -27.50 14.82
C ILE G 283 -3.50 -28.11 15.43
N TRP G 284 -2.44 -28.25 14.62
CA TRP G 284 -1.21 -28.89 15.07
C TRP G 284 -0.76 -28.37 16.43
N ASP G 285 -1.11 -27.13 16.75
CA ASP G 285 -0.66 -26.50 17.98
C ASP G 285 -1.52 -26.81 19.18
N GLY G 286 -2.79 -27.14 18.97
CA GLY G 286 -3.70 -27.41 20.06
C GLY G 286 -4.67 -26.31 20.37
N SER G 287 -4.72 -25.26 19.55
CA SER G 287 -5.57 -24.13 19.85
C SER G 287 -7.03 -24.47 19.75
N PHE G 288 -7.41 -25.22 18.71
CA PHE G 288 -8.81 -25.54 18.51
C PHE G 288 -9.37 -26.33 19.67
N ALA G 289 -8.59 -27.28 20.20
CA ALA G 289 -9.03 -28.03 21.35
C ALA G 289 -9.37 -27.11 22.50
N LYS G 290 -8.50 -26.13 22.75
CA LYS G 290 -8.75 -25.15 23.78
C LYS G 290 -10.06 -24.41 23.53
N GLU G 291 -10.20 -23.87 22.33
CA GLU G 291 -11.41 -23.15 21.96
C GLU G 291 -12.65 -23.98 22.26
N TRP G 292 -12.65 -25.22 21.81
CA TRP G 292 -13.83 -26.06 21.93
C TRP G 292 -14.11 -26.41 23.39
N SER G 293 -13.07 -26.73 24.14
CA SER G 293 -13.26 -27.06 25.54
C SER G 293 -13.85 -25.89 26.31
N LEU G 294 -13.35 -24.69 26.05
CA LEU G 294 -13.90 -23.52 26.71
C LEU G 294 -15.35 -23.31 26.30
N GLU G 295 -15.64 -23.41 25.01
CA GLU G 295 -17.01 -23.24 24.56
C GLU G 295 -17.95 -24.21 25.26
N GLN G 296 -17.46 -25.40 25.59
CA GLN G 296 -18.24 -26.28 26.45
C GLN G 296 -18.43 -25.66 27.82
N GLN G 297 -17.33 -25.15 28.39
CA GLN G 297 -17.36 -24.66 29.76
C GLN G 297 -18.18 -23.40 29.93
N ALA G 298 -18.62 -22.78 28.85
CA ALA G 298 -19.36 -21.54 28.94
C ALA G 298 -20.85 -21.70 28.75
N GLY G 299 -21.28 -22.72 28.02
CA GLY G 299 -22.70 -22.99 27.87
C GLY G 299 -23.16 -23.09 26.45
N TYR G 300 -22.22 -23.30 25.53
CA TYR G 300 -22.53 -23.49 24.13
C TYR G 300 -23.31 -22.32 23.55
N PRO G 301 -22.94 -21.09 23.83
CA PRO G 301 -23.70 -19.95 23.29
C PRO G 301 -23.57 -19.79 21.79
N VAL G 302 -22.34 -19.77 21.32
CA VAL G 302 -22.08 -19.55 19.89
C VAL G 302 -22.74 -20.66 19.07
N PHE G 303 -22.49 -21.90 19.46
CA PHE G 303 -23.19 -23.04 18.88
C PHE G 303 -24.66 -22.72 18.69
N TYR G 304 -25.30 -22.25 19.76
CA TYR G 304 -26.72 -21.97 19.75
C TYR G 304 -27.07 -20.92 18.71
N ARG G 305 -26.39 -19.77 18.79
CA ARG G 305 -26.74 -18.66 17.91
C ARG G 305 -26.55 -19.03 16.45
N LEU G 306 -25.52 -19.80 16.15
CA LEU G 306 -25.28 -20.17 14.77
C LEU G 306 -26.31 -21.18 14.28
N TRP G 307 -26.61 -22.18 15.09
CA TRP G 307 -27.67 -23.10 14.74
C TRP G 307 -28.96 -22.34 14.47
N GLU G 308 -29.16 -21.23 15.16
CA GLU G 308 -30.35 -20.41 14.90
C GLU G 308 -30.24 -19.71 13.56
N LEU G 309 -29.19 -18.90 13.39
CA LEU G 309 -29.04 -18.12 12.17
C LEU G 309 -29.17 -18.98 10.93
N ALA G 310 -28.49 -20.12 10.92
CA ALA G 310 -28.52 -20.98 9.74
C ALA G 310 -29.94 -21.34 9.36
N THR G 311 -30.74 -21.76 10.33
CA THR G 311 -32.09 -22.22 10.02
C THR G 311 -33.02 -21.07 9.69
N GLN G 312 -32.79 -19.90 10.27
CA GLN G 312 -33.62 -18.74 10.01
C GLN G 312 -33.21 -18.00 8.76
N SER G 313 -32.33 -18.58 7.96
CA SER G 313 -31.95 -17.97 6.71
C SER G 313 -33.02 -18.22 5.65
N GLU G 314 -32.95 -17.44 4.57
CA GLU G 314 -33.93 -17.54 3.51
C GLU G 314 -33.88 -18.91 2.85
N MET G 315 -32.68 -19.34 2.50
CA MET G 315 -32.49 -20.61 1.81
C MET G 315 -33.19 -21.73 2.54
N ALA G 316 -33.09 -21.74 3.87
CA ALA G 316 -33.66 -22.83 4.65
C ALA G 316 -35.18 -22.81 4.60
N LYS G 317 -35.77 -21.63 4.71
CA LYS G 317 -37.22 -21.52 4.65
C LYS G 317 -37.74 -21.99 3.31
N ALA G 318 -37.08 -21.57 2.22
CA ALA G 318 -37.48 -22.00 0.90
C ALA G 318 -37.36 -23.50 0.77
N GLU G 319 -36.23 -24.06 1.23
CA GLU G 319 -36.05 -25.51 1.24
C GLU G 319 -37.20 -26.18 1.98
N LYS G 320 -37.67 -25.54 3.04
CA LYS G 320 -38.77 -26.10 3.81
C LYS G 320 -40.03 -26.18 2.96
N GLU G 321 -40.45 -25.03 2.41
CA GLU G 321 -41.63 -25.02 1.55
C GLU G 321 -41.52 -26.09 0.48
N LEU G 322 -40.34 -26.22 -0.12
CA LEU G 322 -40.18 -27.10 -1.26
C LEU G 322 -40.25 -28.56 -0.85
N TYR G 323 -39.32 -28.99 0.01
CA TYR G 323 -39.33 -30.36 0.49
C TYR G 323 -40.72 -30.78 0.93
N LYS G 324 -41.49 -29.84 1.48
CA LYS G 324 -42.88 -30.10 1.78
C LYS G 324 -43.65 -30.44 0.51
N LEU G 325 -43.40 -29.68 -0.55
CA LEU G 325 -44.12 -29.91 -1.80
C LEU G 325 -43.82 -31.30 -2.36
N LEU G 326 -42.56 -31.69 -2.35
CA LEU G 326 -42.15 -32.98 -2.92
C LEU G 326 -42.46 -34.16 -2.00
N GLY G 327 -43.10 -33.92 -0.86
CA GLY G 327 -43.36 -34.98 0.08
C GLY G 327 -42.19 -35.37 0.93
N ARG G 328 -40.98 -34.95 0.58
CA ARG G 328 -39.82 -35.24 1.41
C ARG G 328 -40.05 -34.70 2.81
N LYS G 329 -39.81 -35.56 3.80
CA LYS G 329 -40.04 -35.18 5.18
C LYS G 329 -39.16 -33.99 5.59
N ASP H 2 -47.90 -20.15 -6.55
CA ASP H 2 -46.67 -19.58 -7.07
C ASP H 2 -46.41 -19.99 -8.51
N LYS H 3 -45.25 -19.61 -9.03
CA LYS H 3 -44.88 -19.93 -10.41
C LYS H 3 -44.91 -21.43 -10.73
N THR H 4 -44.88 -22.29 -9.73
CA THR H 4 -44.85 -23.71 -9.99
C THR H 4 -46.11 -24.14 -10.73
N VAL H 5 -46.03 -25.32 -11.33
CA VAL H 5 -47.16 -25.96 -11.98
C VAL H 5 -47.11 -27.44 -11.67
N LEU H 6 -48.21 -27.98 -11.15
CA LEU H 6 -48.26 -29.36 -10.70
C LEU H 6 -48.94 -30.29 -11.69
N ASP H 7 -49.72 -29.75 -12.62
CA ASP H 7 -50.33 -30.55 -13.68
C ASP H 7 -51.02 -29.59 -14.65
N ALA H 8 -51.24 -30.07 -15.86
CA ALA H 8 -51.82 -29.25 -16.91
C ALA H 8 -52.43 -30.16 -17.96
N ASN H 9 -52.74 -29.59 -19.13
CA ASN H 9 -53.46 -30.28 -20.17
C ASN H 9 -52.51 -31.05 -21.09
N LEU H 10 -53.09 -31.73 -22.06
CA LEU H 10 -52.35 -32.47 -23.09
C LEU H 10 -53.01 -32.31 -24.44
N ASP H 11 -53.67 -31.17 -24.67
CA ASP H 11 -54.54 -30.98 -25.83
C ASP H 11 -53.79 -30.68 -27.11
N PRO H 12 -52.86 -29.70 -27.14
CA PRO H 12 -52.36 -29.23 -28.45
C PRO H 12 -51.51 -30.25 -29.17
N LEU H 13 -50.95 -31.22 -28.45
CA LEU H 13 -50.02 -32.17 -29.04
C LEU H 13 -50.70 -33.42 -29.61
N LYS H 14 -51.99 -33.61 -29.31
CA LYS H 14 -52.72 -34.76 -29.82
C LYS H 14 -53.40 -34.36 -31.13
N GLY H 15 -53.06 -35.06 -32.20
CA GLY H 15 -53.46 -34.70 -33.54
C GLY H 15 -52.32 -34.19 -34.40
N LYS H 16 -51.18 -33.88 -33.80
CA LYS H 16 -50.00 -33.43 -34.52
C LYS H 16 -48.91 -34.49 -34.46
N THR H 17 -47.93 -34.34 -35.33
CA THR H 17 -46.72 -35.15 -35.30
C THR H 17 -45.63 -34.38 -34.57
N ILE H 18 -44.69 -35.13 -34.02
CA ILE H 18 -43.61 -34.56 -33.24
C ILE H 18 -42.28 -35.01 -33.80
N GLY H 19 -41.28 -34.13 -33.71
CA GLY H 19 -39.97 -34.43 -34.24
C GLY H 19 -38.94 -34.59 -33.14
N VAL H 20 -38.47 -35.82 -32.95
CA VAL H 20 -37.48 -36.12 -31.92
C VAL H 20 -36.13 -36.29 -32.60
N ILE H 21 -35.21 -35.40 -32.30
CA ILE H 21 -33.87 -35.41 -32.86
C ILE H 21 -32.95 -36.05 -31.83
N GLY H 22 -32.64 -37.32 -32.03
CA GLY H 22 -31.64 -37.98 -31.22
C GLY H 22 -32.24 -39.09 -30.38
N TYR H 23 -31.38 -40.04 -30.03
CA TYR H 23 -31.76 -41.24 -29.31
C TYR H 23 -30.69 -41.57 -28.27
N GLY H 24 -30.23 -40.55 -27.55
CA GLY H 24 -29.14 -40.73 -26.62
C GLY H 24 -29.63 -41.13 -25.25
N ASN H 25 -29.35 -40.28 -24.26
CA ASN H 25 -29.90 -40.49 -22.93
C ASN H 25 -31.33 -39.97 -22.85
N GLN H 26 -31.48 -38.65 -22.98
CA GLN H 26 -32.81 -38.05 -22.94
C GLN H 26 -33.66 -38.56 -24.07
N GLY H 27 -33.21 -38.34 -25.30
CA GLY H 27 -33.96 -38.70 -26.49
C GLY H 27 -34.69 -40.02 -26.33
N ARG H 28 -33.96 -41.08 -26.02
CA ARG H 28 -34.59 -42.37 -25.85
C ARG H 28 -35.62 -42.32 -24.73
N VAL H 29 -35.23 -41.80 -23.56
CA VAL H 29 -36.12 -41.84 -22.41
C VAL H 29 -37.40 -41.07 -22.72
N GLN H 30 -37.26 -39.79 -23.04
CA GLN H 30 -38.43 -38.94 -23.27
C GLN H 30 -39.28 -39.47 -24.42
N ALA H 31 -38.64 -39.99 -25.46
CA ALA H 31 -39.33 -40.49 -26.63
C ALA H 31 -40.16 -41.71 -26.29
N THR H 32 -39.54 -42.69 -25.61
CA THR H 32 -40.29 -43.86 -25.17
C THR H 32 -41.44 -43.45 -24.25
N ILE H 33 -41.16 -42.54 -23.32
CA ILE H 33 -42.22 -42.01 -22.44
C ILE H 33 -43.39 -41.50 -23.26
N MET H 34 -43.10 -40.65 -24.24
CA MET H 34 -44.16 -39.98 -24.98
C MET H 34 -44.95 -40.97 -25.83
N ARG H 35 -44.24 -41.79 -26.60
CA ARG H 35 -44.92 -42.87 -27.32
C ARG H 35 -45.85 -43.62 -26.39
N GLU H 36 -45.40 -43.88 -25.17
CA GLU H 36 -46.24 -44.55 -24.18
C GLU H 36 -47.30 -43.63 -23.59
N ASN H 37 -47.26 -42.33 -23.89
CA ASN H 37 -48.25 -41.38 -23.42
C ASN H 37 -49.34 -41.11 -24.45
N GLY H 38 -49.37 -41.86 -25.54
CA GLY H 38 -50.41 -41.71 -26.53
C GLY H 38 -50.20 -40.54 -27.48
N LEU H 39 -49.14 -40.59 -28.27
CA LEU H 39 -48.90 -39.58 -29.29
C LEU H 39 -48.23 -40.23 -30.49
N ASN H 40 -48.31 -39.55 -31.62
CA ASN H 40 -47.64 -39.98 -32.85
C ASN H 40 -46.32 -39.22 -32.96
N VAL H 41 -45.22 -39.96 -33.03
CA VAL H 41 -43.89 -39.40 -32.89
C VAL H 41 -42.99 -40.01 -33.97
N ILE H 42 -41.84 -39.37 -34.18
CA ILE H 42 -40.83 -39.86 -35.09
C ILE H 42 -39.45 -39.50 -34.54
N VAL H 43 -38.42 -40.03 -35.19
CA VAL H 43 -37.05 -39.89 -34.71
C VAL H 43 -36.17 -39.43 -35.86
N GLY H 44 -35.20 -38.58 -35.55
CA GLY H 44 -34.14 -38.26 -36.48
C GLY H 44 -32.80 -38.46 -35.80
N ASN H 45 -31.87 -39.08 -36.53
CA ASN H 45 -30.65 -39.55 -35.88
C ASN H 45 -29.55 -39.72 -36.92
N VAL H 46 -28.32 -39.55 -36.46
CA VAL H 46 -27.16 -39.93 -37.26
C VAL H 46 -27.09 -41.45 -37.32
N LYS H 47 -26.99 -41.99 -38.52
CA LYS H 47 -27.15 -43.42 -38.74
C LYS H 47 -25.88 -44.14 -38.27
N ASP H 48 -25.92 -44.54 -37.01
CA ASP H 48 -24.81 -45.22 -36.35
C ASP H 48 -25.40 -46.15 -35.30
N LYS H 49 -24.57 -46.58 -34.34
CA LYS H 49 -25.00 -47.49 -33.30
C LYS H 49 -26.29 -47.03 -32.63
N TYR H 50 -26.37 -45.74 -32.30
CA TYR H 50 -27.61 -45.24 -31.69
C TYR H 50 -28.78 -45.42 -32.64
N TYR H 51 -28.56 -45.25 -33.95
CA TYR H 51 -29.64 -45.49 -34.90
C TYR H 51 -30.04 -46.96 -34.87
N GLU H 52 -29.06 -47.86 -34.81
CA GLU H 52 -29.37 -49.28 -34.64
C GLU H 52 -30.28 -49.49 -33.45
N LEU H 53 -29.90 -48.94 -32.29
CA LEU H 53 -30.69 -49.11 -31.08
C LEU H 53 -32.07 -48.47 -31.20
N ALA H 54 -32.17 -47.37 -31.93
CA ALA H 54 -33.44 -46.66 -32.03
C ALA H 54 -34.42 -47.43 -32.89
N LYS H 55 -34.00 -47.81 -34.09
CA LYS H 55 -34.84 -48.66 -34.93
C LYS H 55 -35.08 -50.00 -34.26
N LYS H 56 -34.14 -50.44 -33.42
CA LYS H 56 -34.32 -51.63 -32.60
C LYS H 56 -35.58 -51.50 -31.76
N GLU H 57 -35.66 -50.43 -30.98
CA GLU H 57 -36.80 -50.24 -30.08
C GLU H 57 -38.08 -49.88 -30.80
N GLY H 58 -38.11 -49.89 -32.12
CA GLY H 58 -39.35 -49.72 -32.85
C GLY H 58 -39.76 -48.29 -33.12
N PHE H 59 -38.83 -47.41 -33.42
CA PHE H 59 -39.11 -46.03 -33.82
C PHE H 59 -38.62 -45.86 -35.25
N GLU H 60 -39.57 -45.66 -36.17
CA GLU H 60 -39.21 -45.25 -37.51
C GLU H 60 -38.36 -43.98 -37.49
N VAL H 61 -37.20 -44.04 -38.13
CA VAL H 61 -36.21 -42.98 -38.06
C VAL H 61 -35.78 -42.63 -39.46
N TYR H 62 -36.26 -41.49 -39.96
CA TYR H 62 -35.81 -40.95 -41.23
C TYR H 62 -34.55 -40.12 -41.01
N GLU H 63 -34.14 -39.39 -42.04
CA GLU H 63 -33.08 -38.41 -41.86
C GLU H 63 -33.63 -37.22 -41.07
N ILE H 64 -32.71 -36.45 -40.52
CA ILE H 64 -33.07 -35.31 -39.67
C ILE H 64 -34.11 -34.44 -40.37
N ASP H 65 -33.73 -33.89 -41.52
CA ASP H 65 -34.63 -32.98 -42.22
C ASP H 65 -35.93 -33.65 -42.60
N GLU H 66 -35.90 -34.95 -42.88
CA GLU H 66 -37.13 -35.64 -43.23
C GLU H 66 -38.06 -35.76 -42.05
N ALA H 67 -37.50 -35.79 -40.84
CA ALA H 67 -38.34 -35.78 -39.64
C ALA H 67 -38.84 -34.39 -39.32
N VAL H 68 -38.18 -33.36 -39.83
CA VAL H 68 -38.67 -32.00 -39.61
C VAL H 68 -39.73 -31.63 -40.62
N ARG H 69 -39.65 -32.16 -41.83
CA ARG H 69 -40.68 -31.88 -42.83
C ARG H 69 -42.01 -32.49 -42.43
N ARG H 70 -41.98 -33.67 -41.82
CA ARG H 70 -43.21 -34.34 -41.43
C ARG H 70 -43.80 -33.74 -40.16
N SER H 71 -42.96 -33.27 -39.26
CA SER H 71 -43.41 -32.80 -37.96
C SER H 71 -43.69 -31.31 -37.99
N ASP H 72 -44.65 -30.89 -37.16
CA ASP H 72 -44.89 -29.48 -36.88
C ASP H 72 -44.21 -29.04 -35.60
N VAL H 73 -43.63 -29.97 -34.84
CA VAL H 73 -42.82 -29.67 -33.68
C VAL H 73 -41.52 -30.44 -33.81
N ALA H 74 -40.49 -29.94 -33.11
CA ALA H 74 -39.18 -30.56 -33.16
C ALA H 74 -38.48 -30.35 -31.83
N LEU H 75 -37.81 -31.40 -31.36
CA LEU H 75 -37.02 -31.35 -30.14
C LEU H 75 -35.58 -31.72 -30.47
N LEU H 76 -34.67 -30.80 -30.19
CA LEU H 76 -33.27 -30.95 -30.58
C LEU H 76 -32.49 -31.47 -29.38
N LEU H 77 -32.48 -32.79 -29.25
CA LEU H 77 -31.93 -33.45 -28.06
C LEU H 77 -30.51 -33.93 -28.31
N ILE H 78 -29.65 -32.96 -28.63
CA ILE H 78 -28.30 -33.26 -29.08
C ILE H 78 -27.32 -32.28 -28.42
N PRO H 79 -26.01 -32.40 -28.67
CA PRO H 79 -25.04 -31.62 -27.90
C PRO H 79 -25.12 -30.11 -28.05
N ASP H 80 -24.20 -29.44 -27.34
CA ASP H 80 -24.17 -27.99 -27.23
C ASP H 80 -23.02 -27.35 -27.99
N GLU H 81 -22.06 -28.14 -28.44
CA GLU H 81 -20.79 -27.63 -28.93
C GLU H 81 -20.75 -27.51 -30.44
N VAL H 82 -21.61 -28.24 -31.14
CA VAL H 82 -21.55 -28.35 -32.59
C VAL H 82 -22.93 -28.14 -33.19
N MET H 83 -23.96 -28.18 -32.34
CA MET H 83 -25.32 -28.02 -32.81
C MET H 83 -25.45 -26.86 -33.78
N LYS H 84 -24.62 -25.84 -33.63
CA LYS H 84 -24.70 -24.66 -34.46
C LYS H 84 -24.61 -25.02 -35.94
N GLU H 85 -23.49 -25.61 -36.34
CA GLU H 85 -23.29 -25.94 -37.75
C GLU H 85 -24.41 -26.82 -38.26
N VAL H 86 -24.75 -27.85 -37.51
CA VAL H 86 -25.78 -28.78 -37.90
C VAL H 86 -27.08 -28.04 -38.21
N TYR H 87 -27.44 -27.09 -37.34
CA TYR H 87 -28.64 -26.31 -37.58
C TYR H 87 -28.48 -25.44 -38.82
N GLU H 88 -27.29 -24.91 -39.03
CA GLU H 88 -27.08 -24.00 -40.14
C GLU H 88 -27.26 -24.69 -41.47
N LYS H 89 -26.76 -25.92 -41.58
CA LYS H 89 -26.73 -26.63 -42.85
C LYS H 89 -28.01 -27.40 -43.12
N LYS H 90 -28.42 -28.24 -42.18
CA LYS H 90 -29.35 -29.32 -42.45
C LYS H 90 -30.73 -29.08 -41.86
N ILE H 91 -30.92 -28.02 -41.08
CA ILE H 91 -32.17 -27.76 -40.41
C ILE H 91 -32.74 -26.40 -40.78
N ALA H 92 -31.91 -25.38 -40.83
CA ALA H 92 -32.39 -24.06 -41.22
C ALA H 92 -33.10 -24.07 -42.57
N PRO H 93 -32.58 -24.71 -43.61
CA PRO H 93 -33.27 -24.69 -44.90
C PRO H 93 -34.68 -25.24 -44.78
N VAL H 94 -34.76 -26.47 -44.27
CA VAL H 94 -36.06 -27.13 -44.11
C VAL H 94 -37.00 -26.24 -43.33
N LEU H 95 -36.55 -25.77 -42.16
CA LEU H 95 -37.38 -24.92 -41.33
C LEU H 95 -37.89 -23.72 -42.11
N GLN H 96 -37.03 -23.10 -42.92
CA GLN H 96 -37.48 -22.05 -43.81
C GLN H 96 -38.59 -22.56 -44.72
N GLY H 97 -38.65 -23.86 -44.95
CA GLY H 97 -39.74 -24.46 -45.69
C GLY H 97 -40.96 -24.75 -44.84
N LYS H 98 -41.24 -23.88 -43.87
CA LYS H 98 -42.38 -24.07 -42.99
C LYS H 98 -42.91 -22.70 -42.59
N LYS H 99 -44.12 -22.69 -42.02
CA LYS H 99 -44.74 -21.45 -41.57
C LYS H 99 -45.04 -21.45 -40.07
N GLU H 100 -45.73 -22.48 -39.57
CA GLU H 100 -46.03 -22.61 -38.17
C GLU H 100 -45.24 -23.79 -37.63
N PHE H 101 -44.29 -23.52 -36.75
CA PHE H 101 -43.44 -24.57 -36.19
C PHE H 101 -43.16 -24.23 -34.74
N VAL H 102 -42.61 -25.21 -34.04
CA VAL H 102 -42.31 -25.07 -32.62
C VAL H 102 -41.06 -25.88 -32.33
N LEU H 103 -40.11 -25.25 -31.65
CA LEU H 103 -38.82 -25.87 -31.36
C LEU H 103 -38.51 -25.73 -29.88
N ASP H 104 -38.03 -26.83 -29.30
CA ASP H 104 -37.76 -26.92 -27.87
C ASP H 104 -36.42 -27.61 -27.67
N PHE H 105 -35.68 -27.17 -26.64
CA PHE H 105 -34.34 -27.67 -26.38
C PHE H 105 -34.23 -28.16 -24.95
N ALA H 106 -33.09 -28.80 -24.67
CA ALA H 106 -32.72 -29.20 -23.32
C ALA H 106 -31.95 -28.11 -22.61
N SER H 107 -31.05 -27.44 -23.31
CA SER H 107 -30.21 -26.39 -22.74
C SER H 107 -30.37 -25.11 -23.55
N GLY H 108 -30.16 -23.99 -22.89
CA GLY H 108 -30.33 -22.68 -23.48
C GLY H 108 -29.04 -22.00 -23.87
N TYR H 109 -27.92 -22.71 -23.78
CA TYR H 109 -26.62 -22.12 -24.12
C TYR H 109 -26.65 -21.48 -25.49
N ASN H 110 -26.93 -22.26 -26.52
CA ASN H 110 -26.78 -21.78 -27.89
C ASN H 110 -27.80 -20.71 -28.23
N VAL H 111 -28.92 -20.65 -27.53
CA VAL H 111 -29.95 -19.67 -27.83
C VAL H 111 -29.78 -18.42 -26.99
N ALA H 112 -29.57 -18.59 -25.70
CA ALA H 112 -29.43 -17.45 -24.81
C ALA H 112 -28.34 -16.50 -25.28
N PHE H 113 -27.33 -17.02 -25.94
CA PHE H 113 -26.19 -16.24 -26.38
C PHE H 113 -26.26 -15.90 -27.86
N GLY H 114 -27.32 -16.29 -28.55
CA GLY H 114 -27.55 -15.85 -29.89
C GLY H 114 -26.85 -16.64 -30.97
N LEU H 115 -26.29 -17.79 -30.63
CA LEU H 115 -25.65 -18.63 -31.62
C LEU H 115 -26.66 -19.30 -32.53
N ILE H 116 -27.94 -19.21 -32.20
CA ILE H 116 -29.00 -19.78 -33.01
C ILE H 116 -30.21 -18.87 -32.93
N ARG H 117 -30.64 -18.36 -34.07
CA ARG H 117 -31.71 -17.37 -34.14
C ARG H 117 -32.71 -17.82 -35.19
N PRO H 118 -33.62 -18.70 -34.82
CA PRO H 118 -34.64 -19.14 -35.76
C PRO H 118 -35.53 -17.99 -36.16
N PRO H 119 -36.40 -18.19 -37.14
CA PRO H 119 -37.24 -17.10 -37.63
C PRO H 119 -38.36 -16.78 -36.65
N LYS H 120 -39.02 -15.66 -36.92
CA LYS H 120 -40.19 -15.27 -36.16
C LYS H 120 -41.42 -16.10 -36.50
N SER H 121 -41.28 -17.12 -37.33
CA SER H 121 -42.38 -18.00 -37.68
C SER H 121 -42.36 -19.27 -36.86
N VAL H 122 -41.68 -19.26 -35.71
CA VAL H 122 -41.55 -20.45 -34.88
C VAL H 122 -41.58 -20.06 -33.41
N ASP H 123 -42.54 -20.61 -32.66
CA ASP H 123 -42.57 -20.41 -31.23
C ASP H 123 -41.42 -21.18 -30.59
N THR H 124 -40.64 -20.51 -29.77
CA THR H 124 -39.39 -21.05 -29.25
C THR H 124 -39.46 -21.19 -27.74
N ILE H 125 -39.07 -22.36 -27.23
CA ILE H 125 -39.33 -22.74 -25.85
C ILE H 125 -38.20 -23.64 -25.34
N MET H 126 -38.26 -23.93 -24.04
CA MET H 126 -37.31 -24.82 -23.39
C MET H 126 -38.05 -25.77 -22.47
N VAL H 127 -37.49 -26.98 -22.32
CA VAL H 127 -37.88 -27.87 -21.24
C VAL H 127 -36.65 -28.65 -20.80
N ALA H 128 -36.21 -28.42 -19.56
CA ALA H 128 -34.93 -28.93 -19.09
C ALA H 128 -35.09 -29.60 -17.73
N PRO H 129 -34.71 -30.86 -17.59
CA PRO H 129 -34.56 -31.45 -16.26
C PRO H 129 -33.14 -31.31 -15.73
N ARG H 130 -32.91 -31.81 -14.52
CA ARG H 130 -31.66 -31.60 -13.82
C ARG H 130 -30.92 -32.88 -13.47
N MET H 131 -31.43 -34.04 -13.87
CA MET H 131 -30.79 -35.30 -13.56
C MET H 131 -29.59 -35.49 -14.49
N VAL H 132 -28.98 -36.68 -14.47
CA VAL H 132 -28.13 -37.10 -15.56
C VAL H 132 -28.91 -37.94 -16.57
N GLY H 133 -30.08 -38.46 -16.20
CA GLY H 133 -30.99 -39.06 -17.15
C GLY H 133 -31.49 -40.43 -16.75
N GLU H 134 -30.61 -41.25 -16.16
CA GLU H 134 -31.01 -42.60 -15.79
C GLU H 134 -31.95 -42.60 -14.60
N GLY H 135 -31.79 -41.64 -13.71
CA GLY H 135 -32.68 -41.48 -12.59
C GLY H 135 -34.14 -41.35 -13.02
N ILE H 136 -34.37 -40.92 -14.26
CA ILE H 136 -35.74 -40.62 -14.67
C ILE H 136 -36.51 -41.90 -14.98
N MET H 137 -35.84 -42.92 -15.53
CA MET H 137 -36.48 -44.23 -15.57
C MET H 137 -36.50 -44.85 -14.18
N ASP H 138 -35.43 -44.66 -13.42
CA ASP H 138 -35.41 -45.04 -12.01
C ASP H 138 -36.52 -44.38 -11.21
N LEU H 139 -37.25 -43.44 -11.80
CA LEU H 139 -38.45 -42.87 -11.20
C LEU H 139 -39.72 -43.23 -11.95
N HIS H 140 -39.64 -43.42 -13.26
CA HIS H 140 -40.84 -43.70 -14.04
C HIS H 140 -41.38 -45.09 -13.75
N LYS H 141 -40.49 -46.08 -13.63
CA LYS H 141 -40.95 -47.40 -13.25
C LYS H 141 -41.59 -47.38 -11.86
N GLN H 142 -41.36 -46.32 -11.08
CA GLN H 142 -42.05 -46.10 -9.83
C GLN H 142 -43.33 -45.30 -10.00
N GLY H 143 -43.69 -44.95 -11.23
CA GLY H 143 -44.88 -44.16 -11.46
C GLY H 143 -44.82 -42.74 -10.93
N LYS H 144 -43.63 -42.26 -10.57
CA LYS H 144 -43.48 -40.93 -10.02
C LYS H 144 -43.44 -39.89 -11.14
N GLY H 145 -43.09 -38.66 -10.77
CA GLY H 145 -42.80 -37.62 -11.74
C GLY H 145 -41.62 -36.80 -11.24
N TYR H 146 -40.99 -36.10 -12.17
CA TYR H 146 -39.75 -35.40 -11.86
C TYR H 146 -39.88 -33.90 -12.10
N PRO H 147 -38.95 -33.10 -11.61
CA PRO H 147 -39.03 -31.65 -11.79
C PRO H 147 -38.23 -31.20 -13.00
N VAL H 148 -38.67 -30.09 -13.61
CA VAL H 148 -38.04 -29.56 -14.80
C VAL H 148 -38.19 -28.05 -14.84
N LEU H 149 -37.48 -27.44 -15.78
CA LEU H 149 -37.54 -26.01 -16.05
C LEU H 149 -38.11 -25.79 -17.43
N LEU H 150 -38.92 -24.74 -17.57
CA LEU H 150 -39.58 -24.41 -18.81
C LEU H 150 -39.30 -22.98 -19.17
N GLY H 151 -39.16 -22.71 -20.46
CA GLY H 151 -38.95 -21.34 -20.91
C GLY H 151 -39.55 -21.13 -22.28
N VAL H 152 -39.74 -19.85 -22.59
CA VAL H 152 -40.27 -19.43 -23.88
C VAL H 152 -39.41 -18.29 -24.38
N LYS H 153 -38.87 -18.45 -25.58
CA LYS H 153 -38.05 -17.43 -26.20
C LYS H 153 -38.80 -16.61 -27.22
N GLN H 154 -39.70 -17.24 -27.97
CA GLN H 154 -40.46 -16.55 -29.00
C GLN H 154 -41.84 -17.16 -29.08
N ASP H 155 -42.86 -16.31 -29.19
CA ASP H 155 -44.25 -16.74 -29.30
C ASP H 155 -44.86 -16.05 -30.51
N ALA H 156 -45.15 -16.83 -31.54
CA ALA H 156 -45.87 -16.34 -32.71
C ALA H 156 -47.25 -16.98 -32.82
N SER H 157 -47.73 -17.62 -31.75
CA SER H 157 -49.00 -18.30 -31.74
C SER H 157 -49.89 -17.92 -30.56
N GLY H 158 -49.40 -17.11 -29.64
CA GLY H 158 -50.13 -16.89 -28.41
C GLY H 158 -50.39 -18.14 -27.62
N LYS H 159 -49.69 -19.23 -27.94
CA LYS H 159 -49.89 -20.53 -27.32
C LYS H 159 -48.59 -21.17 -26.86
N ALA H 160 -47.48 -20.44 -26.87
CA ALA H 160 -46.20 -21.03 -26.51
C ALA H 160 -46.28 -21.72 -25.15
N TRP H 161 -46.98 -21.10 -24.20
CA TRP H 161 -46.98 -21.61 -22.84
C TRP H 161 -47.81 -22.89 -22.70
N ASP H 162 -48.99 -22.92 -23.32
CA ASP H 162 -49.78 -24.14 -23.22
C ASP H 162 -49.14 -25.27 -23.99
N TYR H 163 -48.47 -24.96 -25.10
CA TYR H 163 -47.61 -25.94 -25.73
C TYR H 163 -46.52 -26.41 -24.77
N ALA H 164 -45.99 -25.48 -23.98
CA ALA H 164 -44.96 -25.83 -23.02
C ALA H 164 -45.45 -26.88 -22.05
N LYS H 165 -46.57 -26.58 -21.38
CA LYS H 165 -47.11 -27.52 -20.40
C LYS H 165 -47.60 -28.80 -21.06
N ALA H 166 -48.11 -28.70 -22.29
CA ALA H 166 -48.49 -29.88 -23.05
C ALA H 166 -47.31 -30.82 -23.19
N ILE H 167 -46.19 -30.29 -23.69
CA ILE H 167 -44.96 -31.07 -23.78
C ILE H 167 -44.61 -31.64 -22.42
N ALA H 168 -44.58 -30.78 -21.41
CA ALA H 168 -44.25 -31.18 -20.05
C ALA H 168 -44.95 -32.47 -19.69
N LYS H 169 -46.28 -32.45 -19.72
CA LYS H 169 -47.03 -33.67 -19.44
C LYS H 169 -46.79 -34.74 -20.51
N GLY H 170 -46.25 -34.36 -21.66
CA GLY H 170 -45.95 -35.33 -22.69
C GLY H 170 -44.74 -36.17 -22.41
N ILE H 171 -44.01 -35.87 -21.33
CA ILE H 171 -42.79 -36.58 -20.97
C ILE H 171 -42.88 -37.21 -19.60
N GLY H 172 -44.01 -37.08 -18.91
CA GLY H 172 -44.21 -37.80 -17.67
C GLY H 172 -43.58 -37.16 -16.45
N ALA H 173 -43.50 -35.84 -16.40
CA ALA H 173 -42.91 -35.15 -15.25
C ALA H 173 -43.98 -34.75 -14.23
N ILE H 174 -44.93 -33.93 -14.65
CA ILE H 174 -46.11 -33.66 -13.84
C ILE H 174 -47.29 -34.38 -14.49
N PRO H 175 -48.15 -35.02 -13.72
CA PRO H 175 -48.12 -35.06 -12.26
C PRO H 175 -47.12 -36.07 -11.72
N GLY H 176 -46.53 -35.77 -10.56
CA GLY H 176 -45.58 -36.66 -9.93
C GLY H 176 -44.33 -35.91 -9.52
N GLY H 177 -43.92 -34.96 -10.35
CA GLY H 177 -42.87 -34.03 -10.01
C GLY H 177 -43.44 -32.63 -10.01
N ILE H 178 -42.70 -31.67 -10.56
CA ILE H 178 -43.19 -30.32 -10.74
C ILE H 178 -42.60 -29.75 -12.02
N ALA H 179 -42.97 -28.52 -12.33
CA ALA H 179 -42.51 -27.86 -13.54
C ALA H 179 -42.34 -26.38 -13.24
N VAL H 180 -41.13 -25.88 -13.38
CA VAL H 180 -40.86 -24.47 -13.17
C VAL H 180 -40.73 -23.79 -14.51
N ILE H 181 -41.18 -22.55 -14.54
CA ILE H 181 -41.09 -21.70 -15.72
C ILE H 181 -39.93 -20.76 -15.53
N SER H 182 -39.12 -20.60 -16.58
CA SER H 182 -37.89 -19.85 -16.44
C SER H 182 -37.30 -19.59 -17.81
N SER H 183 -36.73 -18.40 -17.97
CA SER H 183 -36.11 -18.04 -19.23
C SER H 183 -35.00 -19.02 -19.59
N PHE H 184 -34.62 -19.00 -20.86
CA PHE H 184 -33.42 -19.70 -21.28
C PHE H 184 -32.21 -19.22 -20.49
N GLU H 185 -32.17 -17.91 -20.22
CA GLU H 185 -30.99 -17.31 -19.61
C GLU H 185 -30.73 -17.89 -18.24
N GLU H 186 -31.79 -17.97 -17.43
CA GLU H 186 -31.64 -18.51 -16.08
C GLU H 186 -31.09 -19.92 -16.13
N GLU H 187 -31.61 -20.76 -17.02
CA GLU H 187 -31.16 -22.14 -17.09
C GLU H 187 -29.67 -22.21 -17.34
N ALA H 188 -29.20 -21.48 -18.34
CA ALA H 188 -27.78 -21.52 -18.68
C ALA H 188 -26.95 -20.99 -17.53
N LEU H 189 -27.33 -19.82 -17.02
CA LEU H 189 -26.64 -19.23 -15.89
C LEU H 189 -26.45 -20.24 -14.77
N LEU H 190 -27.51 -20.97 -14.45
CA LEU H 190 -27.44 -21.92 -13.36
C LEU H 190 -26.56 -23.11 -13.70
N ASP H 191 -26.85 -23.78 -14.82
CA ASP H 191 -26.05 -24.94 -15.20
C ASP H 191 -24.58 -24.61 -15.28
N LEU H 192 -24.23 -23.35 -15.45
CA LEU H 192 -22.83 -22.98 -15.54
C LEU H 192 -22.23 -22.60 -14.20
N MET H 193 -22.98 -21.84 -13.39
CA MET H 193 -22.47 -21.43 -12.10
C MET H 193 -21.96 -22.63 -11.30
N SER H 194 -22.76 -23.68 -11.23
CA SER H 194 -22.33 -24.89 -10.56
C SER H 194 -21.02 -25.38 -11.14
N GLU H 195 -20.96 -25.54 -12.45
CA GLU H 195 -19.78 -26.07 -13.11
C GLU H 195 -18.56 -25.17 -12.97
N HIS H 196 -18.74 -23.97 -12.45
CA HIS H 196 -17.64 -23.02 -12.32
C HIS H 196 -17.31 -22.64 -10.90
N THR H 197 -18.18 -22.92 -9.92
CA THR H 197 -18.03 -22.36 -8.59
C THR H 197 -17.73 -23.40 -7.52
N TRP H 198 -18.64 -24.32 -7.23
CA TRP H 198 -18.45 -25.13 -6.04
C TRP H 198 -17.82 -26.49 -6.34
N VAL H 199 -18.06 -27.02 -7.52
CA VAL H 199 -17.43 -28.26 -7.95
C VAL H 199 -15.92 -28.08 -7.98
N PRO H 200 -15.40 -27.13 -8.78
CA PRO H 200 -13.95 -26.99 -8.87
C PRO H 200 -13.33 -26.57 -7.56
N ILE H 201 -14.00 -25.72 -6.80
CA ILE H 201 -13.49 -25.33 -5.50
C ILE H 201 -13.33 -26.55 -4.62
N LEU H 202 -14.35 -27.38 -4.58
CA LEU H 202 -14.30 -28.60 -3.80
C LEU H 202 -13.10 -29.44 -4.20
N PHE H 203 -12.95 -29.68 -5.49
CA PHE H 203 -11.87 -30.54 -5.95
C PHE H 203 -10.52 -29.96 -5.58
N GLY H 204 -10.34 -28.65 -5.78
CA GLY H 204 -9.08 -28.02 -5.44
C GLY H 204 -8.79 -28.11 -3.96
N ALA H 205 -9.81 -27.95 -3.13
CA ALA H 205 -9.62 -28.03 -1.69
C ALA H 205 -9.16 -29.42 -1.29
N ILE H 206 -9.79 -30.44 -1.86
CA ILE H 206 -9.39 -31.81 -1.58
C ILE H 206 -7.93 -32.02 -1.97
N LYS H 207 -7.60 -31.65 -3.20
CA LYS H 207 -6.24 -31.82 -3.69
C LYS H 207 -5.25 -31.13 -2.78
N ALA H 208 -5.60 -29.93 -2.31
CA ALA H 208 -4.69 -29.18 -1.46
C ALA H 208 -4.52 -29.84 -0.12
N CYS H 209 -5.62 -30.34 0.46
CA CYS H 209 -5.53 -31.04 1.72
C CYS H 209 -4.57 -32.22 1.61
N TYR H 210 -4.71 -32.99 0.54
CA TYR H 210 -3.81 -34.11 0.32
C TYR H 210 -2.37 -33.63 0.27
N ASP H 211 -2.08 -32.70 -0.64
CA ASP H 211 -0.71 -32.25 -0.84
C ASP H 211 -0.11 -31.77 0.47
N ILE H 212 -0.85 -30.95 1.20
CA ILE H 212 -0.36 -30.41 2.46
C ILE H 212 -0.06 -31.54 3.43
N ALA H 213 -1.08 -32.33 3.76
CA ALA H 213 -0.92 -33.37 4.75
C ALA H 213 0.28 -34.24 4.45
N VAL H 214 0.56 -34.47 3.18
CA VAL H 214 1.66 -35.36 2.84
C VAL H 214 3.00 -34.64 2.97
N LYS H 215 3.12 -33.48 2.36
CA LYS H 215 4.41 -32.83 2.19
C LYS H 215 4.81 -31.96 3.39
N GLU H 216 3.95 -31.83 4.39
CA GLU H 216 4.26 -30.95 5.51
C GLU H 216 3.96 -31.55 6.86
N TYR H 217 3.43 -32.79 7.08
CA TYR H 217 3.23 -33.40 8.42
C TYR H 217 3.56 -34.91 8.41
N GLY H 218 4.34 -35.41 7.43
CA GLY H 218 4.78 -36.82 7.30
C GLY H 218 3.65 -37.84 7.36
N VAL H 219 2.62 -37.73 6.49
CA VAL H 219 1.46 -38.66 6.44
C VAL H 219 1.56 -39.60 5.23
N SER H 220 0.90 -40.77 5.29
CA SER H 220 0.86 -41.76 4.23
C SER H 220 -0.25 -41.43 3.24
N PRO H 221 0.03 -41.51 1.94
CA PRO H 221 -1.01 -41.22 0.96
C PRO H 221 -2.30 -42.00 1.18
N GLU H 222 -2.16 -43.26 1.57
CA GLU H 222 -3.32 -44.13 1.70
C GLU H 222 -4.33 -43.54 2.69
N ALA H 223 -3.85 -43.14 3.86
CA ALA H 223 -4.73 -42.61 4.88
C ALA H 223 -5.45 -41.36 4.39
N ALA H 224 -4.72 -40.45 3.76
CA ALA H 224 -5.31 -39.24 3.24
C ALA H 224 -6.43 -39.55 2.27
N LEU H 225 -6.15 -40.42 1.31
CA LEU H 225 -7.15 -40.78 0.32
C LEU H 225 -8.37 -41.38 0.98
N LEU H 226 -8.16 -42.24 1.97
CA LEU H 226 -9.29 -42.86 2.66
C LEU H 226 -10.15 -41.81 3.33
N GLU H 227 -9.52 -40.87 4.02
CA GLU H 227 -10.28 -39.87 4.76
C GLU H 227 -11.07 -38.99 3.80
N PHE H 228 -10.41 -38.47 2.77
CA PHE H 228 -11.00 -37.38 2.01
C PHE H 228 -12.09 -37.86 1.07
N TYR H 229 -11.76 -38.69 0.10
CA TYR H 229 -12.76 -39.12 -0.87
C TYR H 229 -12.77 -40.60 -1.21
N ALA H 230 -11.72 -41.36 -0.94
CA ALA H 230 -11.77 -42.78 -1.29
C ALA H 230 -12.86 -43.51 -0.52
N SER H 231 -13.37 -42.91 0.54
CA SER H 231 -14.51 -43.45 1.27
C SER H 231 -15.79 -42.80 0.77
N GLY H 232 -16.89 -43.53 0.85
CA GLY H 232 -18.17 -43.09 0.35
C GLY H 232 -18.89 -42.16 1.31
N GLU H 233 -18.15 -41.54 2.22
CA GLU H 233 -18.74 -40.60 3.17
C GLU H 233 -19.55 -39.54 2.45
N LEU H 234 -18.92 -38.87 1.50
CA LEU H 234 -19.56 -37.78 0.78
C LEU H 234 -20.90 -38.22 0.18
N ALA H 235 -20.96 -39.45 -0.34
CA ALA H 235 -22.18 -39.93 -0.96
C ALA H 235 -23.33 -39.95 0.03
N GLU H 236 -23.09 -40.54 1.21
CA GLU H 236 -24.14 -40.60 2.22
C GLU H 236 -24.56 -39.21 2.64
N ILE H 237 -23.60 -38.30 2.78
CA ILE H 237 -23.92 -36.93 3.16
C ILE H 237 -24.83 -36.29 2.13
N ALA H 238 -24.50 -36.47 0.84
CA ALA H 238 -25.31 -35.87 -0.21
C ALA H 238 -26.71 -36.45 -0.22
N ARG H 239 -26.82 -37.77 -0.02
CA ARG H 239 -28.13 -38.39 0.05
C ARG H 239 -28.95 -37.80 1.18
N LEU H 240 -28.38 -37.74 2.38
CA LEU H 240 -29.10 -37.17 3.52
C LEU H 240 -29.50 -35.74 3.25
N ILE H 241 -28.65 -34.99 2.55
CA ILE H 241 -29.01 -33.62 2.16
C ILE H 241 -30.28 -33.64 1.33
N ALA H 242 -30.25 -34.39 0.24
CA ALA H 242 -31.41 -34.44 -0.64
C ALA H 242 -32.66 -34.88 0.08
N GLU H 243 -32.50 -35.70 1.14
CA GLU H 243 -33.67 -36.25 1.82
C GLU H 243 -34.21 -35.29 2.87
N GLU H 244 -33.38 -34.94 3.85
CA GLU H 244 -33.81 -34.20 5.02
C GLU H 244 -33.66 -32.70 4.88
N GLY H 245 -32.55 -32.26 4.32
CA GLY H 245 -32.20 -30.85 4.29
C GLY H 245 -30.72 -30.73 4.56
N ILE H 246 -30.12 -29.65 4.06
CA ILE H 246 -28.68 -29.51 4.11
C ILE H 246 -28.20 -29.41 5.56
N PHE H 247 -28.88 -28.60 6.37
CA PHE H 247 -28.45 -28.36 7.74
C PHE H 247 -28.97 -29.42 8.69
N ASN H 248 -30.28 -29.66 8.68
CA ASN H 248 -30.85 -30.73 9.49
C ASN H 248 -30.06 -32.02 9.34
N GLN H 249 -29.38 -32.17 8.20
CA GLN H 249 -28.54 -33.34 7.97
C GLN H 249 -27.50 -33.50 9.08
N MET H 250 -26.90 -32.40 9.50
CA MET H 250 -25.73 -32.46 10.36
C MET H 250 -26.06 -32.94 11.77
N VAL H 251 -27.34 -33.10 12.10
CA VAL H 251 -27.70 -33.61 13.41
C VAL H 251 -27.14 -35.00 13.62
N HIS H 252 -26.97 -35.76 12.55
CA HIS H 252 -26.43 -37.10 12.65
C HIS H 252 -24.92 -37.10 12.82
N HIS H 253 -24.29 -35.94 12.89
CA HIS H 253 -22.87 -35.82 13.10
C HIS H 253 -22.58 -35.56 14.58
N SER H 254 -21.30 -35.42 14.89
CA SER H 254 -20.89 -35.09 16.24
C SER H 254 -20.91 -33.58 16.45
N THR H 255 -21.03 -33.19 17.71
CA THR H 255 -21.09 -31.77 18.05
C THR H 255 -19.83 -31.06 17.59
N THR H 256 -18.69 -31.71 17.75
CA THR H 256 -17.42 -31.14 17.33
C THR H 256 -17.46 -30.75 15.85
N SER H 257 -17.93 -31.68 15.02
CA SER H 257 -18.03 -31.43 13.59
C SER H 257 -18.95 -30.25 13.31
N GLN H 258 -20.13 -30.27 13.95
CA GLN H 258 -21.08 -29.18 13.77
C GLN H 258 -20.44 -27.84 14.06
N TYR H 259 -19.76 -27.76 15.20
CA TYR H 259 -19.18 -26.50 15.64
C TYR H 259 -18.16 -26.00 14.64
N GLY H 260 -17.17 -26.84 14.34
CA GLY H 260 -16.14 -26.41 13.41
C GLY H 260 -16.70 -26.01 12.08
N THR H 261 -17.59 -26.85 11.54
CA THR H 261 -18.17 -26.60 10.24
C THR H 261 -18.87 -25.25 10.20
N LEU H 262 -19.73 -25.00 11.19
CA LEU H 262 -20.52 -23.76 11.18
C LEU H 262 -19.62 -22.55 11.30
N THR H 263 -18.71 -22.57 12.27
CA THR H 263 -17.82 -21.43 12.45
C THR H 263 -17.08 -21.12 11.16
N ARG H 264 -16.45 -22.14 10.57
CA ARG H 264 -15.65 -21.89 9.39
C ARG H 264 -16.50 -21.47 8.21
N MET H 265 -17.72 -22.00 8.10
CA MET H 265 -18.63 -21.59 7.05
C MET H 265 -18.92 -20.11 7.13
N PHE H 266 -19.35 -19.65 8.29
CA PHE H 266 -19.63 -18.23 8.43
C PHE H 266 -18.37 -17.39 8.37
N LYS H 267 -17.21 -18.02 8.47
CA LYS H 267 -15.95 -17.30 8.44
C LYS H 267 -15.41 -17.08 7.05
N TYR H 268 -15.80 -17.92 6.08
CA TYR H 268 -15.27 -17.86 4.73
C TYR H 268 -16.33 -17.52 3.69
N TYR H 269 -17.48 -17.04 4.13
CA TYR H 269 -18.59 -16.81 3.20
C TYR H 269 -18.31 -15.67 2.25
N ASP H 270 -17.54 -14.68 2.69
CA ASP H 270 -17.33 -13.49 1.87
C ASP H 270 -16.45 -13.79 0.67
N VAL H 271 -15.39 -14.55 0.88
CA VAL H 271 -14.44 -14.85 -0.18
C VAL H 271 -15.14 -15.50 -1.36
N VAL H 272 -15.76 -16.65 -1.10
CA VAL H 272 -16.44 -17.39 -2.14
C VAL H 272 -17.54 -16.54 -2.76
N ARG H 273 -18.14 -15.66 -1.97
CA ARG H 273 -19.14 -14.76 -2.53
C ARG H 273 -18.54 -13.89 -3.61
N ARG H 274 -17.37 -13.31 -3.31
CA ARG H 274 -16.67 -12.51 -4.30
C ARG H 274 -16.41 -13.32 -5.56
N ILE H 275 -15.89 -14.52 -5.38
CA ILE H 275 -15.58 -15.38 -6.52
C ILE H 275 -16.82 -15.60 -7.38
N VAL H 276 -17.91 -15.99 -6.73
CA VAL H 276 -19.15 -16.29 -7.43
C VAL H 276 -19.63 -15.08 -8.20
N GLU H 277 -19.56 -13.91 -7.57
CA GLU H 277 -19.92 -12.68 -8.28
C GLU H 277 -19.11 -12.55 -9.56
N ASN H 278 -17.79 -12.68 -9.45
CA ASN H 278 -16.94 -12.54 -10.62
C ASN H 278 -17.39 -13.47 -11.74
N GLU H 279 -17.60 -14.75 -11.41
CA GLU H 279 -17.88 -15.72 -12.46
C GLU H 279 -19.26 -15.48 -13.07
N ALA H 280 -20.25 -15.25 -12.23
CA ALA H 280 -21.59 -14.99 -12.76
C ALA H 280 -21.58 -13.79 -13.68
N LYS H 281 -20.83 -12.76 -13.33
CA LYS H 281 -20.71 -11.61 -14.20
C LYS H 281 -20.06 -12.00 -15.52
N TYR H 282 -18.96 -12.74 -15.43
CA TYR H 282 -18.28 -13.22 -16.63
C TYR H 282 -19.25 -13.94 -17.55
N ILE H 283 -20.26 -14.58 -16.99
CA ILE H 283 -21.19 -15.36 -17.80
C ILE H 283 -22.28 -14.48 -18.39
N TRP H 284 -22.96 -13.72 -17.53
CA TRP H 284 -24.07 -12.89 -17.97
C TRP H 284 -23.74 -12.10 -19.23
N ASP H 285 -22.47 -11.80 -19.44
CA ASP H 285 -22.04 -10.97 -20.55
C ASP H 285 -21.83 -11.74 -21.84
N GLY H 286 -21.54 -13.02 -21.75
CA GLY H 286 -21.28 -13.84 -22.91
C GLY H 286 -19.82 -14.13 -23.17
N SER H 287 -18.93 -13.79 -22.25
CA SER H 287 -17.51 -13.97 -22.48
C SER H 287 -17.13 -15.43 -22.52
N PHE H 288 -17.68 -16.22 -21.59
CA PHE H 288 -17.30 -17.62 -21.51
C PHE H 288 -17.66 -18.36 -22.79
N ALA H 289 -18.83 -18.04 -23.36
CA ALA H 289 -19.21 -18.66 -24.62
C ALA H 289 -18.16 -18.40 -25.69
N LYS H 290 -17.69 -17.17 -25.76
CA LYS H 290 -16.64 -16.81 -26.70
C LYS H 290 -15.39 -17.64 -26.46
N GLU H 291 -14.93 -17.64 -25.22
CA GLU H 291 -13.75 -18.42 -24.85
C GLU H 291 -13.87 -19.85 -25.32
N TRP H 292 -15.00 -20.49 -25.02
CA TRP H 292 -15.16 -21.90 -25.30
C TRP H 292 -15.24 -22.14 -26.80
N SER H 293 -15.96 -21.29 -27.52
CA SER H 293 -16.08 -21.46 -28.96
C SER H 293 -14.72 -21.35 -29.62
N LEU H 294 -13.93 -20.38 -29.21
CA LEU H 294 -12.59 -20.26 -29.76
C LEU H 294 -11.74 -21.47 -29.44
N GLU H 295 -11.78 -21.91 -28.18
CA GLU H 295 -11.00 -23.08 -27.81
C GLU H 295 -11.37 -24.28 -28.67
N GLN H 296 -12.62 -24.38 -29.10
CA GLN H 296 -12.98 -25.38 -30.10
C GLN H 296 -12.25 -25.10 -31.40
N GLN H 297 -12.29 -23.85 -31.84
CA GLN H 297 -11.76 -23.49 -33.14
C GLN H 297 -10.25 -23.60 -33.23
N ALA H 298 -9.57 -23.81 -32.11
CA ALA H 298 -8.11 -23.87 -32.11
C ALA H 298 -7.56 -25.28 -32.04
N GLY H 299 -8.30 -26.22 -31.47
CA GLY H 299 -7.88 -27.61 -31.44
C GLY H 299 -7.85 -28.21 -30.06
N TYR H 300 -8.52 -27.58 -29.12
CA TYR H 300 -8.64 -28.09 -27.77
C TYR H 300 -7.28 -28.31 -27.11
N PRO H 301 -6.36 -27.38 -27.24
CA PRO H 301 -5.04 -27.57 -26.64
C PRO H 301 -5.05 -27.55 -25.12
N VAL H 302 -5.64 -26.50 -24.56
CA VAL H 302 -5.68 -26.34 -23.12
C VAL H 302 -6.38 -27.51 -22.45
N PHE H 303 -7.57 -27.83 -22.96
CA PHE H 303 -8.27 -29.04 -22.56
C PHE H 303 -7.31 -30.22 -22.43
N TYR H 304 -6.53 -30.42 -23.48
CA TYR H 304 -5.61 -31.55 -23.53
C TYR H 304 -4.58 -31.48 -22.41
N ARG H 305 -3.89 -30.34 -22.32
CA ARG H 305 -2.82 -30.23 -21.36
C ARG H 305 -3.31 -30.41 -19.94
N LEU H 306 -4.51 -29.88 -19.66
CA LEU H 306 -5.04 -30.00 -18.30
C LEU H 306 -5.46 -31.42 -18.00
N TRP H 307 -6.15 -32.07 -18.93
CA TRP H 307 -6.47 -33.46 -18.76
C TRP H 307 -5.22 -34.28 -18.49
N GLU H 308 -4.09 -33.85 -19.06
CA GLU H 308 -2.84 -34.53 -18.80
C GLU H 308 -2.36 -34.27 -17.39
N LEU H 309 -2.16 -32.99 -17.05
CA LEU H 309 -1.62 -32.63 -15.75
C LEU H 309 -2.39 -33.27 -14.62
N ALA H 310 -3.72 -33.22 -14.69
CA ALA H 310 -4.54 -33.77 -13.62
C ALA H 310 -4.20 -35.22 -13.37
N THR H 311 -4.13 -36.02 -14.44
CA THR H 311 -3.92 -37.45 -14.27
C THR H 311 -2.49 -37.77 -13.88
N GLN H 312 -1.53 -36.96 -14.30
CA GLN H 312 -0.13 -37.17 -13.98
C GLN H 312 0.24 -36.60 -12.63
N SER H 313 -0.74 -36.20 -11.84
CA SER H 313 -0.46 -35.71 -10.51
C SER H 313 -0.24 -36.89 -9.56
N GLU H 314 0.34 -36.58 -8.40
CA GLU H 314 0.64 -37.61 -7.42
C GLU H 314 -0.63 -38.27 -6.92
N MET H 315 -1.60 -37.45 -6.53
CA MET H 315 -2.84 -37.96 -5.97
C MET H 315 -3.45 -39.01 -6.88
N ALA H 316 -3.43 -38.78 -8.18
CA ALA H 316 -4.06 -39.70 -9.11
C ALA H 316 -3.33 -41.03 -9.15
N LYS H 317 -2.00 -40.99 -9.18
CA LYS H 317 -1.22 -42.21 -9.20
C LYS H 317 -1.48 -43.04 -7.96
N ALA H 318 -1.48 -42.38 -6.80
CA ALA H 318 -1.77 -43.08 -5.55
C ALA H 318 -3.16 -43.69 -5.58
N GLU H 319 -4.15 -42.91 -6.03
CA GLU H 319 -5.48 -43.43 -6.18
C GLU H 319 -5.49 -44.66 -7.06
N LYS H 320 -4.64 -44.67 -8.08
CA LYS H 320 -4.56 -45.81 -8.98
C LYS H 320 -4.09 -47.04 -8.22
N GLU H 321 -2.92 -46.93 -7.59
CA GLU H 321 -2.41 -48.06 -6.81
C GLU H 321 -3.46 -48.58 -5.85
N LEU H 322 -4.18 -47.66 -5.20
CA LEU H 322 -5.11 -48.06 -4.15
C LEU H 322 -6.33 -48.76 -4.72
N TYR H 323 -7.09 -48.05 -5.54
CA TYR H 323 -8.26 -48.64 -6.18
C TYR H 323 -7.93 -50.01 -6.75
N LYS H 324 -6.71 -50.18 -7.24
CA LYS H 324 -6.27 -51.51 -7.67
C LYS H 324 -6.29 -52.47 -6.50
N LEU H 325 -5.80 -52.03 -5.34
CA LEU H 325 -5.75 -52.89 -4.17
C LEU H 325 -7.13 -53.34 -3.75
N LEU H 326 -8.09 -52.41 -3.72
CA LEU H 326 -9.43 -52.72 -3.28
C LEU H 326 -10.26 -53.43 -4.33
N GLY H 327 -9.69 -53.75 -5.48
CA GLY H 327 -10.42 -54.38 -6.55
C GLY H 327 -11.27 -53.44 -7.36
N ARG H 328 -11.50 -52.22 -6.88
CA ARG H 328 -12.25 -51.25 -7.65
C ARG H 328 -11.58 -51.04 -9.01
N LYS H 329 -12.37 -51.13 -10.07
CA LYS H 329 -11.85 -51.00 -11.42
C LYS H 329 -11.20 -49.63 -11.62
N ASP I 2 30.35 -41.12 11.49
CA ASP I 2 30.13 -39.83 10.87
C ASP I 2 31.42 -39.06 10.67
N LYS I 3 31.30 -37.81 10.20
CA LYS I 3 32.47 -36.98 9.96
C LYS I 3 33.37 -36.79 11.17
N THR I 4 32.87 -37.04 12.37
CA THR I 4 33.67 -36.83 13.56
C THR I 4 34.92 -37.71 13.53
N VAL I 5 35.88 -37.34 14.37
CA VAL I 5 37.08 -38.13 14.57
C VAL I 5 37.43 -38.08 16.05
N LEU I 6 37.58 -39.26 16.67
CA LEU I 6 37.80 -39.36 18.10
C LEU I 6 39.26 -39.58 18.47
N ASP I 7 40.08 -40.03 17.53
CA ASP I 7 41.51 -40.18 17.76
C ASP I 7 42.16 -40.55 16.45
N ALA I 8 43.46 -40.29 16.36
CA ALA I 8 44.21 -40.54 15.13
C ALA I 8 45.68 -40.67 15.47
N ASN I 9 46.52 -40.60 14.45
CA ASN I 9 47.94 -40.86 14.58
C ASN I 9 48.70 -39.60 14.97
N LEU I 10 50.02 -39.75 15.14
CA LEU I 10 50.92 -38.66 15.46
C LEU I 10 52.23 -38.81 14.68
N ASP I 11 52.17 -39.43 13.50
CA ASP I 11 53.36 -39.85 12.79
C ASP I 11 54.06 -38.72 12.04
N PRO I 12 53.36 -37.91 11.23
CA PRO I 12 54.09 -37.04 10.31
C PRO I 12 54.82 -35.91 11.00
N LEU I 13 54.44 -35.57 12.22
CA LEU I 13 55.01 -34.43 12.92
C LEU I 13 56.23 -34.78 13.75
N LYS I 14 56.51 -36.06 13.94
CA LYS I 14 57.66 -36.50 14.71
C LYS I 14 58.84 -36.71 13.75
N GLY I 15 59.92 -35.96 13.98
CA GLY I 15 61.03 -35.90 13.07
C GLY I 15 61.15 -34.57 12.35
N LYS I 16 60.12 -33.74 12.41
CA LYS I 16 60.13 -32.41 11.80
C LYS I 16 60.15 -31.34 12.88
N THR I 17 60.48 -30.13 12.46
CA THR I 17 60.38 -28.96 13.30
C THR I 17 59.07 -28.24 13.01
N ILE I 18 58.59 -27.50 14.00
CA ILE I 18 57.32 -26.80 13.89
C ILE I 18 57.52 -25.33 14.18
N GLY I 19 56.75 -24.49 13.50
CA GLY I 19 56.85 -23.06 13.67
C GLY I 19 55.64 -22.47 14.36
N VAL I 20 55.83 -22.00 15.58
CA VAL I 20 54.76 -21.42 16.37
C VAL I 20 54.94 -19.91 16.35
N ILE I 21 53.98 -19.22 15.75
CA ILE I 21 54.00 -17.77 15.64
C ILE I 21 53.08 -17.22 16.72
N GLY I 22 53.67 -16.78 17.82
CA GLY I 22 52.92 -16.07 18.84
C GLY I 22 52.88 -16.85 20.13
N TYR I 23 52.69 -16.10 21.22
CA TYR I 23 52.71 -16.62 22.58
C TYR I 23 51.60 -15.96 23.39
N GLY I 24 50.42 -15.85 22.81
CA GLY I 24 49.32 -15.14 23.45
C GLY I 24 48.51 -16.04 24.32
N ASN I 25 47.23 -16.18 23.99
CA ASN I 25 46.39 -17.15 24.69
C ASN I 25 46.60 -18.55 24.11
N GLN I 26 46.21 -18.74 22.85
CA GLN I 26 46.38 -20.04 22.22
C GLN I 26 47.85 -20.40 22.15
N GLY I 27 48.63 -19.56 21.48
CA GLY I 27 50.04 -19.84 21.25
C GLY I 27 50.70 -20.47 22.45
N ARG I 28 50.63 -19.82 23.61
CA ARG I 28 51.24 -20.38 24.79
C ARG I 28 50.63 -21.73 25.12
N VAL I 29 49.30 -21.81 25.16
CA VAL I 29 48.65 -23.04 25.60
C VAL I 29 49.03 -24.20 24.67
N GLN I 30 48.72 -24.04 23.38
CA GLN I 30 48.97 -25.11 22.43
C GLN I 30 50.45 -25.46 22.35
N ALA I 31 51.32 -24.46 22.45
CA ALA I 31 52.75 -24.68 22.36
C ALA I 31 53.26 -25.48 23.55
N THR I 32 52.89 -25.07 24.75
CA THR I 32 53.25 -25.84 25.94
C THR I 32 52.71 -27.25 25.85
N ILE I 33 51.45 -27.40 25.43
CA ILE I 33 50.86 -28.71 25.23
C ILE I 33 51.74 -29.56 24.33
N MET I 34 52.11 -29.02 23.17
CA MET I 34 52.82 -29.81 22.17
C MET I 34 54.22 -30.17 22.65
N ARG I 35 54.97 -29.19 23.14
CA ARG I 35 56.24 -29.48 23.76
C ARG I 35 56.10 -30.64 24.75
N GLU I 36 55.03 -30.62 25.54
CA GLU I 36 54.75 -31.70 26.47
C GLU I 36 54.25 -32.97 25.79
N ASN I 37 53.94 -32.91 24.48
CA ASN I 37 53.50 -34.07 23.74
C ASN I 37 54.62 -34.76 22.98
N GLY I 38 55.86 -34.34 23.21
CA GLY I 38 56.99 -34.98 22.57
C GLY I 38 57.24 -34.55 21.14
N LEU I 39 57.56 -33.26 20.95
CA LEU I 39 57.91 -32.76 19.63
C LEU I 39 58.96 -31.67 19.78
N ASN I 40 59.66 -31.40 18.68
CA ASN I 40 60.63 -30.32 18.62
C ASN I 40 59.95 -29.10 18.00
N VAL I 41 59.95 -27.99 18.74
CA VAL I 41 59.14 -26.83 18.40
C VAL I 41 59.99 -25.58 18.58
N ILE I 42 59.50 -24.48 18.01
CA ILE I 42 60.13 -23.18 18.16
C ILE I 42 59.04 -22.11 18.17
N VAL I 43 59.45 -20.89 18.48
CA VAL I 43 58.52 -19.77 18.67
C VAL I 43 58.99 -18.59 17.86
N GLY I 44 58.04 -17.85 17.30
CA GLY I 44 58.33 -16.55 16.71
C GLY I 44 57.38 -15.52 17.27
N ASN I 45 57.93 -14.36 17.63
CA ASN I 45 57.16 -13.41 18.42
C ASN I 45 57.73 -12.01 18.24
N VAL I 46 56.83 -11.03 18.38
CA VAL I 46 57.26 -9.64 18.49
C VAL I 46 57.93 -9.45 19.84
N LYS I 47 59.14 -8.89 19.84
CA LYS I 47 59.97 -8.86 21.04
C LYS I 47 59.43 -7.79 21.99
N ASP I 48 58.55 -8.24 22.88
CA ASP I 48 57.90 -7.39 23.85
C ASP I 48 57.60 -8.23 25.09
N LYS I 49 56.69 -7.75 25.94
CA LYS I 49 56.33 -8.46 27.16
C LYS I 49 56.03 -9.93 26.91
N TYR I 50 55.24 -10.22 25.87
CA TYR I 50 54.95 -11.62 25.55
C TYR I 50 56.23 -12.38 25.24
N TYR I 51 57.17 -11.73 24.56
CA TYR I 51 58.45 -12.39 24.30
C TYR I 51 59.18 -12.66 25.60
N GLU I 52 59.17 -11.70 26.53
CA GLU I 52 59.72 -11.95 27.85
C GLU I 52 59.11 -13.21 28.46
N LEU I 53 57.78 -13.29 28.47
CA LEU I 53 57.10 -14.43 29.06
C LEU I 53 57.42 -15.72 28.33
N ALA I 54 57.60 -15.65 27.01
CA ALA I 54 57.83 -16.84 26.22
C ALA I 54 59.21 -17.42 26.48
N LYS I 55 60.24 -16.57 26.35
CA LYS I 55 61.58 -17.01 26.71
C LYS I 55 61.67 -17.37 28.19
N LYS I 56 60.82 -16.75 29.00
CA LYS I 56 60.68 -17.12 30.41
C LYS I 56 60.35 -18.60 30.54
N GLU I 57 59.27 -19.03 29.88
CA GLU I 57 58.83 -20.42 29.99
C GLU I 57 59.73 -21.39 29.26
N GLY I 58 60.86 -20.96 28.70
CA GLY I 58 61.83 -21.88 28.16
C GLY I 58 61.60 -22.27 26.72
N PHE I 59 61.17 -21.35 25.87
CA PHE I 59 61.02 -21.57 24.43
C PHE I 59 61.99 -20.64 23.72
N GLU I 60 63.01 -21.21 23.08
CA GLU I 60 63.85 -20.45 22.18
C GLU I 60 63.00 -19.75 21.12
N VAL I 61 63.17 -18.43 21.01
CA VAL I 61 62.32 -17.61 20.15
C VAL I 61 63.22 -16.75 19.29
N TYR I 62 63.32 -17.09 18.02
CA TYR I 62 64.02 -16.28 17.04
C TYR I 62 63.05 -15.23 16.48
N GLU I 63 63.48 -14.54 15.43
CA GLU I 63 62.55 -13.70 14.71
C GLU I 63 61.59 -14.56 13.92
N ILE I 64 60.48 -13.95 13.52
CA ILE I 64 59.42 -14.66 12.81
C ILE I 64 59.99 -15.45 11.64
N ASP I 65 60.61 -14.74 10.69
CA ASP I 65 61.13 -15.39 9.51
C ASP I 65 62.17 -16.44 9.85
N GLU I 66 62.93 -16.22 10.92
CA GLU I 66 63.95 -17.18 11.29
C GLU I 66 63.31 -18.46 11.80
N ALA I 67 62.12 -18.37 12.39
CA ALA I 67 61.40 -19.56 12.79
C ALA I 67 60.73 -20.25 11.63
N VAL I 68 60.51 -19.52 10.53
CA VAL I 68 59.91 -20.15 9.36
C VAL I 68 60.98 -20.82 8.50
N ARG I 69 62.20 -20.28 8.50
CA ARG I 69 63.28 -20.91 7.75
C ARG I 69 63.64 -22.26 8.35
N ARG I 70 63.62 -22.36 9.68
CA ARG I 70 63.99 -23.60 10.34
C ARG I 70 62.88 -24.63 10.28
N SER I 71 61.63 -24.19 10.29
CA SER I 71 60.49 -25.10 10.36
C SER I 71 60.00 -25.46 8.97
N ASP I 72 59.46 -26.68 8.86
CA ASP I 72 58.72 -27.09 7.67
C ASP I 72 57.22 -26.94 7.86
N VAL I 73 56.77 -26.59 9.07
CA VAL I 73 55.39 -26.26 9.35
C VAL I 73 55.36 -24.94 10.09
N ALA I 74 54.23 -24.26 10.02
CA ALA I 74 54.07 -22.97 10.67
C ALA I 74 52.62 -22.80 11.09
N LEU I 75 52.43 -22.26 12.29
CA LEU I 75 51.11 -21.95 12.82
C LEU I 75 51.05 -20.47 13.14
N LEU I 76 50.11 -19.77 12.51
CA LEU I 76 50.02 -18.32 12.59
C LEU I 76 48.96 -17.98 13.62
N LEU I 77 49.39 -17.90 14.87
CA LEU I 77 48.48 -17.76 16.02
C LEU I 77 48.39 -16.31 16.46
N ILE I 78 47.97 -15.47 15.53
CA ILE I 78 48.00 -14.02 15.72
C ILE I 78 46.70 -13.41 15.18
N PRO I 79 46.51 -12.10 15.30
CA PRO I 79 45.20 -11.51 15.00
C PRO I 79 44.73 -11.64 13.57
N ASP I 80 43.55 -11.07 13.32
CA ASP I 80 42.84 -11.18 12.05
C ASP I 80 42.81 -9.89 11.26
N GLU I 81 43.19 -8.78 11.87
CA GLU I 81 42.95 -7.47 11.31
C GLU I 81 44.16 -6.91 10.59
N VAL I 82 45.35 -7.42 10.89
CA VAL I 82 46.59 -6.85 10.40
C VAL I 82 47.49 -7.95 9.83
N MET I 83 47.15 -9.20 10.14
CA MET I 83 47.94 -10.33 9.69
C MET I 83 48.32 -10.19 8.22
N LYS I 84 47.47 -9.54 7.43
CA LYS I 84 47.72 -9.40 6.00
C LYS I 84 49.08 -8.79 5.73
N GLU I 85 49.28 -7.55 6.19
CA GLU I 85 50.53 -6.85 5.92
C GLU I 85 51.71 -7.66 6.41
N VAL I 86 51.61 -8.16 7.64
CA VAL I 86 52.70 -8.93 8.22
C VAL I 86 53.10 -10.09 7.32
N TYR I 87 52.10 -10.79 6.78
CA TYR I 87 52.39 -11.89 5.87
C TYR I 87 53.02 -11.37 4.60
N GLU I 88 52.56 -10.22 4.12
CA GLU I 88 53.04 -9.70 2.85
C GLU I 88 54.52 -9.36 2.93
N LYS I 89 54.94 -8.77 4.03
CA LYS I 89 56.30 -8.25 4.16
C LYS I 89 57.29 -9.29 4.63
N LYS I 90 56.98 -9.95 5.75
CA LYS I 90 57.97 -10.65 6.53
C LYS I 90 57.87 -12.16 6.44
N ILE I 91 56.83 -12.68 5.79
CA ILE I 91 56.59 -14.11 5.73
C ILE I 91 56.54 -14.61 4.30
N ALA I 92 55.87 -13.87 3.41
CA ALA I 92 55.81 -14.29 2.02
C ALA I 92 57.19 -14.48 1.42
N PRO I 93 58.15 -13.59 1.61
CA PRO I 93 59.47 -13.78 1.00
C PRO I 93 60.09 -15.11 1.42
N VAL I 94 60.19 -15.28 2.74
CA VAL I 94 60.78 -16.49 3.29
C VAL I 94 60.07 -17.71 2.73
N LEU I 95 58.75 -17.73 2.84
CA LEU I 95 57.98 -18.85 2.33
C LEU I 95 58.30 -19.14 0.88
N GLN I 96 58.44 -18.10 0.06
CA GLN I 96 58.91 -18.29 -1.30
C GLN I 96 60.27 -18.97 -1.31
N GLY I 97 61.02 -18.86 -0.22
CA GLY I 97 62.27 -19.57 -0.09
C GLY I 97 62.09 -20.99 0.42
N LYS I 98 61.02 -21.66 0.02
CA LYS I 98 60.74 -23.02 0.45
C LYS I 98 60.02 -23.75 -0.67
N LYS I 99 59.96 -25.07 -0.55
CA LYS I 99 59.27 -25.91 -1.53
C LYS I 99 58.12 -26.70 -0.94
N GLU I 100 58.35 -27.44 0.13
CA GLU I 100 57.33 -28.21 0.81
C GLU I 100 57.11 -27.57 2.17
N PHE I 101 55.92 -27.01 2.37
CA PHE I 101 55.60 -26.33 3.62
C PHE I 101 54.14 -26.60 3.94
N VAL I 102 53.76 -26.26 5.17
CA VAL I 102 52.41 -26.48 5.65
C VAL I 102 52.07 -25.36 6.61
N LEU I 103 50.91 -24.75 6.40
CA LEU I 103 50.49 -23.60 7.19
C LEU I 103 49.07 -23.84 7.71
N ASP I 104 48.86 -23.51 8.98
CA ASP I 104 47.61 -23.75 9.67
C ASP I 104 47.26 -22.52 10.49
N PHE I 105 45.97 -22.21 10.59
CA PHE I 105 45.49 -21.02 11.26
C PHE I 105 44.45 -21.38 12.31
N ALA I 106 44.10 -20.36 13.10
CA ALA I 106 43.00 -20.46 14.05
C ALA I 106 41.67 -20.05 13.42
N SER I 107 41.68 -19.02 12.59
CA SER I 107 40.48 -18.51 11.95
C SER I 107 40.69 -18.47 10.44
N GLY I 108 39.58 -18.58 9.72
CA GLY I 108 39.59 -18.63 8.27
C GLY I 108 39.20 -17.33 7.61
N TYR I 109 39.03 -16.26 8.38
CA TYR I 109 38.62 -14.98 7.82
C TYR I 109 39.52 -14.58 6.65
N ASN I 110 40.81 -14.43 6.93
CA ASN I 110 41.70 -13.85 5.93
C ASN I 110 41.90 -14.75 4.73
N VAL I 111 41.68 -16.05 4.88
CA VAL I 111 41.87 -16.99 3.78
C VAL I 111 40.58 -17.20 3.00
N ALA I 112 39.49 -17.44 3.72
CA ALA I 112 38.22 -17.70 3.06
C ALA I 112 37.85 -16.59 2.10
N PHE I 113 38.27 -15.37 2.39
CA PHE I 113 37.93 -14.22 1.59
C PHE I 113 39.05 -13.78 0.67
N GLY I 114 40.16 -14.51 0.65
CA GLY I 114 41.19 -14.29 -0.34
C GLY I 114 42.18 -13.21 0.00
N LEU I 115 42.18 -12.72 1.23
CA LEU I 115 43.15 -11.71 1.63
C LEU I 115 44.54 -12.29 1.77
N ILE I 116 44.67 -13.61 1.72
CA ILE I 116 45.95 -14.28 1.82
C ILE I 116 45.92 -15.51 0.92
N ARG I 117 46.81 -15.54 -0.05
CA ARG I 117 46.83 -16.59 -1.06
C ARG I 117 48.25 -17.13 -1.17
N PRO I 118 48.62 -18.05 -0.30
CA PRO I 118 49.94 -18.65 -0.37
C PRO I 118 50.10 -19.42 -1.66
N PRO I 119 51.32 -19.87 -1.96
CA PRO I 119 51.56 -20.56 -3.22
C PRO I 119 50.99 -21.98 -3.20
N LYS I 120 50.99 -22.58 -4.38
CA LYS I 120 50.58 -23.97 -4.52
C LYS I 120 51.63 -24.94 -4.02
N SER I 121 52.71 -24.45 -3.42
CA SER I 121 53.74 -25.29 -2.86
C SER I 121 53.58 -25.47 -1.36
N VAL I 122 52.37 -25.24 -0.84
CA VAL I 122 52.13 -25.32 0.59
C VAL I 122 50.74 -25.89 0.84
N ASP I 123 50.66 -27.00 1.57
CA ASP I 123 49.39 -27.54 1.98
C ASP I 123 48.78 -26.63 3.04
N THR I 124 47.53 -26.24 2.84
CA THR I 124 46.89 -25.21 3.64
C THR I 124 45.71 -25.79 4.38
N ILE I 125 45.63 -25.51 5.69
CA ILE I 125 44.72 -26.21 6.59
C ILE I 125 44.27 -25.27 7.71
N MET I 126 43.32 -25.76 8.51
CA MET I 126 42.82 -25.04 9.67
C MET I 126 42.69 -25.98 10.85
N VAL I 127 42.87 -25.42 12.04
CA VAL I 127 42.48 -26.10 13.28
C VAL I 127 42.00 -25.05 14.26
N ALA I 128 40.71 -25.08 14.59
CA ALA I 128 40.08 -24.01 15.36
C ALA I 128 39.27 -24.58 16.52
N PRO I 129 39.55 -24.18 17.75
CA PRO I 129 38.62 -24.47 18.84
C PRO I 129 37.62 -23.34 19.07
N ARG I 130 36.74 -23.51 20.04
CA ARG I 130 35.63 -22.59 20.24
C ARG I 130 35.61 -21.93 21.61
N MET I 131 36.60 -22.19 22.45
CA MET I 131 36.65 -21.60 23.78
C MET I 131 37.10 -20.14 23.66
N VAL I 132 37.37 -19.51 24.80
CA VAL I 132 38.17 -18.29 24.81
C VAL I 132 39.63 -18.61 25.09
N GLY I 133 39.93 -19.80 25.61
CA GLY I 133 41.30 -20.28 25.69
C GLY I 133 41.71 -20.78 27.06
N GLU I 134 41.25 -20.11 28.12
CA GLU I 134 41.64 -20.51 29.46
C GLU I 134 40.96 -21.80 29.87
N GLY I 135 39.76 -22.04 29.37
CA GLY I 135 39.05 -23.28 29.62
C GLY I 135 39.86 -24.49 29.20
N ILE I 136 40.81 -24.31 28.28
CA ILE I 136 41.51 -25.46 27.72
C ILE I 136 42.56 -25.98 28.69
N MET I 137 43.22 -25.10 29.45
CA MET I 137 44.02 -25.58 30.56
C MET I 137 43.12 -26.04 31.70
N ASP I 138 42.02 -25.33 31.93
CA ASP I 138 40.98 -25.76 32.85
C ASP I 138 40.42 -27.13 32.49
N LEU I 139 40.78 -27.68 31.34
CA LEU I 139 40.45 -29.05 30.96
C LEU I 139 41.67 -29.96 30.88
N HIS I 140 42.82 -29.41 30.52
CA HIS I 140 44.01 -30.24 30.34
C HIS I 140 44.53 -30.75 31.67
N LYS I 141 44.54 -29.88 32.70
CA LYS I 141 44.92 -30.35 34.02
C LYS I 141 43.96 -31.42 34.52
N GLN I 142 42.79 -31.55 33.90
CA GLN I 142 41.87 -32.65 34.16
C GLN I 142 42.13 -33.86 33.26
N GLY I 143 43.15 -33.79 32.40
CA GLY I 143 43.43 -34.88 31.48
C GLY I 143 42.37 -35.10 30.42
N LYS I 144 41.46 -34.15 30.23
CA LYS I 144 40.38 -34.30 29.26
C LYS I 144 40.88 -33.95 27.86
N GLY I 145 39.94 -33.84 26.94
CA GLY I 145 40.22 -33.30 25.63
C GLY I 145 39.05 -32.43 25.19
N TYR I 146 39.33 -31.57 24.21
CA TYR I 146 38.34 -30.57 23.82
C TYR I 146 37.98 -30.71 22.35
N PRO I 147 36.90 -30.07 21.90
CA PRO I 147 36.48 -30.18 20.51
C PRO I 147 37.03 -29.05 19.66
N VAL I 148 37.24 -29.33 18.38
CA VAL I 148 37.81 -28.35 17.45
C VAL I 148 37.27 -28.60 16.06
N LEU I 149 37.56 -27.65 15.17
CA LEU I 149 37.21 -27.72 13.76
C LEU I 149 38.48 -27.78 12.93
N LEU I 150 38.43 -28.57 11.87
CA LEU I 150 39.58 -28.78 11.00
C LEU I 150 39.18 -28.49 9.57
N GLY I 151 40.11 -27.94 8.79
CA GLY I 151 39.86 -27.67 7.40
C GLY I 151 41.12 -27.78 6.59
N VAL I 152 40.92 -27.94 5.28
CA VAL I 152 42.00 -28.03 4.32
C VAL I 152 41.66 -27.11 3.15
N LYS I 153 42.55 -26.19 2.85
CA LYS I 153 42.36 -25.27 1.73
C LYS I 153 43.14 -25.68 0.50
N GLN I 154 44.34 -26.22 0.69
CA GLN I 154 45.18 -26.61 -0.42
C GLN I 154 45.99 -27.84 -0.02
N ASP I 155 46.06 -28.81 -0.91
CA ASP I 155 46.81 -30.04 -0.70
C ASP I 155 47.76 -30.25 -1.87
N ALA I 156 49.05 -30.10 -1.62
CA ALA I 156 50.09 -30.40 -2.59
C ALA I 156 50.92 -31.61 -2.17
N SER I 157 50.45 -32.38 -1.20
CA SER I 157 51.17 -33.53 -0.69
C SER I 157 50.32 -34.79 -0.62
N GLY I 158 49.04 -34.72 -0.93
CA GLY I 158 48.15 -35.85 -0.69
C GLY I 158 48.11 -36.27 0.76
N LYS I 159 48.58 -35.41 1.66
CA LYS I 159 48.67 -35.73 3.08
C LYS I 159 48.11 -34.63 3.97
N ALA I 160 47.43 -33.65 3.39
CA ALA I 160 46.93 -32.53 4.18
C ALA I 160 46.10 -33.03 5.36
N TRP I 161 45.28 -34.06 5.14
CA TRP I 161 44.35 -34.50 6.17
C TRP I 161 45.05 -35.23 7.30
N ASP I 162 45.99 -36.11 6.98
CA ASP I 162 46.68 -36.80 8.06
C ASP I 162 47.57 -35.85 8.82
N TYR I 163 48.16 -34.86 8.13
CA TYR I 163 48.80 -33.76 8.84
C TYR I 163 47.81 -33.06 9.76
N ALA I 164 46.57 -32.90 9.28
CA ALA I 164 45.55 -32.24 10.08
C ALA I 164 45.35 -32.97 11.40
N LYS I 165 45.05 -34.26 11.32
CA LYS I 165 44.80 -35.04 12.52
C LYS I 165 46.06 -35.18 13.37
N ALA I 166 47.23 -35.24 12.73
CA ALA I 166 48.49 -35.25 13.45
C ALA I 166 48.58 -34.02 14.34
N ILE I 167 48.40 -32.84 13.75
CA ILE I 167 48.38 -31.60 14.52
C ILE I 167 47.35 -31.71 15.62
N ALA I 168 46.13 -32.10 15.26
CA ALA I 168 45.05 -32.23 16.22
C ALA I 168 45.51 -32.91 17.48
N LYS I 169 46.00 -34.15 17.34
CA LYS I 169 46.52 -34.85 18.50
C LYS I 169 47.77 -34.19 19.05
N GLY I 170 48.40 -33.31 18.28
CA GLY I 170 49.57 -32.60 18.75
C GLY I 170 49.27 -31.50 19.73
N ILE I 171 47.99 -31.23 19.97
CA ILE I 171 47.56 -30.17 20.86
C ILE I 171 46.69 -30.67 22.00
N GLY I 172 46.45 -31.98 22.07
CA GLY I 172 45.77 -32.55 23.21
C GLY I 172 44.26 -32.43 23.19
N ALA I 173 43.65 -32.46 22.01
CA ALA I 173 42.19 -32.36 21.92
C ALA I 173 41.55 -33.74 21.89
N ILE I 174 41.88 -34.54 20.89
CA ILE I 174 41.48 -35.95 20.88
C ILE I 174 42.74 -36.77 21.15
N PRO I 175 42.66 -37.81 21.99
CA PRO I 175 41.42 -38.28 22.63
C PRO I 175 41.05 -37.46 23.85
N GLY I 176 39.75 -37.34 24.10
CA GLY I 176 39.26 -36.60 25.26
C GLY I 176 38.16 -35.63 24.86
N GLY I 177 38.34 -35.03 23.69
CA GLY I 177 37.30 -34.23 23.08
C GLY I 177 36.92 -34.86 21.75
N ILE I 178 36.71 -34.05 20.72
CA ILE I 178 36.48 -34.53 19.38
C ILE I 178 37.12 -33.58 18.39
N ALA I 179 36.99 -33.90 17.11
CA ALA I 179 37.58 -33.10 16.05
C ALA I 179 36.65 -33.16 14.85
N VAL I 180 36.15 -32.01 14.45
CA VAL I 180 35.29 -31.93 13.28
C VAL I 180 36.09 -31.40 12.11
N ILE I 181 35.75 -31.89 10.93
CA ILE I 181 36.37 -31.46 9.69
C ILE I 181 35.42 -30.50 9.01
N SER I 182 35.96 -29.40 8.49
CA SER I 182 35.09 -28.34 7.99
C SER I 182 35.94 -27.34 7.21
N SER I 183 35.38 -26.84 6.13
CA SER I 183 36.07 -25.84 5.34
C SER I 183 36.40 -24.61 6.17
N PHE I 184 37.34 -23.82 5.66
CA PHE I 184 37.57 -22.50 6.22
C PHE I 184 36.29 -21.68 6.21
N GLU I 185 35.50 -21.82 5.14
CA GLU I 185 34.34 -20.97 4.95
C GLU I 185 33.33 -21.18 6.06
N GLU I 186 33.04 -22.43 6.38
CA GLU I 186 32.09 -22.72 7.44
C GLU I 186 32.52 -22.09 8.75
N GLU I 187 33.80 -22.20 9.09
CA GLU I 187 34.28 -21.67 10.36
C GLU I 187 34.01 -20.18 10.44
N ALA I 188 34.38 -19.44 9.41
CA ALA I 188 34.19 -18.00 9.42
C ALA I 188 32.72 -17.66 9.48
N LEU I 189 31.93 -18.28 8.60
CA LEU I 189 30.49 -18.07 8.59
C LEU I 189 29.92 -18.21 9.99
N LEU I 190 30.32 -19.26 10.70
CA LEU I 190 29.77 -19.51 12.02
C LEU I 190 30.25 -18.48 13.02
N ASP I 191 31.56 -18.31 13.15
CA ASP I 191 32.08 -17.36 14.11
C ASP I 191 31.51 -15.97 13.90
N LEU I 192 31.01 -15.68 12.71
CA LEU I 192 30.46 -14.35 12.47
C LEU I 192 28.96 -14.30 12.71
N MET I 193 28.23 -15.32 12.30
CA MET I 193 26.78 -15.33 12.51
C MET I 193 26.44 -15.04 13.96
N SER I 194 27.10 -15.74 14.89
CA SER I 194 26.88 -15.48 16.30
C SER I 194 27.12 -14.01 16.62
N GLU I 195 28.27 -13.50 16.22
CA GLU I 195 28.64 -12.13 16.53
C GLU I 195 27.73 -11.11 15.87
N HIS I 196 26.84 -11.54 14.97
CA HIS I 196 25.97 -10.62 14.27
C HIS I 196 24.49 -10.84 14.54
N THR I 197 24.10 -11.97 15.12
CA THR I 197 22.69 -12.33 15.18
C THR I 197 22.12 -12.35 16.58
N TRP I 198 22.58 -13.24 17.46
CA TRP I 198 21.84 -13.41 18.71
C TRP I 198 22.43 -12.63 19.86
N VAL I 199 23.74 -12.40 19.84
CA VAL I 199 24.40 -11.57 20.84
C VAL I 199 23.83 -10.15 20.79
N PRO I 200 23.92 -9.48 19.65
CA PRO I 200 23.44 -8.10 19.60
C PRO I 200 21.95 -7.98 19.81
N ILE I 201 21.19 -8.94 19.30
CA ILE I 201 19.75 -8.94 19.53
C ILE I 201 19.47 -9.01 21.02
N LEU I 202 20.13 -9.93 21.70
CA LEU I 202 19.97 -10.06 23.14
C LEU I 202 20.24 -8.74 23.84
N PHE I 203 21.37 -8.13 23.52
CA PHE I 203 21.74 -6.90 24.20
C PHE I 203 20.73 -5.80 23.94
N GLY I 204 20.29 -5.67 22.70
CA GLY I 204 19.31 -4.66 22.38
C GLY I 204 17.99 -4.89 23.08
N ALA I 205 17.58 -6.15 23.18
CA ALA I 205 16.35 -6.46 23.89
C ALA I 205 16.43 -6.06 25.35
N ILE I 206 17.55 -6.39 25.98
CA ILE I 206 17.73 -6.01 27.38
C ILE I 206 17.66 -4.50 27.53
N LYS I 207 18.43 -3.79 26.71
CA LYS I 207 18.44 -2.34 26.77
C LYS I 207 17.03 -1.77 26.61
N ALA I 208 16.26 -2.34 25.69
CA ALA I 208 14.92 -1.85 25.43
C ALA I 208 14.01 -2.12 26.60
N CYS I 209 14.11 -3.31 27.19
CA CYS I 209 13.31 -3.61 28.37
C CYS I 209 13.57 -2.59 29.46
N TYR I 210 14.84 -2.30 29.71
CA TYR I 210 15.18 -1.28 30.71
C TYR I 210 14.52 0.04 30.38
N ASP I 211 14.79 0.55 29.18
CA ASP I 211 14.31 1.87 28.81
C ASP I 211 12.79 1.95 28.97
N ILE I 212 12.10 0.95 28.47
CA ILE I 212 10.64 0.92 28.53
C ILE I 212 10.18 0.94 29.98
N ALA I 213 10.60 -0.07 30.75
CA ALA I 213 10.15 -0.19 32.12
C ALA I 213 10.34 1.11 32.89
N VAL I 214 11.42 1.82 32.59
CA VAL I 214 11.69 3.04 33.34
C VAL I 214 10.82 4.19 32.86
N LYS I 215 10.81 4.43 31.56
CA LYS I 215 10.23 5.65 31.02
C LYS I 215 8.73 5.54 30.76
N GLU I 216 8.12 4.38 30.97
CA GLU I 216 6.72 4.23 30.66
C GLU I 216 5.93 3.51 31.76
N TYR I 217 6.45 3.03 32.93
CA TYR I 217 5.64 2.43 34.02
C TYR I 217 6.16 2.84 35.41
N GLY I 218 6.90 3.96 35.52
CA GLY I 218 7.46 4.50 36.78
C GLY I 218 8.23 3.50 37.64
N VAL I 219 9.26 2.84 37.10
CA VAL I 219 10.09 1.83 37.82
C VAL I 219 11.47 2.41 38.17
N SER I 220 12.14 1.86 39.21
CA SER I 220 13.45 2.26 39.66
C SER I 220 14.53 1.55 38.86
N PRO I 221 15.56 2.25 38.42
CA PRO I 221 16.63 1.60 37.66
C PRO I 221 17.21 0.39 38.34
N GLU I 222 17.37 0.47 39.66
CA GLU I 222 18.00 -0.60 40.41
C GLU I 222 17.28 -1.92 40.20
N ALA I 223 15.96 -1.92 40.36
CA ALA I 223 15.19 -3.14 40.22
C ALA I 223 15.32 -3.73 38.83
N ALA I 224 15.24 -2.88 37.81
CA ALA I 224 15.36 -3.35 36.44
C ALA I 224 16.69 -4.03 36.23
N LEU I 225 17.77 -3.37 36.65
CA LEU I 225 19.09 -3.94 36.48
C LEU I 225 19.22 -5.27 37.19
N LEU I 226 18.66 -5.36 38.39
CA LEU I 226 18.73 -6.61 39.14
C LEU I 226 18.03 -7.72 38.40
N GLU I 227 16.83 -7.43 37.89
CA GLU I 227 16.06 -8.47 37.22
C GLU I 227 16.77 -8.94 35.96
N PHE I 228 17.19 -8.00 35.12
CA PHE I 228 17.58 -8.37 33.77
C PHE I 228 18.95 -9.03 33.72
N TYR I 229 20.01 -8.32 34.11
CA TYR I 229 21.34 -8.89 34.00
C TYR I 229 22.24 -8.68 35.20
N ALA I 230 21.98 -7.74 36.10
CA ALA I 230 22.87 -7.55 37.23
C ALA I 230 22.91 -8.78 38.13
N SER I 231 21.94 -9.68 37.99
CA SER I 231 21.95 -10.96 38.67
C SER I 231 22.54 -12.03 37.77
N GLY I 232 23.15 -13.03 38.37
CA GLY I 232 23.83 -14.10 37.66
C GLY I 232 22.89 -15.17 37.14
N GLU I 233 21.61 -14.83 37.02
CA GLU I 233 20.63 -15.78 36.52
C GLU I 233 21.06 -16.37 35.19
N LEU I 234 21.36 -15.49 34.24
CA LEU I 234 21.75 -15.92 32.90
C LEU I 234 22.89 -16.92 32.95
N ALA I 235 23.86 -16.72 33.84
CA ALA I 235 25.01 -17.61 33.91
C ALA I 235 24.58 -19.03 34.24
N GLU I 236 23.74 -19.17 35.28
CA GLU I 236 23.28 -20.49 35.67
C GLU I 236 22.49 -21.14 34.54
N ILE I 237 21.66 -20.35 33.86
CA ILE I 237 20.89 -20.88 32.75
C ILE I 237 21.81 -21.41 31.67
N ALA I 238 22.84 -20.66 31.32
CA ALA I 238 23.77 -21.09 30.27
C ALA I 238 24.49 -22.36 30.68
N ARG I 239 24.91 -22.43 31.94
CA ARG I 239 25.57 -23.63 32.44
C ARG I 239 24.65 -24.84 32.28
N LEU I 240 23.42 -24.72 32.77
CA LEU I 240 22.47 -25.83 32.68
C LEU I 240 22.24 -26.22 31.22
N ILE I 241 22.23 -25.23 30.33
CA ILE I 241 22.10 -25.52 28.91
C ILE I 241 23.25 -26.42 28.46
N ALA I 242 24.48 -25.97 28.71
CA ALA I 242 25.63 -26.74 28.28
C ALA I 242 25.64 -28.13 28.88
N GLU I 243 25.04 -28.29 30.07
CA GLU I 243 25.09 -29.57 30.75
C GLU I 243 24.00 -30.52 30.28
N GLU I 244 22.75 -30.11 30.42
CA GLU I 244 21.59 -30.97 30.20
C GLU I 244 21.04 -30.88 28.80
N GLY I 245 20.94 -29.68 28.26
CA GLY I 245 20.27 -29.45 26.99
C GLY I 245 19.48 -28.17 27.13
N ILE I 246 19.25 -27.51 25.99
CA ILE I 246 18.64 -26.19 26.02
C ILE I 246 17.22 -26.25 26.56
N PHE I 247 16.44 -27.23 26.10
CA PHE I 247 15.03 -27.32 26.49
C PHE I 247 14.85 -28.06 27.79
N ASN I 248 15.42 -29.26 27.90
CA ASN I 248 15.38 -30.00 29.15
C ASN I 248 15.77 -29.12 30.33
N GLN I 249 16.54 -28.08 30.05
CA GLN I 249 16.93 -27.14 31.09
C GLN I 249 15.72 -26.53 31.78
N MET I 250 14.70 -26.19 31.01
CA MET I 250 13.59 -25.40 31.51
C MET I 250 12.72 -26.16 32.51
N VAL I 251 12.95 -27.46 32.68
CA VAL I 251 12.18 -28.22 33.65
C VAL I 251 12.38 -27.67 35.05
N HIS I 252 13.55 -27.08 35.31
CA HIS I 252 13.84 -26.51 36.62
C HIS I 252 13.18 -25.16 36.82
N HIS I 253 12.42 -24.68 35.84
CA HIS I 253 11.70 -23.43 35.94
C HIS I 253 10.25 -23.70 36.35
N SER I 254 9.49 -22.62 36.45
CA SER I 254 8.07 -22.72 36.74
C SER I 254 7.27 -22.92 35.46
N THR I 255 6.09 -23.51 35.61
CA THR I 255 5.23 -23.78 34.46
C THR I 255 4.89 -22.48 33.74
N THR I 256 4.64 -21.43 34.49
CA THR I 256 4.31 -20.14 33.89
C THR I 256 5.42 -19.70 32.93
N SER I 257 6.66 -19.78 33.39
CA SER I 257 7.79 -19.39 32.56
C SER I 257 7.86 -20.25 31.32
N GLN I 258 7.73 -21.56 31.48
CA GLN I 258 7.76 -22.47 30.35
C GLN I 258 6.73 -22.05 29.30
N TYR I 259 5.50 -21.84 29.75
CA TYR I 259 4.41 -21.53 28.84
C TYR I 259 4.70 -20.26 28.07
N GLY I 260 4.96 -19.18 28.79
CA GLY I 260 5.20 -17.92 28.11
C GLY I 260 6.36 -18.01 27.14
N THR I 261 7.46 -18.59 27.60
CA THR I 261 8.65 -18.70 26.79
C THR I 261 8.36 -19.45 25.49
N LEU I 262 7.72 -20.61 25.59
CA LEU I 262 7.49 -21.43 24.41
C LEU I 262 6.58 -20.71 23.43
N THR I 263 5.45 -20.20 23.93
CA THR I 263 4.53 -19.51 23.05
C THR I 263 5.23 -18.39 22.30
N ARG I 264 5.92 -17.53 23.02
CA ARG I 264 6.54 -16.39 22.38
C ARG I 264 7.66 -16.81 21.44
N MET I 265 8.38 -17.87 21.78
CA MET I 265 9.41 -18.38 20.90
C MET I 265 8.83 -18.78 19.56
N PHE I 266 7.81 -19.63 19.59
CA PHE I 266 7.19 -20.04 18.33
C PHE I 266 6.46 -18.90 17.66
N LYS I 267 6.25 -17.80 18.36
CA LYS I 267 5.54 -16.67 17.81
C LYS I 267 6.44 -15.69 17.07
N TYR I 268 7.72 -15.66 17.40
CA TYR I 268 8.66 -14.70 16.84
C TYR I 268 9.75 -15.36 16.02
N TYR I 269 9.58 -16.62 15.65
CA TYR I 269 10.65 -17.35 14.98
C TYR I 269 10.88 -16.84 13.57
N ASP I 270 9.84 -16.34 12.92
CA ASP I 270 9.96 -15.95 11.52
C ASP I 270 10.80 -14.69 11.36
N VAL I 271 10.57 -13.71 12.23
CA VAL I 271 11.25 -12.43 12.15
C VAL I 271 12.76 -12.62 12.19
N VAL I 272 13.23 -13.22 13.28
CA VAL I 272 14.64 -13.44 13.47
C VAL I 272 15.20 -14.31 12.35
N ARG I 273 14.37 -15.21 11.83
CA ARG I 273 14.81 -16.03 10.70
C ARG I 273 15.15 -15.14 9.51
N ARG I 274 14.26 -14.20 9.21
CA ARG I 274 14.51 -13.25 8.13
C ARG I 274 15.82 -12.51 8.37
N ILE I 275 15.99 -12.00 9.58
CA ILE I 275 17.20 -11.26 9.91
C ILE I 275 18.44 -12.10 9.64
N VAL I 276 18.43 -13.32 10.17
CA VAL I 276 19.57 -14.21 10.06
C VAL I 276 19.89 -14.48 8.60
N GLU I 277 18.85 -14.71 7.79
CA GLU I 277 19.05 -14.88 6.37
C GLU I 277 19.80 -13.71 5.79
N ASN I 278 19.31 -12.50 6.08
CA ASN I 278 19.94 -11.30 5.53
C ASN I 278 21.42 -11.27 5.87
N GLU I 279 21.74 -11.48 7.14
CA GLU I 279 23.13 -11.32 7.57
C GLU I 279 24.02 -12.40 6.99
N ALA I 280 23.56 -13.65 7.03
CA ALA I 280 24.35 -14.73 6.48
C ALA I 280 24.64 -14.50 5.00
N LYS I 281 23.66 -13.98 4.28
CA LYS I 281 23.87 -13.66 2.88
C LYS I 281 24.90 -12.55 2.74
N TYR I 282 24.77 -11.50 3.55
CA TYR I 282 25.75 -10.43 3.55
C TYR I 282 27.15 -10.95 3.74
N ILE I 283 27.29 -12.06 4.46
CA ILE I 283 28.62 -12.58 4.76
C ILE I 283 29.13 -13.46 3.63
N TRP I 284 28.32 -14.44 3.22
CA TRP I 284 28.73 -15.39 2.20
C TRP I 284 29.34 -14.70 0.99
N ASP I 285 28.95 -13.45 0.74
CA ASP I 285 29.40 -12.74 -0.44
C ASP I 285 30.73 -12.03 -0.25
N GLY I 286 31.09 -11.69 0.98
CA GLY I 286 32.32 -10.99 1.24
C GLY I 286 32.16 -9.53 1.54
N SER I 287 30.93 -9.04 1.68
CA SER I 287 30.72 -7.61 1.87
C SER I 287 31.22 -7.14 3.22
N PHE I 288 30.95 -7.91 4.27
CA PHE I 288 31.34 -7.49 5.60
C PHE I 288 32.85 -7.33 5.71
N ALA I 289 33.60 -8.24 5.09
CA ALA I 289 35.05 -8.13 5.09
C ALA I 289 35.47 -6.79 4.51
N LYS I 290 34.87 -6.41 3.39
CA LYS I 290 35.15 -5.13 2.77
C LYS I 290 34.85 -3.99 3.74
N GLU I 291 33.65 -3.99 4.29
CA GLU I 291 33.25 -2.97 5.23
C GLU I 291 34.29 -2.81 6.34
N TRP I 292 34.68 -3.91 6.94
CA TRP I 292 35.57 -3.87 8.10
C TRP I 292 36.97 -3.41 7.69
N SER I 293 37.46 -3.90 6.56
CA SER I 293 38.78 -3.49 6.11
C SER I 293 38.83 -1.99 5.86
N LEU I 294 37.80 -1.47 5.21
CA LEU I 294 37.75 -0.03 4.98
C LEU I 294 37.70 0.73 6.29
N GLU I 295 36.84 0.30 7.20
CA GLU I 295 36.74 0.97 8.49
C GLU I 295 38.10 1.01 9.18
N GLN I 296 38.93 0.00 8.99
CA GLN I 296 40.30 0.09 9.45
C GLN I 296 41.04 1.20 8.72
N GLN I 297 40.89 1.23 7.40
CA GLN I 297 41.66 2.15 6.58
C GLN I 297 41.26 3.60 6.77
N ALA I 298 40.17 3.87 7.49
CA ALA I 298 39.69 5.22 7.67
C ALA I 298 40.03 5.82 9.02
N GLY I 299 40.20 5.00 10.04
CA GLY I 299 40.60 5.48 11.35
C GLY I 299 39.69 5.07 12.47
N TYR I 300 38.86 4.07 12.23
CA TYR I 300 37.98 3.52 13.24
C TYR I 300 37.05 4.58 13.82
N PRO I 301 36.45 5.42 13.00
CA PRO I 301 35.56 6.46 13.54
C PRO I 301 34.28 5.92 14.15
N VAL I 302 33.59 5.10 13.38
CA VAL I 302 32.31 4.55 13.82
C VAL I 302 32.48 3.75 15.10
N PHE I 303 33.45 2.84 15.08
CA PHE I 303 33.86 2.13 16.28
C PHE I 303 33.91 3.07 17.48
N TYR I 304 34.61 4.18 17.31
CA TYR I 304 34.81 5.14 18.38
C TYR I 304 33.48 5.70 18.87
N ARG I 305 32.69 6.23 17.94
CA ARG I 305 31.46 6.90 18.32
C ARG I 305 30.51 5.94 19.01
N LEU I 306 30.46 4.70 18.56
CA LEU I 306 29.56 3.75 19.17
C LEU I 306 30.04 3.35 20.56
N TRP I 307 31.34 3.07 20.70
CA TRP I 307 31.88 2.80 22.02
C TRP I 307 31.56 3.95 22.97
N GLU I 308 31.48 5.16 22.44
CA GLU I 308 31.11 6.29 23.28
C GLU I 308 29.63 6.23 23.66
N LEU I 309 28.76 6.22 22.65
CA LEU I 309 27.33 6.25 22.91
C LEU I 309 26.91 5.16 23.90
N ALA I 310 27.41 3.95 23.71
CA ALA I 310 27.02 2.85 24.58
C ALA I 310 27.29 3.18 26.03
N THR I 311 28.49 3.67 26.32
CA THR I 311 28.88 3.91 27.70
C THR I 311 28.19 5.14 28.28
N GLN I 312 27.88 6.13 27.45
CA GLN I 312 27.22 7.34 27.90
C GLN I 312 25.72 7.17 27.97
N SER I 313 25.21 5.96 27.83
CA SER I 313 23.80 5.71 27.98
C SER I 313 23.41 5.68 29.45
N GLU I 314 22.11 5.79 29.69
CA GLU I 314 21.61 5.81 31.06
C GLU I 314 21.89 4.50 31.76
N MET I 315 21.57 3.39 31.10
CA MET I 315 21.74 2.08 31.68
C MET I 315 23.15 1.90 32.21
N ALA I 316 24.14 2.36 31.46
CA ALA I 316 25.52 2.15 31.86
C ALA I 316 25.86 2.94 33.11
N LYS I 317 25.40 4.20 33.17
CA LYS I 317 25.67 5.02 34.34
C LYS I 317 25.04 4.40 35.59
N ALA I 318 23.80 3.95 35.46
CA ALA I 318 23.15 3.30 36.59
C ALA I 318 23.89 2.05 37.02
N GLU I 319 24.29 1.24 36.04
CA GLU I 319 25.10 0.06 36.33
C GLU I 319 26.35 0.46 37.09
N LYS I 320 26.92 1.60 36.73
CA LYS I 320 28.11 2.07 37.42
C LYS I 320 27.83 2.34 38.88
N GLU I 321 26.86 3.20 39.15
CA GLU I 321 26.49 3.49 40.53
C GLU I 321 26.25 2.21 41.31
N LEU I 322 25.58 1.25 40.69
CA LEU I 322 25.18 0.05 41.40
C LEU I 322 26.37 -0.84 41.70
N TYR I 323 27.04 -1.33 40.65
CA TYR I 323 28.22 -2.16 40.83
C TYR I 323 29.16 -1.55 41.86
N LYS I 324 29.22 -0.23 41.91
CA LYS I 324 29.97 0.43 42.98
C LYS I 324 29.40 0.07 44.34
N LEU I 325 28.06 0.09 44.45
CA LEU I 325 27.44 -0.20 45.72
C LEU I 325 27.74 -1.61 46.18
N LEU I 326 27.65 -2.57 45.28
CA LEU I 326 27.88 -3.97 45.63
C LEU I 326 29.35 -4.33 45.76
N GLY I 327 30.25 -3.37 45.64
CA GLY I 327 31.66 -3.64 45.70
C GLY I 327 32.24 -4.22 44.43
N ARG I 328 31.42 -4.68 43.51
CA ARG I 328 31.92 -5.18 42.25
C ARG I 328 32.74 -4.11 41.56
N LYS I 329 33.94 -4.47 41.12
CA LYS I 329 34.84 -3.53 40.49
C LYS I 329 34.22 -2.94 39.23
N ASP J 2 18.95 7.10 48.20
CA ASP J 2 17.90 6.67 47.27
C ASP J 2 16.96 5.65 47.91
N LYS J 3 16.04 5.13 47.10
CA LYS J 3 15.08 4.14 47.60
C LYS J 3 15.70 2.91 48.22
N THR J 4 16.98 2.64 47.96
CA THR J 4 17.61 1.44 48.49
C THR J 4 17.60 1.47 50.01
N VAL J 5 17.81 0.30 50.59
CA VAL J 5 17.97 0.16 52.03
C VAL J 5 19.06 -0.87 52.27
N LEU J 6 20.07 -0.49 53.07
CA LEU J 6 21.23 -1.33 53.31
C LEU J 6 21.18 -2.07 54.63
N ASP J 7 20.36 -1.63 55.57
CA ASP J 7 20.15 -2.32 56.83
C ASP J 7 19.03 -1.64 57.58
N ALA J 8 18.43 -2.37 58.50
CA ALA J 8 17.29 -1.87 59.26
C ALA J 8 17.17 -2.66 60.55
N ASN J 9 16.03 -2.53 61.21
CA ASN J 9 15.81 -3.09 62.53
C ASN J 9 15.31 -4.53 62.44
N LEU J 10 15.11 -5.14 63.60
CA LEU J 10 14.57 -6.48 63.72
C LEU J 10 13.58 -6.56 64.89
N ASP J 11 12.92 -5.45 65.20
CA ASP J 11 12.14 -5.31 66.43
C ASP J 11 10.77 -5.99 66.37
N PRO J 12 9.96 -5.75 65.34
CA PRO J 12 8.55 -6.17 65.44
C PRO J 12 8.36 -7.67 65.41
N LEU J 13 9.34 -8.42 64.89
CA LEU J 13 9.21 -9.86 64.71
C LEU J 13 9.68 -10.65 65.92
N LYS J 14 10.34 -10.01 66.87
CA LYS J 14 10.80 -10.70 68.07
C LYS J 14 9.75 -10.57 69.16
N GLY J 15 9.25 -11.71 69.62
CA GLY J 15 8.11 -11.77 70.50
C GLY J 15 6.86 -12.32 69.86
N LYS J 16 6.85 -12.44 68.54
CA LYS J 16 5.73 -13.00 67.80
C LYS J 16 6.11 -14.35 67.20
N THR J 17 5.09 -15.09 66.79
CA THR J 17 5.28 -16.31 66.03
C THR J 17 5.12 -16.01 64.55
N ILE J 18 5.75 -16.85 63.73
CA ILE J 18 5.73 -16.67 62.29
C ILE J 18 5.21 -17.93 61.62
N GLY J 19 4.52 -17.75 60.51
CA GLY J 19 3.95 -18.86 59.79
C GLY J 19 4.63 -19.09 58.46
N VAL J 20 5.37 -20.18 58.34
CA VAL J 20 6.08 -20.53 57.12
C VAL J 20 5.31 -21.63 56.41
N ILE J 21 4.79 -21.30 55.23
CA ILE J 21 4.02 -22.24 54.43
C ILE J 21 4.95 -22.78 53.35
N GLY J 22 5.46 -23.98 53.59
CA GLY J 22 6.21 -24.68 52.57
C GLY J 22 7.66 -24.87 52.97
N TYR J 23 8.27 -25.90 52.38
CA TYR J 23 9.62 -26.32 52.69
C TYR J 23 10.34 -26.71 51.40
N GLY J 24 10.19 -25.89 50.36
CA GLY J 24 10.72 -26.22 49.06
C GLY J 24 12.13 -25.71 48.89
N ASN J 25 12.32 -24.82 47.92
CA ASN J 25 13.61 -24.18 47.78
C ASN J 25 13.73 -22.99 48.74
N GLN J 26 12.90 -21.97 48.53
CA GLN J 26 12.93 -20.81 49.42
C GLN J 26 12.57 -21.21 50.83
N GLY J 27 11.38 -21.77 51.01
CA GLY J 27 10.88 -22.13 52.31
C GLY J 27 11.96 -22.67 53.22
N ARG J 28 12.62 -23.73 52.79
CA ARG J 28 13.68 -24.31 53.61
C ARG J 28 14.77 -23.29 53.87
N VAL J 29 15.26 -22.64 52.81
CA VAL J 29 16.40 -21.74 52.98
C VAL J 29 16.05 -20.62 53.94
N GLN J 30 15.01 -19.85 53.61
CA GLN J 30 14.64 -18.69 54.43
C GLN J 30 14.27 -19.11 55.84
N ALA J 31 13.61 -20.25 55.98
CA ALA J 31 13.18 -20.73 57.29
C ALA J 31 14.38 -21.09 58.17
N THR J 32 15.30 -21.87 57.62
CA THR J 32 16.52 -22.19 58.34
C THR J 32 17.28 -20.92 58.71
N ILE J 33 17.40 -20.00 57.75
CA ILE J 33 18.04 -18.72 58.00
C ILE J 33 17.40 -18.04 59.22
N MET J 34 16.08 -17.93 59.21
CA MET J 34 15.39 -17.17 60.25
C MET J 34 15.52 -17.85 61.60
N ARG J 35 15.23 -19.15 61.67
CA ARG J 35 15.47 -19.89 62.90
C ARG J 35 16.87 -19.60 63.41
N GLU J 36 17.85 -19.55 62.52
CA GLU J 36 19.22 -19.21 62.90
C GLU J 36 19.40 -17.73 63.21
N ASN J 37 18.40 -16.90 62.94
CA ASN J 37 18.46 -15.47 63.22
C ASN J 37 17.79 -15.11 64.54
N GLY J 38 17.40 -16.10 65.34
CA GLY J 38 16.81 -15.84 66.63
C GLY J 38 15.35 -15.44 66.58
N LEU J 39 14.49 -16.36 66.13
CA LEU J 39 13.06 -16.13 66.14
C LEU J 39 12.34 -17.44 66.38
N ASN J 40 11.09 -17.35 66.81
CA ASN J 40 10.23 -18.50 66.99
C ASN J 40 9.36 -18.66 65.75
N VAL J 41 9.46 -19.82 65.11
CA VAL J 41 8.90 -20.05 63.79
C VAL J 41 8.19 -21.39 63.78
N ILE J 42 7.37 -21.60 62.75
CA ILE J 42 6.68 -22.85 62.53
C ILE J 42 6.54 -23.07 61.04
N VAL J 43 6.09 -24.27 60.68
CA VAL J 43 6.02 -24.69 59.28
C VAL J 43 4.65 -25.27 59.00
N GLY J 44 4.15 -25.01 57.81
CA GLY J 44 2.97 -25.69 57.31
C GLY J 44 3.26 -26.27 55.94
N ASN J 45 2.83 -27.51 55.72
CA ASN J 45 3.29 -28.24 54.56
C ASN J 45 2.31 -29.36 54.22
N VAL J 46 2.25 -29.69 52.93
CA VAL J 46 1.55 -30.90 52.50
C VAL J 46 2.38 -32.10 52.95
N LYS J 47 1.74 -33.04 53.62
CA LYS J 47 2.44 -34.14 54.28
C LYS J 47 2.90 -35.14 53.23
N ASP J 48 4.12 -34.92 52.75
CA ASP J 48 4.74 -35.75 51.72
C ASP J 48 6.25 -35.73 51.96
N LYS J 49 7.02 -36.10 50.94
CA LYS J 49 8.47 -36.15 51.04
C LYS J 49 9.04 -34.87 51.61
N TYR J 50 8.57 -33.71 51.14
CA TYR J 50 9.05 -32.44 51.69
C TYR J 50 8.73 -32.35 53.17
N TYR J 51 7.57 -32.85 53.59
CA TYR J 51 7.26 -32.86 55.01
C TYR J 51 8.24 -33.75 55.77
N GLU J 52 8.56 -34.91 55.21
CA GLU J 52 9.60 -35.74 55.79
C GLU J 52 10.88 -34.95 56.01
N LEU J 53 11.34 -34.28 54.96
CA LEU J 53 12.58 -33.52 55.04
C LEU J 53 12.47 -32.37 56.04
N ALA J 54 11.29 -31.77 56.15
CA ALA J 54 11.13 -30.62 57.02
C ALA J 54 11.16 -31.03 58.48
N LYS J 55 10.34 -32.01 58.85
CA LYS J 55 10.41 -32.55 60.21
C LYS J 55 11.77 -33.18 60.47
N LYS J 56 12.44 -33.65 59.42
CA LYS J 56 13.81 -34.13 59.51
C LYS J 56 14.71 -33.04 60.08
N GLU J 57 14.70 -31.87 59.44
CA GLU J 57 15.58 -30.79 59.85
C GLU J 57 15.14 -30.13 61.16
N GLY J 58 14.13 -30.65 61.84
CA GLY J 58 13.80 -30.17 63.16
C GLY J 58 12.86 -28.98 63.21
N PHE J 59 11.87 -28.92 62.32
CA PHE J 59 10.84 -27.90 62.35
C PHE J 59 9.50 -28.59 62.61
N GLU J 60 8.92 -28.32 63.77
CA GLU J 60 7.56 -28.73 64.04
C GLU J 60 6.63 -28.21 62.95
N VAL J 61 5.87 -29.11 62.34
CA VAL J 61 5.05 -28.79 61.18
C VAL J 61 3.64 -29.32 61.43
N TYR J 62 2.72 -28.41 61.73
CA TYR J 62 1.31 -28.74 61.83
C TYR J 62 0.67 -28.68 60.45
N GLU J 63 -0.65 -28.77 60.41
CA GLU J 63 -1.36 -28.49 59.17
C GLU J 63 -1.30 -27.01 58.87
N ILE J 64 -1.57 -26.68 57.61
CA ILE J 64 -1.49 -25.30 57.14
C ILE J 64 -2.26 -24.38 58.08
N ASP J 65 -3.57 -24.62 58.17
CA ASP J 65 -4.42 -23.75 58.98
C ASP J 65 -3.98 -23.72 60.43
N GLU J 66 -3.44 -24.83 60.94
CA GLU J 66 -3.00 -24.86 62.32
C GLU J 66 -1.78 -23.98 62.52
N ALA J 67 -0.96 -23.81 61.48
CA ALA J 67 0.16 -22.90 61.56
C ALA J 67 -0.27 -21.45 61.39
N VAL J 68 -1.45 -21.22 60.80
CA VAL J 68 -1.94 -19.86 60.68
C VAL J 68 -2.67 -19.43 61.94
N ARG J 69 -3.30 -20.36 62.64
CA ARG J 69 -3.97 -20.01 63.88
C ARG J 69 -2.97 -19.61 64.95
N ARG J 70 -1.82 -20.28 64.98
CA ARG J 70 -0.80 -19.98 65.98
C ARG J 70 -0.03 -18.72 65.66
N SER J 71 0.18 -18.44 64.37
CA SER J 71 1.01 -17.33 63.96
C SER J 71 0.19 -16.07 63.76
N ASP J 72 0.82 -14.93 64.01
CA ASP J 72 0.29 -13.63 63.63
C ASP J 72 0.84 -13.13 62.31
N VAL J 73 1.82 -13.84 61.74
CA VAL J 73 2.33 -13.57 60.41
C VAL J 73 2.35 -14.88 59.63
N ALA J 74 2.32 -14.76 58.31
CA ALA J 74 2.31 -15.93 57.45
C ALA J 74 3.04 -15.60 56.16
N LEU J 75 3.84 -16.55 55.69
CA LEU J 75 4.56 -16.44 54.43
C LEU J 75 4.13 -17.60 53.54
N LEU J 76 3.59 -17.28 52.37
CA LEU J 76 3.01 -18.27 51.47
C LEU J 76 4.04 -18.59 50.40
N LEU J 77 4.91 -19.54 50.71
CA LEU J 77 6.07 -19.85 49.88
C LEU J 77 5.79 -21.05 48.99
N ILE J 78 4.76 -20.91 48.16
CA ILE J 78 4.23 -22.01 47.36
C ILE J 78 3.92 -21.52 45.95
N PRO J 79 3.48 -22.38 45.05
CA PRO J 79 3.36 -21.99 43.64
C PRO J 79 2.39 -20.87 43.32
N ASP J 80 2.29 -20.57 42.03
CA ASP J 80 1.53 -19.44 41.51
C ASP J 80 0.28 -19.86 40.77
N GLU J 81 0.14 -21.14 40.45
CA GLU J 81 -0.86 -21.60 39.51
C GLU J 81 -2.11 -22.15 40.18
N VAL J 82 -1.99 -22.52 41.46
CA VAL J 82 -3.06 -23.23 42.16
C VAL J 82 -3.29 -22.58 43.52
N MET J 83 -2.35 -21.74 43.95
CA MET J 83 -2.46 -21.09 45.24
C MET J 83 -3.85 -20.54 45.49
N LYS J 84 -4.53 -20.14 44.41
CA LYS J 84 -5.85 -19.54 44.55
C LYS J 84 -6.81 -20.45 45.33
N GLU J 85 -7.06 -21.64 44.80
CA GLU J 85 -8.00 -22.56 45.42
C GLU J 85 -7.60 -22.84 46.86
N VAL J 86 -6.31 -23.14 47.06
CA VAL J 86 -5.81 -23.45 48.38
C VAL J 86 -6.14 -22.34 49.36
N TYR J 87 -5.94 -21.10 48.94
CA TYR J 87 -6.27 -19.98 49.81
C TYR J 87 -7.78 -19.90 50.04
N GLU J 88 -8.56 -20.20 49.01
CA GLU J 88 -10.01 -20.07 49.12
C GLU J 88 -10.57 -21.05 50.14
N LYS J 89 -10.06 -22.27 50.15
CA LYS J 89 -10.63 -23.33 50.97
C LYS J 89 -10.07 -23.35 52.38
N LYS J 90 -8.75 -23.39 52.50
CA LYS J 90 -8.09 -23.82 53.70
C LYS J 90 -7.42 -22.68 54.47
N ILE J 91 -7.38 -21.49 53.91
CA ILE J 91 -6.69 -20.36 54.52
C ILE J 91 -7.63 -19.18 54.77
N ALA J 92 -8.49 -18.88 53.81
CA ALA J 92 -9.43 -17.78 54.00
C ALA J 92 -10.28 -17.96 55.25
N PRO J 93 -10.84 -19.12 55.54
CA PRO J 93 -11.66 -19.28 56.74
C PRO J 93 -10.90 -18.90 58.00
N VAL J 94 -9.76 -19.58 58.17
CA VAL J 94 -8.93 -19.35 59.34
C VAL J 94 -8.60 -17.86 59.45
N LEU J 95 -8.09 -17.29 58.37
CA LEU J 95 -7.74 -15.87 58.37
C LEU J 95 -8.91 -15.01 58.82
N GLN J 96 -10.11 -15.33 58.33
CA GLN J 96 -11.30 -14.65 58.84
C GLN J 96 -11.41 -14.83 60.35
N GLY J 97 -10.81 -15.86 60.90
CA GLY J 97 -10.76 -16.04 62.33
C GLY J 97 -9.61 -15.28 62.99
N LYS J 98 -9.30 -14.10 62.47
CA LYS J 98 -8.23 -13.28 63.02
C LYS J 98 -8.59 -11.82 62.84
N LYS J 99 -7.85 -10.96 63.53
CA LYS J 99 -8.05 -9.52 63.45
C LYS J 99 -6.83 -8.77 62.95
N GLU J 100 -5.68 -8.98 63.56
CA GLU J 100 -4.43 -8.36 63.15
C GLU J 100 -3.53 -9.45 62.60
N PHE J 101 -3.25 -9.39 61.30
CA PHE J 101 -2.43 -10.39 60.64
C PHE J 101 -1.58 -9.72 59.58
N VAL J 102 -0.61 -10.46 59.09
CA VAL J 102 0.32 -9.94 58.10
C VAL J 102 0.71 -11.08 57.17
N LEU J 103 0.61 -10.83 55.86
CA LEU J 103 0.86 -11.86 54.87
C LEU J 103 1.84 -11.33 53.83
N ASP J 104 2.81 -12.17 53.47
CA ASP J 104 3.89 -11.81 52.57
C ASP J 104 4.11 -12.94 51.58
N PHE J 105 4.45 -12.59 50.35
CA PHE J 105 4.61 -13.57 49.28
C PHE J 105 5.97 -13.42 48.62
N ALA J 106 6.26 -14.38 47.75
CA ALA J 106 7.43 -14.34 46.89
C ALA J 106 7.15 -13.63 45.57
N SER J 107 5.98 -13.87 45.00
CA SER J 107 5.60 -13.30 43.72
C SER J 107 4.26 -12.57 43.87
N GLY J 108 4.06 -11.58 43.03
CA GLY J 108 2.89 -10.73 43.07
C GLY J 108 1.86 -11.05 42.02
N TYR J 109 2.05 -12.13 41.27
CA TYR J 109 1.12 -12.49 40.21
C TYR J 109 -0.31 -12.54 40.73
N ASN J 110 -0.57 -13.40 41.70
CA ASN J 110 -1.94 -13.65 42.11
C ASN J 110 -2.57 -12.46 42.80
N VAL J 111 -1.77 -11.55 43.34
CA VAL J 111 -2.31 -10.38 44.03
C VAL J 111 -2.45 -9.21 43.10
N ALA J 112 -1.40 -8.93 42.34
CA ALA J 112 -1.42 -7.79 41.44
C ALA J 112 -2.62 -7.82 40.51
N PHE J 113 -3.07 -9.02 40.17
CA PHE J 113 -4.17 -9.19 39.23
C PHE J 113 -5.49 -9.49 39.91
N GLY J 114 -5.52 -9.50 41.24
CA GLY J 114 -6.75 -9.58 41.96
C GLY J 114 -7.30 -10.97 42.17
N LEU J 115 -6.51 -12.00 41.88
CA LEU J 115 -6.95 -13.37 42.12
C LEU J 115 -7.01 -13.70 43.59
N ILE J 116 -6.48 -12.84 44.44
CA ILE J 116 -6.48 -13.04 45.87
C ILE J 116 -6.65 -11.69 46.54
N ARG J 117 -7.71 -11.53 47.30
CA ARG J 117 -8.08 -10.26 47.92
C ARG J 117 -8.36 -10.51 49.39
N PRO J 118 -7.32 -10.54 50.22
CA PRO J 118 -7.53 -10.71 51.64
C PRO J 118 -8.28 -9.54 52.23
N PRO J 119 -8.69 -9.64 53.48
CA PRO J 119 -9.49 -8.57 54.08
C PRO J 119 -8.64 -7.36 54.41
N LYS J 120 -9.33 -6.28 54.75
CA LYS J 120 -8.67 -5.07 55.20
C LYS J 120 -8.14 -5.17 56.62
N SER J 121 -8.21 -6.36 57.22
CA SER J 121 -7.69 -6.59 58.56
C SER J 121 -6.31 -7.23 58.51
N VAL J 122 -5.61 -7.12 57.39
CA VAL J 122 -4.31 -7.75 57.22
C VAL J 122 -3.40 -6.85 56.40
N ASP J 123 -2.26 -6.48 56.97
CA ASP J 123 -1.26 -5.74 56.21
C ASP J 123 -0.61 -6.67 55.20
N THR J 124 -0.57 -6.23 53.94
CA THR J 124 -0.19 -7.09 52.83
C THR J 124 1.08 -6.54 52.19
N ILE J 125 2.05 -7.43 51.96
CA ILE J 125 3.40 -7.04 51.60
C ILE J 125 4.04 -8.09 50.70
N MET J 126 5.22 -7.78 50.19
CA MET J 126 6.00 -8.68 49.36
C MET J 126 7.45 -8.64 49.78
N VAL J 127 8.13 -9.77 49.61
CA VAL J 127 9.59 -9.82 49.66
C VAL J 127 10.06 -10.86 48.67
N ALA J 128 10.76 -10.42 47.63
CA ALA J 128 11.09 -11.29 46.50
C ALA J 128 12.58 -11.17 46.15
N PRO J 129 13.33 -12.27 46.15
CA PRO J 129 14.66 -12.25 45.54
C PRO J 129 14.62 -12.68 44.09
N ARG J 130 15.79 -12.70 43.44
CA ARG J 130 15.88 -12.92 42.00
C ARG J 130 16.70 -14.12 41.61
N MET J 131 17.21 -14.88 42.57
CA MET J 131 18.02 -16.06 42.28
C MET J 131 17.09 -17.19 41.83
N VAL J 132 17.65 -18.39 41.67
CA VAL J 132 16.85 -19.60 41.65
C VAL J 132 16.76 -20.23 43.04
N GLY J 133 17.65 -19.85 43.96
CA GLY J 133 17.51 -20.21 45.35
C GLY J 133 18.75 -20.84 45.97
N GLU J 134 19.46 -21.67 45.20
CA GLU J 134 20.63 -22.33 45.75
C GLU J 134 21.79 -21.37 45.92
N GLY J 135 21.86 -20.36 45.06
CA GLY J 135 22.86 -19.34 45.19
C GLY J 135 22.83 -18.65 46.53
N ILE J 136 21.69 -18.70 47.22
CA ILE J 136 21.54 -17.94 48.45
C ILE J 136 22.25 -18.62 49.61
N MET J 137 22.26 -19.96 49.65
CA MET J 137 23.16 -20.63 50.57
C MET J 137 24.59 -20.53 50.10
N ASP J 138 24.79 -20.63 48.78
CA ASP J 138 26.09 -20.37 48.17
C ASP J 138 26.61 -18.98 48.48
N LEU J 139 25.79 -18.12 49.09
CA LEU J 139 26.22 -16.82 49.60
C LEU J 139 26.18 -16.73 51.12
N HIS J 140 25.27 -17.44 51.77
CA HIS J 140 25.13 -17.33 53.21
C HIS J 140 26.31 -17.99 53.92
N LYS J 141 26.74 -19.15 53.43
CA LYS J 141 27.94 -19.75 54.01
C LYS J 141 29.16 -18.86 53.84
N GLN J 142 29.08 -17.87 52.94
CA GLN J 142 30.10 -16.84 52.81
C GLN J 142 29.82 -15.64 53.69
N GLY J 143 28.77 -15.68 54.50
CA GLY J 143 28.43 -14.55 55.35
C GLY J 143 27.98 -13.30 54.61
N LYS J 144 27.67 -13.41 53.33
CA LYS J 144 27.28 -12.26 52.52
C LYS J 144 25.80 -11.95 52.74
N GLY J 145 25.28 -11.06 51.90
CA GLY J 145 23.86 -10.81 51.83
C GLY J 145 23.46 -10.61 50.39
N TYR J 146 22.17 -10.77 50.13
CA TYR J 146 21.69 -10.77 48.76
C TYR J 146 20.66 -9.68 48.54
N PRO J 147 20.32 -9.36 47.29
CA PRO J 147 19.36 -8.30 47.02
C PRO J 147 17.96 -8.85 46.83
N VAL J 148 16.97 -8.03 47.16
CA VAL J 148 15.57 -8.45 47.08
C VAL J 148 14.69 -7.24 46.78
N LEU J 149 13.43 -7.53 46.48
CA LEU J 149 12.41 -6.52 46.24
C LEU J 149 11.36 -6.61 47.33
N LEU J 150 10.85 -5.45 47.73
CA LEU J 150 9.87 -5.36 48.80
C LEU J 150 8.68 -4.56 48.31
N GLY J 151 7.49 -4.94 48.77
CA GLY J 151 6.30 -4.21 48.42
C GLY J 151 5.27 -4.27 49.52
N VAL J 152 4.33 -3.34 49.45
CA VAL J 152 3.23 -3.25 50.40
C VAL J 152 1.96 -3.05 49.60
N LYS J 153 0.99 -3.93 49.82
CA LYS J 153 -0.30 -3.84 49.15
C LYS J 153 -1.37 -3.23 50.02
N GLN J 154 -1.34 -3.54 51.32
CA GLN J 154 -2.35 -3.03 52.24
C GLN J 154 -1.70 -2.81 53.59
N ASP J 155 -2.02 -1.68 54.21
CA ASP J 155 -1.49 -1.31 55.53
C ASP J 155 -2.67 -0.96 56.43
N ALA J 156 -2.94 -1.82 57.41
CA ALA J 156 -3.93 -1.54 58.43
C ALA J 156 -3.29 -1.34 59.80
N SER J 157 -1.98 -1.14 59.84
CA SER J 157 -1.24 -1.00 61.09
C SER J 157 -0.33 0.22 61.11
N GLY J 158 -0.21 0.95 60.01
CA GLY J 158 0.79 1.99 59.92
C GLY J 158 2.20 1.49 60.11
N LYS J 159 2.40 0.17 60.02
CA LYS J 159 3.69 -0.45 60.27
C LYS J 159 4.10 -1.43 59.17
N ALA J 160 3.37 -1.46 58.06
CA ALA J 160 3.66 -2.43 57.02
C ALA J 160 5.13 -2.36 56.60
N TRP J 161 5.68 -1.15 56.51
CA TRP J 161 7.03 -1.00 55.99
C TRP J 161 8.09 -1.47 56.97
N ASP J 162 7.94 -1.13 58.26
CA ASP J 162 8.94 -1.59 59.21
C ASP J 162 8.83 -3.08 59.41
N TYR J 163 7.63 -3.65 59.33
CA TYR J 163 7.50 -5.10 59.24
C TYR J 163 8.23 -5.61 58.02
N ALA J 164 8.16 -4.88 56.91
CA ALA J 164 8.83 -5.29 55.69
C ALA J 164 10.32 -5.45 55.93
N LYS J 165 10.96 -4.38 56.42
CA LYS J 165 12.40 -4.41 56.65
C LYS J 165 12.76 -5.38 57.76
N ALA J 166 11.89 -5.53 58.76
CA ALA J 166 12.09 -6.53 59.79
C ALA J 166 12.22 -7.90 59.18
N ILE J 167 11.25 -8.30 58.37
CA ILE J 167 11.31 -9.55 57.64
C ILE J 167 12.60 -9.62 56.84
N ALA J 168 12.87 -8.58 56.07
CA ALA J 168 14.07 -8.51 55.24
C ALA J 168 15.28 -8.98 56.01
N LYS J 169 15.58 -8.30 57.10
CA LYS J 169 16.70 -8.72 57.94
C LYS J 169 16.45 -10.06 58.59
N GLY J 170 15.20 -10.52 58.62
CA GLY J 170 14.89 -11.82 59.17
C GLY J 170 15.30 -12.97 58.30
N ILE J 171 15.76 -12.70 57.09
CA ILE J 171 16.15 -13.72 56.13
C ILE J 171 17.59 -13.60 55.70
N GLY J 172 18.34 -12.65 56.25
CA GLY J 172 19.76 -12.58 55.99
C GLY J 172 20.16 -11.94 54.68
N ALA J 173 19.40 -10.96 54.20
CA ALA J 173 19.74 -10.30 52.95
C ALA J 173 20.56 -9.04 53.19
N ILE J 174 20.00 -8.08 53.92
CA ILE J 174 20.77 -6.93 54.40
C ILE J 174 20.99 -7.12 55.90
N PRO J 175 22.18 -6.85 56.41
CA PRO J 175 23.32 -6.31 55.66
C PRO J 175 24.07 -7.38 54.88
N GLY J 176 24.63 -7.00 53.74
CA GLY J 176 25.39 -7.91 52.92
C GLY J 176 24.96 -7.84 51.47
N GLY J 177 23.66 -7.67 51.27
CA GLY J 177 23.12 -7.38 49.96
C GLY J 177 22.43 -6.03 50.02
N ILE J 178 21.27 -5.90 49.39
CA ILE J 178 20.46 -4.71 49.48
C ILE J 178 18.98 -5.10 49.46
N ALA J 179 18.13 -4.09 49.55
CA ALA J 179 16.69 -4.32 49.58
C ALA J 179 16.02 -3.18 48.86
N VAL J 180 15.31 -3.49 47.80
CA VAL J 180 14.58 -2.48 47.05
C VAL J 180 13.11 -2.56 47.41
N ILE J 181 12.48 -1.40 47.41
CA ILE J 181 11.06 -1.29 47.68
C ILE J 181 10.34 -1.11 46.36
N SER J 182 9.23 -1.83 46.18
CA SER J 182 8.60 -1.85 44.88
C SER J 182 7.23 -2.50 45.01
N SER J 183 6.26 -1.97 44.26
CA SER J 183 4.92 -2.52 44.28
C SER J 183 4.95 -3.98 43.85
N PHE J 184 3.85 -4.67 44.16
CA PHE J 184 3.63 -6.00 43.60
C PHE J 184 3.65 -5.94 42.08
N GLU J 185 3.09 -4.88 41.53
CA GLU J 185 2.90 -4.79 40.09
C GLU J 185 4.23 -4.81 39.37
N GLU J 186 5.17 -4.00 39.84
CA GLU J 186 6.48 -3.95 39.21
C GLU J 186 7.13 -5.33 39.21
N GLU J 187 7.06 -6.03 40.32
CA GLU J 187 7.70 -7.34 40.41
C GLU J 187 7.17 -8.28 39.34
N ALA J 188 5.85 -8.36 39.24
CA ALA J 188 5.25 -9.26 38.26
C ALA J 188 5.61 -8.84 36.85
N LEU J 189 5.42 -7.56 36.56
CA LEU J 189 5.78 -7.02 35.26
C LEU J 189 7.17 -7.44 34.85
N LEU J 190 8.12 -7.31 35.78
CA LEU J 190 9.50 -7.63 35.46
C LEU J 190 9.70 -9.11 35.26
N ASP J 191 9.31 -9.92 36.25
CA ASP J 191 9.49 -11.35 36.14
C ASP J 191 8.86 -11.92 34.88
N LEU J 192 7.89 -11.21 34.31
CA LEU J 192 7.25 -11.70 33.11
C LEU J 192 7.90 -11.18 31.84
N MET J 193 8.28 -9.90 31.82
CA MET J 193 8.91 -9.34 30.64
C MET J 193 10.08 -10.19 30.19
N SER J 194 10.96 -10.54 31.12
CA SER J 194 12.08 -11.41 30.78
C SER J 194 11.58 -12.70 30.15
N GLU J 195 10.64 -13.37 30.82
CA GLU J 195 10.15 -14.64 30.34
C GLU J 195 9.42 -14.54 29.01
N HIS J 196 9.16 -13.33 28.53
CA HIS J 196 8.42 -13.15 27.29
C HIS J 196 9.22 -12.46 26.20
N THR J 197 10.35 -11.83 26.51
CA THR J 197 11.01 -10.95 25.55
C THR J 197 12.36 -11.46 25.08
N TRP J 198 13.36 -11.57 25.97
CA TRP J 198 14.69 -11.81 25.45
C TRP J 198 15.09 -13.27 25.49
N VAL J 199 14.56 -14.03 26.43
CA VAL J 199 14.79 -15.46 26.50
C VAL J 199 14.28 -16.13 25.24
N PRO J 200 12.98 -15.99 24.93
CA PRO J 200 12.46 -16.68 23.75
C PRO J 200 13.06 -16.18 22.46
N ILE J 201 13.31 -14.87 22.38
CA ILE J 201 13.96 -14.32 21.20
C ILE J 201 15.31 -14.98 20.99
N LEU J 202 16.09 -15.06 22.06
CA LEU J 202 17.39 -15.70 21.99
C LEU J 202 17.27 -17.11 21.47
N PHE J 203 16.37 -17.89 22.06
CA PHE J 203 16.24 -19.28 21.66
C PHE J 203 15.84 -19.40 20.20
N GLY J 204 14.88 -18.59 19.77
CA GLY J 204 14.46 -18.63 18.39
C GLY J 204 15.56 -18.26 17.43
N ALA J 205 16.36 -17.27 17.81
CA ALA J 205 17.48 -16.86 16.97
C ALA J 205 18.47 -17.99 16.80
N ILE J 206 18.80 -18.66 17.91
CA ILE J 206 19.72 -19.79 17.84
C ILE J 206 19.16 -20.86 16.92
N LYS J 207 17.91 -21.25 17.15
CA LYS J 207 17.28 -22.27 16.34
C LYS J 207 17.33 -21.91 14.87
N ALA J 208 17.07 -20.64 14.56
CA ALA J 208 17.06 -20.21 13.17
C ALA J 208 18.45 -20.25 12.57
N CYS J 209 19.45 -19.82 13.33
CA CYS J 209 20.81 -19.90 12.83
C CYS J 209 21.17 -21.32 12.46
N TYR J 210 20.83 -22.26 13.34
CA TYR J 210 21.09 -23.67 13.05
C TYR J 210 20.40 -24.09 11.75
N ASP J 211 19.08 -23.89 11.69
CA ASP J 211 18.31 -24.34 10.54
C ASP J 211 18.88 -23.77 9.26
N ILE J 212 19.16 -22.47 9.25
CA ILE J 212 19.69 -21.82 8.07
C ILE J 212 21.02 -22.44 7.68
N ALA J 213 21.99 -22.37 8.59
CA ALA J 213 23.33 -22.85 8.27
C ALA J 213 23.29 -24.24 7.70
N VAL J 214 22.37 -25.07 8.17
CA VAL J 214 22.35 -26.45 7.71
C VAL J 214 21.69 -26.56 6.35
N LYS J 215 20.50 -25.99 6.20
CA LYS J 215 19.67 -26.23 5.03
C LYS J 215 19.98 -25.32 3.86
N GLU J 216 20.89 -24.37 4.02
CA GLU J 216 21.16 -23.42 2.95
C GLU J 216 22.63 -23.18 2.70
N TYR J 217 23.66 -23.75 3.40
CA TYR J 217 25.10 -23.58 3.07
C TYR J 217 25.89 -24.89 3.26
N GLY J 218 25.23 -26.06 3.25
CA GLY J 218 25.84 -27.40 3.38
C GLY J 218 26.78 -27.56 4.58
N VAL J 219 26.31 -27.30 5.80
CA VAL J 219 27.12 -27.40 7.06
C VAL J 219 26.70 -28.66 7.87
N SER J 220 27.59 -29.16 8.73
CA SER J 220 27.38 -30.31 9.58
C SER J 220 26.70 -29.88 10.87
N PRO J 221 25.69 -30.61 11.33
CA PRO J 221 25.02 -30.23 12.58
C PRO J 221 25.97 -30.06 13.74
N GLU J 222 26.98 -30.93 13.82
CA GLU J 222 27.89 -30.93 14.95
C GLU J 222 28.55 -29.57 15.11
N ALA J 223 29.10 -29.05 14.01
CA ALA J 223 29.80 -27.78 14.07
C ALA J 223 28.88 -26.65 14.51
N ALA J 224 27.67 -26.61 13.96
CA ALA J 224 26.73 -25.59 14.34
C ALA J 224 26.44 -25.63 15.84
N LEU J 225 26.14 -26.82 16.34
CA LEU J 225 25.84 -26.96 17.76
C LEU J 225 27.01 -26.51 18.60
N LEU J 226 28.23 -26.87 18.20
CA LEU J 226 29.40 -26.48 18.95
C LEU J 226 29.54 -24.97 19.01
N GLU J 227 29.36 -24.31 17.87
CA GLU J 227 29.53 -22.87 17.83
C GLU J 227 28.48 -22.18 18.67
N PHE J 228 27.22 -22.54 18.50
CA PHE J 228 26.15 -21.71 19.03
C PHE J 228 25.98 -21.88 20.53
N TYR J 229 25.63 -23.08 21.00
CA TYR J 229 25.39 -23.26 22.42
C TYR J 229 26.00 -24.50 23.04
N ALA J 230 26.39 -25.52 22.29
CA ALA J 230 26.96 -26.70 22.91
C ALA J 230 28.25 -26.39 23.63
N SER J 231 28.86 -25.24 23.34
CA SER J 231 30.02 -24.77 24.08
C SER J 231 29.58 -23.81 25.17
N GLY J 232 30.36 -23.75 26.25
CA GLY J 232 30.05 -22.94 27.41
C GLY J 232 30.42 -21.48 27.24
N GLU J 233 30.57 -21.04 25.99
CA GLU J 233 30.91 -19.65 25.72
C GLU J 233 29.95 -18.71 26.42
N LEU J 234 28.65 -18.92 26.18
CA LEU J 234 27.63 -18.05 26.74
C LEU J 234 27.77 -17.92 28.26
N ALA J 235 28.10 -19.03 28.92
CA ALA J 235 28.21 -19.00 30.38
C ALA J 235 29.29 -18.02 30.83
N GLU J 236 30.48 -18.12 30.22
CA GLU J 236 31.56 -17.22 30.59
C GLU J 236 31.18 -15.78 30.30
N ILE J 237 30.50 -15.54 29.18
CA ILE J 237 30.08 -14.19 28.84
C ILE J 237 29.15 -13.64 29.91
N ALA J 238 28.17 -14.45 30.33
CA ALA J 238 27.22 -14.00 31.34
C ALA J 238 27.92 -13.72 32.66
N ARG J 239 28.86 -14.57 33.04
CA ARG J 239 29.62 -14.33 34.26
C ARG J 239 30.35 -13.00 34.19
N LEU J 240 31.09 -12.79 33.11
CA LEU J 240 31.82 -11.53 32.96
C LEU J 240 30.88 -10.34 32.99
N ILE J 241 29.69 -10.50 32.43
CA ILE J 241 28.68 -9.44 32.49
C ILE J 241 28.37 -9.12 33.94
N ALA J 242 27.98 -10.14 34.69
CA ALA J 242 27.62 -9.92 36.09
C ALA J 242 28.76 -9.32 36.88
N GLU J 243 30.00 -9.59 36.48
CA GLU J 243 31.16 -9.13 37.25
C GLU J 243 31.55 -7.70 36.87
N GLU J 244 31.87 -7.48 35.61
CA GLU J 244 32.46 -6.22 35.16
C GLU J 244 31.43 -5.23 34.65
N GLY J 245 30.45 -5.69 33.89
CA GLY J 245 29.51 -4.83 33.20
C GLY J 245 29.28 -5.40 31.84
N ILE J 246 28.10 -5.10 31.28
CA ILE J 246 27.70 -5.73 30.03
C ILE J 246 28.63 -5.32 28.89
N PHE J 247 28.96 -4.04 28.80
CA PHE J 247 29.75 -3.53 27.70
C PHE J 247 31.24 -3.68 27.95
N ASN J 248 31.70 -3.18 29.11
CA ASN J 248 33.10 -3.37 29.49
C ASN J 248 33.53 -4.81 29.30
N GLN J 249 32.58 -5.74 29.36
CA GLN J 249 32.88 -7.15 29.14
C GLN J 249 33.55 -7.36 27.79
N MET J 250 33.08 -6.69 26.76
CA MET J 250 33.48 -6.98 25.40
C MET J 250 34.92 -6.62 25.11
N VAL J 251 35.60 -5.94 26.03
CA VAL J 251 37.00 -5.62 25.82
C VAL J 251 37.83 -6.87 25.68
N HIS J 252 37.41 -7.96 26.30
CA HIS J 252 38.13 -9.22 26.21
C HIS J 252 37.88 -9.94 24.90
N HIS J 253 37.10 -9.36 24.01
CA HIS J 253 36.81 -9.93 22.71
C HIS J 253 37.73 -9.29 21.66
N SER J 254 37.56 -9.73 20.42
CA SER J 254 38.29 -9.15 19.31
C SER J 254 37.57 -7.92 18.77
N THR J 255 38.35 -7.05 18.13
CA THR J 255 37.79 -5.83 17.59
C THR J 255 36.71 -6.13 16.57
N THR J 256 36.92 -7.16 15.76
CA THR J 256 35.93 -7.55 14.77
C THR J 256 34.58 -7.82 15.42
N SER J 257 34.61 -8.61 16.49
CA SER J 257 33.38 -8.94 17.21
C SER J 257 32.72 -7.68 17.75
N GLN J 258 33.52 -6.83 18.39
CA GLN J 258 32.99 -5.58 18.93
C GLN J 258 32.27 -4.80 17.86
N TYR J 259 32.92 -4.62 16.71
CA TYR J 259 32.37 -3.80 15.65
C TYR J 259 31.05 -4.35 15.17
N GLY J 260 31.05 -5.63 14.77
CA GLY J 260 29.83 -6.21 14.26
C GLY J 260 28.71 -6.15 15.27
N THR J 261 29.02 -6.53 16.50
CA THR J 261 28.01 -6.55 17.55
C THR J 261 27.38 -5.19 17.74
N LEU J 262 28.21 -4.16 17.88
CA LEU J 262 27.68 -2.83 18.14
C LEU J 262 26.82 -2.32 16.99
N THR J 263 27.35 -2.43 15.77
CA THR J 263 26.61 -1.96 14.62
C THR J 263 25.24 -2.63 14.57
N ARG J 264 25.22 -3.95 14.66
CA ARG J 264 23.95 -4.66 14.52
C ARG J 264 23.03 -4.36 15.68
N MET J 265 23.57 -4.18 16.87
CA MET J 265 22.76 -3.82 18.02
C MET J 265 22.02 -2.53 17.77
N PHE J 266 22.76 -1.48 17.41
CA PHE J 266 22.11 -0.21 17.14
C PHE J 266 21.26 -0.25 15.90
N LYS J 267 21.39 -1.29 15.09
CA LYS J 267 20.63 -1.42 13.86
C LYS J 267 19.29 -2.09 14.05
N TYR J 268 19.13 -2.90 15.10
CA TYR J 268 17.93 -3.68 15.32
C TYR J 268 17.21 -3.29 16.60
N TYR J 269 17.55 -2.14 17.18
CA TYR J 269 16.99 -1.77 18.47
C TYR J 269 15.51 -1.43 18.38
N ASP J 270 15.07 -0.92 17.24
CA ASP J 270 13.69 -0.45 17.12
C ASP J 270 12.71 -1.61 17.10
N VAL J 271 13.05 -2.66 16.36
CA VAL J 271 12.17 -3.81 16.19
C VAL J 271 11.82 -4.41 17.55
N VAL J 272 12.85 -4.83 18.26
CA VAL J 272 12.66 -5.45 19.56
C VAL J 272 11.97 -4.50 20.51
N ARG J 273 12.21 -3.20 20.35
CA ARG J 273 11.52 -2.22 21.16
C ARG J 273 10.02 -2.31 20.95
N ARG J 274 9.61 -2.36 19.68
CA ARG J 274 8.20 -2.53 19.37
C ARG J 274 7.63 -3.76 20.02
N ILE J 275 8.35 -4.88 19.87
CA ILE J 275 7.90 -6.14 20.44
C ILE J 275 7.68 -6.00 21.94
N VAL J 276 8.68 -5.46 22.63
CA VAL J 276 8.64 -5.33 24.07
C VAL J 276 7.46 -4.47 24.48
N GLU J 277 7.23 -3.38 23.76
CA GLU J 277 6.07 -2.55 24.03
C GLU J 277 4.80 -3.38 23.98
N ASN J 278 4.64 -4.13 22.90
CA ASN J 278 3.43 -4.93 22.75
C ASN J 278 3.23 -5.84 23.94
N GLU J 279 4.27 -6.56 24.32
CA GLU J 279 4.11 -7.57 25.37
C GLU J 279 3.86 -6.92 26.73
N ALA J 280 4.61 -5.88 27.05
CA ALA J 280 4.41 -5.20 28.32
C ALA J 280 2.99 -4.67 28.42
N LYS J 281 2.47 -4.15 27.32
CA LYS J 281 1.09 -3.69 27.33
C LYS J 281 0.14 -4.84 27.56
N TYR J 282 0.36 -5.95 26.84
CA TYR J 282 -0.46 -7.14 27.03
C TYR J 282 -0.50 -7.54 28.50
N ILE J 283 0.57 -7.27 29.23
CA ILE J 283 0.63 -7.71 30.61
C ILE J 283 -0.05 -6.71 31.54
N TRP J 284 0.34 -5.44 31.43
CA TRP J 284 -0.20 -4.40 32.31
C TRP J 284 -1.71 -4.48 32.43
N ASP J 285 -2.38 -5.01 31.41
CA ASP J 285 -3.83 -5.04 31.37
C ASP J 285 -4.43 -6.25 32.07
N GLY J 286 -3.68 -7.35 32.17
CA GLY J 286 -4.17 -8.55 32.78
C GLY J 286 -4.56 -9.64 31.81
N SER J 287 -4.29 -9.47 30.53
CA SER J 287 -4.72 -10.44 29.54
C SER J 287 -3.99 -11.76 29.68
N PHE J 288 -2.68 -11.70 29.90
CA PHE J 288 -1.90 -12.93 29.98
C PHE J 288 -2.36 -13.79 31.14
N ALA J 289 -2.68 -13.18 32.26
CA ALA J 289 -3.20 -13.94 33.39
C ALA J 289 -4.43 -14.72 32.99
N LYS J 290 -5.34 -14.06 32.27
CA LYS J 290 -6.54 -14.72 31.78
C LYS J 290 -6.18 -15.90 30.90
N GLU J 291 -5.34 -15.65 29.89
CA GLU J 291 -4.90 -16.69 28.99
C GLU J 291 -4.41 -17.91 29.74
N TRP J 292 -3.51 -17.68 30.69
CA TRP J 292 -2.86 -18.77 31.40
C TRP J 292 -3.84 -19.51 32.29
N SER J 293 -4.72 -18.78 32.98
CA SER J 293 -5.69 -19.43 33.84
C SER J 293 -6.62 -20.32 33.04
N LEU J 294 -7.07 -19.83 31.89
CA LEU J 294 -7.91 -20.65 31.04
C LEU J 294 -7.17 -21.88 30.56
N GLU J 295 -5.95 -21.70 30.08
CA GLU J 295 -5.16 -22.83 29.62
C GLU J 295 -5.04 -23.89 30.70
N GLN J 296 -4.98 -23.48 31.97
CA GLN J 296 -5.08 -24.46 33.05
C GLN J 296 -6.43 -25.14 33.03
N GLN J 297 -7.49 -24.35 32.90
CA GLN J 297 -8.84 -24.88 33.01
C GLN J 297 -9.22 -25.78 31.86
N ALA J 298 -8.42 -25.85 30.81
CA ALA J 298 -8.76 -26.65 29.65
C ALA J 298 -8.03 -27.98 29.58
N GLY J 299 -6.84 -28.07 30.17
CA GLY J 299 -6.12 -29.33 30.23
C GLY J 299 -4.71 -29.25 29.71
N TYR J 300 -4.18 -28.05 29.60
CA TYR J 300 -2.81 -27.83 29.17
C TYR J 300 -2.53 -28.44 27.81
N PRO J 301 -3.41 -28.27 26.84
CA PRO J 301 -3.17 -28.86 25.52
C PRO J 301 -2.00 -28.23 24.77
N VAL J 302 -2.04 -26.90 24.66
CA VAL J 302 -1.02 -26.19 23.92
C VAL J 302 0.36 -26.45 24.51
N PHE J 303 0.47 -26.28 25.82
CA PHE J 303 1.66 -26.66 26.56
C PHE J 303 2.19 -27.99 26.07
N TYR J 304 1.31 -28.98 26.02
CA TYR J 304 1.70 -30.33 25.62
C TYR J 304 2.24 -30.36 24.22
N ARG J 305 1.48 -29.82 23.26
CA ARG J 305 1.88 -29.91 21.88
C ARG J 305 3.20 -29.22 21.63
N LEU J 306 3.42 -28.09 22.30
CA LEU J 306 4.67 -27.36 22.09
C LEU J 306 5.83 -28.10 22.71
N TRP J 307 5.67 -28.59 23.93
CA TRP J 307 6.71 -29.42 24.53
C TRP J 307 7.07 -30.57 23.61
N GLU J 308 6.09 -31.06 22.85
CA GLU J 308 6.37 -32.14 21.91
C GLU J 308 7.18 -31.61 20.72
N LEU J 309 6.64 -30.63 20.02
CA LEU J 309 7.28 -30.12 18.82
C LEU J 309 8.74 -29.74 19.09
N ALA J 310 8.99 -29.04 20.19
CA ALA J 310 10.34 -28.60 20.48
C ALA J 310 11.30 -29.77 20.51
N THR J 311 10.93 -30.84 21.22
CA THR J 311 11.83 -31.96 21.40
C THR J 311 11.97 -32.79 20.14
N GLN J 312 10.91 -32.85 19.33
CA GLN J 312 10.93 -33.61 18.09
C GLN J 312 11.54 -32.83 16.95
N SER J 313 12.16 -31.69 17.23
CA SER J 313 12.84 -30.95 16.20
C SER J 313 14.20 -31.57 15.89
N GLU J 314 14.75 -31.18 14.75
CA GLU J 314 16.03 -31.72 14.32
C GLU J 314 17.13 -31.35 15.30
N MET J 315 17.20 -30.08 15.66
CA MET J 315 18.25 -29.60 16.54
C MET J 315 18.33 -30.43 17.80
N ALA J 316 17.18 -30.79 18.37
CA ALA J 316 17.16 -31.53 19.62
C ALA J 316 17.72 -32.92 19.44
N LYS J 317 17.32 -33.59 18.36
CA LYS J 317 17.83 -34.94 18.10
C LYS J 317 19.35 -34.93 17.94
N ALA J 318 19.85 -33.96 17.17
CA ALA J 318 21.28 -33.85 16.99
C ALA J 318 21.98 -33.59 18.32
N GLU J 319 21.43 -32.66 19.10
CA GLU J 319 21.97 -32.41 20.44
C GLU J 319 22.01 -33.70 21.24
N LYS J 320 21.01 -34.55 21.06
CA LYS J 320 20.97 -35.81 21.78
C LYS J 320 22.15 -36.69 21.39
N GLU J 321 22.27 -36.96 20.09
CA GLU J 321 23.40 -37.76 19.62
C GLU J 321 24.71 -37.22 20.16
N LEU J 322 24.86 -35.91 20.14
CA LEU J 322 26.14 -35.30 20.49
C LEU J 322 26.41 -35.42 21.98
N TYR J 323 25.56 -34.82 22.81
CA TYR J 323 25.72 -34.91 24.25
C TYR J 323 26.01 -36.34 24.68
N LYS J 324 25.41 -37.31 23.98
CA LYS J 324 25.75 -38.70 24.22
C LYS J 324 27.21 -38.95 23.94
N LEU J 325 27.72 -38.41 22.84
CA LEU J 325 29.11 -38.63 22.47
C LEU J 325 30.05 -38.06 23.53
N LEU J 326 29.77 -36.86 24.01
CA LEU J 326 30.64 -36.21 24.98
C LEU J 326 30.46 -36.74 26.39
N GLY J 327 29.62 -37.74 26.59
CA GLY J 327 29.35 -38.26 27.90
C GLY J 327 28.39 -37.43 28.72
N ARG J 328 28.11 -36.20 28.31
CA ARG J 328 27.13 -35.38 29.00
C ARG J 328 25.80 -36.12 29.07
N LYS J 329 25.24 -36.19 30.27
CA LYS J 329 23.99 -36.90 30.47
C LYS J 329 22.87 -36.29 29.65
N ASP K 2 28.11 14.59 -41.61
CA ASP K 2 27.92 14.45 -40.17
C ASP K 2 29.25 14.43 -39.42
N LYS K 3 29.18 14.19 -38.11
CA LYS K 3 30.38 14.15 -37.28
C LYS K 3 31.42 13.13 -37.75
N THR K 4 31.04 12.17 -38.57
CA THR K 4 31.98 11.15 -38.97
C THR K 4 33.14 11.77 -39.75
N VAL K 5 34.21 11.01 -39.86
CA VAL K 5 35.36 11.38 -40.67
C VAL K 5 35.87 10.13 -41.38
N LEU K 6 35.99 10.21 -42.70
CA LEU K 6 36.36 9.06 -43.52
C LEU K 6 37.82 9.05 -43.91
N ASP K 7 38.50 10.19 -43.85
CA ASP K 7 39.93 10.26 -44.11
C ASP K 7 40.39 11.67 -43.78
N ALA K 8 41.69 11.79 -43.54
CA ALA K 8 42.28 13.07 -43.14
C ALA K 8 43.77 13.03 -43.46
N ASN K 9 44.50 13.99 -42.89
CA ASN K 9 45.90 14.20 -43.22
C ASN K 9 46.79 13.35 -42.33
N LEU K 10 48.10 13.45 -42.57
CA LEU K 10 49.12 12.76 -41.79
C LEU K 10 50.32 13.67 -41.56
N ASP K 11 50.08 14.99 -41.50
CA ASP K 11 51.16 15.97 -41.53
C ASP K 11 51.86 16.15 -40.19
N PRO K 12 51.14 16.35 -39.08
CA PRO K 12 51.83 16.81 -37.86
C PRO K 12 52.73 15.76 -37.24
N LEU K 13 52.51 14.49 -37.56
CA LEU K 13 53.25 13.40 -36.93
C LEU K 13 54.51 13.03 -37.67
N LYS K 14 54.70 13.54 -38.89
CA LYS K 14 55.90 13.24 -39.66
C LYS K 14 56.94 14.33 -39.38
N GLY K 15 58.09 13.91 -38.87
CA GLY K 15 59.11 14.82 -38.37
C GLY K 15 59.25 14.79 -36.87
N LYS K 16 58.31 14.18 -36.16
CA LYS K 16 58.36 14.05 -34.71
C LYS K 16 58.58 12.60 -34.32
N THR K 17 58.97 12.40 -33.07
CA THR K 17 59.05 11.08 -32.47
C THR K 17 57.78 10.80 -31.69
N ILE K 18 57.47 9.53 -31.54
CA ILE K 18 56.26 9.10 -30.86
C ILE K 18 56.62 8.14 -29.74
N GLY K 19 55.84 8.21 -28.67
CA GLY K 19 56.08 7.38 -27.51
C GLY K 19 55.00 6.33 -27.32
N VAL K 20 55.36 5.07 -27.54
CA VAL K 20 54.43 3.95 -27.40
C VAL K 20 54.73 3.25 -26.09
N ILE K 21 53.78 3.30 -25.18
CA ILE K 21 53.91 2.67 -23.87
C ILE K 21 53.16 1.35 -23.92
N GLY K 22 53.89 0.27 -24.10
CA GLY K 22 53.32 -1.05 -23.98
C GLY K 22 53.36 -1.80 -25.30
N TYR K 23 53.35 -3.12 -25.20
CA TYR K 23 53.48 -4.02 -26.33
C TYR K 23 52.52 -5.20 -26.15
N GLY K 24 51.29 -4.91 -25.75
CA GLY K 24 50.34 -5.96 -25.44
C GLY K 24 49.54 -6.37 -26.65
N ASN K 25 48.24 -6.19 -26.58
CA ASN K 25 47.40 -6.43 -27.75
C ASN K 25 47.43 -5.22 -28.67
N GLN K 26 46.89 -4.09 -28.20
CA GLN K 26 46.88 -2.88 -29.01
C GLN K 26 48.30 -2.44 -29.31
N GLY K 27 49.08 -2.17 -28.27
CA GLY K 27 50.42 -1.65 -28.41
C GLY K 27 51.15 -2.27 -29.57
N ARG K 28 51.26 -3.60 -29.58
CA ARG K 28 51.95 -4.25 -30.68
C ARG K 28 51.28 -3.95 -32.01
N VAL K 29 49.96 -4.13 -32.07
CA VAL K 29 49.26 -3.98 -33.34
C VAL K 29 49.44 -2.57 -33.88
N GLN K 30 49.01 -1.58 -33.09
CA GLN K 30 49.05 -0.19 -33.54
C GLN K 30 50.48 0.26 -33.84
N ALA K 31 51.44 -0.22 -33.04
CA ALA K 31 52.83 0.17 -33.20
C ALA K 31 53.40 -0.38 -34.49
N THR K 32 53.20 -1.67 -34.74
CA THR K 32 53.62 -2.26 -36.00
C THR K 32 52.96 -1.56 -37.18
N ILE K 33 51.66 -1.30 -37.07
CA ILE K 33 50.94 -0.56 -38.10
C ILE K 33 51.64 0.76 -38.39
N MET K 34 51.93 1.53 -37.35
CA MET K 34 52.45 2.87 -37.54
C MET K 34 53.87 2.83 -38.11
N ARG K 35 54.74 2.03 -37.52
CA ARG K 35 56.05 1.82 -38.12
C ARG K 35 55.92 1.52 -39.60
N GLU K 36 54.95 0.69 -39.97
CA GLU K 36 54.69 0.38 -41.36
C GLU K 36 54.01 1.53 -42.10
N ASN K 37 53.57 2.58 -41.41
CA ASN K 37 52.95 3.73 -42.02
C ASN K 37 53.93 4.87 -42.25
N GLY K 38 55.21 4.64 -42.03
CA GLY K 38 56.22 5.66 -42.28
C GLY K 38 56.34 6.70 -41.19
N LEU K 39 56.74 6.28 -40.00
CA LEU K 39 56.99 7.21 -38.91
C LEU K 39 58.13 6.68 -38.06
N ASN K 40 58.72 7.58 -37.27
CA ASN K 40 59.77 7.23 -36.32
C ASN K 40 59.13 7.07 -34.95
N VAL K 41 59.29 5.89 -34.36
CA VAL K 41 58.56 5.49 -33.19
C VAL K 41 59.52 4.84 -32.20
N ILE K 42 59.07 4.71 -30.96
CA ILE K 42 59.81 4.02 -29.91
C ILE K 42 58.82 3.34 -28.99
N VAL K 43 59.35 2.52 -28.08
CA VAL K 43 58.55 1.69 -27.20
C VAL K 43 59.03 1.86 -25.77
N GLY K 44 58.09 1.85 -24.84
CA GLY K 44 58.41 1.75 -23.42
C GLY K 44 57.61 0.62 -22.80
N ASN K 45 58.29 -0.17 -21.98
CA ASN K 45 57.69 -1.44 -21.55
C ASN K 45 58.34 -1.90 -20.25
N VAL K 46 57.56 -2.63 -19.46
CA VAL K 46 58.11 -3.35 -18.32
C VAL K 46 58.93 -4.52 -18.85
N LYS K 47 60.17 -4.62 -18.39
CA LYS K 47 61.14 -5.56 -18.98
C LYS K 47 60.79 -6.98 -18.52
N ASP K 48 59.98 -7.64 -19.33
CA ASP K 48 59.50 -8.99 -19.07
C ASP K 48 59.28 -9.67 -20.42
N LYS K 49 58.51 -10.75 -20.42
CA LYS K 49 58.24 -11.51 -21.64
C LYS K 49 57.78 -10.61 -22.77
N TYR K 50 56.86 -9.67 -22.49
CA TYR K 50 56.43 -8.75 -23.54
C TYR K 50 57.59 -7.93 -24.06
N TYR K 51 58.52 -7.54 -23.18
CA TYR K 51 59.69 -6.82 -23.63
C TYR K 51 60.54 -7.70 -24.54
N GLU K 52 60.70 -8.97 -24.17
CA GLU K 52 61.37 -9.91 -25.06
C GLU K 52 60.74 -9.90 -26.44
N LEU K 53 59.42 -10.04 -26.50
CA LEU K 53 58.71 -10.07 -27.77
C LEU K 53 58.84 -8.76 -28.52
N ALA K 54 58.88 -7.65 -27.80
CA ALA K 54 58.93 -6.34 -28.45
C ALA K 54 60.28 -6.09 -29.09
N LYS K 55 61.35 -6.27 -28.31
CA LYS K 55 62.68 -6.18 -28.89
C LYS K 55 62.90 -7.25 -29.94
N LYS K 56 62.20 -8.37 -29.80
CA LYS K 56 62.19 -9.42 -30.83
C LYS K 56 61.76 -8.84 -32.17
N GLU K 57 60.58 -8.21 -32.20
CA GLU K 57 60.04 -7.67 -33.44
C GLU K 57 60.77 -6.44 -33.92
N GLY K 58 61.87 -6.03 -33.30
CA GLY K 58 62.69 -4.97 -33.82
C GLY K 58 62.28 -3.56 -33.45
N PHE K 59 61.82 -3.36 -32.21
CA PHE K 59 61.52 -2.03 -31.68
C PHE K 59 62.47 -1.75 -30.54
N GLU K 60 63.35 -0.78 -30.73
CA GLU K 60 64.16 -0.27 -29.63
C GLU K 60 63.25 0.17 -28.48
N VAL K 61 63.52 -0.36 -27.29
CA VAL K 61 62.65 -0.15 -26.14
C VAL K 61 63.51 0.29 -24.97
N TYR K 62 63.46 1.56 -24.63
CA TYR K 62 64.10 2.09 -23.45
C TYR K 62 63.18 1.92 -22.25
N GLU K 63 63.54 2.54 -21.13
CA GLU K 63 62.61 2.61 -20.02
C GLU K 63 61.49 3.60 -20.36
N ILE K 64 60.39 3.49 -19.60
CA ILE K 64 59.22 4.31 -19.85
C ILE K 64 59.59 5.77 -19.96
N ASP K 65 60.16 6.31 -18.87
CA ASP K 65 60.49 7.73 -18.85
C ASP K 65 61.48 8.10 -19.95
N GLU K 66 62.37 7.17 -20.29
CA GLU K 66 63.33 7.48 -21.35
C GLU K 66 62.66 7.57 -22.70
N ALA K 67 61.55 6.86 -22.89
CA ALA K 67 60.78 7.00 -24.11
C ALA K 67 59.93 8.26 -24.11
N VAL K 68 59.64 8.81 -22.93
CA VAL K 68 58.89 10.05 -22.87
C VAL K 68 59.79 11.26 -23.05
N ARG K 69 61.04 11.16 -22.60
CA ARG K 69 61.97 12.26 -22.79
C ARG K 69 62.29 12.47 -24.25
N ARG K 70 62.40 11.38 -25.00
CA ARG K 70 62.74 11.46 -26.42
C ARG K 70 61.55 11.88 -27.26
N SER K 71 60.35 11.48 -26.87
CA SER K 71 59.17 11.72 -27.67
C SER K 71 58.49 13.02 -27.28
N ASP K 72 57.84 13.65 -28.25
CA ASP K 72 56.94 14.77 -28.02
C ASP K 72 55.49 14.33 -27.95
N VAL K 73 55.21 13.06 -28.25
CA VAL K 73 53.89 12.47 -28.07
C VAL K 73 54.06 11.17 -27.31
N ALA K 74 52.98 10.75 -26.66
CA ALA K 74 53.00 9.53 -25.88
C ALA K 74 51.63 8.89 -25.92
N LEU K 75 51.61 7.56 -26.04
CA LEU K 75 50.39 6.78 -26.03
C LEU K 75 50.49 5.76 -24.90
N LEU K 76 49.54 5.83 -23.96
CA LEU K 76 49.59 5.03 -22.74
C LEU K 76 48.68 3.82 -22.95
N LEU K 77 49.24 2.77 -23.53
CA LEU K 77 48.48 1.61 -23.97
C LEU K 77 48.56 0.49 -22.92
N ILE K 78 48.11 0.82 -21.72
CA ILE K 78 48.27 -0.06 -20.57
C ILE K 78 46.98 -0.08 -19.76
N PRO K 79 46.91 -0.86 -18.68
CA PRO K 79 45.63 -1.07 -17.99
C PRO K 79 44.99 0.17 -17.38
N ASP K 80 43.84 -0.07 -16.75
CA ASP K 80 42.99 0.98 -16.19
C ASP K 80 42.99 1.02 -14.68
N GLU K 81 43.52 -0.01 -14.03
CA GLU K 81 43.33 -0.20 -12.60
C GLU K 81 44.50 0.30 -11.78
N VAL K 82 45.66 0.46 -12.39
CA VAL K 82 46.89 0.76 -11.67
C VAL K 82 47.61 1.91 -12.36
N MET K 83 47.22 2.23 -13.59
CA MET K 83 47.86 3.28 -14.35
C MET K 83 48.09 4.53 -13.51
N LYS K 84 47.21 4.76 -12.52
CA LYS K 84 47.31 5.95 -11.70
C LYS K 84 48.68 6.07 -11.05
N GLU K 85 49.04 5.09 -10.23
CA GLU K 85 50.30 5.14 -9.50
C GLU K 85 51.46 5.28 -10.46
N VAL K 86 51.46 4.47 -11.51
CA VAL K 86 52.53 4.49 -12.48
C VAL K 86 52.72 5.89 -13.04
N TYR K 87 51.62 6.56 -13.36
CA TYR K 87 51.73 7.92 -13.86
C TYR K 87 52.25 8.86 -12.78
N GLU K 88 51.84 8.63 -11.53
CA GLU K 88 52.22 9.53 -10.46
C GLU K 88 53.72 9.48 -10.22
N LYS K 89 54.31 8.30 -10.28
CA LYS K 89 55.71 8.12 -9.91
C LYS K 89 56.65 8.37 -11.06
N LYS K 90 56.42 7.69 -12.19
CA LYS K 90 57.42 7.50 -13.21
C LYS K 90 57.19 8.31 -14.47
N ILE K 91 56.04 8.99 -14.58
CA ILE K 91 55.68 9.72 -15.78
C ILE K 91 55.44 11.18 -15.49
N ALA K 92 54.73 11.50 -14.40
CA ALA K 92 54.50 12.89 -14.06
C ALA K 92 55.78 13.69 -13.94
N PRO K 93 56.83 13.21 -13.28
CA PRO K 93 58.06 14.01 -13.17
C PRO K 93 58.60 14.39 -14.53
N VAL K 94 58.83 13.35 -15.35
CA VAL K 94 59.38 13.55 -16.68
C VAL K 94 58.52 14.55 -17.44
N LEU K 95 57.22 14.29 -17.48
CA LEU K 95 56.30 15.17 -18.19
C LEU K 95 56.45 16.61 -17.72
N GLN K 96 56.58 16.81 -16.41
CA GLN K 96 56.88 18.14 -15.91
C GLN K 96 58.17 18.67 -16.51
N GLY K 97 59.03 17.78 -16.97
CA GLY K 97 60.24 18.19 -17.68
C GLY K 97 60.00 18.42 -19.15
N LYS K 98 58.83 18.96 -19.51
CA LYS K 98 58.49 19.23 -20.90
C LYS K 98 57.59 20.45 -20.96
N LYS K 99 57.44 20.99 -22.16
CA LYS K 99 56.59 22.15 -22.38
C LYS K 99 55.44 21.88 -23.34
N GLU K 100 55.75 21.37 -24.53
CA GLU K 100 54.73 21.02 -25.51
C GLU K 100 54.71 19.51 -25.64
N PHE K 101 53.60 18.90 -25.24
CA PHE K 101 53.47 17.45 -25.28
C PHE K 101 52.04 17.10 -25.64
N VAL K 102 51.83 15.84 -25.96
CA VAL K 102 50.52 15.35 -26.36
C VAL K 102 50.38 13.92 -25.88
N LEU K 103 49.26 13.64 -25.22
CA LEU K 103 49.02 12.34 -24.62
C LEU K 103 47.66 11.82 -25.06
N ASP K 104 47.61 10.54 -25.41
CA ASP K 104 46.43 9.89 -25.95
C ASP K 104 46.27 8.53 -25.29
N PHE K 105 45.04 8.13 -25.05
CA PHE K 105 44.73 6.89 -24.35
C PHE K 105 43.78 6.02 -25.17
N ALA K 106 43.60 4.80 -24.68
CA ALA K 106 42.61 3.88 -25.22
C ALA K 106 41.26 4.05 -24.54
N SER K 107 41.26 4.25 -23.22
CA SER K 107 40.04 4.38 -22.44
C SER K 107 40.09 5.68 -21.66
N GLY K 108 38.91 6.21 -21.37
CA GLY K 108 38.76 7.47 -20.68
C GLY K 108 38.40 7.36 -19.23
N TYR K 109 38.40 6.13 -18.68
CA TYR K 109 38.04 5.93 -17.29
C TYR K 109 38.84 6.84 -16.37
N ASN K 110 40.16 6.71 -16.40
CA ASN K 110 40.98 7.40 -15.42
C ASN K 110 40.97 8.91 -15.59
N VAL K 111 40.65 9.39 -16.79
CA VAL K 111 40.66 10.82 -17.05
C VAL K 111 39.29 11.42 -16.82
N ALA K 112 38.26 10.78 -17.37
CA ALA K 112 36.91 11.30 -17.24
C ALA K 112 36.52 11.53 -15.80
N PHE K 113 37.07 10.73 -14.89
CA PHE K 113 36.74 10.80 -13.48
C PHE K 113 37.79 11.53 -12.66
N GLY K 114 38.82 12.06 -13.30
CA GLY K 114 39.75 12.93 -12.64
C GLY K 114 40.86 12.24 -11.89
N LEU K 115 41.03 10.94 -12.08
CA LEU K 115 42.12 10.24 -11.43
C LEU K 115 43.47 10.59 -12.02
N ILE K 116 43.48 11.30 -13.14
CA ILE K 116 44.71 11.71 -13.79
C ILE K 116 44.48 13.09 -14.39
N ARG K 117 45.25 14.06 -13.95
CA ARG K 117 45.08 15.46 -14.35
C ARG K 117 46.43 16.00 -14.78
N PRO K 118 46.81 15.76 -16.03
CA PRO K 118 48.06 16.30 -16.53
C PRO K 118 48.02 17.82 -16.56
N PRO K 119 49.15 18.46 -16.82
CA PRO K 119 49.21 19.92 -16.79
C PRO K 119 48.52 20.52 -18.01
N LYS K 120 48.34 21.84 -17.94
CA LYS K 120 47.81 22.58 -19.07
C LYS K 120 48.82 22.78 -20.17
N SER K 121 50.00 22.17 -20.07
CA SER K 121 51.02 22.24 -21.09
C SER K 121 51.00 21.02 -21.99
N VAL K 122 49.90 20.30 -22.03
CA VAL K 122 49.78 19.07 -22.82
C VAL K 122 48.39 18.95 -23.41
N ASP K 123 48.32 18.87 -24.73
CA ASP K 123 47.04 18.61 -25.39
C ASP K 123 46.63 17.16 -25.13
N THR K 124 45.41 16.98 -24.66
CA THR K 124 44.94 15.69 -24.17
C THR K 124 43.79 15.18 -25.03
N ILE K 125 43.89 13.91 -25.44
CA ILE K 125 43.03 13.36 -26.48
C ILE K 125 42.78 11.89 -26.22
N MET K 126 41.89 11.30 -27.03
CA MET K 126 41.59 9.89 -26.97
C MET K 126 41.50 9.33 -28.38
N VAL K 127 41.86 8.04 -28.50
CA VAL K 127 41.55 7.27 -29.69
C VAL K 127 41.26 5.84 -29.28
N ALA K 128 40.02 5.39 -29.45
CA ALA K 128 39.57 4.11 -28.90
C ALA K 128 38.85 3.30 -29.96
N PRO K 129 39.29 2.09 -30.25
CA PRO K 129 38.47 1.15 -31.02
C PRO K 129 37.60 0.28 -30.14
N ARG K 130 36.82 -0.60 -30.76
CA ARG K 130 35.81 -1.37 -30.05
C ARG K 130 35.99 -2.88 -30.16
N MET K 131 37.04 -3.34 -30.82
CA MET K 131 37.29 -4.76 -30.98
C MET K 131 37.84 -5.32 -29.68
N VAL K 132 38.28 -6.58 -29.70
CA VAL K 132 39.18 -7.09 -28.66
C VAL K 132 40.63 -6.96 -29.10
N GLY K 133 40.89 -6.78 -30.40
CA GLY K 133 42.22 -6.42 -30.88
C GLY K 133 42.73 -7.30 -32.00
N GLU K 134 42.44 -8.60 -31.95
CA GLU K 134 42.94 -9.50 -32.98
C GLU K 134 42.21 -9.30 -34.29
N GLY K 135 40.94 -8.93 -34.21
CA GLY K 135 40.17 -8.62 -35.40
C GLY K 135 40.82 -7.55 -36.26
N ILE K 136 41.67 -6.71 -35.65
CA ILE K 136 42.22 -5.58 -36.38
C ILE K 136 43.32 -6.01 -37.34
N MET K 137 44.13 -7.00 -36.96
CA MET K 137 45.00 -7.61 -37.95
C MET K 137 44.19 -8.48 -38.92
N ASP K 138 43.19 -9.18 -38.38
CA ASP K 138 42.23 -9.90 -39.21
C ASP K 138 41.52 -8.99 -40.21
N LEU K 139 41.71 -7.67 -40.10
CA LEU K 139 41.24 -6.72 -41.09
C LEU K 139 42.35 -6.04 -41.85
N HIS K 140 43.51 -5.84 -41.22
CA HIS K 140 44.58 -5.12 -41.87
C HIS K 140 45.21 -5.94 -42.98
N LYS K 141 45.40 -7.25 -42.75
CA LYS K 141 45.88 -8.10 -43.83
C LYS K 141 44.90 -8.12 -44.99
N GLN K 142 43.66 -7.69 -44.78
CA GLN K 142 42.70 -7.49 -45.84
C GLN K 142 42.75 -6.08 -46.43
N GLY K 143 43.67 -5.24 -45.97
CA GLY K 143 43.75 -3.88 -46.45
C GLY K 143 42.58 -3.00 -46.08
N LYS K 144 41.73 -3.43 -45.15
CA LYS K 144 40.55 -2.67 -44.78
C LYS K 144 40.92 -1.58 -43.78
N GLY K 145 39.89 -0.96 -43.21
CA GLY K 145 40.07 -0.07 -42.09
C GLY K 145 38.94 -0.27 -41.10
N TYR K 146 39.18 0.17 -39.87
CA TYR K 146 38.24 -0.12 -38.79
C TYR K 146 37.70 1.17 -38.17
N PRO K 147 36.64 1.08 -37.37
CA PRO K 147 36.07 2.27 -36.77
C PRO K 147 36.60 2.52 -35.37
N VAL K 148 36.65 3.78 -34.97
CA VAL K 148 37.19 4.17 -33.68
C VAL K 148 36.48 5.42 -33.17
N LEU K 149 36.76 5.75 -31.91
CA LEU K 149 36.25 6.94 -31.26
C LEU K 149 37.41 7.86 -30.93
N LEU K 150 37.18 9.15 -31.06
CA LEU K 150 38.20 10.16 -30.82
C LEU K 150 37.67 11.19 -29.85
N GLY K 151 38.55 11.70 -29.01
CA GLY K 151 38.18 12.74 -28.07
C GLY K 151 39.33 13.66 -27.78
N VAL K 152 38.98 14.83 -27.26
CA VAL K 152 39.95 15.84 -26.86
C VAL K 152 39.55 16.35 -25.49
N LYS K 153 40.48 16.27 -24.54
CA LYS K 153 40.24 16.74 -23.19
C LYS K 153 40.85 18.11 -22.95
N GLN K 154 42.02 18.37 -23.52
CA GLN K 154 42.70 19.64 -23.32
C GLN K 154 43.43 20.02 -24.60
N ASP K 155 43.33 21.28 -24.98
CA ASP K 155 44.00 21.80 -26.17
C ASP K 155 44.79 23.04 -25.78
N ALA K 156 46.11 22.92 -25.79
CA ALA K 156 47.00 24.05 -25.59
C ALA K 156 47.77 24.40 -26.85
N SER K 157 47.35 23.89 -28.00
CA SER K 157 48.03 24.10 -29.27
C SER K 157 47.10 24.56 -30.37
N GLY K 158 45.79 24.62 -30.13
CA GLY K 158 44.86 24.85 -31.22
C GLY K 158 44.93 23.81 -32.31
N LYS K 159 45.57 22.67 -32.03
CA LYS K 159 45.78 21.63 -33.02
C LYS K 159 45.40 20.24 -32.50
N ALA K 160 44.76 20.16 -31.35
CA ALA K 160 44.44 18.86 -30.78
C ALA K 160 43.70 17.99 -31.78
N TRP K 161 42.78 18.57 -32.55
CA TRP K 161 41.94 17.78 -33.42
C TRP K 161 42.70 17.26 -34.63
N ASP K 162 43.52 18.10 -35.25
CA ASP K 162 44.26 17.62 -36.41
C ASP K 162 45.32 16.61 -35.99
N TYR K 163 45.90 16.78 -34.79
CA TYR K 163 46.70 15.72 -34.21
C TYR K 163 45.87 14.46 -34.04
N ALA K 164 44.62 14.62 -33.65
CA ALA K 164 43.74 13.47 -33.46
C ALA K 164 43.62 12.68 -34.74
N LYS K 165 43.22 13.34 -35.82
CA LYS K 165 43.04 12.66 -37.09
C LYS K 165 44.36 12.18 -37.66
N ALA K 166 45.44 12.92 -37.40
CA ALA K 166 46.77 12.46 -37.79
C ALA K 166 47.06 11.10 -37.19
N ILE K 167 46.92 11.01 -35.87
CA ILE K 167 47.08 9.73 -35.18
C ILE K 167 46.17 8.69 -35.81
N ALA K 168 44.89 9.03 -35.95
CA ALA K 168 43.91 8.12 -36.52
C ALA K 168 44.45 7.44 -37.76
N LYS K 169 44.81 8.24 -38.76
CA LYS K 169 45.40 7.68 -39.96
C LYS K 169 46.76 7.04 -39.69
N GLY K 170 47.37 7.36 -38.54
CA GLY K 170 48.64 6.76 -38.19
C GLY K 170 48.54 5.33 -37.73
N ILE K 171 47.32 4.82 -37.58
CA ILE K 171 47.08 3.46 -37.11
C ILE K 171 46.30 2.63 -38.10
N GLY K 172 45.96 3.17 -39.27
CA GLY K 172 45.37 2.39 -40.32
C GLY K 172 43.88 2.14 -40.18
N ALA K 173 43.13 3.08 -39.61
CA ALA K 173 41.69 2.92 -39.45
C ALA K 173 40.93 3.53 -40.61
N ILE K 174 41.09 4.83 -40.82
CA ILE K 174 40.58 5.49 -42.02
C ILE K 174 41.79 5.83 -42.89
N PRO K 175 41.71 5.61 -44.20
CA PRO K 175 40.53 5.13 -44.91
C PRO K 175 40.36 3.63 -44.81
N GLY K 176 39.11 3.17 -44.81
CA GLY K 176 38.80 1.75 -44.74
C GLY K 176 37.76 1.46 -43.68
N GLY K 177 37.85 2.20 -42.58
CA GLY K 177 36.82 2.18 -41.56
C GLY K 177 36.25 3.58 -41.44
N ILE K 178 36.00 4.04 -40.22
CA ILE K 178 35.57 5.40 -39.97
C ILE K 178 36.19 5.86 -38.65
N ALA K 179 35.89 7.10 -38.29
CA ALA K 179 36.42 7.70 -37.07
C ALA K 179 35.38 8.63 -36.49
N VAL K 180 34.93 8.33 -35.30
CA VAL K 180 33.95 9.18 -34.63
C VAL K 180 34.66 10.03 -33.59
N ILE K 181 34.16 11.24 -33.42
CA ILE K 181 34.67 12.17 -32.44
C ILE K 181 33.73 12.15 -31.25
N SER K 182 34.30 12.12 -30.05
CA SER K 182 33.48 11.91 -28.87
C SER K 182 34.31 12.20 -27.63
N SER K 183 33.68 12.80 -26.64
CA SER K 183 34.37 13.10 -25.39
C SER K 183 34.88 11.81 -24.75
N PHE K 184 35.81 11.98 -23.82
CA PHE K 184 36.21 10.87 -22.97
C PHE K 184 35.00 10.31 -22.23
N GLU K 185 34.10 11.18 -21.81
CA GLU K 185 33.00 10.77 -20.96
C GLU K 185 32.10 9.79 -21.67
N GLU K 186 31.75 10.09 -22.91
CA GLU K 186 30.90 9.19 -23.68
C GLU K 186 31.52 7.82 -23.80
N GLU K 187 32.82 7.76 -24.09
CA GLU K 187 33.46 6.47 -24.27
C GLU K 187 33.33 5.62 -23.02
N ALA K 188 33.65 6.20 -21.87
CA ALA K 188 33.58 5.45 -20.63
C ALA K 188 32.16 5.02 -20.34
N LEU K 189 31.23 5.97 -20.42
CA LEU K 189 29.82 5.69 -20.21
C LEU K 189 29.40 4.48 -21.02
N LEU K 190 29.78 4.44 -22.29
CA LEU K 190 29.36 3.36 -23.16
C LEU K 190 30.02 2.06 -22.78
N ASP K 191 31.36 2.05 -22.72
CA ASP K 191 32.06 0.81 -22.38
C ASP K 191 31.58 0.23 -21.07
N LEU K 192 30.98 1.04 -20.21
CA LEU K 192 30.51 0.52 -18.93
C LEU K 192 29.06 0.08 -18.99
N MET K 193 28.20 0.83 -19.66
CA MET K 193 26.80 0.47 -19.75
C MET K 193 26.64 -0.97 -20.23
N SER K 194 27.33 -1.32 -21.30
CA SER K 194 27.30 -2.70 -21.78
C SER K 194 27.69 -3.66 -20.68
N GLU K 195 28.83 -3.42 -20.05
CA GLU K 195 29.34 -4.31 -19.03
C GLU K 195 28.45 -4.38 -17.80
N HIS K 196 27.44 -3.52 -17.71
CA HIS K 196 26.57 -3.48 -16.54
C HIS K 196 25.12 -3.81 -16.84
N THR K 197 24.70 -3.80 -18.11
CA THR K 197 23.28 -3.86 -18.42
C THR K 197 22.87 -5.14 -19.14
N TRP K 198 23.35 -5.40 -20.35
CA TRP K 198 22.74 -6.47 -21.12
C TRP K 198 23.52 -7.77 -21.03
N VAL K 199 24.82 -7.69 -20.83
CA VAL K 199 25.65 -8.86 -20.63
C VAL K 199 25.20 -9.61 -19.37
N PRO K 200 25.22 -8.95 -18.22
CA PRO K 200 24.86 -9.66 -16.99
C PRO K 200 23.41 -10.10 -16.98
N ILE K 201 22.52 -9.28 -17.53
CA ILE K 201 21.12 -9.67 -17.63
C ILE K 201 21.00 -10.95 -18.43
N LEU K 202 21.65 -10.99 -19.58
CA LEU K 202 21.64 -12.18 -20.42
C LEU K 202 22.09 -13.40 -19.62
N PHE K 203 23.23 -13.28 -18.96
CA PHE K 203 23.77 -14.42 -18.24
C PHE K 203 22.82 -14.88 -17.14
N GLY K 204 22.27 -13.93 -16.40
CA GLY K 204 21.34 -14.29 -15.35
C GLY K 204 20.10 -14.97 -15.88
N ALA K 205 19.60 -14.49 -17.01
CA ALA K 205 18.43 -15.10 -17.61
C ALA K 205 18.70 -16.53 -18.00
N ILE K 206 19.85 -16.77 -18.62
CA ILE K 206 20.22 -18.13 -19.00
C ILE K 206 20.28 -19.02 -17.77
N LYS K 207 21.01 -18.57 -16.75
CA LYS K 207 21.15 -19.33 -15.53
C LYS K 207 19.79 -19.67 -14.93
N ALA K 208 18.88 -18.70 -14.96
CA ALA K 208 17.57 -18.90 -14.37
C ALA K 208 16.76 -19.91 -15.18
N CYS K 209 16.84 -19.81 -16.51
CA CYS K 209 16.14 -20.77 -17.35
C CYS K 209 16.60 -22.18 -17.02
N TYR K 210 17.91 -22.37 -16.92
CA TYR K 210 18.44 -23.68 -16.55
C TYR K 210 17.86 -24.14 -15.22
N ASP K 211 18.05 -23.33 -14.18
CA ASP K 211 17.62 -23.73 -12.85
C ASP K 211 16.16 -24.11 -12.83
N ILE K 212 15.32 -23.27 -13.44
CA ILE K 212 13.88 -23.52 -13.47
C ILE K 212 13.60 -24.83 -14.17
N ALA K 213 14.01 -24.93 -15.43
CA ALA K 213 13.70 -26.11 -16.22
C ALA K 213 14.08 -27.38 -15.48
N VAL K 214 15.17 -27.34 -14.73
CA VAL K 214 15.62 -28.55 -14.07
C VAL K 214 14.80 -28.83 -12.81
N LYS K 215 14.67 -27.84 -11.95
CA LYS K 215 14.13 -28.05 -10.62
C LYS K 215 12.62 -27.97 -10.55
N GLU K 216 11.94 -27.67 -11.65
CA GLU K 216 10.50 -27.52 -11.62
C GLU K 216 9.78 -28.21 -12.77
N TYR K 217 10.38 -28.90 -13.78
CA TYR K 217 9.65 -29.64 -14.84
C TYR K 217 10.36 -30.97 -15.18
N GLY K 218 11.21 -31.51 -14.29
CA GLY K 218 11.94 -32.79 -14.45
C GLY K 218 12.71 -32.92 -15.76
N VAL K 219 13.61 -31.99 -16.08
CA VAL K 219 14.44 -32.00 -17.33
C VAL K 219 15.89 -32.41 -17.03
N SER K 220 16.61 -32.94 -18.03
CA SER K 220 17.99 -33.35 -17.93
C SER K 220 18.92 -32.16 -18.17
N PRO K 221 19.95 -32.00 -17.35
CA PRO K 221 20.87 -30.87 -17.55
C PRO K 221 21.42 -30.78 -18.96
N GLU K 222 21.72 -31.93 -19.56
CA GLU K 222 22.35 -31.96 -20.87
C GLU K 222 21.50 -31.22 -21.89
N ALA K 223 20.21 -31.54 -21.93
CA ALA K 223 19.33 -30.92 -22.92
C ALA K 223 19.27 -29.42 -22.73
N ALA K 224 19.14 -28.98 -21.49
CA ALA K 224 19.07 -27.55 -21.20
C ALA K 224 20.32 -26.85 -21.71
N LEU K 225 21.48 -27.39 -21.36
CA LEU K 225 22.72 -26.78 -21.79
C LEU K 225 22.82 -26.72 -23.31
N LEU K 226 22.39 -27.78 -23.98
CA LEU K 226 22.44 -27.80 -25.43
C LEU K 226 21.57 -26.71 -26.01
N GLU K 227 20.36 -26.58 -25.49
CA GLU K 227 19.45 -25.59 -26.04
C GLU K 227 19.96 -24.18 -25.83
N PHE K 228 20.37 -23.86 -24.60
CA PHE K 228 20.57 -22.47 -24.24
C PHE K 228 21.87 -21.92 -24.82
N TYR K 229 23.02 -22.47 -24.41
CA TYR K 229 24.28 -21.90 -24.86
C TYR K 229 25.32 -22.91 -25.31
N ALA K 230 25.23 -24.19 -24.93
CA ALA K 230 26.26 -25.13 -25.37
C ALA K 230 26.29 -25.28 -26.87
N SER K 231 25.24 -24.85 -27.56
CA SER K 231 25.22 -24.80 -29.01
C SER K 231 25.62 -23.42 -29.50
N GLY K 232 26.21 -23.36 -30.68
CA GLY K 232 26.71 -22.12 -31.25
C GLY K 232 25.65 -21.28 -31.90
N GLU K 233 24.38 -21.52 -31.53
CA GLU K 233 23.28 -20.74 -32.09
C GLU K 233 23.52 -19.26 -31.93
N LEU K 234 23.79 -18.83 -30.69
CA LEU K 234 23.98 -17.42 -30.40
C LEU K 234 25.04 -16.81 -31.31
N ALA K 235 26.10 -17.54 -31.59
CA ALA K 235 27.18 -17.01 -32.42
C ALA K 235 26.67 -16.65 -33.81
N GLU K 236 25.96 -17.58 -34.45
CA GLU K 236 25.44 -17.32 -35.78
C GLU K 236 24.48 -16.15 -35.76
N ILE K 237 23.65 -16.07 -34.72
CA ILE K 237 22.71 -14.96 -34.61
C ILE K 237 23.47 -13.62 -34.54
N ALA K 238 24.52 -13.57 -33.72
CA ALA K 238 25.28 -12.33 -33.59
C ALA K 238 25.94 -11.96 -34.91
N ARG K 239 26.48 -12.95 -35.61
CA ARG K 239 27.08 -12.68 -36.90
C ARG K 239 26.07 -12.08 -37.86
N LEU K 240 24.91 -12.73 -37.98
CA LEU K 240 23.87 -12.23 -38.88
C LEU K 240 23.45 -10.82 -38.48
N ILE K 241 23.42 -10.54 -37.17
CA ILE K 241 23.12 -9.19 -36.71
C ILE K 241 24.13 -8.21 -37.29
N ALA K 242 25.41 -8.47 -37.04
CA ALA K 242 26.45 -7.57 -37.51
C ALA K 242 26.40 -7.40 -39.01
N GLU K 243 25.93 -8.41 -39.73
CA GLU K 243 25.95 -8.36 -41.19
C GLU K 243 24.73 -7.64 -41.75
N GLU K 244 23.54 -8.14 -41.45
CA GLU K 244 22.30 -7.67 -42.07
C GLU K 244 21.61 -6.58 -41.28
N GLY K 245 21.56 -6.72 -39.97
CA GLY K 245 20.77 -5.85 -39.12
C GLY K 245 20.10 -6.70 -38.07
N ILE K 246 19.81 -6.09 -36.92
CA ILE K 246 19.31 -6.85 -35.78
C ILE K 246 17.97 -7.48 -36.09
N PHE K 247 17.06 -6.71 -36.68
CA PHE K 247 15.70 -7.17 -36.93
C PHE K 247 15.60 -7.96 -38.23
N ASN K 248 16.08 -7.37 -39.33
CA ASN K 248 16.11 -8.10 -40.60
C ASN K 248 16.70 -9.48 -40.43
N GLN K 249 17.53 -9.66 -39.40
CA GLN K 249 18.11 -10.96 -39.12
C GLN K 249 17.02 -12.02 -38.93
N MET K 250 15.96 -11.66 -38.22
CA MET K 250 14.97 -12.64 -37.78
C MET K 250 14.17 -13.23 -38.92
N VAL K 251 14.31 -12.70 -40.13
CA VAL K 251 13.58 -13.26 -41.26
C VAL K 251 13.98 -14.71 -41.49
N HIS K 252 15.22 -15.08 -41.14
CA HIS K 252 15.69 -16.44 -41.30
C HIS K 252 15.16 -17.37 -40.22
N HIS K 253 14.34 -16.87 -39.31
CA HIS K 253 13.75 -17.67 -38.26
C HIS K 253 12.34 -18.08 -38.67
N SER K 254 11.67 -18.81 -37.78
CA SER K 254 10.29 -19.20 -37.99
C SER K 254 9.35 -18.10 -37.50
N THR K 255 8.15 -18.11 -38.07
CA THR K 255 7.16 -17.10 -37.71
C THR K 255 6.84 -17.17 -36.23
N THR K 256 6.76 -18.38 -35.68
CA THR K 256 6.48 -18.54 -34.27
C THR K 256 7.49 -17.79 -33.43
N SER K 257 8.78 -17.98 -33.75
CA SER K 257 9.84 -17.30 -33.01
C SER K 257 9.70 -15.79 -33.12
N GLN K 258 9.49 -15.31 -34.35
CA GLN K 258 9.31 -13.88 -34.56
C GLN K 258 8.21 -13.34 -33.66
N TYR K 259 7.07 -13.99 -33.68
CA TYR K 259 5.91 -13.50 -32.94
C TYR K 259 6.21 -13.43 -31.46
N GLY K 260 6.64 -14.55 -30.88
CA GLY K 260 6.91 -14.56 -29.46
C GLY K 260 7.95 -13.52 -29.08
N THR K 261 9.03 -13.48 -29.83
CA THR K 261 10.12 -12.57 -29.54
C THR K 261 9.63 -11.13 -29.52
N LEU K 262 8.91 -10.73 -30.57
CA LEU K 262 8.49 -9.34 -30.67
C LEU K 262 7.53 -8.98 -29.55
N THR K 263 6.51 -9.81 -29.34
CA THR K 263 5.56 -9.52 -28.28
C THR K 263 6.26 -9.33 -26.96
N ARG K 264 7.10 -10.29 -26.59
CA ARG K 264 7.73 -10.22 -25.28
C ARG K 264 8.70 -9.05 -25.20
N MET K 265 9.37 -8.73 -26.29
CA MET K 265 10.25 -7.58 -26.31
C MET K 265 9.50 -6.31 -25.97
N PHE K 266 8.43 -6.05 -26.70
CA PHE K 266 7.65 -4.85 -26.42
C PHE K 266 6.94 -4.94 -25.09
N LYS K 267 6.89 -6.11 -24.49
CA LYS K 267 6.22 -6.30 -23.21
C LYS K 267 7.11 -6.02 -22.02
N TYR K 268 8.42 -6.14 -22.18
CA TYR K 268 9.36 -6.02 -21.08
C TYR K 268 10.30 -4.83 -21.25
N TYR K 269 10.00 -3.92 -22.17
CA TYR K 269 10.92 -2.83 -22.47
C TYR K 269 11.03 -1.85 -21.32
N ASP K 270 9.97 -1.67 -20.55
CA ASP K 270 9.97 -0.66 -19.51
C ASP K 270 10.89 -1.03 -18.35
N VAL K 271 10.84 -2.30 -17.95
CA VAL K 271 11.61 -2.75 -16.80
C VAL K 271 13.09 -2.50 -17.02
N VAL K 272 13.62 -3.08 -18.09
CA VAL K 272 15.04 -2.94 -18.40
C VAL K 272 15.39 -1.48 -18.60
N ARG K 273 14.45 -0.69 -19.11
CA ARG K 273 14.69 0.74 -19.24
C ARG K 273 14.95 1.37 -17.88
N ARG K 274 14.13 1.04 -16.91
CA ARG K 274 14.34 1.53 -15.55
C ARG K 274 15.72 1.15 -15.05
N ILE K 275 16.06 -0.12 -15.22
CA ILE K 275 17.36 -0.62 -14.77
C ILE K 275 18.48 0.20 -15.38
N VAL K 276 18.43 0.34 -16.70
CA VAL K 276 19.49 1.05 -17.43
C VAL K 276 19.60 2.47 -16.94
N GLU K 277 18.47 3.13 -16.72
CA GLU K 277 18.50 4.47 -16.15
C GLU K 277 19.27 4.49 -14.86
N ASN K 278 18.93 3.58 -13.95
CA ASN K 278 19.59 3.54 -12.65
C ASN K 278 21.10 3.42 -12.82
N GLU K 279 21.54 2.49 -13.65
CA GLU K 279 22.97 2.23 -13.75
C GLU K 279 23.70 3.38 -14.41
N ALA K 280 23.15 3.90 -15.49
CA ALA K 280 23.79 5.03 -16.16
C ALA K 280 23.92 6.21 -15.23
N LYS K 281 22.91 6.44 -14.40
CA LYS K 281 23.00 7.51 -13.42
C LYS K 281 24.10 7.22 -12.41
N TYR K 282 24.14 5.99 -11.91
CA TYR K 282 25.20 5.59 -10.99
C TYR K 282 26.56 5.88 -11.57
N ILE K 283 26.70 5.82 -12.88
CA ILE K 283 28.00 6.01 -13.50
C ILE K 283 28.30 7.48 -13.71
N TRP K 284 27.38 8.21 -14.35
CA TRP K 284 27.59 9.61 -14.65
C TRP K 284 28.12 10.39 -13.47
N ASP K 285 27.82 9.93 -12.26
CA ASP K 285 28.20 10.65 -11.05
C ASP K 285 29.60 10.32 -10.55
N GLY K 286 30.11 9.15 -10.89
CA GLY K 286 31.41 8.74 -10.43
C GLY K 286 31.41 7.74 -9.31
N SER K 287 30.24 7.21 -8.94
CA SER K 287 30.16 6.31 -7.80
C SER K 287 30.85 4.99 -8.07
N PHE K 288 30.64 4.44 -9.26
CA PHE K 288 31.21 3.13 -9.58
C PHE K 288 32.73 3.16 -9.52
N ALA K 289 33.32 4.25 -10.01
CA ALA K 289 34.77 4.38 -9.93
C ALA K 289 35.23 4.29 -8.49
N LYS K 290 34.54 4.97 -7.60
CA LYS K 290 34.86 4.90 -6.18
C LYS K 290 34.77 3.48 -5.67
N GLU K 291 33.64 2.84 -5.92
CA GLU K 291 33.43 1.46 -5.51
C GLU K 291 34.59 0.58 -5.94
N TRP K 292 34.95 0.66 -7.21
CA TRP K 292 35.97 -0.22 -7.77
C TRP K 292 37.34 0.08 -7.19
N SER K 293 37.66 1.36 -7.04
CA SER K 293 38.96 1.72 -6.49
C SER K 293 39.10 1.21 -5.07
N LEU K 294 38.06 1.36 -4.28
CA LEU K 294 38.10 0.84 -2.92
C LEU K 294 38.25 -0.67 -2.91
N GLU K 295 37.46 -1.35 -3.73
CA GLU K 295 37.56 -2.80 -3.79
C GLU K 295 38.98 -3.25 -4.12
N GLN K 296 39.70 -2.46 -4.93
CA GLN K 296 41.12 -2.71 -5.10
C GLN K 296 41.85 -2.54 -3.79
N GLN K 297 41.58 -1.44 -3.09
CA GLN K 297 42.32 -1.09 -1.90
C GLN K 297 42.06 -2.02 -0.73
N ALA K 298 41.09 -2.91 -0.84
CA ALA K 298 40.74 -3.80 0.26
C ALA K 298 41.28 -5.21 0.08
N GLY K 299 41.48 -5.67 -1.15
CA GLY K 299 42.07 -6.97 -1.39
C GLY K 299 41.24 -7.85 -2.29
N TYR K 300 40.32 -7.26 -3.02
CA TYR K 300 39.52 -7.98 -3.99
C TYR K 300 38.75 -9.13 -3.35
N PRO K 301 38.12 -8.93 -2.21
CA PRO K 301 37.39 -10.02 -1.56
C PRO K 301 36.15 -10.44 -2.32
N VAL K 302 35.30 -9.47 -2.63
CA VAL K 302 34.04 -9.76 -3.30
C VAL K 302 34.29 -10.43 -4.63
N PHE K 303 35.18 -9.84 -5.44
CA PHE K 303 35.65 -10.45 -6.65
C PHE K 303 35.90 -11.94 -6.45
N TYR K 304 36.68 -12.25 -5.41
CA TYR K 304 37.06 -13.63 -5.12
C TYR K 304 35.85 -14.49 -4.85
N ARG K 305 35.01 -14.06 -3.92
CA ARG K 305 33.89 -14.89 -3.51
C ARG K 305 32.94 -15.15 -4.67
N LEU K 306 32.75 -14.15 -5.52
CA LEU K 306 31.84 -14.33 -6.64
C LEU K 306 32.44 -15.25 -7.69
N TRP K 307 33.71 -15.06 -8.02
CA TRP K 307 34.37 -15.99 -8.92
C TRP K 307 34.25 -17.41 -8.40
N GLU K 308 34.21 -17.57 -7.08
CA GLU K 308 34.03 -18.89 -6.51
C GLU K 308 32.61 -19.39 -6.74
N LEU K 309 31.63 -18.64 -6.24
CA LEU K 309 30.24 -19.07 -6.32
C LEU K 309 29.85 -19.43 -7.74
N ALA K 310 30.23 -18.61 -8.70
CA ALA K 310 29.84 -18.86 -10.09
C ALA K 310 30.29 -20.24 -10.53
N THR K 311 31.55 -20.56 -10.27
CA THR K 311 32.12 -21.81 -10.76
C THR K 311 31.59 -23.00 -9.98
N GLN K 312 31.27 -22.82 -8.70
CA GLN K 312 30.77 -23.90 -7.87
C GLN K 312 29.27 -24.08 -8.02
N SER K 313 28.66 -23.43 -9.00
CA SER K 313 27.26 -23.63 -9.25
C SER K 313 27.03 -24.93 -10.02
N GLU K 314 25.77 -25.37 -10.03
CA GLU K 314 25.43 -26.63 -10.69
C GLU K 314 25.68 -26.53 -12.18
N MET K 315 25.19 -25.46 -12.79
CA MET K 315 25.32 -25.29 -14.23
C MET K 315 26.76 -25.46 -14.67
N ALA K 316 27.69 -24.91 -13.91
CA ALA K 316 29.09 -24.96 -14.32
C ALA K 316 29.63 -26.38 -14.26
N LYS K 317 29.29 -27.12 -13.20
CA LYS K 317 29.74 -28.50 -13.09
C LYS K 317 29.22 -29.34 -14.23
N ALA K 318 27.92 -29.18 -14.54
CA ALA K 318 27.35 -29.91 -15.65
C ALA K 318 28.03 -29.56 -16.96
N GLU K 319 28.25 -28.27 -17.19
CA GLU K 319 28.99 -27.82 -18.36
C GLU K 319 30.34 -28.50 -18.42
N LYS K 320 30.97 -28.70 -17.26
CA LYS K 320 32.26 -29.34 -17.22
C LYS K 320 32.16 -30.77 -17.72
N GLU K 321 31.29 -31.56 -17.09
CA GLU K 321 31.10 -32.94 -17.53
C GLU K 321 30.86 -33.00 -19.02
N LEU K 322 30.04 -32.09 -19.52
CA LEU K 322 29.62 -32.16 -20.92
C LEU K 322 30.77 -31.81 -21.85
N TYR K 323 31.27 -30.57 -21.75
CA TYR K 323 32.39 -30.16 -22.59
C TYR K 323 33.48 -31.21 -22.60
N LYS K 324 33.66 -31.92 -21.48
CA LYS K 324 34.57 -33.04 -21.46
C LYS K 324 34.12 -34.12 -22.44
N LEU K 325 32.82 -34.40 -22.45
CA LEU K 325 32.30 -35.44 -23.33
C LEU K 325 32.54 -35.09 -24.79
N LEU K 326 32.29 -33.85 -25.18
CA LEU K 326 32.42 -33.42 -26.55
C LEU K 326 33.87 -33.16 -26.96
N GLY K 327 34.82 -33.41 -26.08
CA GLY K 327 36.21 -33.15 -26.37
C GLY K 327 36.60 -31.69 -26.24
N ARG K 328 35.64 -30.78 -26.17
CA ARG K 328 35.97 -29.38 -25.97
C ARG K 328 36.79 -29.20 -24.71
N LYS K 329 37.90 -28.49 -24.84
CA LYS K 329 38.79 -28.30 -23.71
C LYS K 329 38.10 -27.59 -22.56
N ASP L 2 24.76 -42.33 -18.14
CA ASP L 2 23.60 -41.47 -18.03
C ASP L 2 22.66 -41.63 -19.22
N LYS L 3 21.61 -40.81 -19.27
CA LYS L 3 20.64 -40.87 -20.34
C LYS L 3 21.23 -40.72 -21.74
N THR L 4 22.45 -40.20 -21.85
CA THR L 4 23.03 -39.96 -23.15
C THR L 4 23.20 -41.29 -23.89
N VAL L 5 23.38 -41.19 -25.21
CA VAL L 5 23.68 -42.33 -26.05
C VAL L 5 24.72 -41.89 -27.07
N LEU L 6 25.82 -42.62 -27.16
CA LEU L 6 26.94 -42.25 -28.01
C LEU L 6 26.97 -43.03 -29.31
N ASP L 7 26.30 -44.16 -29.39
CA ASP L 7 26.18 -44.93 -30.62
C ASP L 7 25.21 -46.07 -30.38
N ALA L 8 24.65 -46.58 -31.48
CA ALA L 8 23.65 -47.63 -31.41
C ALA L 8 23.61 -48.36 -32.74
N ASN L 9 22.56 -49.14 -32.94
CA ASN L 9 22.46 -50.03 -34.08
C ASN L 9 21.82 -49.31 -35.28
N LEU L 10 21.71 -50.04 -36.38
CA LEU L 10 21.07 -49.55 -37.61
C LEU L 10 20.23 -50.65 -38.24
N ASP L 11 19.69 -51.55 -37.42
CA ASP L 11 19.07 -52.78 -37.92
C ASP L 11 17.65 -52.58 -38.46
N PRO L 12 16.75 -51.92 -37.73
CA PRO L 12 15.34 -52.00 -38.12
C PRO L 12 15.03 -51.24 -39.39
N LEU L 13 15.88 -50.30 -39.79
CA LEU L 13 15.61 -49.46 -40.95
C LEU L 13 16.16 -50.03 -42.25
N LYS L 14 16.96 -51.08 -42.18
CA LYS L 14 17.51 -51.71 -43.38
C LYS L 14 16.59 -52.84 -43.80
N GLY L 15 16.06 -52.75 -45.01
CA GLY L 15 15.02 -53.63 -45.49
C GLY L 15 13.67 -52.97 -45.62
N LYS L 16 13.50 -51.78 -45.08
CA LYS L 16 12.26 -51.02 -45.17
C LYS L 16 12.48 -49.79 -46.04
N THR L 17 11.36 -49.21 -46.47
CA THR L 17 11.37 -47.93 -47.15
C THR L 17 11.07 -46.82 -46.15
N ILE L 18 11.52 -45.62 -46.47
CA ILE L 18 11.38 -44.47 -45.60
C ILE L 18 10.69 -43.35 -46.36
N GLY L 19 9.89 -42.58 -45.63
CA GLY L 19 9.16 -41.48 -46.22
C GLY L 19 9.66 -40.14 -45.76
N VAL L 20 10.30 -39.40 -46.65
CA VAL L 20 10.85 -38.08 -46.36
C VAL L 20 9.92 -37.04 -46.94
N ILE L 21 9.29 -36.25 -46.06
CA ILE L 21 8.37 -35.20 -46.46
C ILE L 21 9.13 -33.88 -46.42
N GLY L 22 9.57 -33.42 -47.57
CA GLY L 22 10.15 -32.10 -47.68
C GLY L 22 11.61 -32.15 -48.06
N TYR L 23 12.07 -31.06 -48.66
CA TYR L 23 13.41 -30.94 -49.19
C TYR L 23 13.95 -29.55 -48.89
N GLY L 24 13.74 -29.08 -47.67
CA GLY L 24 14.12 -27.73 -47.32
C GLY L 24 15.53 -27.64 -46.81
N ASN L 25 15.68 -27.22 -45.56
CA ASN L 25 16.99 -27.24 -44.94
C ASN L 25 17.31 -28.63 -44.41
N GLN L 26 16.55 -29.07 -43.41
CA GLN L 26 16.76 -30.40 -42.83
C GLN L 26 16.53 -31.46 -43.89
N GLY L 27 15.33 -31.49 -44.44
CA GLY L 27 14.94 -32.51 -45.40
C GLY L 27 16.07 -32.88 -46.34
N ARG L 28 16.59 -31.89 -47.05
CA ARG L 28 17.69 -32.18 -47.97
C ARG L 28 18.89 -32.75 -47.24
N VAL L 29 19.30 -32.11 -46.15
CA VAL L 29 20.51 -32.54 -45.47
C VAL L 29 20.36 -33.97 -44.97
N GLN L 30 19.35 -34.21 -44.13
CA GLN L 30 19.17 -35.52 -43.53
C GLN L 30 18.93 -36.57 -44.59
N ALA L 31 18.20 -36.23 -45.65
CA ALA L 31 17.89 -37.17 -46.71
C ALA L 31 19.14 -37.58 -47.47
N THR L 32 19.94 -36.61 -47.88
CA THR L 32 21.19 -36.91 -48.54
C THR L 32 22.09 -37.74 -47.63
N ILE L 33 22.17 -37.35 -46.36
CA ILE L 33 22.94 -38.13 -45.38
C ILE L 33 22.49 -39.59 -45.40
N MET L 34 21.19 -39.82 -45.29
CA MET L 34 20.69 -41.18 -45.13
C MET L 34 20.90 -41.99 -46.40
N ARG L 35 20.51 -41.44 -47.55
CA ARG L 35 20.84 -42.08 -48.81
C ARG L 35 22.31 -42.50 -48.84
N GLU L 36 23.18 -41.61 -48.36
CA GLU L 36 24.61 -41.93 -48.28
C GLU L 36 24.94 -42.90 -47.14
N ASN L 37 23.98 -43.21 -46.27
CA ASN L 37 24.18 -44.15 -45.18
C ASN L 37 23.69 -45.55 -45.53
N GLY L 38 23.32 -45.80 -46.78
CA GLY L 38 22.90 -47.12 -47.19
C GLY L 38 21.48 -47.47 -46.80
N LEU L 39 20.51 -46.75 -47.36
CA LEU L 39 19.10 -47.06 -47.14
C LEU L 39 18.31 -46.72 -48.41
N ASN L 40 17.13 -47.31 -48.51
CA ASN L 40 16.20 -47.01 -49.60
C ASN L 40 15.19 -45.98 -49.10
N VAL L 41 15.13 -44.84 -49.78
CA VAL L 41 14.41 -43.67 -49.32
C VAL L 41 13.61 -43.10 -50.46
N ILE L 42 12.66 -42.22 -50.11
CA ILE L 42 11.85 -41.50 -51.09
C ILE L 42 11.54 -40.13 -50.52
N VAL L 43 10.96 -39.28 -51.38
CA VAL L 43 10.71 -37.89 -51.05
C VAL L 43 9.26 -37.54 -51.39
N GLY L 44 8.65 -36.72 -50.56
CA GLY L 44 7.38 -36.11 -50.88
C GLY L 44 7.47 -34.61 -50.70
N ASN L 45 6.92 -33.88 -51.67
CA ASN L 45 7.19 -32.44 -51.73
C ASN L 45 6.10 -31.74 -52.51
N VAL L 46 5.87 -30.48 -52.16
CA VAL L 46 5.05 -29.61 -52.98
C VAL L 46 5.81 -29.28 -54.25
N LYS L 47 5.17 -29.47 -55.39
CA LYS L 47 5.87 -29.41 -56.68
C LYS L 47 6.14 -27.95 -57.02
N ASP L 48 7.30 -27.48 -56.62
CA ASP L 48 7.73 -26.11 -56.83
C ASP L 48 9.26 -26.12 -56.95
N LYS L 49 9.88 -24.95 -56.77
CA LYS L 49 11.32 -24.82 -56.88
C LYS L 49 12.05 -25.88 -56.06
N TYR L 50 11.62 -26.10 -54.82
CA TYR L 50 12.26 -27.14 -54.00
C TYR L 50 12.12 -28.49 -54.66
N TYR L 51 10.98 -28.76 -55.29
CA TYR L 51 10.82 -30.02 -56.00
C TYR L 51 11.80 -30.11 -57.16
N GLU L 52 11.97 -29.00 -57.89
CA GLU L 52 12.99 -28.95 -58.93
C GLU L 52 14.35 -29.35 -58.36
N LEU L 53 14.75 -28.72 -57.25
CA LEU L 53 16.04 -29.01 -56.65
C LEU L 53 16.13 -30.44 -56.15
N ALA L 54 15.02 -31.00 -55.67
CA ALA L 54 15.05 -32.33 -55.11
C ALA L 54 15.21 -33.38 -56.20
N LYS L 55 14.37 -33.32 -57.22
CA LYS L 55 14.55 -34.21 -58.36
C LYS L 55 15.86 -33.95 -59.06
N LYS L 56 16.37 -32.72 -58.96
CA LYS L 56 17.70 -32.38 -59.43
C LYS L 56 18.75 -33.28 -58.78
N GLU L 57 18.76 -33.31 -57.45
CA GLU L 57 19.76 -34.09 -56.73
C GLU L 57 19.53 -35.58 -56.81
N GLY L 58 18.55 -36.05 -57.59
CA GLY L 58 18.41 -37.47 -57.83
C GLY L 58 17.58 -38.23 -56.81
N PHE L 59 16.50 -37.62 -56.31
CA PHE L 59 15.55 -38.28 -55.41
C PHE L 59 14.21 -38.36 -56.13
N GLU L 60 13.79 -39.57 -56.46
CA GLU L 60 12.43 -39.77 -56.94
C GLU L 60 11.43 -39.22 -55.93
N VAL L 61 10.54 -38.36 -56.40
CA VAL L 61 9.63 -37.63 -55.54
C VAL L 61 8.22 -37.77 -56.09
N TYR L 62 7.41 -38.60 -55.44
CA TYR L 62 6.00 -38.71 -55.77
C TYR L 62 5.22 -37.64 -55.02
N GLU L 63 3.89 -37.75 -55.06
CA GLU L 63 3.09 -36.91 -54.20
C GLU L 63 3.23 -37.38 -52.75
N ILE L 64 2.84 -36.50 -51.84
CA ILE L 64 2.98 -36.77 -50.40
C ILE L 64 2.39 -38.13 -50.07
N ASP L 65 1.08 -38.27 -50.31
CA ASP L 65 0.40 -39.50 -49.94
C ASP L 65 1.00 -40.71 -50.65
N GLU L 66 1.49 -40.52 -51.87
CA GLU L 66 2.09 -41.63 -52.59
C GLU L 66 3.39 -42.07 -51.95
N ALA L 67 4.10 -41.15 -51.30
CA ALA L 67 5.28 -41.52 -50.55
C ALA L 67 4.94 -42.16 -49.21
N VAL L 68 3.75 -41.92 -48.70
CA VAL L 68 3.36 -42.55 -47.45
C VAL L 68 2.80 -43.95 -47.71
N ARG L 69 2.17 -44.17 -48.86
CA ARG L 69 1.67 -45.50 -49.16
C ARG L 69 2.81 -46.48 -49.36
N ARG L 70 3.91 -46.02 -49.97
CA ARG L 70 5.05 -46.90 -50.23
C ARG L 70 5.88 -47.13 -48.98
N SER L 71 5.96 -46.14 -48.11
CA SER L 71 6.84 -46.21 -46.94
C SER L 71 6.09 -46.79 -45.74
N ASP L 72 6.84 -47.47 -44.88
CA ASP L 72 6.36 -47.86 -43.57
C ASP L 72 6.81 -46.90 -42.48
N VAL L 73 7.66 -45.94 -42.82
CA VAL L 73 8.04 -44.85 -41.93
C VAL L 73 7.87 -43.54 -42.67
N ALA L 74 7.71 -42.46 -41.91
CA ALA L 74 7.51 -41.14 -42.50
C ALA L 74 8.11 -40.11 -41.58
N LEU L 75 8.78 -39.12 -42.18
CA LEU L 75 9.35 -37.99 -41.46
C LEU L 75 8.76 -36.71 -42.01
N LEU L 76 8.10 -35.94 -41.14
CA LEU L 76 7.35 -34.76 -41.54
C LEU L 76 8.24 -33.55 -41.30
N LEU L 77 9.06 -33.22 -42.29
CA LEU L 77 10.09 -32.20 -42.15
C LEU L 77 9.62 -30.87 -42.74
N ILE L 78 8.52 -30.38 -42.19
CA ILE L 78 7.83 -29.22 -42.74
C ILE L 78 7.40 -28.30 -41.60
N PRO L 79 6.78 -27.15 -41.89
CA PRO L 79 6.55 -26.14 -40.86
C PRO L 79 5.63 -26.56 -39.71
N ASP L 80 5.43 -25.61 -38.80
CA ASP L 80 4.69 -25.83 -37.56
C ASP L 80 3.34 -25.15 -37.53
N GLU L 81 3.07 -24.26 -38.49
CA GLU L 81 1.94 -23.36 -38.39
C GLU L 81 0.74 -23.84 -39.20
N VAL L 82 0.96 -24.73 -40.15
CA VAL L 82 -0.07 -25.14 -41.10
C VAL L 82 -0.10 -26.64 -41.22
N MET L 83 0.95 -27.30 -40.72
CA MET L 83 1.04 -28.75 -40.80
C MET L 83 -0.28 -29.43 -40.42
N LYS L 84 -1.04 -28.79 -39.54
CA LYS L 84 -2.29 -29.38 -39.07
C LYS L 84 -3.21 -29.73 -40.23
N GLU L 85 -3.61 -28.72 -41.00
CA GLU L 85 -4.55 -28.93 -42.08
C GLU L 85 -4.02 -29.96 -43.05
N VAL L 86 -2.75 -29.82 -43.42
CA VAL L 86 -2.13 -30.73 -44.37
C VAL L 86 -2.27 -32.17 -43.90
N TYR L 87 -2.02 -32.40 -42.61
CA TYR L 87 -2.16 -33.74 -42.08
C TYR L 87 -3.62 -34.18 -42.10
N GLU L 88 -4.52 -33.24 -41.84
CA GLU L 88 -5.94 -33.60 -41.76
C GLU L 88 -6.47 -34.08 -43.10
N LYS L 89 -6.05 -33.41 -44.17
CA LYS L 89 -6.61 -33.67 -45.49
C LYS L 89 -5.90 -34.79 -46.23
N LYS L 90 -4.58 -34.69 -46.34
CA LYS L 90 -3.82 -35.43 -47.32
C LYS L 90 -2.99 -36.56 -46.74
N ILE L 91 -2.92 -36.67 -45.42
CA ILE L 91 -2.08 -37.66 -44.76
C ILE L 91 -2.89 -38.58 -43.86
N ALA L 92 -3.82 -38.01 -43.09
CA ALA L 92 -4.66 -38.85 -42.23
C ALA L 92 -5.37 -39.95 -43.00
N PRO L 93 -5.98 -39.69 -44.14
CA PRO L 93 -6.68 -40.77 -44.85
C PRO L 93 -5.75 -41.92 -45.18
N VAL L 94 -4.66 -41.60 -45.86
CA VAL L 94 -3.68 -42.59 -46.26
C VAL L 94 -3.23 -43.38 -45.03
N LEU L 95 -2.80 -42.66 -44.00
CA LEU L 95 -2.34 -43.32 -42.78
C LEU L 95 -3.39 -44.28 -42.25
N GLN L 96 -4.65 -43.87 -42.26
CA GLN L 96 -5.72 -44.81 -41.91
C GLN L 96 -5.69 -46.03 -42.81
N GLY L 97 -5.10 -45.91 -44.00
CA GLY L 97 -4.91 -47.04 -44.86
C GLY L 97 -3.65 -47.82 -44.56
N LYS L 98 -3.30 -47.93 -43.28
CA LYS L 98 -2.11 -48.65 -42.85
C LYS L 98 -2.37 -49.27 -41.49
N LYS L 99 -1.49 -50.20 -41.10
CA LYS L 99 -1.59 -50.86 -39.81
C LYS L 99 -0.38 -50.64 -38.93
N GLU L 100 0.81 -50.90 -39.43
CA GLU L 100 2.04 -50.68 -38.69
C GLU L 100 2.79 -49.55 -39.38
N PHE L 101 2.93 -48.43 -38.68
CA PHE L 101 3.59 -47.26 -39.24
C PHE L 101 4.37 -46.58 -38.13
N VAL L 102 5.22 -45.65 -38.54
CA VAL L 102 6.08 -44.92 -37.61
C VAL L 102 6.26 -43.52 -38.14
N LEU L 103 6.04 -42.54 -37.28
CA LEU L 103 6.11 -41.13 -37.65
C LEU L 103 7.00 -40.37 -36.70
N ASP L 104 7.85 -39.52 -37.26
CA ASP L 104 8.86 -38.78 -36.51
C ASP L 104 8.88 -37.34 -37.00
N PHE L 105 9.11 -36.41 -36.07
CA PHE L 105 9.06 -34.99 -36.39
C PHE L 105 10.35 -34.31 -35.95
N ALA L 106 10.47 -33.04 -36.36
CA ALA L 106 11.54 -32.17 -35.90
C ALA L 106 11.17 -31.44 -34.63
N SER L 107 9.92 -30.97 -34.54
CA SER L 107 9.45 -30.22 -33.40
C SER L 107 8.21 -30.88 -32.83
N GLY L 108 7.99 -30.68 -31.53
CA GLY L 108 6.90 -31.28 -30.82
C GLY L 108 5.74 -30.37 -30.55
N TYR L 109 5.76 -29.16 -31.11
CA TYR L 109 4.70 -28.19 -30.88
C TYR L 109 3.32 -28.81 -31.16
N ASN L 110 3.11 -29.26 -32.40
CA ASN L 110 1.79 -29.67 -32.80
C ASN L 110 1.31 -30.93 -32.10
N VAL L 111 2.25 -31.74 -31.60
CA VAL L 111 1.88 -32.98 -30.93
C VAL L 111 1.73 -32.78 -29.44
N ALA L 112 2.71 -32.12 -28.83
CA ALA L 112 2.68 -31.92 -27.39
C ALA L 112 1.39 -31.26 -26.94
N PHE L 113 0.80 -30.44 -27.80
CA PHE L 113 -0.40 -29.70 -27.46
C PHE L 113 -1.65 -30.32 -28.05
N GLY L 114 -1.54 -31.45 -28.73
CA GLY L 114 -2.69 -32.20 -29.15
C GLY L 114 -3.32 -31.76 -30.44
N LEU L 115 -2.64 -30.90 -31.20
CA LEU L 115 -3.16 -30.49 -32.49
C LEU L 115 -3.08 -31.59 -33.52
N ILE L 116 -2.39 -32.68 -33.20
CA ILE L 116 -2.25 -33.81 -34.09
C ILE L 116 -2.24 -35.08 -33.26
N ARG L 117 -3.21 -35.95 -33.49
CA ARG L 117 -3.39 -37.16 -32.70
C ARG L 117 -3.53 -38.34 -33.64
N PRO L 118 -2.41 -38.90 -34.09
CA PRO L 118 -2.47 -40.06 -34.95
C PRO L 118 -3.07 -41.24 -34.22
N PRO L 119 -3.35 -42.32 -34.92
CA PRO L 119 -3.98 -43.48 -34.29
C PRO L 119 -3.01 -44.24 -33.42
N LYS L 120 -3.57 -45.17 -32.64
CA LYS L 120 -2.77 -46.06 -31.83
C LYS L 120 -2.10 -47.15 -32.64
N SER L 121 -2.20 -47.10 -33.96
CA SER L 121 -1.55 -48.06 -34.84
C SER L 121 -0.24 -47.51 -35.38
N VAL L 122 0.33 -46.51 -34.73
CA VAL L 122 1.56 -45.89 -35.21
C VAL L 122 2.44 -45.49 -34.04
N ASP L 123 3.66 -46.02 -34.01
CA ASP L 123 4.63 -45.60 -33.01
C ASP L 123 5.09 -44.18 -33.31
N THR L 124 5.02 -43.31 -32.31
CA THR L 124 5.21 -41.88 -32.49
C THR L 124 6.44 -41.42 -31.72
N ILE L 125 7.31 -40.66 -32.39
CA ILE L 125 8.64 -40.36 -31.89
C ILE L 125 9.08 -38.98 -32.36
N MET L 126 10.23 -38.55 -31.84
CA MET L 126 10.84 -37.28 -32.22
C MET L 126 12.33 -37.47 -32.41
N VAL L 127 12.88 -36.67 -33.31
CA VAL L 127 14.33 -36.50 -33.40
C VAL L 127 14.62 -35.06 -33.81
N ALA L 128 15.23 -34.29 -32.93
CA ALA L 128 15.37 -32.85 -33.11
C ALA L 128 16.80 -32.41 -32.86
N PRO L 129 17.46 -31.76 -33.82
CA PRO L 129 18.71 -31.07 -33.51
C PRO L 129 18.48 -29.61 -33.15
N ARG L 130 19.56 -28.90 -32.86
CA ARG L 130 19.48 -27.55 -32.33
C ARG L 130 20.16 -26.49 -33.19
N MET L 131 20.71 -26.87 -34.34
CA MET L 131 21.38 -25.93 -35.21
C MET L 131 20.33 -25.10 -35.96
N VAL L 132 20.79 -24.31 -36.93
CA VAL L 132 19.88 -23.80 -37.95
C VAL L 132 19.90 -24.69 -39.19
N GLY L 133 20.91 -25.55 -39.33
CA GLY L 133 20.90 -26.59 -40.35
C GLY L 133 22.13 -26.65 -41.21
N GLU L 134 22.69 -25.48 -41.56
CA GLU L 134 23.86 -25.46 -42.42
C GLU L 134 25.10 -25.93 -41.69
N GLY L 135 25.16 -25.68 -40.38
CA GLY L 135 26.25 -26.16 -39.57
C GLY L 135 26.42 -27.66 -39.65
N ILE L 136 25.36 -28.37 -40.02
CA ILE L 136 25.41 -29.83 -39.97
C ILE L 136 26.19 -30.40 -41.16
N MET L 137 26.10 -29.77 -42.33
CA MET L 137 27.04 -30.11 -43.39
C MET L 137 28.41 -29.55 -43.08
N ASP L 138 28.45 -28.35 -42.52
CA ASP L 138 29.69 -27.79 -42.00
C ASP L 138 30.35 -28.66 -40.95
N LEU L 139 29.67 -29.72 -40.51
CA LEU L 139 30.26 -30.74 -39.65
C LEU L 139 30.40 -32.09 -40.33
N HIS L 140 29.51 -32.42 -41.25
CA HIS L 140 29.55 -33.73 -41.88
C HIS L 140 30.73 -33.86 -42.82
N LYS L 141 31.02 -32.82 -43.58
CA LYS L 141 32.22 -32.84 -44.41
C LYS L 141 33.48 -32.97 -43.56
N GLN L 142 33.37 -32.70 -42.26
CA GLN L 142 34.45 -32.96 -41.32
C GLN L 142 34.38 -34.36 -40.70
N GLY L 143 33.42 -35.18 -41.13
CA GLY L 143 33.25 -36.51 -40.58
C GLY L 143 32.84 -36.55 -39.13
N LYS L 144 32.38 -35.43 -38.57
CA LYS L 144 31.99 -35.37 -37.17
C LYS L 144 30.58 -35.91 -36.99
N GLY L 145 30.04 -35.70 -35.80
CA GLY L 145 28.64 -35.94 -35.53
C GLY L 145 28.10 -34.86 -34.62
N TYR L 146 26.78 -34.73 -34.62
CA TYR L 146 26.15 -33.62 -33.92
C TYR L 146 25.19 -34.11 -32.85
N PRO L 147 24.75 -33.24 -31.95
CA PRO L 147 23.85 -33.66 -30.89
C PRO L 147 22.40 -33.41 -31.25
N VAL L 148 21.51 -34.24 -30.70
CA VAL L 148 20.08 -34.15 -31.00
C VAL L 148 19.27 -34.60 -29.79
N LEU L 149 17.97 -34.38 -29.87
CA LEU L 149 17.01 -34.80 -28.87
C LEU L 149 16.08 -35.84 -29.47
N LEU L 150 15.72 -36.83 -28.67
CA LEU L 150 14.87 -37.92 -29.11
C LEU L 150 13.70 -38.06 -28.16
N GLY L 151 12.54 -38.42 -28.71
CA GLY L 151 11.37 -38.64 -27.87
C GLY L 151 10.48 -39.70 -28.47
N VAL L 152 9.61 -40.23 -27.62
CA VAL L 152 8.63 -41.22 -28.00
C VAL L 152 7.30 -40.82 -27.42
N LYS L 153 6.29 -40.69 -28.27
CA LYS L 153 4.95 -40.33 -27.84
C LYS L 153 4.03 -41.54 -27.74
N GLN L 154 4.18 -42.49 -28.65
CA GLN L 154 3.32 -43.67 -28.67
C GLN L 154 4.13 -44.85 -29.16
N ASP L 155 3.97 -45.98 -28.48
CA ASP L 155 4.66 -47.22 -28.83
C ASP L 155 3.63 -48.33 -28.95
N ALA L 156 3.41 -48.79 -30.18
CA ALA L 156 2.56 -49.94 -30.45
C ALA L 156 3.36 -51.12 -30.96
N SER L 157 4.69 -51.08 -30.84
CA SER L 157 5.56 -52.12 -31.34
C SER L 157 6.55 -52.62 -30.31
N GLY L 158 6.61 -52.02 -29.12
CA GLY L 158 7.68 -52.33 -28.19
C GLY L 158 9.05 -52.05 -28.74
N LYS L 159 9.14 -51.30 -29.84
CA LYS L 159 10.39 -51.02 -30.52
C LYS L 159 10.59 -49.55 -30.81
N ALA L 160 9.75 -48.68 -30.28
CA ALA L 160 9.86 -47.26 -30.60
C ALA L 160 11.26 -46.74 -30.35
N TRP L 161 11.90 -47.19 -29.27
CA TRP L 161 13.19 -46.63 -28.89
C TRP L 161 14.30 -47.11 -29.81
N ASP L 162 14.32 -48.39 -30.15
CA ASP L 162 15.38 -48.85 -31.04
C ASP L 162 15.19 -48.30 -32.43
N TYR L 163 13.94 -48.11 -32.86
CA TYR L 163 13.68 -47.33 -34.07
C TYR L 163 14.25 -45.93 -33.92
N ALA L 164 14.11 -45.35 -32.73
CA ALA L 164 14.60 -44.01 -32.49
C ALA L 164 16.10 -43.93 -32.75
N LYS L 165 16.86 -44.80 -32.09
CA LYS L 165 18.31 -44.79 -32.25
C LYS L 165 18.72 -45.22 -33.66
N ALA L 166 17.95 -46.11 -34.27
CA ALA L 166 18.19 -46.49 -35.65
C ALA L 166 18.14 -45.26 -36.54
N ILE L 167 17.05 -44.50 -36.45
CA ILE L 167 16.95 -43.25 -37.18
C ILE L 167 18.13 -42.35 -36.87
N ALA L 168 18.39 -42.17 -35.57
CA ALA L 168 19.49 -41.33 -35.12
C ALA L 168 20.74 -41.60 -35.92
N LYS L 169 21.22 -42.83 -35.87
CA LYS L 169 22.38 -43.19 -36.67
C LYS L 169 22.10 -43.12 -38.16
N GLY L 170 20.83 -43.09 -38.55
CA GLY L 170 20.48 -42.97 -39.95
C GLY L 170 20.69 -41.59 -40.52
N ILE L 171 21.05 -40.62 -39.68
CA ILE L 171 21.24 -39.24 -40.09
C ILE L 171 22.64 -38.73 -39.80
N GLY L 172 23.51 -39.57 -39.24
CA GLY L 172 24.90 -39.20 -39.08
C GLY L 172 25.20 -38.33 -37.88
N ALA L 173 24.48 -38.50 -36.78
CA ALA L 173 24.72 -37.71 -35.57
C ALA L 173 25.66 -38.43 -34.62
N ILE L 174 25.26 -39.60 -34.16
CA ILE L 174 26.16 -40.48 -33.42
C ILE L 174 26.53 -41.64 -34.33
N PRO L 175 27.80 -42.06 -34.37
CA PRO L 175 28.88 -41.53 -33.54
C PRO L 175 29.45 -40.23 -34.09
N GLY L 176 29.91 -39.37 -33.19
CA GLY L 176 30.51 -38.10 -33.57
C GLY L 176 29.92 -36.96 -32.79
N GLY L 177 28.63 -37.04 -32.52
CA GLY L 177 27.96 -36.14 -31.61
C GLY L 177 27.40 -36.94 -30.46
N ILE L 178 26.18 -36.62 -30.02
CA ILE L 178 25.49 -37.39 -29.02
C ILE L 178 23.99 -37.39 -29.34
N ALA L 179 23.23 -38.08 -28.50
CA ALA L 179 21.79 -38.19 -28.69
C ALA L 179 21.13 -38.22 -27.33
N VAL L 180 20.29 -37.25 -27.05
CA VAL L 180 19.56 -37.20 -25.80
C VAL L 180 18.14 -37.66 -26.03
N ILE L 181 17.60 -38.33 -25.03
CA ILE L 181 16.23 -38.81 -25.05
C ILE L 181 15.40 -37.85 -24.22
N SER L 182 14.23 -37.50 -24.73
CA SER L 182 13.45 -36.45 -24.10
C SER L 182 12.06 -36.42 -24.70
N SER L 183 11.06 -36.19 -23.86
CA SER L 183 9.70 -36.10 -24.32
C SER L 183 9.55 -35.01 -25.38
N PHE L 184 8.45 -35.09 -26.13
CA PHE L 184 8.07 -33.98 -26.98
C PHE L 184 7.92 -32.70 -26.18
N GLU L 185 7.38 -32.82 -24.97
CA GLU L 185 7.04 -31.65 -24.17
C GLU L 185 8.28 -30.84 -23.85
N GLU L 186 9.33 -31.52 -23.40
CA GLU L 186 10.56 -30.84 -23.06
C GLU L 186 11.10 -30.06 -24.24
N GLU L 187 11.10 -30.68 -25.43
CA GLU L 187 11.64 -30.02 -26.60
C GLU L 187 10.93 -28.72 -26.87
N ALA L 188 9.60 -28.77 -26.88
CA ALA L 188 8.82 -27.57 -27.16
C ALA L 188 9.06 -26.51 -26.10
N LEU L 189 8.93 -26.92 -24.84
CA LEU L 189 9.19 -26.02 -23.73
C LEU L 189 10.49 -25.27 -23.91
N LEU L 190 11.54 -26.01 -24.26
CA LEU L 190 12.85 -25.40 -24.39
C LEU L 190 12.90 -24.47 -25.59
N ASP L 191 12.57 -24.96 -26.78
CA ASP L 191 12.63 -24.13 -27.97
C ASP L 191 11.82 -22.87 -27.82
N LEU L 192 10.85 -22.85 -26.91
CA LEU L 192 10.04 -21.66 -26.72
C LEU L 192 10.60 -20.74 -25.65
N MET L 193 11.06 -21.30 -24.54
CA MET L 193 11.60 -20.48 -23.47
C MET L 193 12.65 -19.51 -23.99
N SER L 194 13.59 -20.02 -24.77
CA SER L 194 14.59 -19.16 -25.38
C SER L 194 13.93 -18.05 -26.16
N GLU L 195 13.02 -18.40 -27.06
CA GLU L 195 12.38 -17.43 -27.92
C GLU L 195 11.52 -16.44 -27.16
N HIS L 196 11.30 -16.65 -25.87
CA HIS L 196 10.45 -15.79 -25.09
C HIS L 196 11.17 -15.09 -23.94
N THR L 197 12.37 -15.51 -23.58
CA THR L 197 12.99 -15.03 -22.34
C THR L 197 14.24 -14.19 -22.57
N TRP L 198 15.31 -14.77 -23.12
CA TRP L 198 16.56 -14.03 -23.08
C TRP L 198 16.85 -13.29 -24.37
N VAL L 199 16.37 -13.79 -25.50
CA VAL L 199 16.49 -13.11 -26.78
C VAL L 199 15.79 -11.77 -26.71
N PRO L 200 14.49 -11.74 -26.43
CA PRO L 200 13.77 -10.47 -26.43
C PRO L 200 14.27 -9.53 -25.35
N ILE L 201 14.61 -10.07 -24.18
CA ILE L 201 15.17 -9.24 -23.13
C ILE L 201 16.43 -8.55 -23.60
N LEU L 202 17.32 -9.33 -24.22
CA LEU L 202 18.55 -8.78 -24.76
C LEU L 202 18.26 -7.63 -25.72
N PHE L 203 17.37 -7.88 -26.67
CA PHE L 203 17.10 -6.87 -27.68
C PHE L 203 16.52 -5.61 -27.05
N GLY L 204 15.59 -5.78 -26.11
CA GLY L 204 15.01 -4.62 -25.46
C GLY L 204 16.04 -3.84 -24.67
N ALA L 205 16.95 -4.54 -24.01
CA ALA L 205 17.99 -3.86 -23.25
C ALA L 205 18.87 -3.04 -24.17
N ILE L 206 19.26 -3.61 -25.30
CA ILE L 206 20.07 -2.87 -26.25
C ILE L 206 19.34 -1.62 -26.71
N LYS L 207 18.10 -1.80 -27.15
CA LYS L 207 17.30 -0.69 -27.62
C LYS L 207 17.22 0.41 -26.57
N ALA L 208 17.03 0.01 -25.31
CA ALA L 208 16.90 0.99 -24.24
C ALA L 208 18.20 1.71 -24.00
N CYS L 209 19.31 0.99 -24.02
CA CYS L 209 20.60 1.63 -23.85
C CYS L 209 20.80 2.70 -24.91
N TYR L 210 20.50 2.37 -26.17
CA TYR L 210 20.60 3.35 -27.24
C TYR L 210 19.74 4.57 -26.94
N ASP L 211 18.44 4.35 -26.73
CA ASP L 211 17.52 5.45 -26.52
C ASP L 211 17.99 6.36 -25.40
N ILE L 212 18.37 5.76 -24.28
CA ILE L 212 18.82 6.52 -23.12
C ILE L 212 20.04 7.35 -23.48
N ALA L 213 21.10 6.66 -23.89
CA ALA L 213 22.36 7.35 -24.17
C ALA L 213 22.15 8.52 -25.08
N VAL L 214 21.23 8.41 -26.03
CA VAL L 214 21.05 9.48 -26.99
C VAL L 214 20.23 10.62 -26.40
N LYS L 215 19.08 10.30 -25.81
CA LYS L 215 18.12 11.31 -25.43
C LYS L 215 18.36 11.90 -24.05
N GLU L 216 19.35 11.42 -23.32
CA GLU L 216 19.58 11.90 -21.97
C GLU L 216 21.03 12.20 -21.65
N TYR L 217 22.07 12.03 -22.52
CA TYR L 217 23.48 12.42 -22.21
C TYR L 217 24.19 13.01 -23.46
N GLY L 218 23.44 13.51 -24.45
CA GLY L 218 23.96 14.13 -25.69
C GLY L 218 25.00 13.31 -26.44
N VAL L 219 24.69 12.05 -26.82
CA VAL L 219 25.62 11.14 -27.55
C VAL L 219 25.20 11.01 -29.03
N SER L 220 26.14 10.66 -29.92
CA SER L 220 25.93 10.46 -31.33
C SER L 220 25.44 9.04 -31.60
N PRO L 221 24.43 8.88 -32.43
CA PRO L 221 23.93 7.52 -32.73
C PRO L 221 25.01 6.56 -33.18
N GLU L 222 25.95 7.06 -33.98
CA GLU L 222 26.98 6.22 -34.55
C GLU L 222 27.77 5.51 -33.47
N ALA L 223 28.23 6.26 -32.47
CA ALA L 223 29.03 5.67 -31.41
C ALA L 223 28.26 4.61 -30.66
N ALA L 224 27.00 4.90 -30.33
CA ALA L 224 26.18 3.94 -29.61
C ALA L 224 26.06 2.64 -30.39
N LEU L 225 25.73 2.76 -31.67
CA LEU L 225 25.57 1.57 -32.50
C LEU L 225 26.86 0.78 -32.54
N LEU L 226 27.99 1.47 -32.67
CA LEU L 226 29.27 0.78 -32.73
C LEU L 226 29.52 0.01 -31.44
N GLU L 227 29.28 0.65 -30.30
CA GLU L 227 29.56 -0.01 -29.04
C GLU L 227 28.67 -1.23 -28.84
N PHE L 228 27.37 -1.06 -29.06
CA PHE L 228 26.43 -2.07 -28.59
C PHE L 228 26.42 -3.30 -29.49
N TYR L 229 26.03 -3.15 -30.75
CA TYR L 229 25.93 -4.33 -31.61
C TYR L 229 26.51 -4.17 -33.01
N ALA L 230 26.73 -2.96 -33.52
CA ALA L 230 27.27 -2.84 -34.86
C ALA L 230 28.66 -3.43 -34.97
N SER L 231 29.32 -3.68 -33.84
CA SER L 231 30.59 -4.38 -33.81
C SER L 231 30.35 -5.86 -33.52
N GLY L 232 31.25 -6.69 -34.02
CA GLY L 232 31.13 -8.14 -33.90
C GLY L 232 31.59 -8.67 -32.56
N GLU L 233 31.63 -7.79 -31.55
CA GLU L 233 32.05 -8.21 -30.22
C GLU L 233 31.23 -9.40 -29.74
N LEU L 234 29.92 -9.26 -29.78
CA LEU L 234 29.04 -10.32 -29.29
C LEU L 234 29.35 -11.65 -29.94
N ALA L 235 29.67 -11.64 -31.23
CA ALA L 235 29.94 -12.88 -31.94
C ALA L 235 31.13 -13.60 -31.33
N GLU L 236 32.23 -12.89 -31.13
CA GLU L 236 33.42 -13.49 -30.54
C GLU L 236 33.12 -14.01 -29.15
N ILE L 237 32.34 -13.25 -28.38
CA ILE L 237 31.99 -13.69 -27.03
C ILE L 237 31.23 -15.01 -27.08
N ALA L 238 30.26 -15.10 -27.99
CA ALA L 238 29.46 -16.32 -28.09
C ALA L 238 30.32 -17.50 -28.50
N ARG L 239 31.23 -17.27 -29.44
CA ARG L 239 32.13 -18.33 -29.86
C ARG L 239 32.95 -18.83 -28.68
N LEU L 240 33.58 -17.92 -27.95
CA LEU L 240 34.39 -18.31 -26.81
C LEU L 240 33.55 -19.05 -25.78
N ILE L 241 32.29 -18.64 -25.62
CA ILE L 241 31.39 -19.36 -24.72
C ILE L 241 31.27 -20.81 -25.16
N ALA L 242 30.88 -21.00 -26.43
CA ALA L 242 30.69 -22.35 -26.93
C ALA L 242 31.97 -23.18 -26.81
N GLU L 243 33.13 -22.53 -26.87
CA GLU L 243 34.38 -23.27 -26.87
C GLU L 243 34.85 -23.60 -25.45
N GLU L 244 35.04 -22.58 -24.62
CA GLU L 244 35.67 -22.73 -23.32
C GLU L 244 34.68 -22.92 -22.19
N GLY L 245 33.59 -22.18 -22.21
CA GLY L 245 32.65 -22.14 -21.10
C GLY L 245 32.22 -20.71 -20.91
N ILE L 246 31.02 -20.54 -20.36
CA ILE L 246 30.44 -19.21 -20.27
C ILE L 246 31.26 -18.31 -19.37
N PHE L 247 31.67 -18.81 -18.21
CA PHE L 247 32.38 -18.01 -17.22
C PHE L 247 33.87 -17.97 -17.50
N ASN L 248 34.50 -19.14 -17.66
CA ASN L 248 35.91 -19.18 -18.02
C ASN L 248 36.20 -18.25 -19.18
N GLN L 249 35.20 -17.97 -20.00
CA GLN L 249 35.35 -17.05 -21.11
C GLN L 249 35.86 -15.69 -20.65
N MET L 250 35.31 -15.21 -19.53
CA MET L 250 35.54 -13.83 -19.11
C MET L 250 36.98 -13.57 -18.67
N VAL L 251 37.79 -14.61 -18.56
CA VAL L 251 39.18 -14.40 -18.18
C VAL L 251 39.90 -13.54 -19.21
N HIS L 252 39.46 -13.60 -20.46
CA HIS L 252 40.07 -12.79 -21.51
C HIS L 252 39.62 -11.35 -21.48
N HIS L 253 38.78 -10.98 -20.52
CA HIS L 253 38.32 -9.62 -20.36
C HIS L 253 39.17 -8.91 -19.30
N SER L 254 38.82 -7.65 -19.05
CA SER L 254 39.47 -6.88 -18.01
C SER L 254 38.80 -7.13 -16.66
N THR L 255 39.56 -6.90 -15.60
CA THR L 255 39.05 -7.12 -14.26
C THR L 255 37.83 -6.24 -14.00
N THR L 256 37.88 -5.00 -14.49
CA THR L 256 36.75 -4.09 -14.32
C THR L 256 35.48 -4.71 -14.86
N SER L 257 35.55 -5.23 -16.08
CA SER L 257 34.39 -5.85 -16.71
C SER L 257 33.91 -7.02 -15.89
N GLN L 258 34.82 -7.89 -15.48
CA GLN L 258 34.46 -9.04 -14.66
C GLN L 258 33.68 -8.60 -13.44
N TYR L 259 34.22 -7.62 -12.72
CA TYR L 259 33.62 -7.18 -11.47
C TYR L 259 32.22 -6.68 -11.69
N GLY L 260 32.07 -5.71 -12.59
CA GLY L 260 30.77 -5.13 -12.83
C GLY L 260 29.77 -6.18 -13.27
N THR L 261 30.18 -7.02 -14.21
CA THR L 261 29.30 -8.04 -14.75
C THR L 261 28.80 -8.97 -13.66
N LEU L 262 29.71 -9.48 -12.84
CA LEU L 262 29.33 -10.43 -11.81
C LEU L 262 28.39 -9.81 -10.80
N THR L 263 28.77 -8.64 -10.28
CA THR L 263 27.94 -7.98 -9.29
C THR L 263 26.53 -7.80 -9.83
N ARG L 264 26.41 -7.21 -11.01
CA ARG L 264 25.09 -6.91 -11.54
C ARG L 264 24.33 -8.18 -11.86
N MET L 265 25.01 -9.23 -12.30
CA MET L 265 24.35 -10.50 -12.55
C MET L 265 23.70 -11.03 -11.29
N PHE L 266 24.47 -11.14 -10.22
CA PHE L 266 23.90 -11.62 -8.97
C PHE L 266 22.91 -10.64 -8.38
N LYS L 267 22.87 -9.41 -8.88
CA LYS L 267 21.98 -8.41 -8.38
C LYS L 267 20.61 -8.42 -9.03
N TYR L 268 20.52 -8.94 -10.25
CA TYR L 268 19.28 -8.90 -11.02
C TYR L 268 18.74 -10.29 -11.31
N TYR L 269 19.23 -11.32 -10.62
CA TYR L 269 18.85 -12.68 -10.93
C TYR L 269 17.41 -12.97 -10.57
N ASP L 270 16.88 -12.30 -9.54
CA ASP L 270 15.54 -12.62 -9.07
C ASP L 270 14.48 -12.16 -10.05
N VAL L 271 14.65 -10.95 -10.59
CA VAL L 271 13.66 -10.37 -11.49
C VAL L 271 13.42 -11.29 -12.68
N VAL L 272 14.49 -11.54 -13.43
CA VAL L 272 14.39 -12.38 -14.61
C VAL L 272 13.89 -13.75 -14.25
N ARG L 273 14.21 -14.23 -13.05
CA ARG L 273 13.70 -15.51 -12.60
C ARG L 273 12.18 -15.49 -12.54
N ARG L 274 11.63 -14.42 -11.96
CA ARG L 274 10.18 -14.25 -11.91
C ARG L 274 9.60 -14.29 -13.31
N ILE L 275 10.20 -13.51 -14.20
CA ILE L 275 9.72 -13.44 -15.58
C ILE L 275 9.68 -14.83 -16.21
N VAL L 276 10.79 -15.54 -16.09
CA VAL L 276 10.91 -16.85 -16.71
C VAL L 276 9.86 -17.80 -16.15
N GLU L 277 9.64 -17.75 -14.84
CA GLU L 277 8.59 -18.55 -14.24
C GLU L 277 7.26 -18.26 -14.92
N ASN L 278 6.91 -16.99 -15.03
CA ASN L 278 5.64 -16.62 -15.63
C ASN L 278 5.50 -17.22 -17.01
N GLU L 279 6.53 -17.06 -17.84
CA GLU L 279 6.41 -17.48 -19.23
C GLU L 279 6.35 -19.00 -19.36
N ALA L 280 7.21 -19.69 -18.62
CA ALA L 280 7.20 -21.14 -18.67
C ALA L 280 5.86 -21.68 -18.24
N LYS L 281 5.26 -21.06 -17.23
CA LYS L 281 3.92 -21.48 -16.82
C LYS L 281 2.92 -21.23 -17.92
N TYR L 282 2.97 -20.05 -18.52
CA TYR L 282 2.10 -19.73 -19.64
C TYR L 282 2.18 -20.79 -20.72
N ILE L 283 3.34 -21.42 -20.87
CA ILE L 283 3.53 -22.39 -21.94
C ILE L 283 3.03 -23.75 -21.52
N TRP L 284 3.50 -24.25 -20.38
CA TRP L 284 3.14 -25.58 -19.91
C TRP L 284 1.65 -25.85 -20.02
N ASP L 285 0.83 -24.81 -19.96
CA ASP L 285 -0.62 -24.95 -19.95
C ASP L 285 -1.22 -25.03 -21.34
N GLY L 286 -0.55 -24.48 -22.35
CA GLY L 286 -1.07 -24.47 -23.69
C GLY L 286 -1.65 -23.16 -24.14
N SER L 287 -1.49 -22.10 -23.35
CA SER L 287 -2.12 -20.83 -23.69
C SER L 287 -1.47 -20.20 -24.92
N PHE L 288 -0.14 -20.25 -24.99
CA PHE L 288 0.54 -19.61 -26.10
C PHE L 288 0.14 -20.22 -27.43
N ALA L 289 -0.01 -21.55 -27.47
CA ALA L 289 -0.45 -22.20 -28.68
C ALA L 289 -1.79 -21.64 -29.14
N LYS L 290 -2.70 -21.47 -28.19
CA LYS L 290 -4.00 -20.89 -28.51
C LYS L 290 -3.83 -19.49 -29.08
N GLU L 291 -3.09 -18.65 -28.37
CA GLU L 291 -2.85 -17.29 -28.83
C GLU L 291 -2.36 -17.28 -30.27
N TRP L 292 -1.35 -18.08 -30.56
CA TRP L 292 -0.72 -18.07 -31.87
C TRP L 292 -1.66 -18.59 -32.94
N SER L 293 -2.38 -19.66 -32.64
CA SER L 293 -3.30 -20.22 -33.61
C SER L 293 -4.37 -19.21 -33.98
N LEU L 294 -4.91 -18.52 -32.97
CA LEU L 294 -5.90 -17.50 -33.25
C LEU L 294 -5.33 -16.38 -34.08
N GLU L 295 -4.14 -15.90 -33.70
CA GLU L 295 -3.51 -14.84 -34.47
C GLU L 295 -3.35 -15.23 -35.93
N GLN L 296 -3.11 -16.51 -36.20
CA GLN L 296 -3.17 -16.97 -37.58
C GLN L 296 -4.57 -16.79 -38.15
N GLN L 297 -5.57 -17.21 -37.39
CA GLN L 297 -6.94 -17.24 -37.88
C GLN L 297 -7.53 -15.85 -38.08
N ALA L 298 -6.84 -14.80 -37.63
CA ALA L 298 -7.37 -13.45 -37.74
C ALA L 298 -6.75 -12.65 -38.86
N GLY L 299 -5.52 -12.95 -39.26
CA GLY L 299 -4.90 -12.29 -40.38
C GLY L 299 -3.56 -11.67 -40.07
N TYR L 300 -2.95 -12.12 -38.98
CA TYR L 300 -1.63 -11.67 -38.60
C TYR L 300 -1.54 -10.16 -38.45
N PRO L 301 -2.50 -9.52 -37.80
CA PRO L 301 -2.46 -8.07 -37.66
C PRO L 301 -1.34 -7.58 -36.75
N VAL L 302 -1.28 -8.15 -35.56
CA VAL L 302 -0.29 -7.72 -34.57
C VAL L 302 1.11 -7.93 -35.11
N PHE L 303 1.38 -9.12 -35.62
CA PHE L 303 2.61 -9.40 -36.34
C PHE L 303 2.98 -8.25 -37.25
N TYR L 304 2.02 -7.83 -38.07
CA TYR L 304 2.26 -6.78 -39.05
C TYR L 304 2.64 -5.47 -38.37
N ARG L 305 1.82 -5.03 -37.42
CA ARG L 305 2.06 -3.73 -36.82
C ARG L 305 3.39 -3.70 -36.10
N LEU L 306 3.77 -4.79 -35.47
CA LEU L 306 5.04 -4.81 -34.74
C LEU L 306 6.21 -4.82 -35.71
N TRP L 307 6.15 -5.64 -36.75
CA TRP L 307 7.17 -5.60 -37.76
C TRP L 307 7.33 -4.20 -38.31
N GLU L 308 6.24 -3.45 -38.35
CA GLU L 308 6.33 -2.06 -38.80
C GLU L 308 7.05 -1.20 -37.78
N LEU L 309 6.52 -1.15 -36.56
CA LEU L 309 7.07 -0.29 -35.53
C LEU L 309 8.56 -0.50 -35.35
N ALA L 310 8.98 -1.77 -35.30
CA ALA L 310 10.38 -2.05 -35.08
C ALA L 310 11.25 -1.37 -36.13
N THR L 311 10.88 -1.50 -37.40
CA THR L 311 11.71 -0.98 -38.47
C THR L 311 11.63 0.54 -38.56
N GLN L 312 10.49 1.12 -38.19
CA GLN L 312 10.32 2.56 -38.23
C GLN L 312 10.86 3.23 -37.00
N SER L 313 11.59 2.52 -36.16
CA SER L 313 12.21 3.13 -35.01
C SER L 313 13.47 3.87 -35.41
N GLU L 314 13.93 4.74 -34.51
CA GLU L 314 15.10 5.55 -34.78
C GLU L 314 16.33 4.68 -34.96
N MET L 315 16.54 3.75 -34.03
CA MET L 315 17.71 2.89 -34.07
C MET L 315 17.86 2.23 -35.43
N ALA L 316 16.75 1.77 -36.01
CA ALA L 316 16.82 1.06 -37.27
C ALA L 316 17.25 1.97 -38.41
N LYS L 317 16.70 3.18 -38.44
CA LYS L 317 17.06 4.13 -39.47
C LYS L 317 18.53 4.47 -39.40
N ALA L 318 19.02 4.72 -38.19
CA ALA L 318 20.44 5.02 -38.02
C ALA L 318 21.29 3.85 -38.46
N GLU L 319 20.91 2.63 -38.06
CA GLU L 319 21.60 1.44 -38.52
C GLU L 319 21.64 1.39 -40.03
N LYS L 320 20.56 1.83 -40.67
CA LYS L 320 20.49 1.84 -42.11
C LYS L 320 21.55 2.75 -42.69
N GLU L 321 21.51 4.02 -42.28
CA GLU L 321 22.51 4.98 -42.76
C GLU L 321 23.92 4.42 -42.57
N LEU L 322 24.17 3.81 -41.42
CA LEU L 322 25.52 3.38 -41.10
C LEU L 322 25.95 2.20 -41.95
N TYR L 323 25.24 1.07 -41.82
CA TYR L 323 25.54 -0.10 -42.63
C TYR L 323 25.76 0.28 -44.08
N LYS L 324 25.02 1.28 -44.56
CA LYS L 324 25.28 1.80 -45.89
C LYS L 324 26.67 2.36 -45.99
N LEU L 325 27.10 3.11 -44.97
CA LEU L 325 28.42 3.72 -45.00
C LEU L 325 29.52 2.66 -45.05
N LEU L 326 29.39 1.62 -44.25
CA LEU L 326 30.41 0.59 -44.18
C LEU L 326 30.34 -0.40 -45.33
N GLY L 327 29.45 -0.18 -46.30
CA GLY L 327 29.29 -1.09 -47.40
C GLY L 327 28.49 -2.33 -47.08
N ARG L 328 28.26 -2.62 -45.80
CA ARG L 328 27.44 -3.75 -45.43
C ARG L 328 26.06 -3.64 -46.08
N LYS L 329 25.64 -4.71 -46.74
CA LYS L 329 24.37 -4.70 -47.44
C LYS L 329 23.21 -4.43 -46.49
MG MG M . 5.93 40.52 -3.35
MG MG N . 10.50 40.31 -5.39
PA NAI O . 4.97 51.46 0.43
PA NAI O . 2.68 48.77 3.13
O1A NAI O . 5.60 52.16 1.67
O1A NAI O . 3.99 49.43 3.69
O2A NAI O . 4.51 50.07 0.80
O2A NAI O . 2.08 47.85 4.17
O5B NAI O . 3.68 52.33 -0.12
O5B NAI O . 1.59 49.95 2.75
C5B NAI O . 3.37 53.54 0.54
C5B NAI O . 1.49 51.06 3.57
C4B NAI O . 2.57 54.48 -0.41
C4B NAI O . 0.83 52.22 2.75
O4B NAI O . 1.35 54.02 -0.60
O4B NAI O . -0.34 51.82 2.31
C3B NAI O . 2.39 55.83 0.26
C3B NAI O . 0.59 53.44 3.62
O3B NAI O . 3.21 56.76 -0.33
O3B NAI O . 1.13 54.56 3.03
C2B NAI O . 0.90 56.24 0.06
C2B NAI O . -0.96 53.60 3.71
O2B NAI O . 0.83 57.43 -0.80
O2B NAI O . -1.33 55.01 3.58
C1B NAI O . 0.32 55.27 -0.54
C1B NAI O . -1.43 52.94 2.71
N9A NAI O . -0.87 54.86 0.20
N9A NAI O . -2.68 52.28 3.08
C8A NAI O . -0.82 54.04 1.24
C8A NAI O . -2.74 51.25 3.91
N7A NAI O . -2.07 53.85 1.68
N7A NAI O . -4.01 50.89 4.03
C5A NAI O . -2.88 54.55 0.90
C5A NAI O . -4.73 51.70 3.26
C6A NAI O . -4.26 54.70 0.90
C6A NAI O . -6.09 51.76 3.02
N6A NAI O . -5.27 54.18 1.75
N6A NAI O . -7.19 51.00 3.48
N1A NAI O . -4.84 55.45 0.01
N1A NAI O . -6.56 52.67 2.19
C2A NAI O . -4.10 56.09 -0.92
C2A NAI O . -5.72 53.54 1.60
N3A NAI O . -2.76 55.94 -0.93
N3A NAI O . -4.40 53.48 1.84
C4A NAI O . -2.16 55.17 -0.01
C4A NAI O . -3.92 52.55 2.68
O3 NAI O . 6.11 51.33 -0.81
O3 NAI O . 3.06 47.89 1.75
PN NAI O . 5.89 51.98 -2.35
PN NAI O . 4.43 48.23 0.83
O1N NAI O . 7.06 52.84 -2.69
O1N NAI O . 5.58 47.45 1.37
O2N NAI O . 4.59 52.83 -2.37
O2N NAI O . 4.73 49.75 0.94
O5D NAI O . 5.72 50.73 -3.44
O5D NAI O . 4.16 47.84 -0.77
C5D NAI O . 4.52 50.11 -3.53
C5D NAI O . 4.06 48.88 -1.64
C4D NAI O . 4.33 49.46 -4.94
C4D NAI O . 3.95 48.37 -3.12
O4D NAI O . 5.47 49.07 -5.42
O4D NAI O . 5.11 48.29 -3.66
C3D NAI O . 3.49 48.14 -4.82
C3D NAI O . 3.32 46.94 -3.19
O3D NAI O . 2.95 47.82 -6.00
O3D NAI O . 2.34 46.92 -4.10
C2D NAI O . 4.56 47.14 -4.43
C2D NAI O . 4.43 46.00 -3.64
O2D NAI O . 4.08 45.75 -4.67
O2D NAI O . 3.90 45.12 -4.72
C1D NAI O . 5.56 47.46 -5.22
C1D NAI O . 5.41 46.75 -4.10
N1N NAI O . 6.87 47.13 -4.72
N1N NAI O . 6.68 46.37 -3.55
C2N NAI O . 7.16 47.14 -3.31
C2N NAI O . 6.88 46.46 -2.12
C3N NAI O . 8.59 46.92 -2.79
C3N NAI O . 8.19 45.97 -1.48
C7N NAI O . 8.87 47.23 -1.28
C7N NAI O . 8.23 45.78 0.06
O7N NAI O . 8.25 46.67 -0.42
O7N NAI O . 7.21 45.56 0.66
N7N NAI O . 9.88 48.20 -0.94
N7N NAI O . 9.48 45.87 0.77
C4N NAI O . 9.77 46.76 -3.74
C4N NAI O . 9.30 45.40 -2.33
C5N NAI O . 9.38 46.76 -5.24
C5N NAI O . 9.12 45.58 -3.85
C6N NAI O . 7.92 46.79 -5.67
C6N NAI O . 7.75 45.92 -4.43
H51A NAI O . 4.20 53.97 0.80
H51A NAI O . 2.36 51.32 3.88
H52A NAI O . 2.85 53.34 1.33
H52A NAI O . 0.93 50.85 4.33
H4B NAI O . 3.02 54.58 -1.26
H4B NAI O . 1.40 52.46 2.00
H3B NAI O . 2.58 55.75 1.20
H3B NAI O . 0.96 53.31 4.50
HO3A NAI O . 3.06 57.51 0.02
HO3A NAI O . 1.03 55.22 3.56
H2B NAI O . 0.49 56.41 0.92
H2B NAI O . -1.29 53.24 4.55
HO2A NAI O . 0.93 58.12 -0.32
HO2A NAI O . -2.11 55.12 3.88
H1B NAI O . 0.08 55.55 -1.43
H1B NAI O . -1.58 53.54 1.97
H8A NAI O . -0.35 53.52 1.84
H8A NAI O . -2.34 50.64 4.47
H61A NAI O . -6.07 54.45 1.66
H61A NAI O . -7.07 50.39 4.08
H62A NAI O . -5.08 53.56 2.31
H62A NAI O . -7.98 51.14 3.18
H2A NAI O . -4.51 56.63 -1.54
H2A NAI O . -6.05 54.19 1.02
H51N NAI O . 3.81 50.76 -3.39
H51N NAI O . 4.85 49.43 -1.56
H52N NAI O . 4.46 49.42 -2.84
H52N NAI O . 3.28 49.40 -1.42
H4D NAI O . 3.91 50.07 -5.55
H4D NAI O . 3.40 48.98 -3.63
H3D NAI O . 2.82 48.22 -4.12
H3D NAI O . 2.98 46.66 -2.32
HO3N NAI O . 3.18 47.03 -6.20
HO3N NAI O . 2.51 46.32 -4.66
H2D NAI O . 4.74 47.25 -3.48
H2D NAI O . 4.72 45.45 -2.90
HO2N NAI O . 3.56 45.52 -4.03
HO2N NAI O . 3.39 44.55 -4.37
H1D NAI O . 5.43 47.04 -6.09
H1D NAI O . 5.44 46.70 -5.07
H2N NAI O . 6.55 47.53 -2.73
H2N NAI O . 6.15 46.59 -1.58
H71N NAI O . 10.05 48.37 -0.12
H71N NAI O . 9.49 45.76 1.63
H72N NAI O . 10.33 48.60 -1.56
H72N NAI O . 10.20 46.04 0.34
H4N NAI O . 10.37 47.50 -3.58
H4N NAI O . 10.13 45.83 -2.08
H42N NAI O . 10.21 45.93 -3.53
H42N NAI O . 9.37 44.46 -2.15
H5N NAI O . 10.05 46.65 -5.88
H5N NAI O . 9.81 45.36 -4.42
H6N NAI O . 7.73 46.84 -6.58
H6N NAI O . 7.68 46.11 -5.34
C02 9TY P . 9.72 40.96 -3.40
C03 9TY P . 8.90 41.38 -2.17
C04 9TY P . 7.44 41.81 -2.34
C07 9TY P . 9.66 42.07 -1.04
C08 9TY P . 9.22 40.62 -0.88
O01 9TY P . 9.83 39.74 -3.69
O05 9TY P . 6.98 42.07 -3.49
O06 9TY P . 6.67 41.89 -1.33
O09 9TY P . 10.28 41.84 -4.11
H1 9TY P . 9.17 42.72 -0.52
H2 9TY P . 10.61 42.20 -1.19
H3 9TY P . 9.92 39.96 -0.94
H4 9TY P . 8.47 40.49 -0.28
MG MG Q . 30.42 27.27 10.18
MG MG R . 32.85 23.54 7.91
PA NAI S . 43.20 28.09 5.19
PA NAI S . 41.97 24.91 2.11
O1A NAI S . 43.60 29.20 4.17
O1A NAI S . 42.02 26.42 1.71
O2A NAI S . 42.31 27.07 4.52
O2A NAI S . 41.48 24.10 0.95
O5B NAI S . 44.56 27.34 5.76
O5B NAI S . 43.50 24.41 2.54
C5B NAI S . 45.77 27.61 5.15
C5B NAI S . 44.58 24.96 1.85
C4B NAI S . 46.96 27.24 6.10
C4B NAI S . 45.87 24.77 2.73
O4B NAI S . 47.10 25.94 6.19
O4B NAI S . 46.01 23.50 3.01
C3B NAI S . 48.25 27.75 5.50
C3B NAI S . 47.12 25.17 1.96
O3B NAI S . 48.70 28.86 6.17
O3B NAI S . 47.79 26.16 2.64
C2B NAI S . 49.30 26.60 5.64
C2B NAI S . 48.02 23.91 1.88
O2B NAI S . 50.37 27.04 6.53
O2B NAI S . 49.41 24.26 2.24
C1B NAI S . 48.69 25.61 6.17
C1B NAI S . 47.55 23.10 2.77
N9A NAI S . 48.91 24.40 5.37
N9A NAI S . 47.62 21.72 2.27
C8A NAI S . 48.21 24.13 4.28
C8A NAI S . 46.79 21.27 1.34
N7A NAI S . 48.64 22.97 3.78
N7A NAI S . 47.10 19.99 1.11
C5A NAI S . 49.60 22.52 4.59
C5A NAI S . 48.11 19.67 1.92
C6A NAI S . 50.37 21.38 4.54
C6A NAI S . 48.80 18.49 2.09
N6A NAI S . 50.41 20.29 3.64
N6A NAI S . 48.69 17.22 1.49
N1A NAI S . 51.27 21.16 5.46
N1A NAI S . 49.78 18.44 2.97
C2A NAI S . 51.45 22.05 6.46
C2A NAI S . 50.10 19.53 3.69
N3A NAI S . 50.70 23.17 6.50
N3A NAI S . 49.43 20.68 3.52
C4A NAI S . 49.77 23.40 5.55
C4A NAI S . 48.43 20.74 2.63
O3 NAI S . 42.37 28.79 6.48
O3 NAI S . 40.94 24.72 3.42
PN NAI S . 43.03 28.97 8.01
PN NAI S . 40.53 26.00 4.43
O1N NAI S . 43.12 30.42 8.36
O1N NAI S . 39.37 26.74 3.85
O2N NAI S . 44.47 28.35 8.03
O2N NAI S . 41.76 26.96 4.53
O5D NAI S . 42.09 28.14 9.12
O5D NAI S . 40.16 25.44 5.96
C5D NAI S . 42.05 26.78 9.02
C5D NAI S . 41.10 25.65 6.92
C4D NAI S . 41.58 26.13 10.35
C4D NAI S . 40.64 25.08 8.30
O4D NAI S . 40.76 26.90 11.00
O4D NAI S . 40.05 26.00 8.99
C3D NAI S . 40.73 24.86 10.04
C3D NAI S . 39.61 23.90 8.14
O3D NAI S . 40.72 24.04 11.09
O3D NAI S . 40.04 22.86 8.85
C2D NAI S . 39.34 25.44 9.81
C2D NAI S . 38.29 24.39 8.74
O2D NAI S . 38.31 24.37 10.00
O2D NAI S . 37.79 23.38 9.71
C1D NAI S . 39.25 26.37 10.73
C1D NAI S . 38.54 25.53 9.35
N1N NAI S . 38.47 27.51 10.33
N1N NAI S . 37.65 26.56 8.89
C2N NAI S . 38.81 28.22 9.12
C2N NAI S . 37.74 26.99 7.51
C3N NAI S . 37.85 29.25 8.51
C3N NAI S . 36.62 27.84 6.90
C7N NAI S . 38.06 29.67 7.03
C7N NAI S . 36.58 28.04 5.36
O7N NAI S . 38.83 29.08 6.35
O7N NAI S . 36.76 27.10 4.63
N7N NAI S . 37.33 30.78 6.49
N7N NAI S . 36.32 29.34 4.82
C4N NAI S . 36.64 29.73 9.30
C4N NAI S . 35.56 28.47 7.77
C5N NAI S . 36.58 29.23 10.75
C5N NAI S . 35.75 28.26 9.29
C6N NAI S . 37.37 27.97 11.17
C6N NAI S . 36.69 27.16 9.80
H51A NAI S . 45.82 28.56 4.93
H51A NAI S . 44.42 25.89 1.69
H52A NAI S . 45.84 27.09 4.33
H52A NAI S . 44.69 24.49 1.01
H4B NAI S . 46.83 27.62 6.98
H4B NAI S . 45.80 25.29 3.53
H3B NAI S . 48.11 27.94 4.56
H3B NAI S . 46.88 25.47 1.06
HO3A NAI S . 49.51 28.98 5.98
HO3A NAI S . 48.57 25.89 2.82
H2B NAI S . 49.65 26.36 4.77
H2B NAI S . 47.98 23.53 0.99
HO2A NAI S . 51.08 26.59 6.36
HO2A NAI S . 49.69 24.86 1.69
H1B NAI S . 49.01 25.48 7.07
H1B NAI S . 48.06 23.19 3.59
H8A NAI S . 47.56 24.34 3.66
H8A NAI S . 46.10 21.38 0.75
H61A NAI S . 51.03 19.69 3.71
H61A NAI S . 48.13 17.09 0.86
H62A NAI S . 49.81 20.21 3.03
H62A NAI S . 49.18 16.57 1.77
H2A NAI S . 52.09 21.90 7.11
H2A NAI S . 50.79 19.49 4.31
H51N NAI S . 42.95 26.47 8.81
H51N NAI S . 41.27 26.59 7.00
H52N NAI S . 41.46 26.54 8.30
H52N NAI S . 41.91 25.20 6.65
H4D NAI S . 42.33 25.89 10.91
H4D NAI S . 41.41 24.75 8.80
H3D NAI S . 41.04 24.42 9.24
H3D NAI S . 39.49 23.67 7.21
HO3N NAI S . 39.93 24.03 11.44
HO3N NAI S . 39.71 22.90 9.63
H2D NAI S . 39.28 25.78 8.91
H2D NAI S . 37.64 24.51 8.04
HO2N NAI S . 38.46 23.75 9.44
HO2N NAI S . 37.24 22.88 9.31
H1D NAI S . 38.90 26.00 11.55
H1D NAI S . 38.45 25.41 10.30
H2N NAI S . 39.49 27.88 8.59
H2N NAI S . 38.31 26.53 6.94
H71N NAI S . 36.78 31.22 6.98
H71N NAI S . 36.30 29.46 3.97
H72N NAI S . 37.44 31.02 5.68
H72N NAI S . 36.20 30.00 5.36
H4N NAI S . 36.67 30.70 9.32
H4N NAI S . 35.57 29.44 7.61
H42N NAI S . 35.84 29.45 8.83
H42N NAI S . 34.70 28.12 7.53
H5N NAI S . 36.08 29.68 11.38
H5N NAI S . 35.16 28.66 9.88
H6N NAI S . 37.34 27.70 12.06
H6N NAI S . 36.84 27.08 10.71
C02 9TY T . 31.48 27.09 8.23
C03 9TY T . 32.31 26.68 7.00
C04 9TY T . 33.36 25.56 7.12
C07 9TY T . 32.63 27.78 5.99
C08 9TY T . 31.56 26.74 5.66
O01 9TY T . 31.95 27.90 9.06
O05 9TY T . 33.84 25.03 6.08
O06 9TY T . 33.73 25.16 8.26
O09 9TY T . 30.33 26.60 8.41
H1 9TY T . 33.46 27.69 5.50
H2 9TY T . 32.28 28.67 6.21
H3 9TY T . 30.64 27.05 5.71
H4 9TY T . 31.83 26.08 5.00
MG MG U . -27.90 26.29 -15.18
MG MG V . -30.54 22.96 -17.82
PA NAI W . -30.96 36.64 -19.66
PA NAI W . -26.67 36.86 -18.09
O1A NAI W . -30.63 37.35 -21.01
O1A NAI W . -26.92 36.94 -19.63
O2A NAI W . -29.71 36.04 -19.08
O2A NAI W . -25.18 36.91 -17.82
O5B NAI W . -31.59 37.74 -18.59
O5B NAI W . -27.40 38.14 -17.36
C5B NAI W . -31.60 39.08 -18.96
C5B NAI W . -27.33 39.39 -17.95
C4B NAI W . -32.64 39.87 -18.09
C4B NAI W . -28.42 40.32 -17.30
O4B NAI W . -32.19 40.04 -16.87
O4B NAI W . -28.17 40.43 -16.02
C3B NAI W . -32.82 41.26 -18.65
C3B NAI W . -28.38 41.73 -17.88
O3B NAI W . -34.00 41.35 -19.33
O3B NAI W . -29.61 42.07 -18.35
C2B NAI W . -32.83 42.24 -17.44
C2B NAI W . -27.98 42.66 -16.69
O2B NAI W . -34.17 42.84 -17.32
O2B NAI W . -28.81 43.87 -16.70
C1B NAI W . -32.59 41.54 -16.39
C1B NAI W . -28.25 42.00 -15.63
N9A NAI W . -31.49 42.12 -15.64
N9A NAI W . -27.26 42.27 -14.59
C8A NAI W . -30.22 41.88 -15.94
C8A NAI W . -26.01 41.84 -14.65
N7A NAI W . -29.46 42.54 -15.07
N7A NAI W . -25.37 42.26 -13.57
C5A NAI W . -30.26 43.19 -14.24
C5A NAI W . -26.24 42.95 -12.83
C6A NAI W . -30.00 44.04 -13.18
C6A NAI W . -26.11 43.59 -11.62
N6A NAI W . -28.80 44.47 -12.58
N6A NAI W . -25.03 43.75 -10.73
N1A NAI W . -30.98 44.57 -12.51
N1A NAI W . -27.14 44.21 -11.10
C2A NAI W . -32.26 44.31 -12.86
C2A NAI W . -28.33 44.21 -11.75
N3A NAI W . -32.52 43.49 -13.90
N3A NAI W . -28.46 43.59 -12.93
C4A NAI W . -31.51 42.94 -14.59
C4A NAI W . -27.40 42.96 -13.46
O3 NAI W . -32.09 35.42 -19.93
O3 NAI W . -27.31 35.43 -17.49
PN NAI W . -33.61 35.40 -19.21
PN NAI W . -28.52 34.59 -18.29
O1N NAI W . -34.66 35.26 -20.29
O1N NAI W . -27.91 33.62 -19.25
O2N NAI W . -33.84 36.72 -18.44
O2N NAI W . -29.40 35.61 -19.08
O5D NAI W . -33.70 34.13 -18.14
O5D NAI W . -29.49 33.78 -17.20
C5D NAI W . -33.09 34.27 -16.93
C5D NAI W . -30.75 34.26 -17.03
C4D NAI W . -33.75 33.36 -15.85
C4D NAI W . -31.57 33.36 -16.04
O4D NAI W . -34.27 32.30 -16.37
O4D NAI W . -32.26 32.48 -16.69
C3D NAI W . -32.66 32.82 -14.87
C3D NAI W . -30.65 32.57 -15.05
O3D NAI W . -33.22 32.44 -13.71
O3D NAI W . -31.09 32.72 -13.81
C2D NAI W . -32.14 31.60 -15.61
C2D NAI W . -30.77 31.10 -15.45
O2D NAI W . -31.45 30.67 -14.67
O2D NAI W . -30.97 30.29 -14.22
C1D NAI W . -33.25 31.06 -16.10
C1D NAI W . -31.82 30.99 -16.24
N1N NAI W . -33.07 30.38 -17.37
N1N NAI W . -31.50 30.25 -17.43
C2N NAI W . -32.32 31.01 -18.42
C2N NAI W . -30.51 30.78 -18.34
C3N NAI W . -32.18 30.36 -19.81
C3N NAI W . -30.05 29.99 -19.56
C7N NAI W . -31.06 30.94 -20.73
C7N NAI W . -28.73 30.41 -20.27
O7N NAI W . -30.25 31.70 -20.30
O7N NAI W . -27.86 30.94 -19.65
N7N NAI W . -31.01 30.54 -22.11
N7N NAI W . -28.56 30.16 -21.67
C4N NAI W . -32.70 28.96 -20.05
C4N NAI W . -30.67 28.63 -19.88
C5N NAI W . -33.67 28.44 -18.97
C5N NAI W . -31.90 28.27 -19.02
C6N NAI W . -33.69 29.08 -17.57
C6N NAI W . -32.18 29.00 -17.71
H51A NAI W . -30.71 39.46 -18.83
H51A NAI W . -27.49 39.31 -18.90
H52A NAI W . -31.84 39.16 -19.90
H52A NAI W . -26.45 39.77 -17.80
H4B NAI W . -33.49 39.40 -18.08
H4B NAI W . -29.30 39.94 -17.44
H3B NAI W . -32.07 41.48 -19.21
H3B NAI W . -27.71 41.78 -18.57
HO3A NAI W . -34.18 42.17 -19.45
HO3A NAI W . -29.56 42.82 -18.74
H2B NAI W . -32.17 42.92 -17.55
H2B NAI W . -27.04 42.89 -16.74
HO2A NAI W . -34.13 43.64 -17.60
HO2A NAI W . -29.05 44.05 -17.50
H1B NAI W . -33.40 41.50 -15.84
H1B NAI W . -29.13 42.21 -15.31
H8A NAI W . -29.57 41.46 -16.45
H8A NAI W . -25.33 41.39 -15.09
H61A NAI W . -28.05 44.12 -12.82
H61A NAI W . -24.24 43.46 -10.95
H62A NAI W . -28.82 45.10 -11.98
H62A NAI W . -25.14 44.15 -9.98
H2A NAI W . -32.96 44.69 -12.38
H2A NAI W . -29.06 44.65 -11.38
H51N NAI W . -33.16 35.19 -16.65
H51N NAI W . -31.19 34.28 -17.89
H52N NAI W . -32.15 34.03 -17.02
H52N NAI W . -30.70 35.16 -16.68
H4D NAI W . -34.42 33.85 -15.35
H4D NAI W . -32.18 33.91 -15.53
H3D NAI W . -31.96 33.46 -14.74
H3D NAI W . -29.73 32.86 -15.13
HO3N NAI W . -33.07 31.62 -13.58
HO3N NAI W . -31.36 31.96 -13.52
H2D NAI W . -31.51 31.89 -16.28
H2D NAI W . -29.95 30.80 -15.88
HO2N NAI W . -30.68 30.99 -14.49
HO2N NAI W . -30.22 30.11 -13.88
H1D NAI W . -33.64 30.47 -15.45
H1D NAI W . -32.55 30.57 -15.76
H2N NAI W . -31.91 31.82 -18.26
H2N NAI W . -29.99 31.49 -18.05
H71N NAI W . -30.40 30.86 -22.62
H71N NAI W . -27.84 30.39 -22.07
H72N NAI W . -31.59 29.99 -22.42
H72N NAI W . -29.19 29.78 -22.12
H4N NAI W . -33.16 28.96 -20.90
H4N NAI W . -30.94 28.63 -20.80
H42N NAI W . -31.94 28.36 -20.10
H42N NAI W . -30.00 27.96 -19.74
H5N NAI W . -34.25 27.75 -19.16
H5N NAI W . -32.33 27.46 -19.18
H6N NAI W . -34.34 28.80 -16.97
H6N NAI W . -32.95 28.80 -17.24
C02 9TY X . -29.18 24.64 -18.37
C03 9TY X . -28.26 25.87 -18.44
C04 9TY X . -28.26 26.89 -17.29
C07 9TY X . -27.99 26.44 -19.83
C08 9TY X . -26.91 25.64 -19.12
O01 9TY X . -28.73 23.55 -17.95
O05 9TY X . -29.19 26.88 -16.43
O06 9TY X . -27.33 27.74 -17.20
O09 9TY X . -30.39 24.74 -18.73
H1 9TY X . -27.82 27.39 -19.89
H2 9TY X . -28.42 25.98 -20.57
H3 9TY X . -26.75 24.75 -19.46
H4 9TY X . -26.17 26.17 -18.77
MG MG Y . -15.85 8.93 -37.92
MG MG Z . -16.07 3.93 -37.68
PA NAI AA . -23.43 0.96 -46.13
PA NAI AA . -23.78 -1.98 -42.72
O1A NAI AA . -24.99 1.11 -46.20
O1A NAI AA . -24.97 -1.00 -42.97
O2A NAI AA . -23.04 0.45 -44.77
O2A NAI AA . -24.06 -2.84 -41.53
O5B NAI AA . -22.93 -0.12 -47.28
O5B NAI AA . -23.56 -2.93 -44.05
C5B NAI AA . -23.88 -0.74 -48.08
C5B NAI AA . -24.68 -3.43 -44.71
C4B NAI AA . -23.22 -1.26 -49.40
C4B NAI AA . -24.24 -3.91 -46.14
O4B NAI AA . -22.45 -2.29 -49.14
O4B NAI AA . -23.31 -4.83 -46.00
C3B NAI AA . -24.28 -1.80 -50.33
C3B NAI AA . -25.39 -4.54 -46.89
O3B NAI AA . -24.53 -0.91 -51.34
O3B NAI AA . -25.54 -3.93 -48.11
C2B NAI AA . -23.73 -3.13 -50.93
C2B NAI AA . -25.00 -6.04 -47.10
O2B NAI AA . -23.48 -2.96 -52.36
O2B NAI AA . -25.34 -6.48 -48.46
C1B NAI AA . -22.63 -3.37 -50.33
C1B NAI AA . -23.72 -6.08 -46.96
N9A NAI AA . -22.65 -4.72 -49.75
N9A NAI AA . -23.32 -7.31 -46.33
C8A NAI AA . -23.18 -4.98 -48.57
C8A NAI AA . -23.55 -7.59 -45.06
N7A NAI AA . -23.03 -6.28 -48.33
N7A NAI AA . -23.05 -8.80 -44.78
C5A NAI AA . -22.40 -6.82 -49.37
C5A NAI AA . -22.50 -9.26 -45.90
C6A NAI AA . -22.01 -8.11 -49.63
C6A NAI AA . -21.85 -10.44 -46.19
N6A NAI AA . -22.11 -9.32 -48.90
N6A NAI AA . -21.53 -11.57 -45.40
N1A NAI AA . -21.40 -8.40 -50.75
N1A NAI AA . -21.39 -10.66 -47.40
C2A NAI AA . -21.16 -7.43 -51.66
C2A NAI AA . -21.56 -9.73 -48.36
N3A NAI AA . -21.54 -6.16 -51.40
N3A NAI AA . -22.19 -8.57 -48.08
C4A NAI AA . -22.16 -5.87 -50.25
C4A NAI AA . -22.66 -8.35 -46.85
O3 NAI AA . -22.71 2.45 -46.40
O3 NAI AA . -22.39 -1.08 -42.45
PN NAI AA . -21.62 2.75 -47.65
PN NAI AA . -22.22 0.50 -43.01
O1N NAI AA . -22.13 3.90 -48.47
O1N NAI AA . -22.74 1.45 -41.98
O2N NAI AA . -21.50 1.49 -48.56
O2N NAI AA . -23.05 0.65 -44.32
O5D NAI AA . -20.12 3.10 -47.02
O5D NAI AA . -20.62 0.83 -43.35
C5D NAI AA . -19.38 2.05 -46.55
C5D NAI AA . -20.29 0.98 -44.66
C4D NAI AA . -17.86 2.39 -46.57
C4D NAI AA . -18.80 1.43 -44.83
O4D NAI AA . -17.65 3.65 -46.35
O4D NAI AA . -18.73 2.73 -44.90
C3D NAI AA . -17.14 1.67 -45.39
C3D NAI AA . -17.92 0.99 -43.61
O3D NAI AA . -15.83 1.55 -45.63
O3D NAI AA . -16.82 0.38 -44.07
C2D NAI AA . -17.37 2.63 -44.23
C2D NAI AA . -17.50 2.26 -42.89
O2D NAI AA . -16.40 2.39 -43.14
O2D NAI AA . -16.04 2.22 -42.62
C1D NAI AA . -17.21 3.81 -44.80
C1D NAI AA . -17.78 3.27 -43.69
N1N NAI AA . -18.00 4.88 -44.23
N1N NAI AA . -18.51 4.30 -43.00
C2N NAI AA . -19.37 4.65 -43.84
C2N NAI AA . -19.82 4.00 -42.47
C3N NAI AA . -20.31 5.79 -43.46
C3N NAI AA . -20.59 5.01 -41.61
C7N NAI AA . -21.68 5.39 -42.85
C7N NAI AA . -21.81 4.52 -40.79
O7N NAI AA . -21.93 4.23 -42.66
O7N NAI AA . -21.86 3.38 -40.41
N7N NAI AA . -22.65 6.39 -42.52
N7N NAI AA . -22.90 5.41 -40.52
C4N NAI AA . -19.75 7.18 -43.22
C4N NAI AA . -20.00 6.39 -41.35
C5N NAI AA . -18.32 7.40 -43.73
C5N NAI AA . -18.75 6.73 -42.18
C6N NAI AA . -17.42 6.21 -44.08
C6N NAI AA . -17.95 5.63 -42.86
H51A NAI AA . -24.58 -0.09 -48.30
H51A NAI AA . -25.36 -2.75 -44.78
H52A NAI AA . -24.28 -1.48 -47.60
H52A NAI AA . -25.03 -4.19 -44.21
H4B NAI AA . -22.72 -0.56 -49.84
H4B NAI AA . -23.90 -3.16 -46.63
H3B NAI AA . -25.09 -1.98 -49.84
H3B NAI AA . -26.21 -4.48 -46.38
HO3A NAI AA . -24.99 -1.30 -51.94
HO3A NAI AA . -26.26 -4.21 -48.47
H2B NAI AA . -24.36 -3.85 -50.77
H2B NAI AA . -25.44 -6.59 -46.45
HO2A NAI AA . -24.14 -3.25 -52.80
HO2A NAI AA . -25.94 -5.97 -48.78
H1B NAI AA . -21.91 -3.29 -50.97
H1B NAI AA . -23.29 -5.98 -47.83
H8A NAI AA . -23.61 -4.71 -47.80
H8A NAI AA . -23.91 -7.36 -44.23
H61A NAI AA . -21.90 -10.06 -49.26
H61A NAI AA . -21.81 -11.62 -44.58
H62A NAI AA . -22.40 -9.30 -48.08
H62A NAI AA . -21.06 -12.22 -45.73
H2A NAI AA . -20.72 -7.63 -52.45
H2A NAI AA . -21.23 -9.88 -49.21
H51N NAI AA . -19.55 1.28 -47.10
H51N NAI AA . -20.88 1.63 -45.06
H52N NAI AA . -19.66 1.85 -45.64
H52N NAI AA . -20.42 0.13 -45.11
H4D NAI AA . -17.46 2.14 -47.41
H4D NAI AA . -18.44 1.06 -45.64
H3D NAI AA . -17.55 0.82 -45.20
H3D NAI AA . -18.41 0.41 -43.02
HO3N NAI AA . -15.39 1.90 -44.99
HO3N NAI AA . -16.14 0.83 -43.84
H2D NAI AA . -18.27 2.48 -43.89
H2D NAI AA . -17.99 2.33 -42.05
HO2N NAI AA . -16.65 1.71 -42.69
HO2N NAI AA . -15.91 1.70 -41.96
H1D NAI AA . -16.27 4.05 -44.76
H1D NAI AA . -16.97 3.63 -44.07
H2N NAI AA . -19.72 3.80 -43.96
H2N NAI AA . -20.09 3.10 -42.45
H71N NAI AA . -22.48 7.22 -42.65
H71N NAI AA . -23.58 5.14 -40.08
H72N NAI AA . -23.41 6.15 -42.18
H72N NAI AA . -22.86 6.22 -40.80
H4N NAI AA . -20.33 7.82 -43.66
H4N NAI AA . -20.69 7.04 -41.55
H42N NAI AA . -19.76 7.34 -42.25
H42N NAI AA . -19.78 6.46 -40.42
H5N NAI AA . -17.98 8.26 -43.82
H5N NAI AA . -18.40 7.58 -42.12
H6N NAI AA . -16.59 6.38 -44.47
H6N NAI AA . -17.25 5.87 -43.42
C02 9TY BA . -17.53 7.45 -37.77
C03 9TY BA . -18.45 6.23 -37.72
C04 9TY BA . -17.98 4.89 -38.31
C07 9TY BA . -19.95 6.51 -37.81
C08 9TY BA . -19.33 6.13 -36.47
O01 9TY BA . -16.81 7.74 -36.77
O05 9TY BA . -16.96 4.86 -39.06
O06 9TY BA . -18.60 3.83 -38.04
O09 9TY BA . -17.49 8.17 -38.81
H1 9TY BA . -20.50 5.81 -38.22
H2 9TY BA . -20.21 7.43 -37.90
H3 9TY BA . -19.25 6.85 -35.83
H4 9TY BA . -19.52 5.23 -36.17
MG MG CA . -19.86 28.28 22.36
MG MG DA . -19.25 26.07 26.81
PA NAI EA . -28.25 36.04 24.09
PA NAI EA . -28.46 34.53 19.84
O1A NAI EA . -29.71 35.89 24.64
O1A NAI EA . -29.60 34.12 20.82
O2A NAI EA . -28.08 35.18 22.88
O2A NAI EA . -28.68 33.88 18.50
O5B NAI EA . -27.96 37.62 23.70
O5B NAI EA . -28.45 36.17 19.66
C5B NAI EA . -29.05 38.48 23.58
C5B NAI EA . -29.67 36.85 19.57
C4B NAI EA . -28.58 39.96 23.78
C4B NAI EA . -29.41 38.36 19.87
O4B NAI EA . -27.85 40.36 22.77
O4B NAI EA . -28.56 38.83 18.99
C3B NAI EA . -29.78 40.89 23.82
C3B NAI EA . -30.68 39.18 19.72
O3B NAI EA . -30.03 41.30 25.10
O3B NAI EA . -30.91 39.91 20.85
C2B NAI EA . -29.42 42.11 22.93
C2B NAI EA . -30.44 40.14 18.51
O2B NAI EA . -29.31 43.31 23.79
O2B NAI EA . -30.96 41.49 18.82
C1B NAI EA . -28.27 41.89 22.43
C1B NAI EA . -29.16 40.21 18.40
N9A NAI EA . -28.32 42.06 20.98
N9A NAI EA . -28.79 40.33 16.99
C8A NAI EA . -28.71 41.10 20.15
C8A NAI EA . -28.91 39.34 16.13
N7A NAI EA . -28.64 41.55 18.91
N7A NAI EA . -28.48 39.76 14.94
C5A NAI EA . -28.18 42.80 18.96
C5A NAI EA . -28.09 41.03 15.09
C6A NAI EA . -27.93 43.72 17.97
C6A NAI EA . -27.57 41.94 14.20
N6A NAI EA . -28.04 43.66 16.55
N6A NAI EA . -27.26 41.86 12.81
N1A NAI EA . -27.48 44.92 18.27
N1A NAI EA . -27.27 43.14 14.60
C2A NAI EA . -27.28 45.24 19.56
C2A NAI EA . -27.46 43.49 15.88
N3A NAI EA . -27.54 44.34 20.54
N3A NAI EA . -27.97 42.61 16.76
C4A NAI EA . -27.98 43.12 20.23
C4A NAI EA . -28.28 41.38 16.35
O3 NAI EA . -27.16 35.56 25.28
O3 NAI EA . -26.98 34.04 20.48
PN NAI EA . -26.45 36.64 26.35
PN NAI EA . -26.77 33.76 22.11
O1N NAI EA . -27.08 36.50 27.69
O1N NAI EA . -27.10 32.33 22.42
O2N NAI EA . -26.65 38.10 25.83
O2N NAI EA . -27.72 34.70 22.91
O5D NAI EA . -24.81 36.33 26.41
O5D NAI EA . -25.20 34.09 22.56
C5D NAI EA . -24.10 36.49 25.26
C5D NAI EA . -24.99 35.18 23.34
C4D NAI EA . -22.57 36.49 25.54
C4D NAI EA . -23.49 35.30 23.78
O4D NAI EA . -22.26 35.69 26.51
O4D NAI EA . -23.32 34.73 24.94
C3D NAI EA . -21.81 35.92 24.30
C3D NAI EA . -22.52 34.59 22.78
O3D NAI EA . -20.53 36.35 24.28
O3D NAI EA . -21.54 35.43 22.43
C2D NAI EA . -21.86 34.42 24.54
C2D NAI EA . -21.92 33.40 23.52
O2D NAI EA . -20.81 33.73 23.75
O2D NAI EA . -20.45 33.41 23.33
C1D NAI EA . -21.66 34.33 25.85
C1D NAI EA . -22.21 33.55 24.80
N1N NAI EA . -22.30 33.20 26.49
N1N NAI EA . -22.79 32.37 25.35
C2N NAI EA . -23.62 32.77 26.07
C2N NAI EA . -24.05 31.89 24.83
C3N NAI EA . -24.41 31.74 26.88
C3N NAI EA . -24.64 30.55 25.30
C7N NAI EA . -25.72 31.20 26.22
C7N NAI EA . -25.81 29.93 24.48
O7N NAI EA . -25.98 31.50 25.10
O7N NAI EA . -25.89 30.15 23.31
N7N NAI EA . -26.60 30.34 26.96
N7N NAI EA . -26.79 29.12 25.14
C4N NAI EA . -23.75 30.94 27.99
C4N NAI EA . -23.94 29.71 26.35
C5N NAI EA . -22.38 31.50 28.44
C5N NAI EA . -22.75 30.41 27.04
C6N NAI EA . -21.62 32.52 27.58
C6N NAI EA . -22.11 31.66 26.42
H51A NAI EA . -29.70 38.26 24.25
H51A NAI EA . -30.29 36.48 20.20
H52A NAI EA . -29.44 38.39 22.70
H52A NAI EA . -30.02 36.75 18.67
H4B NAI EA . -28.08 40.05 24.61
H4B NAI EA . -29.07 38.46 20.76
H3B NAI EA . -30.56 40.43 23.45
H3B NAI EA . -31.44 38.60 19.53
HO3A NAI EA . -30.56 41.96 25.06
HO3A NAI EA . -31.67 40.29 20.81
H2B NAI EA . -30.08 42.24 22.24
H2B NAI EA . -30.85 39.79 17.72
HO2A NAI EA . -30.04 43.74 23.73
HO2A NAI EA . -31.57 41.43 19.41
H1B NAI EA . -27.63 42.51 22.80
H1B NAI EA . -28.83 40.97 18.90
H8A NAI EA . -29.03 40.24 20.00
H8A NAI EA . -29.15 38.47 15.92
H61A NAI EA . -28.23 42.93 16.17
H61A NAI EA . -27.46 41.14 12.37
H62A NAI EA . -27.92 44.37 16.09
H62A NAI EA . -26.89 42.52 12.41
H2A NAI EA . -26.96 46.09 19.78
H2A NAI EA . -27.25 44.35 16.17
H51N NAI EA . -24.31 35.76 24.66
H51N NAI EA . -25.55 35.12 24.12
H52N NAI EA . -24.35 37.33 24.86
H52N NAI EA . -25.22 35.97 22.83
H4D NAI EA . -22.25 37.39 25.75
H4D NAI EA . -23.24 36.23 23.85
H3D NAI EA . -22.27 36.14 23.48
H3D NAI EA . -23.00 34.28 22.00
HO3N NAI EA . -20.01 35.68 24.23
HO3N NAI EA . -20.81 35.10 22.71
H2D NAI EA . -22.72 34.10 24.25
H2D NAI EA . -22.28 32.57 23.17
HO2N NAI EA . -21.07 33.66 22.95
HO2N NAI EA . -20.28 33.10 22.55
H1D NAI EA . -20.70 34.30 26.02
H1D NAI EA . -21.42 33.80 25.29
H2N NAI EA . -24.04 33.23 25.39
H2N NAI EA . -24.37 32.27 24.06
H71N NAI EA . -26.41 30.12 27.77
H71N NAI EA . -27.44 28.78 24.69
H72N NAI EA . -27.32 30.04 26.59
H72N NAI EA . -26.73 28.97 25.98
H4N NAI EA . -24.34 30.94 28.75
H4N NAI EA . -24.58 29.48 27.03
H42N NAI EA . -23.62 30.04 27.68
H42N NAI EA . -23.61 28.90 25.93
H5N NAI EA . -21.99 31.20 29.22
H5N NAI EA . -22.32 29.98 27.75
H6N NAI EA . -20.84 32.91 27.92
H6N NAI EA . -21.43 32.09 26.90
C02 9TY FA . -21.02 26.43 25.48
C03 9TY FA . -22.03 26.85 24.41
C04 9TY FA . -21.73 28.08 23.53
C07 9TY FA . -23.50 26.58 24.71
C08 9TY FA . -22.76 25.70 23.71
O01 9TY FA . -20.17 25.53 25.23
O05 9TY FA . -22.41 28.28 22.49
O06 9TY FA . -20.83 28.89 23.86
O09 9TY FA . -21.03 26.98 26.62
H1 9TY FA . -24.14 27.19 24.33
H2 9TY FA . -23.69 26.17 25.57
H3 9TY FA . -22.57 24.81 24.03
H4 9TY FA . -23.02 25.85 22.79
MG MG GA . -30.32 -0.10 29.14
MG MG HA . -27.15 -3.66 30.68
PA NAI IA . -29.97 -5.46 41.74
PA NAI IA . -25.56 -6.21 41.23
O1A NAI IA . -29.73 -4.58 43.02
O1A NAI IA . -26.02 -4.96 42.06
O2A NAI IA . -28.72 -5.50 40.91
O2A NAI IA . -24.05 -6.23 41.14
O5B NAI IA . -30.36 -7.00 42.21
O5B NAI IA . -26.07 -7.58 41.98
C5B NAI IA . -30.37 -7.30 43.57
C5B NAI IA . -26.00 -7.66 43.37
C4B NAI IA . -31.24 -8.58 43.84
C4B NAI IA . -26.95 -8.82 43.86
O4B NAI IA . -30.62 -9.66 43.39
O4B NAI IA . -26.54 -9.95 43.32
C3B NAI IA . -31.42 -8.80 45.32
C3B NAI IA . -26.87 -9.01 45.36
O3B NAI IA . -32.67 -8.44 45.71
O3B NAI IA . -28.13 -8.95 45.90
C2B NAI IA . -31.19 -10.32 45.58
C2B NAI IA . -26.27 -10.42 45.59
O2B NAI IA . -32.45 -10.92 46.04
O2B NAI IA . -26.98 -11.13 46.67
C1B NAI IA . -30.88 -10.85 44.46
C1B NAI IA . -26.47 -11.05 44.48
N9A NAI IA . -29.65 -11.63 44.59
N9A NAI IA . -25.37 -11.96 44.21
C8A NAI IA . -28.44 -11.11 44.50
C8A NAI IA . -24.16 -11.55 43.86
N7A NAI IA . -27.54 -12.07 44.66
N7A NAI IA . -23.38 -12.62 43.69
C5A NAI IA . -28.21 -13.21 44.85
C5A NAI IA . -24.13 -13.69 43.92
C6A NAI IA . -27.78 -14.51 45.06
C6A NAI IA . -23.84 -15.04 43.88
N6A NAI IA . -26.48 -15.09 45.14
N6A NAI IA . -22.65 -15.75 43.58
N1A NAI IA . -28.64 -15.47 45.20
N1A NAI IA . -24.76 -15.91 44.18
C2A NAI IA . -29.97 -15.21 45.17
C2A NAI IA . -26.01 -15.50 44.51
N3A NAI IA . -30.39 -13.94 44.96
N3A NAI IA . -26.30 -14.18 44.55
C4A NAI IA . -29.50 -12.96 44.80
C4A NAI IA . -25.34 -13.30 44.25
O3 NAI IA . -31.23 -4.82 40.83
O3 NAI IA . -26.23 -6.13 39.69
PN NAI IA . -32.66 -5.64 40.52
PN NAI IA . -27.61 -5.25 39.37
O1N NAI IA . -33.81 -4.82 41.00
O1N NAI IA . -27.23 -3.84 38.99
O2N NAI IA . -32.66 -7.01 41.27
O2N NAI IA . -28.49 -5.21 40.65
O5D NAI IA . -32.78 -5.93 38.88
O5D NAI IA . -28.48 -5.95 38.14
C5D NAI IA . -32.03 -6.95 38.37
C5D NAI IA . -29.67 -6.53 38.47
C4D NAI IA . -32.65 -7.46 37.02
C4D NAI IA . -30.45 -7.02 37.21
O4D NAI IA . -33.23 -6.50 36.38
O4D NAI IA . -31.28 -6.10 36.81
C3D NAI IA . -31.51 -7.94 36.07
C3D NAI IA . -29.50 -7.33 36.01
O3D NAI IA . -31.99 -8.78 35.13
O3D NAI IA . -29.79 -8.54 35.51
C2D NAI IA . -31.07 -6.63 35.43
C2D NAI IA . -29.79 -6.28 34.95
O2D NAI IA . -30.30 -6.87 34.19
O2D NAI IA . -29.93 -6.95 33.63
C1D NAI IA . -32.24 -6.04 35.18
C1D NAI IA . -30.92 -5.69 35.29
N1N NAI IA . -32.20 -4.60 35.16
N1N NAI IA . -30.79 -4.26 35.23
C2N NAI IA . -31.31 -3.86 36.00
C2N NAI IA . -29.88 -3.60 36.13
C3N NAI IA . -31.34 -2.32 36.04
C3N NAI IA . -29.63 -2.09 36.05
C7N NAI IA . -30.55 -1.61 37.18
C7N NAI IA . -28.38 -1.51 36.78
O7N NAI IA . -29.37 -1.75 37.28
O7N NAI IA . -27.41 -2.19 36.94
N7N NAI IA . -31.28 -0.79 38.12
N7N NAI IA . -28.40 -0.15 37.26
C4N NAI IA . -32.39 -1.54 35.28
C4N NAI IA . -30.36 -1.25 35.02
C5N NAI IA . -33.34 -2.40 34.42
C5N NAI IA . -31.52 -1.96 34.30
C6N NAI IA . -33.10 -3.90 34.25
C6N NAI IA . -31.61 -3.49 34.30
H51A NAI IA . -30.74 -6.55 44.06
H51A NAI IA . -26.29 -6.82 43.76
H52A NAI IA . -29.46 -7.46 43.87
H52A NAI IA . -25.09 -7.86 43.63
H4B NAI IA . -32.11 -8.50 43.41
H4B NAI IA . -27.85 -8.63 43.59
H3B NAI IA . -30.74 -8.29 45.81
H3B NAI IA . -26.29 -8.34 45.76
HO3A NAI IA . -32.78 -8.69 46.53
HO3A NAI IA . -28.08 -8.94 46.74
H2B NAI IA . -30.49 -10.45 46.23
H2B NAI IA . -25.33 -10.35 45.80
HO2A NAI IA . -32.48 -10.88 46.89
HO2A NAI IA . -27.36 -10.55 47.17
H1B NAI IA . -31.60 -11.41 44.16
H1B NAI IA . -27.31 -11.55 44.54
H8A NAI IA . -27.88 -10.37 44.39
H8A NAI IA . -23.56 -10.87 43.67
H61A NAI IA . -26.39 -15.89 45.38
H61A NAI IA . -21.92 -15.33 43.42
H62A NAI IA . -25.79 -14.61 44.94
H62A NAI IA . -22.67 -16.61 43.56
H2A NAI IA . -30.57 -15.89 45.27
H2A NAI IA . -26.65 -16.12 44.72
H51N NAI IA . -32.00 -7.68 39.00
H51N NAI IA . -30.20 -5.88 38.95
H52N NAI IA . -31.12 -6.63 38.20
H52N NAI IA . -29.49 -7.29 39.05
H4D NAI IA . -33.27 -8.19 37.19
H4D NAI IA . -30.97 -7.81 37.42
H3D NAI IA . -30.77 -8.34 36.56
H3D NAI IA . -28.58 -7.29 36.28
HO3N NAI IA . -31.80 -8.48 34.37
HO3N NAI IA . -30.07 -8.45 34.72
H2D NAI IA . -30.52 -6.16 36.07
H2D NAI IA . -29.05 -5.65 34.90
HO2N NAI IA . -29.52 -7.10 34.39
HO2N NAI IA . -29.16 -7.14 33.33
H1D NAI IA . -32.59 -6.38 34.35
H1D NAI IA . -31.63 -5.99 34.70
H2N NAI IA . -30.89 -4.30 36.69
H2N NAI IA . -29.26 -4.13 36.59
H71N NAI IA . -32.13 -0.71 38.04
H71N NAI IA . -27.72 0.17 37.67
H72N NAI IA . -30.86 -0.39 38.76
H72N NAI IA . -29.11 0.33 37.14
H4N NAI IA . -32.93 -1.06 35.93
H4N NAI IA . -30.72 -0.47 35.47
H42N NAI IA . -31.94 -0.90 34.71
H42N NAI IA . -29.71 -0.96 34.35
H5N NAI IA . -34.01 -1.98 33.92
H5N NAI IA . -32.06 -1.49 33.73
H6N NAI IA . -33.72 -4.40 33.76
H6N NAI IA . -32.35 -3.90 33.92
C02 9TY JA . -28.91 -0.28 30.86
C03 9TY JA . -27.91 -0.70 31.96
C04 9TY JA . -27.71 -2.19 32.25
C07 9TY JA . -27.76 0.25 33.14
C08 9TY JA . -26.67 0.17 32.08
O01 9TY JA . -30.14 -0.19 31.13
O05 9TY JA . -28.53 -3.05 31.82
O06 9TY JA . -26.71 -2.56 32.95
O09 9TY JA . -28.50 -0.04 29.70
H1 9TY JA . -27.53 -0.17 33.99
H2 9TY JA . -28.31 1.05 33.11
H3 9TY JA . -26.63 0.94 31.47
H4 9TY JA . -25.86 -0.28 32.35
MG MG KA . -14.90 -35.84 13.60
MG MG LA . -13.97 -38.48 9.45
PA NAI MA . -22.57 -42.25 19.54
PA NAI MA . -23.37 -37.91 20.37
O1A NAI MA . -24.10 -42.52 19.29
O1A NAI MA . -24.42 -38.71 19.54
O2A NAI MA . -22.28 -40.79 19.34
O2A NAI MA . -23.81 -36.47 20.48
O5B NAI MA . -22.19 -42.68 21.10
O5B NAI MA . -23.26 -38.56 21.88
C5B NAI MA . -23.21 -43.10 21.94
C5B NAI MA . -24.42 -38.97 22.53
C4B NAI MA . -22.59 -43.90 23.15
C4B NAI MA . -24.02 -39.95 23.68
O4B NAI MA . -21.98 -43.09 23.97
O4B NAI MA . -23.23 -39.32 24.51
C3B NAI MA . -23.70 -44.54 23.96
C3B NAI MA . -25.25 -40.39 24.49
O3B NAI MA . -23.80 -45.88 23.68
O3B NAI MA . -25.28 -41.75 24.56
C2B NAI MA . -23.31 -44.36 25.45
C2B NAI MA . -25.05 -39.79 25.91
O2B NAI MA . -22.96 -45.66 26.04
O2B NAI MA . -25.44 -40.76 26.93
C1B NAI MA . -22.26 -43.61 25.48
C1B NAI MA . -23.80 -39.55 26.01
N9A NAI MA . -22.48 -42.46 26.36
N9A NAI MA . -23.57 -38.35 26.81
C8A NAI MA . -23.04 -41.35 25.95
C8A NAI MA . -23.86 -37.14 26.37
N7A NAI MA . -23.09 -40.49 26.96
N7A NAI MA . -23.53 -36.27 27.33
C5A NAI MA . -22.53 -41.09 28.02
C5A NAI MA . -23.03 -36.96 28.35
C6A NAI MA . -22.32 -40.66 29.31
C6A NAI MA . -22.55 -36.57 29.57
N6A NAI MA . -22.61 -39.45 29.97
N6A NAI MA . -22.40 -35.31 30.19
N1A NAI MA . -21.75 -41.45 30.18
N1A NAI MA . -22.11 -37.46 30.42
C2A NAI MA . -21.36 -42.68 29.81
C2A NAI MA . -22.13 -38.77 30.08
N3A NAI MA . -21.57 -43.11 28.54
N3A NAI MA . -22.60 -39.16 28.89
C4A NAI MA . -22.16 -42.29 27.65
C4A NAI MA . -23.06 -38.24 28.03
O3 NAI MA . -21.65 -43.17 18.47
O3 NAI MA . -21.88 -38.00 19.61
PN NAI MA . -20.48 -44.27 18.95
PN NAI MA . -21.50 -39.25 18.55
O1N NAI MA . -20.78 -45.59 18.31
O1N NAI MA . -21.91 -38.87 17.16
O2N NAI MA . -20.53 -44.43 20.50
O2N NAI MA . -22.28 -40.53 18.99
O5D NAI MA . -18.97 -43.72 18.51
O5D NAI MA . -19.87 -39.57 18.60
C5D NAI MA . -18.37 -42.80 19.32
C5D NAI MA . -19.49 -40.75 19.16
C4D NAI MA . -16.82 -42.87 19.19
C4D NAI MA . -17.95 -40.99 19.03
O4D NAI MA . -16.47 -43.31 18.02
O4D NAI MA . -17.69 -41.68 17.96
C3D NAI MA . -16.21 -41.44 19.26
C3D NAI MA . -17.16 -39.65 18.90
O3D NAI MA . -14.91 -41.49 19.60
O3D NAI MA . -16.15 -39.64 19.77
C2D NAI MA . -16.37 -40.95 17.84
C2D NAI MA . -16.58 -39.61 17.49
O2D NAI MA . -15.46 -39.79 17.58
O2D NAI MA . -15.14 -39.25 17.57
C1D NAI MA . -16.02 -42.03 17.13
C1D NAI MA . -16.72 -40.83 16.99
N1N NAI MA . -16.65 -42.14 15.84
N1N NAI MA . -17.32 -40.79 15.68
C2N NAI MA . -18.03 -41.77 15.66
C2N NAI MA . -18.67 -40.28 15.56
C3N NAI MA . -18.80 -42.11 14.39
C3N NAI MA . -19.32 -40.12 14.17
C7N NAI MA . -20.21 -41.47 14.24
C7N NAI MA . -20.61 -39.27 14.06
O7N NAI MA . -20.59 -40.67 15.05
O7N NAI MA . -20.82 -38.39 14.84
N7N NAI MA . -21.06 -41.83 13.14
N7N NAI MA . -21.56 -39.54 13.02
C4N NAI MA . -18.04 -42.55 13.15
C4N NAI MA . -18.59 -40.55 12.91
C5N NAI MA . -16.61 -43.03 13.41
C5N NAI MA . -17.29 -41.33 13.16
C6N NAI MA . -15.88 -42.66 14.71
C6N NAI MA . -16.60 -41.30 14.54
H51A NAI MA . -23.82 -43.67 21.46
H51A NAI MA . -25.00 -39.42 21.90
H52A NAI MA . -23.68 -42.33 22.28
H52A NAI MA . -24.87 -38.20 22.90
H4B NAI MA . -21.98 -44.58 22.83
H4B NAI MA . -23.57 -40.72 23.32
H3B NAI MA . -24.55 -44.10 23.79
H3B NAI MA . -26.05 -40.04 24.08
HO3A NAI MA . -24.12 -46.27 24.36
HO3A NAI MA . -26.01 -41.99 24.92
H2B NAI MA . -24.03 -43.94 25.95
H2B NAI MA . -25.57 -38.98 26.00
HO2A NAI MA . -23.65 -45.98 26.41
HO2A NAI MA . -25.99 -41.32 26.60
H1B NAI MA . -21.51 -44.14 25.80
H1B NAI MA . -23.35 -40.31 26.42
H8A NAI MA . -23.45 -40.83 25.29
H8A NAI MA . -24.19 -36.57 25.73
H61A NAI MA . -22.51 -39.38 30.83
H61A NAI MA . -22.70 -34.59 29.79
H62A NAI MA . -22.88 -38.76 29.52
H62A NAI MA . -22.03 -35.23 30.96
H2A NAI MA . -20.95 -43.24 30.42
H2A NAI MA . -21.82 -39.41 30.68
H51N NAI MA . -18.62 -42.97 20.24
H51N NAI MA . -19.97 -41.47 18.72
H52N NAI MA . -18.67 -41.91 19.07
H52N NAI MA . -19.73 -40.74 20.11
H4D NAI MA . -16.43 -43.44 19.88
H4D NAI MA . -17.62 -41.48 19.80
H3D NAI MA . -16.71 -40.88 19.87
H3D NAI MA . -17.74 -38.88 19.04
HO3N NAI MA . -14.46 -41.01 19.06
HO3N NAI MA . -15.42 -39.59 19.35
H2D NAI MA . -17.27 -40.68 17.71
H2D NAI MA . -17.05 -38.96 16.96
HO2N NAI MA . -15.83 -39.09 17.89
HO2N NAI MA . -15.08 -38.42 17.72
H1D NAI MA . -15.05 -42.04 17.03
H1D NAI MA . -15.85 -41.27 16.94
H2N NAI MA . -18.51 -41.45 16.39
H2N NAI MA . -19.05 -39.83 16.27
H71N NAI MA . -20.79 -42.41 12.56
H71N NAI MA . -22.28 -39.07 12.94
H72N NAI MA . -21.84 -41.48 13.06
H72N NAI MA . -21.41 -40.18 12.46
H4N NAI MA . -18.54 -43.29 12.74
H4N NAI MA . -19.18 -41.12 12.41
H42N NAI MA . -18.02 -41.81 12.53
H42N NAI MA . -18.38 -39.76 12.40
H5N NAI MA . -16.15 -43.52 12.77
H5N NAI MA . -16.83 -41.70 12.44
H6N NAI MA . -15.06 -43.03 14.88
H6N NAI MA . -15.85 -41.83 14.67
C02 9TY NA . -15.84 -37.76 10.45
C03 9TY NA . -16.92 -37.19 11.36
C04 9TY NA . -16.63 -37.01 12.86
C07 9TY NA . -18.37 -37.53 10.99
C08 9TY NA . -17.83 -36.13 10.72
O01 9TY NA . -15.67 -39.01 10.35
O05 9TY NA . -17.41 -36.31 13.57
O06 9TY NA . -15.64 -37.56 13.38
O09 9TY NA . -15.10 -36.99 9.78
H1 9TY NA . -19.00 -37.59 11.74
H2 9TY NA . -18.49 -38.08 10.21
H3 9TY NA . -17.65 -35.93 9.80
H4 9TY NA . -18.15 -35.44 11.32
MG MG OA . -26.82 -29.16 -14.28
MG MG PA . -23.78 -28.31 -18.17
PA NAI QA . -25.43 -37.32 -25.12
PA NAI QA . -21.04 -35.78 -25.55
O1A NAI QA . -25.01 -38.82 -24.98
O1A NAI QA . -21.31 -37.18 -24.90
O2A NAI QA . -24.27 -36.43 -24.76
O2A NAI QA . -19.56 -35.47 -25.49
O5B NAI QA . -25.89 -37.02 -26.69
O5B NAI QA . -21.53 -35.82 -27.12
C5B NAI QA . -25.74 -38.04 -27.62
C5B NAI QA . -21.38 -37.00 -27.83
C4B NAI QA . -26.70 -37.81 -28.83
C4B NAI QA . -22.35 -37.00 -29.05
O4B NAI QA . -26.28 -36.80 -29.58
O4B NAI QA . -22.14 -35.92 -29.77
C3B NAI QA . -26.66 -39.02 -29.74
C3B NAI QA . -22.11 -38.18 -29.96
O3B NAI QA . -27.79 -39.77 -29.59
O3B NAI QA . -23.25 -38.94 -30.10
C2B NAI QA . -26.58 -38.50 -31.20
C2B NAI QA . -21.71 -37.60 -31.36
O2B NAI QA . -27.81 -38.85 -31.92
O2B NAI QA . -22.47 -38.29 -32.41
C1B NAI QA . -26.48 -37.21 -31.13
C1B NAI QA . -22.07 -36.36 -31.33
N9A NAI QA . -25.32 -36.76 -31.90
N9A NAI QA . -21.08 -35.54 -32.00
C8A NAI QA . -24.09 -36.78 -31.41
C8A NAI QA . -19.90 -35.26 -31.49
N7A NAI QA . -23.27 -36.28 -32.34
N7A NAI QA . -19.24 -34.49 -32.35
C5A NAI QA . -24.00 -35.97 -33.40
C5A NAI QA . -20.02 -34.29 -33.40
C6A NAI QA . -23.66 -35.44 -34.63
C6A NAI QA . -19.84 -33.59 -34.57
N6A NAI QA . -22.42 -35.03 -35.18
N6A NAI QA . -18.75 -32.81 -35.06
N1A NAI QA . -24.58 -35.21 -35.53
N1A NAI QA . -20.78 -33.54 -35.46
C2A NAI QA . -25.87 -35.50 -35.26
C2A NAI QA . -21.94 -34.20 -35.24
N3A NAI QA . -26.21 -36.02 -34.06
N3A NAI QA . -22.13 -34.90 -34.11
C4A NAI QA . -25.26 -36.25 -33.14
C4A NAI QA . -21.16 -34.93 -33.19
O3 NAI QA . -26.73 -36.98 -24.09
O3 NAI QA . -21.90 -34.61 -24.70
PN NAI QA . -28.28 -36.67 -24.65
PN NAI QA . -23.24 -35.01 -23.78
O1N NAI QA . -29.22 -37.70 -24.11
O1N NAI QA . -22.81 -35.42 -22.41
O2N NAI QA . -28.31 -36.73 -26.20
O2N NAI QA . -23.98 -36.20 -24.47
O5D NAI QA . -28.73 -35.14 -24.16
O5D NAI QA . -24.28 -33.71 -23.69
C5D NAI QA . -28.06 -34.09 -24.73
C5D NAI QA . -25.39 -33.78 -24.47
C4D NAI QA . -28.87 -32.76 -24.61
C4D NAI QA . -26.28 -32.50 -24.32
O4D NAI QA . -29.61 -32.75 -23.55
O4D NAI QA . -27.16 -32.66 -23.39
C3D NAI QA . -27.90 -31.56 -24.42
C3D NAI QA . -25.42 -31.25 -23.93
O3D NAI QA . -28.49 -30.42 -24.80
O3D NAI QA . -25.68 -30.27 -24.80
C2D NAI QA . -27.66 -31.56 -22.92
C2D NAI QA . -25.88 -30.82 -22.54
O2D NAI QA . -27.17 -30.23 -22.49
O2D NAI QA . -26.20 -29.37 -22.56
C1D NAI QA . -28.85 -31.85 -22.43
C1D NAI QA . -26.95 -31.52 -22.25
N1N NAI QA . -28.80 -32.62 -21.22
N1N NAI QA . -26.78 -32.20 -21.00
C2N NAI QA . -28.11 -33.89 -21.22
C2N NAI QA . -25.76 -33.22 -20.88
C3N NAI QA . -27.77 -34.60 -19.91
C3N NAI QA . -25.39 -33.80 -19.51
C7N NAI QA . -26.70 -35.73 -19.95
C7N NAI QA . -24.08 -34.61 -19.36
O7N NAI QA . -26.17 -36.00 -20.99
O7N NAI QA . -23.09 -34.28 -19.95
N7N NAI QA . -26.35 -36.45 -18.76
N7N NAI QA . -24.06 -35.78 -18.52
C4N NAI QA . -28.37 -34.14 -18.59
C4N NAI QA . -26.22 -33.46 -18.28
C5N NAI QA . -29.44 -33.03 -18.75
C5N NAI QA . -27.52 -32.68 -18.57
C6N NAI QA . -29.48 -32.16 -20.02
C6N NAI QA . -27.66 -31.89 -19.88
H51A NAI QA . -25.95 -38.89 -27.20
H51A NAI QA . -21.58 -37.75 -27.25
H52A NAI QA . -24.82 -38.06 -27.93
H52A NAI QA . -20.47 -37.06 -28.16
H4B NAI QA . -27.60 -37.65 -28.53
H4B NAI QA . -23.27 -37.02 -28.74
H3B NAI QA . -25.87 -39.53 -29.55
H3B NAI QA . -21.37 -38.72 -29.62
HO3A NAI QA . -27.93 -40.19 -30.32
HO3A NAI QA . -23.49 -38.90 -30.92
H2B NAI QA . -25.80 -38.86 -31.65
H2B NAI QA . -20.76 -37.68 -31.51
HO2A NAI QA . -27.65 -38.84 -32.75
HO2A NAI QA . -22.28 -39.12 -32.39
H1B NAI QA . -27.30 -36.83 -31.48
H1B NAI QA . -22.94 -36.26 -31.75
H8A NAI QA . -23.48 -36.96 -30.73
H8A NAI QA . -19.27 -35.34 -30.81
H61A NAI QA . -21.72 -35.00 -34.69
H61A NAI QA . -18.02 -32.77 -34.61
H62A NAI QA . -22.38 -34.82 -36.02
H62A NAI QA . -18.83 -32.38 -35.79
H2A NAI QA . -26.52 -35.34 -35.90
H2A NAI QA . -22.62 -34.16 -35.89
H51N NAI QA . -27.90 -34.29 -25.66
H51N NAI QA . -25.92 -34.56 -24.22
H52N NAI QA . -27.20 -33.98 -24.28
H52N NAI QA . -25.12 -33.87 -25.40
H4D NAI QA . -29.42 -32.63 -25.40
H4D NAI QA . -26.73 -32.32 -25.16
H3D NAI QA . -27.07 -31.71 -24.90
H3D NAI QA . -24.48 -31.46 -23.93
HO3N NAI QA . -28.69 -29.98 -24.11
HO3N NAI QA . -26.39 -29.86 -24.55
H2D NAI QA . -26.99 -32.23 -22.71
H2D NAI QA . -25.16 -30.97 -21.89
HO2N NAI QA . -26.42 -30.08 -22.85
HO2N NAI QA . -25.50 -28.92 -22.38
H1D NAI QA . -29.35 -31.03 -22.28
H1D NAI QA . -27.72 -30.94 -22.22
H2N NAI QA . -27.66 -34.13 -21.99
H2N NAI QA . -25.16 -33.32 -21.58
H71N NAI QA . -25.76 -37.07 -18.79
H71N NAI QA . -23.35 -36.24 -18.44
H72N NAI QA . -26.73 -36.26 -18.01
H72N NAI QA . -24.78 -36.02 -18.11
H4N NAI QA . -28.79 -34.90 -18.17
H4N NAI QA . -26.46 -34.30 -17.85
H42N NAI QA . -27.66 -33.81 -18.03
H42N NAI QA . -25.68 -32.93 -17.68
H5N NAI QA . -30.08 -32.90 -18.09
H5N NAI QA . -28.11 -32.50 -17.88
H6N NAI QA . -30.15 -31.53 -20.10
H6N NAI QA . -28.45 -31.44 -20.05
C02 9TY RA . -25.24 -30.37 -15.31
C03 9TY RA . -24.16 -30.95 -16.23
C04 9TY RA . -24.04 -30.46 -17.68
C07 9TY RA . -23.79 -32.42 -16.00
C08 9TY RA . -22.85 -31.33 -15.55
O01 9TY RA . -24.95 -29.43 -14.52
O05 9TY RA . -24.97 -29.77 -18.19
O06 9TY RA . -23.01 -30.73 -18.35
O09 9TY RA . -26.41 -30.82 -15.35
H1 9TY RA . -23.51 -32.92 -16.78
H2 9TY RA . -24.28 -32.87 -15.29
H3 9TY RA . -22.81 -31.18 -14.59
H4 9TY RA . -22.04 -31.23 -16.08
MG MG SA . 35.20 -13.96 16.12
MG MG TA . 33.33 -18.08 18.25
PA NAI UA . 45.51 -12.43 21.23
PA NAI UA . 43.73 -8.56 20.15
O1A NAI UA . 45.92 -12.26 22.73
O1A NAI UA . 43.82 -8.95 21.66
O2A NAI UA . 44.52 -11.36 20.85
O2A NAI UA . 43.08 -7.21 20.02
O5B NAI UA . 46.85 -12.32 20.27
O5B NAI UA . 45.25 -8.49 19.52
C5B NAI UA . 48.02 -11.82 20.82
C5B NAI UA . 46.29 -7.98 20.28
C4B NAI UA . 49.26 -12.32 19.99
C4B NAI UA . 47.64 -8.50 19.70
O4B NAI UA . 49.30 -11.73 18.82
O4B NAI UA . 47.73 -8.10 18.45
C3B NAI UA . 50.54 -11.93 20.70
C3B NAI UA . 48.84 -7.90 20.43
O3B NAI UA . 51.13 -13.02 21.28
O3B NAI UA . 49.67 -8.91 20.84
C2B NAI UA . 51.49 -11.33 19.62
C2B NAI UA . 49.58 -7.00 19.39
O2B NAI UA . 52.67 -12.17 19.50
O2B NAI UA . 51.03 -7.18 19.49
C1B NAI UA . 50.85 -11.34 18.51
C1B NAI UA . 49.18 -7.42 18.24
N9A NAI UA . 50.89 -10.01 17.89
N9A NAI UA . 49.06 -6.30 17.31
C8A NAI UA . 50.07 -9.03 18.22
C8A NAI UA . 48.10 -5.40 17.38
N7A NAI UA . 50.34 -7.98 17.48
N7A NAI UA . 48.27 -4.53 16.39
C5A NAI UA . 51.35 -8.30 16.67
C5A NAI UA . 49.35 -4.91 15.70
C6A NAI UA . 52.02 -7.58 15.70
C6A NAI UA . 49.96 -4.39 14.59
N6A NAI UA . 51.88 -6.26 15.22
N6A NAI UA . 49.67 -3.25 13.79
N1A NAI UA . 52.99 -8.14 15.03
N1A NAI UA . 51.02 -4.96 14.09
C2A NAI UA . 53.34 -9.42 15.29
C2A NAI UA . 51.52 -6.08 14.67
N3A NAI UA . 52.68 -10.12 16.22
N3A NAI UA . 50.92 -6.60 15.75
C4A NAI UA . 51.68 -9.55 16.91
C4A NAI UA . 49.83 -6.00 16.26
O3 NAI UA . 44.81 -13.95 21.00
O3 NAI UA . 42.83 -9.72 19.33
PN NAI UA . 45.67 -15.28 20.46
PN NAI UA . 42.66 -11.29 19.92
O1N NAI UA . 45.87 -16.24 21.61
O1N NAI UA . 41.46 -11.35 20.81
O2N NAI UA . 47.06 -14.81 19.93
O2N NAI UA . 43.93 -11.65 20.73
O5D NAI UA . 44.84 -16.00 19.22
O5D NAI UA . 42.49 -12.36 18.65
C5D NAI UA . 44.59 -15.24 18.12
C5D NAI UA . 43.55 -13.18 18.40
C4D NAI UA . 44.13 -16.11 16.91
C4D NAI UA . 43.20 -14.23 17.29
O4D NAI UA . 43.38 -17.11 17.30
O4D NAI UA . 42.70 -15.30 17.83
C3D NAI UA . 43.20 -15.27 15.99
C3D NAI UA . 42.13 -13.68 16.30
O3D NAI UA . 43.18 -15.77 14.75
O3D NAI UA . 42.54 -13.85 15.05
C2D NAI UA . 41.84 -15.43 16.64
C2D NAI UA . 40.86 -14.50 16.52
O2D NAI UA . 40.76 -15.16 15.66
O2D NAI UA . 40.31 -14.93 15.22
C1D NAI UA . 41.84 -16.70 17.02
C1D NAI UA . 41.22 -15.56 17.23
N1N NAI UA . 41.11 -16.97 18.23
N1N NAI UA . 40.33 -15.76 18.35
C2N NAI UA . 41.23 -16.09 19.38
C2N NAI UA . 40.27 -14.75 19.37
C3N NAI UA . 40.54 -16.39 20.71
C3N NAI UA . 39.22 -14.84 20.49
C7N NAI UA . 40.44 -15.21 21.72
C7N NAI UA . 38.97 -13.58 21.37
O7N NAI UA . 40.82 -14.12 21.41
O7N NAI UA . 39.08 -12.49 20.91
N7N NAI UA . 39.92 -15.43 23.05
N7N NAI UA . 38.62 -13.75 22.76
C4N NAI UA . 39.58 -17.56 20.83
C4N NAI UA . 38.26 -16.02 20.58
C5N NAI UA . 39.64 -18.56 19.66
C5N NAI UA . 38.61 -17.19 19.64
C6N NAI UA . 40.27 -18.15 18.32
C6N NAI UA . 39.55 -16.98 18.44
H51A NAI UA . 48.01 -10.85 20.80
H51A NAI UA . 46.19 -8.28 21.20
H52A NAI UA . 48.11 -12.13 21.74
H52A NAI UA . 46.26 -7.01 20.25
H4B NAI UA . 49.23 -13.28 19.88
H4B NAI UA . 47.68 -9.46 19.74
H3B NAI UA . 50.33 -11.26 21.37
H3B NAI UA . 48.54 -7.37 21.17
HO3A NAI UA . 51.87 -12.79 21.59
HO3A NAI UA . 50.32 -8.58 21.26
H2B NAI UA . 51.73 -10.41 19.87
H2B NAI UA . 49.33 -6.08 19.52
HO2A NAI UA . 53.34 -11.77 19.83
HO2A NAI UA . 51.24 -7.34 20.29
H1B NAI UA . 51.25 -12.00 17.93
H1B NAI UA . 49.81 -8.07 17.90
H8A NAI UA . 49.36 -8.70 18.74
H8A NAI UA . 47.35 -5.05 17.80
H61A NAI UA . 51.22 -5.78 15.48
H61A NAI UA . 49.04 -2.72 14.01
H62A NAI UA . 52.45 -5.94 14.67
H62A NAI UA . 50.15 -3.09 13.09
H2A NAI UA . 54.03 -9.81 14.80
H2A NAI UA . 52.27 -6.49 14.33
H51N NAI UA . 45.41 -14.78 17.88
H51N NAI UA . 43.78 -13.64 19.22
H52N NAI UA . 43.91 -14.59 18.33
H52N NAI UA . 44.30 -12.65 18.11
H4D NAI UA . 44.89 -16.45 16.41
H4D NAI UA . 44.00 -14.47 16.79
H3D NAI UA . 43.46 -14.33 15.99
H3D NAI UA . 41.95 -12.74 16.47
HO3N NAI UA . 42.38 -15.95 14.54
HO3N NAI UA . 42.01 -14.39 14.66
H2D NAI UA . 41.76 -14.81 17.38
H2D NAI UA . 40.20 -13.97 16.99
HO2N NAI UA . 40.69 -14.32 15.56
HO2N NAI UA . 39.86 -14.29 14.89
H1D NAI UA . 41.50 -17.25 16.31
H1D NAI UA . 41.23 -16.35 16.67
H2N NAI UA . 41.74 -15.32 19.30
H2N NAI UA . 40.68 -13.94 19.22
H71N NAI UA . 39.87 -14.78 23.60
H71N NAI UA . 38.48 -13.05 23.25
H72N NAI UA . 39.65 -16.21 23.28
H72N NAI UA . 38.53 -14.53 23.10
H4N NAI UA . 39.79 -18.03 21.65
H4N NAI UA . 38.28 -16.36 21.48
H42N NAI UA . 38.68 -17.21 20.89
H42N NAI UA . 37.37 -15.71 20.36
H5N NAI UA . 39.29 -19.41 19.76
H5N NAI UA . 38.13 -17.98 19.69
H6N NAI UA . 40.35 -18.81 17.67
H6N NAI UA . 39.80 -17.71 17.93
C02 9TY VA . 34.16 -16.16 19.05
C03 9TY VA . 34.80 -14.79 19.29
C04 9TY VA . 35.78 -14.21 18.26
C07 9TY VA . 35.09 -14.43 20.75
C08 9TY VA . 33.93 -13.77 20.02
O01 9TY VA . 34.78 -17.22 19.34
O05 9TY VA . 36.10 -12.99 18.31
O06 9TY VA . 36.24 -14.95 17.35
O09 9TY VA . 33.00 -16.23 18.55
H1 9TY VA . 35.86 -13.85 20.90
H2 9TY VA . 34.85 -15.09 21.41
H3 9TY VA . 33.05 -14.09 20.29
H4 9TY VA . 34.06 -12.85 19.77
MG MG WA . 12.86 -13.78 37.57
MG MG XA . 8.59 -16.26 36.78
PA NAI YA . 8.93 -25.13 44.29
PA NAI YA . 6.54 -26.42 40.49
O1A NAI YA . 9.79 -26.43 44.35
O1A NAI YA . 7.93 -27.07 40.82
O2A NAI YA . 8.44 -24.90 42.88
O2A NAI YA . 6.03 -26.95 39.18
O5B NAI YA . 7.64 -25.25 45.33
O5B NAI YA . 5.47 -26.79 41.69
C5B NAI YA . 7.46 -26.45 45.99
C5B NAI YA . 5.56 -28.05 42.28
C4B NAI YA . 6.60 -26.23 47.28
C4B NAI YA . 4.88 -28.01 43.69
O4B NAI YA . 5.33 -26.01 46.98
O4B NAI YA . 3.64 -27.58 43.55
C3B NAI YA . 6.60 -27.50 48.10
C3B NAI YA . 4.79 -29.40 44.28
O3B NAI YA . 7.41 -27.36 49.20
O3B NAI YA . 5.40 -29.43 45.51
C2B NAI YA . 5.13 -27.75 48.57
C2B NAI YA . 3.27 -29.71 44.46
O2B NAI YA . 5.07 -27.64 50.03
O2B NAI YA . 3.03 -30.28 45.79
C1B NAI YA . 4.42 -26.82 48.04
C1B NAI YA . 2.67 -28.58 44.38
N9A NAI YA . 3.28 -27.39 47.34
N9A NAI YA . 1.42 -28.72 43.65
C8A NAI YA . 3.35 -27.88 46.11
C8A NAI YA . 1.36 -28.92 42.35
N7A NAI YA . 2.15 -28.32 45.75
N7A NAI YA . 0.07 -29.01 41.99
C5A NAI YA . 1.32 -28.10 46.77
C5A NAI YA . -0.65 -28.88 43.09
C6A NAI YA . -0.02 -28.36 46.93
C6A NAI YA . -2.02 -28.88 43.30
N6A NAI YA . -1.00 -28.93 46.08
N6A NAI YA . -3.12 -29.04 42.42
N1A NAI YA . -0.63 -28.05 48.05
N1A NAI YA . -2.49 -28.72 44.50
C2A NAI YA . 0.07 -27.47 49.05
C2A NAI YA . -1.65 -28.54 45.55
N3A NAI YA . 1.39 -27.21 48.90
N3A NAI YA . -0.32 -28.52 45.35
C4A NAI YA . 2.00 -27.53 47.75
C4A NAI YA . 0.17 -28.69 44.11
O3 NAI YA . 9.88 -23.82 44.76
O3 NAI YA . 6.73 -24.75 40.41
PN NAI YA . 9.62 -22.95 46.18
PN NAI YA . 8.02 -23.98 41.16
O1N NAI YA . 10.87 -22.99 47.02
O1N NAI YA . 9.21 -23.96 40.24
O2N NAI YA . 8.45 -23.59 46.98
O2N NAI YA . 8.37 -24.75 42.46
O5D NAI YA . 9.22 -21.37 45.79
O5D NAI YA . 7.58 -22.42 41.56
C5D NAI YA . 7.99 -21.16 45.23
C5D NAI YA . 7.33 -22.19 42.88
C4D NAI YA . 7.52 -19.69 45.46
C4D NAI YA . 6.94 -20.69 43.14
O4D NAI YA . 8.53 -18.87 45.52
O4D NAI YA . 7.99 -19.99 43.45
C3D NAI YA . 6.70 -19.21 44.22
C3D NAI YA . 6.31 -20.03 41.89
O3D NAI YA . 5.92 -18.18 44.56
O3D NAI YA . 5.15 -19.46 42.24
C2D NAI YA . 7.79 -18.74 43.27
C2D NAI YA . 7.27 -18.93 41.42
O2D NAI YA . 7.23 -17.80 42.27
O2D NAI YA . 6.51 -17.67 41.27
C1D NAI YA . 8.65 -18.15 44.08
C1D NAI YA . 8.17 -18.81 42.37
N1N NAI YA . 10.02 -18.29 43.65
N1N NAI YA . 9.49 -18.94 41.81
C2N NAI YA . 10.58 -19.60 43.43
C2N NAI YA . 9.89 -20.20 41.22
C3N NAI YA . 11.94 -19.78 42.75
C3N NAI YA . 11.17 -20.29 40.38
C7N NAI YA . 12.27 -21.16 42.12
C7N NAI YA . 11.41 -21.53 39.49
O7N NAI YA . 11.41 -21.99 42.03
O7N NAI YA . 10.51 -22.04 38.88
N7N NAI YA . 13.60 -21.44 41.66
N7N NAI YA . 12.74 -22.10 39.41
C4N NAI YA . 12.82 -18.58 42.46
C4N NAI YA . 12.17 -19.15 40.37
C5N NAI YA . 12.33 -17.26 43.08
C5N NAI YA . 11.84 -17.99 41.32
C6N NAI YA . 10.85 -17.10 43.48
C6N NAI YA . 10.42 -17.81 41.86
H51A NAI YA . 8.32 -26.83 46.24
H51A NAI YA . 6.49 -28.30 42.37
H52A NAI YA . 7.00 -27.08 45.40
H52A NAI YA . 5.11 -28.70 41.72
H4B NAI YA . 6.95 -25.49 47.81
H4B NAI YA . 5.37 -27.43 44.28
H3B NAI YA . 6.89 -28.23 47.56
H3B NAI YA . 5.19 -30.06 43.69
HO3A NAI YA . 7.16 -27.94 49.79
HO3A NAI YA . 4.84 -29.75 46.09
H2B NAI YA . 4.83 -28.62 48.27
H2B NAI YA . 2.97 -30.31 43.77
HO2A NAI YA . 4.51 -28.21 50.32
HO2A NAI YA . 3.46 -31.02 45.86
H1B NAI YA . 4.12 -26.22 48.75
H1B NAI YA . 2.50 -28.23 45.26
H8A NAI YA . 3.84 -28.07 45.34
H8A NAI YA . 1.77 -29.03 41.52
H61A NAI YA . -0.81 -29.10 45.26
H61A NAI YA . -2.98 -29.21 41.60
H62A NAI YA . -1.78 -29.12 46.39
H62A NAI YA . -3.91 -28.97 42.72
H2A NAI YA . -0.34 -27.25 49.85
H2A NAI YA . -1.99 -28.42 46.40
H51N NAI YA . 7.36 -21.77 45.64
H51N NAI YA . 8.13 -22.40 43.39
H52N NAI YA . 8.04 -21.35 44.28
H52N NAI YA . 6.61 -22.76 43.15
H4D NAI YA . 6.99 -19.62 46.26
H4D NAI YA . 6.31 -20.65 43.87
H3D NAI YA . 6.20 -19.93 43.82
H3D NAI YA . 6.16 -20.67 41.18
HO3N NAI YA . 6.22 -17.46 44.22
HO3N NAI YA . 5.29 -18.66 42.46
H2D NAI YA . 8.16 -19.50 42.81
H2D NAI YA . 7.65 -19.18 40.58
HO2N NAI YA . 6.64 -18.21 41.82
HO2N NAI YA . 6.14 -17.65 40.50
H1D NAI YA . 8.43 -17.21 44.17
H1D NAI YA . 8.08 -17.95 42.81
H2N NAI YA . 10.01 -20.33 43.50
H2N NAI YA . 9.25 -20.86 41.14
H71N NAI YA . 14.21 -20.84 41.72
H71N NAI YA . 12.88 -22.79 38.92
H72N NAI YA . 13.78 -22.20 41.31
H72N NAI YA . 13.39 -21.73 39.85
H4N NAI YA . 13.70 -18.77 42.82
H4N NAI YA . 13.04 -19.50 40.62
H42N NAI YA . 12.88 -18.47 41.50
H42N NAI YA . 12.22 -18.80 39.47
H5N NAI YA . 12.91 -16.56 43.22
H5N NAI YA . 12.44 -17.28 41.40
H6N NAI YA . 10.59 -16.30 43.88
H6N NAI YA . 10.24 -17.11 42.45
C02 9TY ZA . 12.36 -15.91 37.16
C03 9TY ZA . 11.72 -17.29 36.92
C04 9TY ZA . 10.29 -17.56 37.38
C07 9TY ZA . 12.67 -18.50 36.94
C08 9TY ZA . 12.14 -17.98 35.61
O01 9TY ZA . 12.89 -15.66 38.27
O05 9TY ZA . 9.66 -18.57 36.97
O06 9TY ZA . 9.73 -16.76 38.19
O09 9TY ZA . 12.35 -15.04 36.25
H1 9TY ZA . 12.28 -19.33 37.24
H2 9TY ZA . 13.60 -18.31 37.12
H3 9TY ZA . 12.77 -17.51 35.06
H4 9TY ZA . 11.45 -18.54 35.20
MG MG AB . 35.65 -2.18 -20.51
MG MG BB . 33.69 -2.21 -25.11
PA NAI CB . 46.50 -5.95 -21.95
PA NAI CB . 45.00 -7.21 -17.88
O1A NAI CB . 47.06 -7.39 -22.25
O1A NAI CB . 45.23 -8.32 -18.96
O2A NAI CB . 45.40 -6.05 -20.92
O2A NAI CB . 44.46 -7.84 -16.62
O5B NAI CB . 47.71 -4.99 -21.38
O5B NAI CB . 46.44 -6.47 -17.55
C5B NAI CB . 48.98 -5.53 -21.21
C5B NAI CB . 47.59 -7.25 -17.43
C4B NAI CB . 50.04 -4.38 -21.20
C4B NAI CB . 48.84 -6.31 -17.56
O4B NAI CB . 50.01 -3.73 -20.07
O4B NAI CB . 48.80 -5.42 -16.60
C3B NAI CB . 51.44 -4.97 -21.30
C3B NAI CB . 50.13 -7.09 -17.39
O3B NAI CB . 51.97 -4.72 -22.53
O3B NAI CB . 50.95 -6.88 -18.48
C2B NAI CB . 52.29 -4.28 -20.20
C2B NAI CB . 50.81 -6.53 -16.11
O2B NAI CB . 53.41 -3.56 -20.83
O2B NAI CB . 52.25 -6.33 -16.34
C1B NAI CB . 51.54 -3.42 -19.63
C1B NAI CB . 50.25 -5.39 -15.90
N9A NAI CB . 51.64 -3.56 -18.17
N9A NAI CB . 50.09 -5.16 -14.47
C8A NAI CB . 50.95 -4.46 -17.49
C8A NAI CB . 49.22 -5.81 -13.73
N7A NAI CB . 51.24 -4.33 -16.19
N7A NAI CB . 49.32 -5.37 -12.48
C5A NAI CB . 52.11 -3.31 -16.09
C5A NAI CB . 50.25 -4.43 -12.46
C6A NAI CB . 52.73 -2.76 -14.99
C6A NAI CB . 50.75 -3.64 -11.45
N6A NAI CB . 52.67 -3.04 -13.60
N6A NAI CB . 50.44 -3.56 -10.06
N1A NAI CB . 53.55 -1.76 -15.14
N1A NAI CB . 51.69 -2.77 -11.68
C2A NAI CB . 53.80 -1.27 -16.37
C2A NAI CB . 52.18 -2.64 -12.94
N3A NAI CB . 53.20 -1.82 -17.45
N3A NAI CB . 51.69 -3.40 -13.93
C4A NAI CB . 52.36 -2.84 -17.29
C4A NAI CB . 50.73 -4.29 -13.68
O3 NAI CB . 45.86 -5.28 -23.36
O3 NAI CB . 43.91 -6.08 -18.47
PN NAI CB . 46.41 -3.85 -24.03
PN NAI CB . 43.66 -5.86 -20.11
O1N NAI CB . 46.80 -4.09 -25.46
O1N NAI CB . 42.58 -6.77 -20.58
O2N NAI CB . 47.66 -3.35 -23.24
O2N NAI CB . 44.99 -6.20 -20.86
O5D NAI CB . 45.22 -2.69 -23.93
O5D NAI CB . 43.26 -4.27 -20.43
C5D NAI CB . 45.03 -2.09 -22.72
C5D NAI CB . 44.18 -3.52 -21.08
C4D NAI CB . 44.37 -0.68 -22.90
C4D NAI CB . 43.64 -2.10 -21.42
O4D NAI CB . 43.58 -0.66 -23.93
O4D NAI CB . 43.12 -2.09 -22.61
C3D NAI CB . 43.43 -0.37 -21.69
C3D NAI CB . 42.52 -1.66 -20.43
O3D NAI CB . 43.23 0.95 -21.58
O3D NAI CB . 42.77 -0.43 -19.98
C2D NAI CB . 42.14 -1.07 -22.09
C2D NAI CB . 41.22 -1.62 -21.24
O2D NAI CB . 41.00 -0.52 -21.32
O2D NAI CB . 40.49 -0.36 -20.95
C1D NAI CB . 42.06 -0.80 -23.38
C1D NAI CB . 41.56 -1.67 -22.51
N1N NAI CB . 41.40 -1.81 -24.17
N1N NAI CB . 40.80 -2.67 -23.22
C2N NAI CB . 41.60 -3.21 -23.89
C2N NAI CB . 40.94 -4.06 -22.84
C3N NAI CB . 41.13 -4.30 -24.87
C3N NAI CB . 40.07 -5.15 -23.48
C7N NAI CB . 41.25 -5.77 -24.39
C7N NAI CB . 40.01 -6.54 -22.79
O7N NAI CB . 41.53 -6.01 -23.26
O7N NAI CB . 40.17 -6.64 -21.62
N7N NAI CB . 41.00 -6.85 -25.31
N7N NAI CB . 39.77 -7.71 -23.59
C4N NAI CB . 40.19 -3.94 -26.02
C4N NAI CB . 39.08 -4.80 -24.58
C5N NAI CB . 40.07 -2.44 -26.30
C5N NAI CB . 39.19 -3.35 -25.11
C6N NAI CB . 40.54 -1.40 -25.27
C6N NAI CB . 39.94 -2.28 -24.31
H51A NAI CB . 49.01 -6.01 -20.37
H51A NAI CB . 47.60 -7.91 -18.14
H52A NAI CB . 49.16 -6.15 -21.93
H52A NAI CB . 47.60 -7.68 -16.56
H4B NAI CB . 49.89 -3.78 -21.94
H4B NAI CB . 48.83 -5.87 -18.42
H3B NAI CB . 51.40 -5.92 -21.14
H3B NAI CB . 49.95 -8.03 -17.28
HO3A NAI CB . 52.52 -5.33 -22.73
HO3A NAI CB . 51.59 -7.44 -18.46
H2B NAI CB . 52.62 -4.93 -19.57
H2B NAI CB . 50.66 -7.12 -15.37
HO2A NAI CB . 53.60 -3.95 -21.56
HO2A NAI CB . 52.49 -6.80 -17.00
H1B NAI CB . 51.79 -2.54 -19.90
H1B NAI CB . 50.80 -4.69 -16.29
H8A NAI CB . 50.35 -5.18 -17.45
H8A NAI CB . 48.56 -6.46 -13.64
H61A NAI CB . 52.07 -3.59 -13.31
H61A NAI CB . 49.87 -4.11 -9.71
H62A NAI CB . 53.22 -2.66 -13.06
H62A NAI CB . 50.82 -2.97 -9.57
H2A NAI CB . 54.39 -0.56 -16.48
H2A NAI CB . 52.84 -2.01 -13.12
H51N NAI CB . 44.45 -2.64 -22.17
H51N NAI CB . 44.45 -3.97 -21.90
H52N NAI CB . 45.88 -1.98 -22.28
H52N NAI CB . 44.96 -3.43 -20.51
H4D NAI CB . 45.04 0.01 -23.00
H4D NAI CB . 44.36 -1.45 -21.39
H3D NAI CB . 43.79 -0.75 -20.87
H3D NAI CB . 42.43 -2.28 -19.70
HO3N NAI CB . 42.40 1.10 -21.57
HO3N NAI CB . 42.14 0.09 -20.22
H2D NAI CB . 42.24 -2.01 -21.88
H2D NAI CB . 40.65 -2.38 -20.99
HO2N NAI CB . 41.01 -0.85 -20.53
HO2N NAI CB . 40.13 -0.42 -20.18
H1D NAI CB . 41.61 0.05 -23.50
H1D NAI CB . 41.43 -0.80 -22.92
H2N NAI CB . 42.18 -3.46 -23.21
H2N NAI CB . 41.38 -4.25 -22.04
H71N NAI CB . 40.79 -6.67 -26.12
H71N NAI CB . 39.74 -8.49 -23.23
H72N NAI CB . 41.06 -7.66 -25.05
H72N NAI CB . 39.66 -7.64 -24.45
H4N NAI CB . 40.53 -4.38 -26.82
H4N NAI CB . 39.24 -5.40 -25.32
H42N NAI CB . 39.32 -4.30 -25.81
H42N NAI CB . 38.18 -4.93 -24.24
H5N NAI CB . 39.65 -2.15 -27.08
H5N NAI CB . 38.67 -3.10 -25.83
H6N NAI CB . 40.53 -0.50 -25.52
H6N NAI CB . 40.04 -1.44 -24.70
C02 9TY DB . 34.75 -3.73 -23.86
C03 9TY DB . 35.53 -4.54 -22.81
C04 9TY DB . 36.42 -3.80 -21.81
C07 9TY DB . 36.01 -5.92 -23.23
C08 9TY DB . 34.82 -5.78 -22.28
O01 9TY DB . 35.31 -3.38 -24.93
O05 9TY DB . 36.72 -2.59 -21.99
O06 9TY DB . 36.85 -4.40 -20.78
O09 9TY DB . 33.54 -3.43 -23.66
H1 9TY DB . 36.83 -6.24 -22.82
H2 9TY DB . 35.78 -6.19 -24.14
H3 9TY DB . 33.96 -5.98 -22.67
H4 9TY DB . 35.01 -6.01 -21.36
MG MG EB . 15.93 -23.71 -30.83
MG MG FB . 11.42 -22.39 -32.53
PA NAI GB . 11.89 -24.59 -43.91
PA NAI GB . 9.05 -21.04 -43.11
O1A NAI GB . 12.71 -23.91 -45.05
O1A NAI GB . 10.41 -20.81 -43.84
O2A NAI GB . 11.19 -23.54 -43.09
O2A NAI GB . 8.36 -19.73 -42.89
O5B NAI GB . 10.77 -25.62 -44.56
O5B NAI GB . 8.10 -22.02 -44.04
C5B NAI GB . 10.58 -25.60 -45.95
C5B NAI GB . 8.16 -21.89 -45.43
C4B NAI GB . 9.92 -26.93 -46.42
C4B NAI GB . 7.63 -23.20 -46.09
O4B NAI GB . 8.66 -26.99 -46.07
O4B NAI GB . 6.42 -23.44 -45.65
C3B NAI GB . 9.91 -26.95 -47.94
C3B NAI GB . 7.52 -23.05 -47.60
O3B NAI GB . 10.86 -27.80 -48.42
O3B NAI GB . 8.26 -24.02 -48.23
C2B NAI GB . 8.49 -27.46 -48.36
C2B NAI GB . 6.01 -23.24 -47.95
O2B NAI GB . 8.62 -28.76 -49.04
O2B NAI GB . 5.87 -24.14 -49.11
C1B NAI GB . 7.81 -27.61 -47.30
C1B NAI GB . 5.49 -23.81 -46.92
N9A NAI GB . 6.54 -26.89 -47.40
N9A NAI GB . 4.15 -23.28 -46.68
C8A NAI GB . 6.43 -25.59 -47.18
C8A NAI GB . 3.93 -22.07 -46.21
N7A NAI GB . 5.16 -25.23 -47.35
N7A NAI GB . 2.60 -21.90 -46.10
C5A NAI GB . 4.48 -26.33 -47.67
C5A NAI GB . 2.02 -23.02 -46.52
C6A NAI GB . 3.14 -26.53 -47.95
C6A NAI GB . 0.70 -23.38 -46.62
N6A NAI GB . 2.03 -25.66 -47.99
N6A NAI GB . -0.51 -22.70 -46.32
N1A NAI GB . 2.71 -27.72 -48.24
N1A NAI GB . 0.37 -24.56 -47.07
C2A NAI GB . 3.57 -28.77 -48.29
C2A NAI GB . 1.34 -25.43 -47.43
N3A NAI GB . 4.87 -28.58 -48.01
N3A NAI GB . 2.64 -25.09 -47.33
C4A NAI GB . 5.32 -27.35 -47.71
C4A NAI GB . 2.97 -23.87 -46.88
O3 NAI GB . 12.93 -25.47 -42.91
O3 NAI GB . 9.34 -21.79 -41.63
PN NAI GB . 12.99 -27.15 -42.91
PN NAI GB . 10.76 -22.62 -41.33
O1N NAI GB . 14.35 -27.60 -43.35
O1N NAI GB . 11.81 -21.68 -40.85
O2N NAI GB . 11.92 -27.72 -43.89
O2N NAI GB . 11.23 -23.31 -42.65
O5D NAI GB . 12.65 -27.71 -41.37
O5D NAI GB . 10.49 -23.81 -40.18
C5D NAI GB . 11.38 -27.51 -40.91
C5D NAI GB . 10.45 -25.09 -40.64
C4D NAI GB . 11.06 -28.46 -39.71
C4D NAI GB . 10.21 -26.11 -39.48
O4D NAI GB . 12.13 -28.74 -39.02
O4D NAI GB . 11.35 -26.57 -39.03
C3D NAI GB . 10.14 -27.71 -38.70
C3D NAI GB . 9.47 -25.46 -38.27
O3D NAI GB . 9.47 -28.60 -37.94
O3D NAI GB . 8.42 -26.21 -37.95
C2D NAI GB . 11.12 -26.93 -37.85
C2D NAI GB . 10.45 -25.47 -37.10
O2D NAI GB . 10.50 -26.56 -36.55
O2D NAI GB . 9.79 -26.07 -35.91
C1D NAI GB . 12.12 -27.80 -37.70
C1D NAI GB . 11.49 -26.21 -37.45
N1N NAI GB . 13.41 -27.19 -37.60
N1N NAI GB . 12.72 -25.49 -37.29
C2N NAI GB . 13.85 -26.27 -38.63
C2N NAI GB . 12.92 -24.26 -38.02
C3N NAI GB . 15.12 -25.42 -38.46
C3N NAI GB . 14.14 -23.37 -37.72
C7N NAI GB . 15.26 -24.14 -39.32
C7N NAI GB . 14.20 -21.96 -38.39
O7N NAI GB . 14.32 -23.73 -39.94
O7N NAI GB . 13.21 -21.33 -38.55
N7N NAI GB . 16.53 -23.45 -39.39
N7N NAI GB . 15.47 -21.45 -38.83
C4N NAI GB . 16.05 -25.65 -37.27
C4N NAI GB . 15.33 -23.92 -36.96
C5N NAI GB . 15.70 -26.91 -36.44
C5N NAI GB . 15.13 -25.32 -36.36
C6N NAI GB . 14.30 -27.52 -36.49
C6N NAI GB . 13.77 -26.02 -36.43
H51A NAI GB . 11.44 -25.49 -46.38
H51A NAI GB . 9.07 -21.73 -45.70
H52A NAI GB . 10.01 -24.85 -46.17
H52A NAI GB . 7.61 -21.14 -45.70
H4B NAI GB . 10.41 -27.70 -46.09
H4B NAI GB . 8.21 -23.94 -45.87
H3B NAI GB . 10.03 -26.06 -48.27
H3B NAI GB . 7.81 -22.17 -47.87
HO3A NAI GB . 10.69 -27.97 -49.24
HO3A NAI GB . 7.79 -24.37 -48.84
H2B NAI GB . 8.07 -26.82 -48.95
H2B NAI GB . 5.60 -22.39 -48.13
HO2A NAI GB . 7.99 -28.84 -49.60
HO2A NAI GB . 6.27 -23.79 -49.77
H1B NAI GB . 7.65 -28.55 -47.16
H1B NAI GB . 5.45 -24.76 -47.05
H8A NAI GB . 6.81 -24.77 -46.96
H8A NAI GB . 4.23 -21.25 -45.90
H61A NAI GB . 1.27 -25.94 -48.26
H61A NAI GB . -0.48 -21.88 -46.06
H62A NAI GB . 2.12 -24.84 -47.73
H62A NAI GB . -1.26 -23.10 -46.40
H2A NAI GB . 3.25 -29.61 -48.50
H2A NAI GB . 1.12 -26.28 -47.75
H51N NAI GB . 10.77 -27.70 -41.63
H51N NAI GB . 11.29 -25.30 -41.07
H52N NAI GB . 11.29 -26.59 -40.63
H52N NAI GB . 9.74 -25.17 -41.29
H4D NAI GB . 10.65 -29.27 -40.01
H4D NAI GB . 9.69 -26.86 -39.80
H3D NAI GB . 9.53 -27.10 -39.15
H3D NAI GB . 9.21 -24.56 -38.47
HO3N NAI GB . 9.70 -28.50 -37.12
HO3N NAI GB . 8.64 -26.75 -37.32
H2D NAI GB . 11.39 -26.13 -38.32
H2D NAI GB . 10.72 -24.56 -36.88
HO2N NAI GB . 9.83 -26.05 -36.71
HO2N NAI GB . 9.42 -25.44 -35.47
H1D NAI GB . 11.95 -28.35 -36.92
H1D NAI GB . 11.50 -27.02 -36.94
H2N NAI GB . 13.24 -26.03 -39.29
H2N NAI GB . 12.20 -23.90 -38.47
H71N NAI GB . 16.60 -22.75 -39.87
H71N NAI GB . 15.51 -20.67 -39.20
H72N NAI GB . 17.20 -23.75 -38.95
H72N NAI GB . 16.19 -21.91 -38.72
H4N NAI GB . 16.94 -25.76 -37.62
H4N NAI GB . 16.07 -23.97 -37.59
H42N NAI GB . 16.01 -24.87 -36.69
H42N NAI GB . 15.55 -23.31 -36.26
H5N NAI GB . 16.37 -27.31 -35.91
H5N NAI GB . 15.83 -25.76 -35.95
H6N NAI GB . 14.13 -28.29 -36.01
H6N NAI GB . 13.70 -26.91 -36.16
C02 9TY HB . 15.23 -22.36 -32.47
C03 9TY HB . 14.46 -21.56 -33.53
C04 9TY HB . 13.06 -22.04 -33.98
C07 9TY HB . 15.31 -20.86 -34.60
C08 9TY HB . 14.66 -20.05 -33.48
O01 9TY HB . 15.18 -22.01 -31.26
O05 9TY HB . 12.32 -21.26 -34.63
O06 9TY HB . 12.66 -23.19 -33.68
O09 9TY HB . 15.90 -23.37 -32.81
H1 9TY HB . 14.89 -20.76 -35.47
H2 9TY HB . 16.26 -20.99 -34.53
H3 9TY HB . 15.28 -19.72 -32.80
H4 9TY HB . 13.91 -19.52 -33.75
#